data_2KI8
#
_entry.id   2KI8
#
_entity_poly.entity_id   1
_entity_poly.type   'polypeptide(L)'
_entity_poly.pdbx_seq_one_letter_code
;MGSSHHHHHHSSGRENLYFQGHMLEVEVISGRTLNQGATVEEKLTEEYFNAVNYAEINEEDWNALGLQEGDRVKVKTEFG
EVVVFAKKGDVPKGMIFIPMGPYANMVIDPSTDGTGMPQFKGVKGTVEKTDEKVLSVKELLEAIGS
;
_entity_poly.pdbx_strand_id   A
#
# COMPACT_ATOMS: atom_id res chain seq x y z
N MET A 1 -56.74 20.85 1.13
CA MET A 1 -56.77 21.09 2.61
C MET A 1 -56.68 19.77 3.39
N GLY A 2 -56.63 19.87 4.72
CA GLY A 2 -56.58 18.68 5.56
C GLY A 2 -55.18 18.12 5.73
N SER A 3 -54.71 18.00 6.97
CA SER A 3 -53.39 17.42 7.25
C SER A 3 -53.31 16.91 8.70
N SER A 4 -52.83 15.68 8.86
CA SER A 4 -52.72 15.05 10.18
C SER A 4 -51.75 13.86 10.15
N HIS A 5 -50.84 13.81 11.13
CA HIS A 5 -49.84 12.72 11.20
C HIS A 5 -49.11 12.71 12.54
N HIS A 6 -48.23 11.73 12.74
CA HIS A 6 -47.42 11.62 13.95
C HIS A 6 -45.92 11.69 13.63
N HIS A 7 -45.17 12.41 14.46
CA HIS A 7 -43.73 12.56 14.26
C HIS A 7 -42.94 12.10 15.51
N HIS A 8 -42.00 11.17 15.31
CA HIS A 8 -41.15 10.68 16.40
C HIS A 8 -39.87 11.51 16.54
N HIS A 9 -39.26 11.46 17.72
CA HIS A 9 -37.95 12.09 17.94
C HIS A 9 -36.96 11.03 18.46
N HIS A 10 -36.30 10.33 17.55
CA HIS A 10 -35.42 9.21 17.91
C HIS A 10 -33.94 9.51 17.61
N SER A 11 -33.10 9.22 18.59
CA SER A 11 -31.64 9.33 18.45
C SER A 11 -30.96 8.09 19.04
N SER A 12 -29.63 8.07 19.09
CA SER A 12 -28.90 6.91 19.64
C SER A 12 -27.61 7.32 20.37
N GLY A 13 -27.45 6.81 21.59
CA GLY A 13 -26.20 6.98 22.33
C GLY A 13 -25.16 5.93 21.94
N ARG A 14 -24.14 6.33 21.18
CA ARG A 14 -23.15 5.40 20.64
C ARG A 14 -21.72 5.72 21.12
N GLU A 15 -20.97 4.70 21.49
CA GLU A 15 -19.55 4.84 21.85
C GLU A 15 -18.68 4.90 20.58
N ASN A 16 -17.62 5.72 20.63
CA ASN A 16 -16.73 5.89 19.48
C ASN A 16 -15.34 6.39 19.91
N LEU A 17 -14.30 5.63 19.61
CA LEU A 17 -12.92 6.04 19.89
C LEU A 17 -12.18 6.46 18.60
N TYR A 18 -11.46 7.57 18.67
CA TYR A 18 -10.74 8.12 17.52
C TYR A 18 -9.21 8.06 17.73
N PHE A 19 -8.48 7.73 16.67
CA PHE A 19 -7.03 7.57 16.76
C PHE A 19 -6.29 8.82 16.26
N GLN A 20 -6.61 9.25 15.04
CA GLN A 20 -5.89 10.36 14.39
C GLN A 20 -4.38 10.05 14.28
N GLY A 21 -3.99 9.37 13.21
CA GLY A 21 -2.63 8.91 13.06
C GLY A 21 -1.72 9.87 12.30
N HIS A 22 -0.62 9.34 11.79
CA HIS A 22 0.38 10.12 11.06
C HIS A 22 1.13 9.25 10.03
N MET A 23 0.95 9.56 8.75
CA MET A 23 1.53 8.76 7.67
C MET A 23 3.04 9.02 7.50
N LEU A 24 3.77 7.97 7.11
CA LEU A 24 5.21 8.06 6.88
C LEU A 24 5.54 7.97 5.38
N GLU A 25 6.48 8.81 4.94
CA GLU A 25 6.93 8.79 3.56
C GLU A 25 7.90 7.63 3.33
N VAL A 26 7.50 6.67 2.51
CA VAL A 26 8.30 5.46 2.26
C VAL A 26 8.52 5.22 0.77
N GLU A 27 9.54 4.43 0.44
CA GLU A 27 9.79 4.03 -0.95
C GLU A 27 9.23 2.64 -1.20
N VAL A 28 8.16 2.57 -1.97
CA VAL A 28 7.42 1.32 -2.25
C VAL A 28 8.07 0.52 -3.39
N ILE A 29 8.67 -0.61 -3.04
CA ILE A 29 9.39 -1.43 -4.03
C ILE A 29 8.49 -2.50 -4.65
N SER A 30 8.92 -3.04 -5.79
CA SER A 30 8.20 -4.14 -6.45
C SER A 30 9.17 -5.21 -6.97
N GLY A 31 9.41 -6.22 -6.14
CA GLY A 31 10.31 -7.32 -6.53
C GLY A 31 9.56 -8.50 -7.12
N ARG A 32 10.04 -9.03 -8.25
CA ARG A 32 9.33 -10.11 -8.94
C ARG A 32 9.49 -11.46 -8.22
N THR A 33 8.64 -11.69 -7.21
CA THR A 33 8.58 -12.99 -6.51
C THR A 33 7.55 -13.91 -7.17
N LEU A 34 6.33 -13.40 -7.34
CA LEU A 34 5.28 -14.10 -8.08
C LEU A 34 5.44 -13.82 -9.59
N ASN A 35 5.97 -14.79 -10.31
CA ASN A 35 6.27 -14.61 -11.73
C ASN A 35 4.99 -14.50 -12.59
N GLN A 36 5.01 -13.55 -13.52
CA GLN A 36 3.83 -13.23 -14.35
C GLN A 36 3.81 -14.03 -15.67
N GLY A 37 3.03 -13.55 -16.63
CA GLY A 37 2.81 -14.26 -17.88
C GLY A 37 1.35 -14.62 -18.08
N ALA A 38 0.58 -14.50 -17.01
CA ALA A 38 -0.86 -14.79 -17.02
C ALA A 38 -1.66 -13.71 -16.29
N THR A 39 -2.98 -13.80 -16.34
CA THR A 39 -3.85 -12.89 -15.58
C THR A 39 -4.10 -13.44 -14.18
N VAL A 40 -4.55 -12.57 -13.28
CA VAL A 40 -4.94 -12.99 -11.92
C VAL A 40 -6.10 -14.00 -11.96
N GLU A 41 -6.89 -13.95 -13.04
CA GLU A 41 -7.96 -14.93 -13.26
C GLU A 41 -7.37 -16.29 -13.66
N GLU A 42 -6.39 -16.27 -14.56
CA GLU A 42 -5.69 -17.50 -14.97
C GLU A 42 -4.94 -18.13 -13.79
N LYS A 43 -4.45 -17.28 -12.88
CA LYS A 43 -3.79 -17.71 -11.66
C LYS A 43 -4.71 -17.52 -10.43
N LEU A 44 -6.01 -17.72 -10.63
CA LEU A 44 -6.99 -17.56 -9.54
C LEU A 44 -6.78 -18.63 -8.45
N THR A 45 -5.86 -18.35 -7.52
CA THR A 45 -5.57 -19.25 -6.40
C THR A 45 -5.09 -18.47 -5.16
N GLU A 46 -4.95 -19.16 -4.04
CA GLU A 46 -4.52 -18.53 -2.78
C GLU A 46 -3.08 -18.00 -2.89
N GLU A 47 -2.27 -18.61 -3.75
CA GLU A 47 -0.89 -18.15 -3.97
C GLU A 47 -0.88 -16.66 -4.35
N TYR A 48 -1.74 -16.28 -5.29
CA TYR A 48 -1.84 -14.87 -5.73
C TYR A 48 -2.42 -13.97 -4.61
N PHE A 49 -3.15 -14.58 -3.68
CA PHE A 49 -3.77 -13.83 -2.57
C PHE A 49 -2.90 -13.85 -1.29
N ASN A 50 -1.74 -14.50 -1.35
CA ASN A 50 -0.79 -14.48 -0.24
C ASN A 50 0.58 -13.92 -0.65
N ALA A 51 0.94 -14.07 -1.93
CA ALA A 51 2.26 -13.64 -2.41
C ALA A 51 2.38 -12.11 -2.49
N VAL A 52 1.57 -11.48 -3.33
CA VAL A 52 1.68 -10.05 -3.62
C VAL A 52 0.74 -9.18 -2.76
N ASN A 53 0.29 -9.71 -1.62
CA ASN A 53 -0.75 -9.04 -0.81
C ASN A 53 -0.19 -8.37 0.45
N TYR A 54 1.13 -8.27 0.58
CA TYR A 54 1.73 -7.70 1.80
C TYR A 54 2.87 -6.71 1.51
N ALA A 55 3.19 -5.90 2.51
CA ALA A 55 4.32 -4.95 2.42
C ALA A 55 5.28 -5.13 3.60
N GLU A 56 6.58 -5.25 3.31
CA GLU A 56 7.60 -5.37 4.35
C GLU A 56 8.08 -3.99 4.83
N ILE A 57 7.84 -3.71 6.10
CA ILE A 57 8.08 -2.38 6.68
C ILE A 57 9.23 -2.41 7.71
N ASN A 58 10.03 -1.35 7.73
CA ASN A 58 11.15 -1.25 8.68
C ASN A 58 10.65 -1.18 10.13
N GLU A 59 11.46 -1.71 11.05
CA GLU A 59 11.12 -1.74 12.48
C GLU A 59 10.77 -0.34 13.02
N GLU A 60 11.62 0.64 12.75
CA GLU A 60 11.43 2.01 13.25
C GLU A 60 10.07 2.58 12.82
N ASP A 61 9.78 2.52 11.52
CA ASP A 61 8.50 3.03 10.99
C ASP A 61 7.32 2.18 11.51
N TRP A 62 7.56 0.88 11.65
CA TRP A 62 6.57 -0.05 12.20
C TRP A 62 6.03 0.44 13.56
N ASN A 63 6.95 0.78 14.46
CA ASN A 63 6.58 1.32 15.78
C ASN A 63 6.03 2.74 15.67
N ALA A 64 6.60 3.54 14.75
CA ALA A 64 6.16 4.92 14.52
C ALA A 64 4.68 4.99 14.09
N LEU A 65 4.23 3.98 13.36
CA LEU A 65 2.83 3.90 12.93
C LEU A 65 1.96 3.15 13.94
N GLY A 66 2.60 2.46 14.89
CA GLY A 66 1.86 1.64 15.84
C GLY A 66 1.23 0.42 15.17
N LEU A 67 2.04 -0.34 14.46
CA LEU A 67 1.56 -1.52 13.74
C LEU A 67 1.69 -2.79 14.60
N GLN A 68 0.67 -3.62 14.56
CA GLN A 68 0.71 -4.94 15.19
C GLN A 68 0.80 -6.04 14.10
N GLU A 69 1.56 -7.08 14.37
CA GLU A 69 1.74 -8.17 13.41
C GLU A 69 0.41 -8.86 13.11
N GLY A 70 -0.18 -8.48 11.97
CA GLY A 70 -1.52 -8.93 11.61
C GLY A 70 -2.41 -7.80 11.08
N ASP A 71 -1.99 -6.54 11.29
CA ASP A 71 -2.73 -5.37 10.80
C ASP A 71 -2.62 -5.19 9.28
N ARG A 72 -3.29 -4.16 8.76
CA ARG A 72 -3.22 -3.80 7.35
C ARG A 72 -2.97 -2.29 7.19
N VAL A 73 -2.27 -1.91 6.14
CA VAL A 73 -1.85 -0.52 5.94
C VAL A 73 -2.31 0.07 4.61
N LYS A 74 -2.49 1.39 4.59
CA LYS A 74 -2.82 2.12 3.37
C LYS A 74 -1.55 2.68 2.72
N VAL A 75 -1.32 2.30 1.46
CA VAL A 75 -0.14 2.77 0.71
C VAL A 75 -0.58 3.76 -0.38
N LYS A 76 0.03 4.94 -0.39
CA LYS A 76 -0.38 6.02 -1.30
C LYS A 76 0.80 6.69 -2.00
N THR A 77 0.66 6.84 -3.32
CA THR A 77 1.69 7.49 -4.15
C THR A 77 1.04 8.49 -5.12
N GLU A 78 1.83 9.02 -6.06
CA GLU A 78 1.28 9.91 -7.09
C GLU A 78 0.49 9.11 -8.14
N PHE A 79 0.74 7.80 -8.18
CA PHE A 79 0.04 6.91 -9.12
C PHE A 79 -1.35 6.52 -8.59
N GLY A 80 -1.41 6.02 -7.35
CA GLY A 80 -2.68 5.61 -6.77
C GLY A 80 -2.56 5.19 -5.31
N GLU A 81 -3.43 4.29 -4.87
CA GLU A 81 -3.46 3.82 -3.48
C GLU A 81 -3.92 2.36 -3.38
N VAL A 82 -3.50 1.67 -2.32
CA VAL A 82 -3.91 0.28 -2.09
C VAL A 82 -3.78 -0.12 -0.60
N VAL A 83 -4.68 -0.98 -0.12
CA VAL A 83 -4.60 -1.51 1.25
C VAL A 83 -4.04 -2.94 1.24
N VAL A 84 -2.88 -3.14 1.85
CA VAL A 84 -2.23 -4.47 1.89
C VAL A 84 -1.92 -4.91 3.34
N PHE A 85 -1.59 -6.19 3.51
CA PHE A 85 -1.23 -6.73 4.83
C PHE A 85 0.11 -6.17 5.31
N ALA A 86 0.15 -5.68 6.56
CA ALA A 86 1.37 -5.12 7.13
C ALA A 86 2.29 -6.22 7.68
N LYS A 87 3.50 -6.29 7.15
CA LYS A 87 4.53 -7.22 7.65
C LYS A 87 5.85 -6.51 7.84
N LYS A 88 6.70 -7.05 8.68
CA LYS A 88 7.96 -6.41 9.03
C LYS A 88 9.12 -6.95 8.15
N GLY A 89 10.01 -6.06 7.73
CA GLY A 89 11.11 -6.46 6.85
C GLY A 89 12.43 -5.79 7.19
N ASP A 90 13.51 -6.30 6.60
CA ASP A 90 14.86 -5.78 6.85
C ASP A 90 15.23 -4.61 5.90
N VAL A 91 14.19 -3.98 5.34
CA VAL A 91 14.37 -2.82 4.46
C VAL A 91 14.77 -1.56 5.27
N PRO A 92 15.49 -0.59 4.65
CA PRO A 92 15.89 0.65 5.34
C PRO A 92 14.69 1.52 5.76
N LYS A 93 14.90 2.42 6.72
CA LYS A 93 13.82 3.27 7.23
C LYS A 93 13.26 4.19 6.13
N GLY A 94 11.96 4.49 6.21
CA GLY A 94 11.31 5.27 5.16
C GLY A 94 11.27 4.54 3.81
N MET A 95 11.13 3.21 3.87
CA MET A 95 11.14 2.38 2.66
C MET A 95 10.43 1.04 2.93
N ILE A 96 9.61 0.58 2.00
CA ILE A 96 8.86 -0.68 2.16
C ILE A 96 8.92 -1.55 0.89
N PHE A 97 8.99 -2.86 1.07
CA PHE A 97 9.07 -3.79 -0.06
C PHE A 97 7.71 -4.47 -0.33
N ILE A 98 7.24 -4.42 -1.57
CA ILE A 98 6.05 -5.16 -1.98
C ILE A 98 6.37 -6.07 -3.18
N PRO A 99 5.93 -7.34 -3.15
CA PRO A 99 6.05 -8.24 -4.31
C PRO A 99 5.32 -7.71 -5.55
N MET A 100 6.01 -7.69 -6.69
CA MET A 100 5.46 -7.13 -7.94
C MET A 100 4.12 -7.79 -8.30
N GLY A 101 3.02 -7.05 -8.11
CA GLY A 101 1.69 -7.59 -8.42
C GLY A 101 0.63 -6.49 -8.58
N PRO A 102 -0.66 -6.86 -8.71
CA PRO A 102 -1.76 -5.89 -8.88
C PRO A 102 -1.83 -4.86 -7.74
N TYR A 103 -1.54 -5.31 -6.51
CA TYR A 103 -1.50 -4.44 -5.34
C TYR A 103 -0.44 -3.35 -5.51
N ALA A 104 0.79 -3.77 -5.83
CA ALA A 104 1.88 -2.82 -6.11
C ALA A 104 1.54 -1.95 -7.33
N ASN A 105 0.94 -2.57 -8.36
CA ASN A 105 0.52 -1.87 -9.58
C ASN A 105 -0.33 -0.62 -9.28
N MET A 106 -1.02 -0.64 -8.14
CA MET A 106 -1.86 0.50 -7.74
C MET A 106 -1.03 1.74 -7.40
N VAL A 107 0.18 1.53 -6.90
CA VAL A 107 1.02 2.62 -6.39
C VAL A 107 2.35 2.76 -7.14
N ILE A 108 2.72 1.77 -7.94
CA ILE A 108 3.99 1.81 -8.69
C ILE A 108 3.76 2.21 -10.16
N ASP A 109 4.87 2.27 -10.92
CA ASP A 109 4.79 2.50 -12.36
C ASP A 109 4.89 1.17 -13.14
N PRO A 110 3.82 0.78 -13.86
CA PRO A 110 3.80 -0.46 -14.65
C PRO A 110 4.48 -0.30 -16.03
N SER A 111 5.06 0.86 -16.30
CA SER A 111 5.71 1.12 -17.61
C SER A 111 7.20 0.76 -17.60
N THR A 112 7.83 0.87 -16.43
CA THR A 112 9.26 0.59 -16.27
C THR A 112 9.63 -0.88 -16.62
N ASP A 113 10.90 -1.23 -16.45
CA ASP A 113 11.41 -2.56 -16.80
C ASP A 113 10.71 -3.68 -16.00
N GLY A 114 10.23 -3.35 -14.80
CA GLY A 114 9.56 -4.34 -13.94
C GLY A 114 10.40 -5.60 -13.71
N THR A 115 11.72 -5.45 -13.76
CA THR A 115 12.65 -6.58 -13.62
C THR A 115 13.78 -6.24 -12.65
N GLY A 116 14.02 -7.12 -11.68
CA GLY A 116 15.06 -6.89 -10.70
C GLY A 116 14.93 -7.80 -9.48
N MET A 117 16.06 -8.15 -8.87
CA MET A 117 16.07 -8.98 -7.66
C MET A 117 15.78 -8.14 -6.40
N PRO A 118 15.11 -8.72 -5.39
CA PRO A 118 14.68 -7.99 -4.20
C PRO A 118 15.84 -7.51 -3.31
N GLN A 119 16.31 -6.30 -3.57
CA GLN A 119 17.34 -5.66 -2.72
C GLN A 119 16.92 -4.22 -2.37
N PHE A 120 16.67 -3.42 -3.40
CA PHE A 120 16.27 -2.01 -3.24
C PHE A 120 15.59 -1.51 -4.53
N LYS A 121 15.54 -0.19 -4.73
CA LYS A 121 15.02 0.41 -5.97
C LYS A 121 13.50 0.25 -6.09
N GLY A 122 12.75 1.28 -5.72
CA GLY A 122 11.30 1.22 -5.81
C GLY A 122 10.65 2.58 -6.04
N VAL A 123 9.33 2.60 -6.13
CA VAL A 123 8.57 3.85 -6.34
C VAL A 123 8.27 4.57 -5.01
N LYS A 124 8.70 5.83 -4.92
CA LYS A 124 8.47 6.65 -3.71
C LYS A 124 6.97 6.86 -3.43
N GLY A 125 6.64 6.98 -2.14
CA GLY A 125 5.25 7.15 -1.73
C GLY A 125 5.09 7.29 -0.22
N THR A 126 3.93 6.88 0.29
CA THR A 126 3.63 6.98 1.74
C THR A 126 2.86 5.75 2.24
N VAL A 127 2.89 5.54 3.55
CA VAL A 127 2.16 4.44 4.18
C VAL A 127 1.57 4.87 5.55
N GLU A 128 0.39 4.35 5.89
CA GLU A 128 -0.26 4.70 7.16
C GLU A 128 -1.15 3.57 7.70
N LYS A 129 -1.38 3.58 9.01
CA LYS A 129 -2.31 2.62 9.66
C LYS A 129 -3.77 2.96 9.34
N THR A 130 -4.49 2.00 8.78
CA THR A 130 -5.91 2.20 8.45
C THR A 130 -6.79 1.06 8.99
N ASP A 131 -8.06 1.36 9.23
CA ASP A 131 -9.03 0.36 9.68
C ASP A 131 -9.59 -0.43 8.49
N GLU A 132 -9.33 0.06 7.28
CA GLU A 132 -9.89 -0.55 6.06
C GLU A 132 -9.53 -2.03 5.88
N LYS A 133 -10.24 -2.65 4.96
CA LYS A 133 -9.97 -4.02 4.54
C LYS A 133 -8.91 -4.07 3.43
N VAL A 134 -8.06 -5.10 3.45
CA VAL A 134 -7.16 -5.36 2.33
C VAL A 134 -7.94 -5.61 1.04
N LEU A 135 -7.58 -4.91 -0.03
CA LEU A 135 -8.26 -5.07 -1.32
C LEU A 135 -8.10 -6.50 -1.86
N SER A 136 -9.20 -7.27 -1.85
CA SER A 136 -9.19 -8.61 -2.44
C SER A 136 -8.78 -8.52 -3.92
N VAL A 137 -8.07 -9.53 -4.41
CA VAL A 137 -7.51 -9.49 -5.78
C VAL A 137 -8.54 -9.02 -6.83
N LYS A 138 -9.75 -9.56 -6.79
CA LYS A 138 -10.81 -9.16 -7.72
C LYS A 138 -11.36 -7.76 -7.38
N GLU A 139 -11.53 -7.47 -6.08
CA GLU A 139 -12.05 -6.19 -5.64
C GLU A 139 -11.15 -5.06 -6.12
N LEU A 140 -9.86 -5.33 -6.13
CA LEU A 140 -8.86 -4.44 -6.70
C LEU A 140 -9.15 -4.18 -8.19
N LEU A 141 -9.48 -5.25 -8.92
CA LEU A 141 -9.85 -5.13 -10.34
C LEU A 141 -11.08 -4.23 -10.51
N GLU A 142 -12.07 -4.44 -9.66
CA GLU A 142 -13.30 -3.64 -9.68
C GLU A 142 -13.02 -2.19 -9.29
N ALA A 143 -12.04 -1.99 -8.40
CA ALA A 143 -11.66 -0.65 -7.95
C ALA A 143 -10.96 0.18 -9.04
N ILE A 144 -10.09 -0.46 -9.83
CA ILE A 144 -9.35 0.25 -10.88
C ILE A 144 -10.23 0.59 -12.10
N GLY A 145 -11.44 0.04 -12.14
CA GLY A 145 -12.37 0.33 -13.22
C GLY A 145 -13.04 -0.92 -13.81
N SER A 146 -12.47 -2.09 -13.56
CA SER A 146 -13.02 -3.35 -14.09
C SER A 146 -14.08 -3.93 -13.16
N MET A 1 18.66 53.40 5.76
CA MET A 1 18.02 53.48 4.43
C MET A 1 16.90 52.44 4.28
N GLY A 2 15.92 52.73 3.42
CA GLY A 2 14.78 51.84 3.24
C GLY A 2 13.49 52.40 3.83
N SER A 3 12.38 51.67 3.69
CA SER A 3 11.08 52.10 4.23
C SER A 3 10.37 50.95 4.95
N SER A 4 9.29 51.29 5.67
CA SER A 4 8.48 50.28 6.38
C SER A 4 7.00 50.66 6.35
N HIS A 5 6.13 49.64 6.29
CA HIS A 5 4.68 49.85 6.30
C HIS A 5 4.00 48.82 7.20
N HIS A 6 4.41 48.76 8.46
CA HIS A 6 3.86 47.79 9.41
C HIS A 6 2.41 48.13 9.79
N HIS A 7 1.48 47.43 9.16
CA HIS A 7 0.05 47.62 9.38
C HIS A 7 -0.76 46.45 8.79
N HIS A 8 -1.62 45.85 9.61
CA HIS A 8 -2.43 44.71 9.18
C HIS A 8 -3.66 44.53 10.08
N HIS A 9 -4.78 44.14 9.49
CA HIS A 9 -6.02 43.92 10.26
C HIS A 9 -6.01 42.53 10.95
N HIS A 10 -5.54 41.51 10.22
CA HIS A 10 -5.40 40.13 10.74
C HIS A 10 -6.74 39.53 11.22
N SER A 11 -7.83 40.28 11.14
CA SER A 11 -9.15 39.82 11.58
C SER A 11 -9.82 38.92 10.54
N SER A 12 -9.58 37.61 10.65
CA SER A 12 -10.20 36.62 9.75
C SER A 12 -9.99 35.20 10.26
N GLY A 13 -10.99 34.67 10.96
CA GLY A 13 -10.90 33.32 11.51
C GLY A 13 -11.58 32.26 10.67
N ARG A 14 -11.49 31.00 11.09
CA ARG A 14 -12.12 29.90 10.36
C ARG A 14 -12.34 28.68 11.28
N GLU A 15 -12.95 27.64 10.72
CA GLU A 15 -13.15 26.36 11.42
C GLU A 15 -12.26 25.28 10.79
N ASN A 16 -11.90 24.26 11.58
CA ASN A 16 -10.89 23.28 11.15
C ASN A 16 -11.38 21.83 11.20
N LEU A 17 -10.69 20.96 10.44
CA LEU A 17 -10.94 19.52 10.45
C LEU A 17 -9.85 18.77 11.24
N TYR A 18 -10.27 17.79 12.02
CA TYR A 18 -9.33 17.05 12.90
C TYR A 18 -8.49 16.03 12.11
N PHE A 19 -7.17 16.14 12.25
CA PHE A 19 -6.23 15.21 11.59
C PHE A 19 -5.40 14.45 12.63
N GLN A 20 -5.36 13.13 12.49
CA GLN A 20 -4.59 12.27 13.41
C GLN A 20 -3.96 11.07 12.69
N GLY A 21 -2.64 10.97 12.78
CA GLY A 21 -1.94 9.82 12.25
C GLY A 21 -0.79 10.21 11.32
N HIS A 22 0.42 10.31 11.88
CA HIS A 22 1.61 10.69 11.10
C HIS A 22 1.97 9.60 10.07
N MET A 23 1.42 9.72 8.87
CA MET A 23 1.77 8.83 7.77
C MET A 23 3.25 9.02 7.35
N LEU A 24 3.93 7.92 7.05
CA LEU A 24 5.36 7.95 6.74
C LEU A 24 5.64 7.86 5.24
N GLU A 25 6.47 8.76 4.74
CA GLU A 25 6.88 8.73 3.35
C GLU A 25 7.91 7.63 3.12
N VAL A 26 7.53 6.63 2.33
CA VAL A 26 8.38 5.47 2.05
C VAL A 26 8.56 5.25 0.55
N GLU A 27 9.60 4.51 0.17
CA GLU A 27 9.83 4.16 -1.24
C GLU A 27 9.36 2.72 -1.50
N VAL A 28 8.31 2.60 -2.31
CA VAL A 28 7.64 1.33 -2.56
C VAL A 28 8.27 0.57 -3.73
N ILE A 29 8.78 -0.63 -3.46
CA ILE A 29 9.37 -1.48 -4.51
C ILE A 29 8.45 -2.66 -4.85
N SER A 30 8.69 -3.29 -6.02
CA SER A 30 7.89 -4.45 -6.43
C SER A 30 8.77 -5.61 -6.92
N GLY A 31 8.86 -6.66 -6.10
CA GLY A 31 9.63 -7.84 -6.49
C GLY A 31 8.76 -8.89 -7.15
N ARG A 32 8.96 -9.12 -8.45
CA ARG A 32 8.14 -10.07 -9.21
C ARG A 32 8.61 -11.51 -9.01
N THR A 33 8.26 -12.09 -7.87
CA THR A 33 8.59 -13.50 -7.56
C THR A 33 7.38 -14.42 -7.80
N LEU A 34 6.18 -13.88 -7.65
CA LEU A 34 4.94 -14.64 -7.82
C LEU A 34 4.54 -14.71 -9.31
N ASN A 35 4.25 -13.56 -9.90
CA ASN A 35 3.78 -13.47 -11.30
C ASN A 35 4.94 -13.25 -12.28
N GLN A 36 5.95 -14.12 -12.24
CA GLN A 36 7.16 -13.96 -13.08
C GLN A 36 6.85 -14.09 -14.59
N GLY A 37 5.81 -14.84 -14.94
CA GLY A 37 5.49 -15.06 -16.35
C GLY A 37 4.00 -15.04 -16.67
N ALA A 38 3.18 -14.55 -15.75
CA ALA A 38 1.72 -14.50 -15.97
C ALA A 38 1.09 -13.27 -15.29
N THR A 39 -0.05 -12.83 -15.82
CA THR A 39 -0.82 -11.74 -15.21
C THR A 39 -1.77 -12.26 -14.12
N VAL A 40 -2.38 -11.34 -13.37
CA VAL A 40 -3.27 -11.72 -12.26
C VAL A 40 -4.42 -12.62 -12.74
N GLU A 41 -5.04 -12.25 -13.86
CA GLU A 41 -6.17 -12.99 -14.42
C GLU A 41 -5.81 -14.46 -14.74
N GLU A 42 -4.52 -14.73 -14.94
CA GLU A 42 -4.05 -16.09 -15.24
C GLU A 42 -3.92 -16.93 -13.96
N LYS A 43 -3.70 -16.26 -12.82
CA LYS A 43 -3.39 -16.94 -11.56
C LYS A 43 -4.36 -16.52 -10.43
N LEU A 44 -5.65 -16.43 -10.75
CA LEU A 44 -6.66 -16.06 -9.75
C LEU A 44 -6.87 -17.17 -8.71
N THR A 45 -5.97 -17.25 -7.73
CA THR A 45 -6.04 -18.28 -6.69
C THR A 45 -5.40 -17.81 -5.36
N GLU A 46 -5.51 -18.64 -4.33
CA GLU A 46 -4.96 -18.31 -2.99
C GLU A 46 -3.46 -17.98 -3.06
N GLU A 47 -2.74 -18.65 -3.97
CA GLU A 47 -1.32 -18.40 -4.18
C GLU A 47 -1.05 -16.91 -4.46
N TYR A 48 -1.89 -16.30 -5.29
CA TYR A 48 -1.75 -14.89 -5.64
C TYR A 48 -2.09 -14.00 -4.43
N PHE A 49 -3.09 -14.43 -3.66
CA PHE A 49 -3.54 -13.68 -2.49
C PHE A 49 -2.45 -13.62 -1.40
N ASN A 50 -2.09 -14.78 -0.85
CA ASN A 50 -1.11 -14.86 0.25
C ASN A 50 0.24 -14.20 -0.11
N ALA A 51 0.49 -14.00 -1.40
CA ALA A 51 1.75 -13.44 -1.88
C ALA A 51 1.73 -11.90 -1.93
N VAL A 52 0.81 -11.33 -2.70
CA VAL A 52 0.83 -9.87 -2.96
C VAL A 52 -0.11 -9.09 -2.02
N ASN A 53 -0.57 -9.73 -0.94
CA ASN A 53 -1.49 -9.07 0.01
C ASN A 53 -0.77 -8.52 1.26
N TYR A 54 0.56 -8.43 1.21
CA TYR A 54 1.32 -7.88 2.34
C TYR A 54 2.46 -6.98 1.89
N ALA A 55 2.98 -6.19 2.83
CA ALA A 55 4.15 -5.34 2.57
C ALA A 55 5.19 -5.48 3.69
N GLU A 56 6.46 -5.36 3.32
CA GLU A 56 7.56 -5.46 4.30
C GLU A 56 8.04 -4.07 4.74
N ILE A 57 7.76 -3.72 6.00
CA ILE A 57 8.14 -2.41 6.56
C ILE A 57 9.26 -2.54 7.60
N ASN A 58 10.18 -1.57 7.59
CA ASN A 58 11.26 -1.52 8.59
C ASN A 58 10.68 -1.35 10.02
N GLU A 59 11.25 -2.05 10.99
CA GLU A 59 10.77 -2.01 12.37
C GLU A 59 10.69 -0.58 12.92
N GLU A 60 11.58 0.28 12.47
CA GLU A 60 11.60 1.69 12.90
C GLU A 60 10.28 2.40 12.52
N ASP A 61 9.92 2.38 11.24
CA ASP A 61 8.66 2.96 10.78
C ASP A 61 7.46 2.17 11.35
N TRP A 62 7.66 0.86 11.46
CA TRP A 62 6.70 -0.05 12.08
C TRP A 62 6.31 0.44 13.49
N ASN A 63 7.32 0.78 14.29
CA ASN A 63 7.12 1.28 15.65
C ASN A 63 6.50 2.68 15.65
N ALA A 64 6.87 3.50 14.68
CA ALA A 64 6.29 4.84 14.53
C ALA A 64 4.76 4.77 14.35
N LEU A 65 4.33 3.96 13.38
CA LEU A 65 2.90 3.76 13.12
C LEU A 65 2.23 2.85 14.17
N GLY A 66 3.04 2.30 15.09
CA GLY A 66 2.51 1.39 16.10
C GLY A 66 1.84 0.16 15.50
N LEU A 67 2.53 -0.48 14.55
CA LEU A 67 1.97 -1.60 13.80
C LEU A 67 2.16 -2.96 14.51
N GLN A 68 1.36 -3.92 14.09
CA GLN A 68 1.46 -5.32 14.53
C GLN A 68 1.31 -6.24 13.32
N GLU A 69 1.92 -7.42 13.38
CA GLU A 69 1.93 -8.34 12.25
C GLU A 69 0.51 -8.81 11.90
N GLY A 70 0.00 -8.31 10.78
CA GLY A 70 -1.38 -8.56 10.38
C GLY A 70 -2.23 -7.30 10.29
N ASP A 71 -1.69 -6.17 10.76
CA ASP A 71 -2.38 -4.88 10.67
C ASP A 71 -2.62 -4.45 9.21
N ARG A 72 -3.68 -3.67 9.00
CA ARG A 72 -4.02 -3.17 7.66
C ARG A 72 -3.36 -1.81 7.40
N VAL A 73 -2.44 -1.77 6.44
CA VAL A 73 -1.75 -0.54 6.08
C VAL A 73 -2.09 -0.08 4.65
N LYS A 74 -2.36 1.21 4.48
CA LYS A 74 -2.59 1.79 3.16
C LYS A 74 -1.32 2.45 2.62
N VAL A 75 -1.16 2.40 1.30
CA VAL A 75 -0.01 3.02 0.62
C VAL A 75 -0.53 4.02 -0.41
N LYS A 76 0.04 5.23 -0.41
CA LYS A 76 -0.43 6.30 -1.30
C LYS A 76 0.72 6.87 -2.16
N THR A 77 0.52 6.87 -3.47
CA THR A 77 1.49 7.44 -4.42
C THR A 77 0.77 8.24 -5.52
N GLU A 78 1.53 8.66 -6.52
CA GLU A 78 0.95 9.37 -7.68
C GLU A 78 0.11 8.42 -8.56
N PHE A 79 0.29 7.11 -8.37
CA PHE A 79 -0.44 6.10 -9.16
C PHE A 79 -1.79 5.72 -8.51
N GLY A 80 -1.91 5.97 -7.21
CA GLY A 80 -3.16 5.68 -6.50
C GLY A 80 -2.93 5.26 -5.05
N GLU A 81 -3.85 4.46 -4.53
CA GLU A 81 -3.75 3.97 -3.15
C GLU A 81 -4.29 2.53 -3.01
N VAL A 82 -3.73 1.77 -2.07
CA VAL A 82 -4.15 0.39 -1.83
C VAL A 82 -4.00 0.01 -0.34
N VAL A 83 -4.87 -0.87 0.15
CA VAL A 83 -4.81 -1.33 1.56
C VAL A 83 -4.37 -2.80 1.64
N VAL A 84 -3.23 -3.06 2.28
CA VAL A 84 -2.65 -4.43 2.37
C VAL A 84 -2.32 -4.80 3.84
N PHE A 85 -1.83 -6.03 4.03
CA PHE A 85 -1.37 -6.47 5.36
C PHE A 85 0.07 -6.02 5.65
N ALA A 86 0.35 -5.72 6.91
CA ALA A 86 1.70 -5.26 7.30
C ALA A 86 2.55 -6.41 7.88
N LYS A 87 3.75 -6.58 7.32
CA LYS A 87 4.74 -7.53 7.86
C LYS A 87 6.10 -6.84 8.06
N LYS A 88 6.77 -7.22 9.14
CA LYS A 88 8.04 -6.60 9.51
C LYS A 88 9.19 -7.14 8.65
N GLY A 89 9.90 -6.24 7.96
CA GLY A 89 10.98 -6.64 7.06
C GLY A 89 12.30 -5.95 7.36
N ASP A 90 13.39 -6.47 6.78
CA ASP A 90 14.74 -5.94 7.02
C ASP A 90 15.08 -4.77 6.08
N VAL A 91 14.07 -4.21 5.43
CA VAL A 91 14.25 -3.08 4.49
C VAL A 91 14.75 -1.80 5.21
N PRO A 92 15.45 -0.90 4.48
CA PRO A 92 15.92 0.39 5.04
C PRO A 92 14.75 1.30 5.48
N LYS A 93 14.97 2.13 6.50
CA LYS A 93 13.91 2.99 7.03
C LYS A 93 13.45 4.02 5.98
N GLY A 94 12.15 4.33 5.97
CA GLY A 94 11.60 5.20 4.94
C GLY A 94 11.53 4.55 3.57
N MET A 95 11.53 3.22 3.54
CA MET A 95 11.50 2.44 2.31
C MET A 95 10.89 1.06 2.56
N ILE A 96 10.00 0.60 1.66
CA ILE A 96 9.28 -0.66 1.89
C ILE A 96 9.26 -1.54 0.62
N PHE A 97 9.23 -2.85 0.84
CA PHE A 97 9.17 -3.82 -0.26
C PHE A 97 7.77 -4.44 -0.37
N ILE A 98 7.19 -4.44 -1.57
CA ILE A 98 5.91 -5.10 -1.81
C ILE A 98 6.03 -6.12 -2.96
N PRO A 99 5.53 -7.35 -2.78
CA PRO A 99 5.47 -8.35 -3.86
C PRO A 99 4.67 -7.84 -5.08
N MET A 100 5.28 -7.93 -6.27
CA MET A 100 4.66 -7.42 -7.51
C MET A 100 3.27 -8.03 -7.73
N GLY A 101 2.23 -7.21 -7.66
CA GLY A 101 0.87 -7.69 -7.88
C GLY A 101 -0.11 -6.57 -8.15
N PRO A 102 -1.44 -6.86 -8.17
CA PRO A 102 -2.45 -5.83 -8.45
C PRO A 102 -2.48 -4.75 -7.35
N TYR A 103 -2.09 -5.15 -6.14
CA TYR A 103 -2.00 -4.24 -5.00
C TYR A 103 -0.86 -3.23 -5.21
N ALA A 104 0.34 -3.75 -5.49
CA ALA A 104 1.48 -2.91 -5.82
C ALA A 104 1.19 -2.06 -7.08
N ASN A 105 0.50 -2.66 -8.04
CA ASN A 105 0.11 -1.98 -9.29
C ASN A 105 -0.66 -0.67 -9.02
N MET A 106 -1.29 -0.57 -7.85
CA MET A 106 -2.07 0.62 -7.48
C MET A 106 -1.16 1.78 -7.02
N VAL A 107 0.12 1.48 -6.78
CA VAL A 107 1.04 2.47 -6.22
C VAL A 107 2.42 2.48 -6.89
N ILE A 108 2.73 1.44 -7.68
CA ILE A 108 4.04 1.34 -8.32
C ILE A 108 3.94 1.65 -9.83
N ASP A 109 5.10 1.75 -10.49
CA ASP A 109 5.16 2.12 -11.91
C ASP A 109 5.19 0.88 -12.82
N PRO A 110 4.11 0.62 -13.57
CA PRO A 110 4.01 -0.54 -14.47
C PRO A 110 4.69 -0.31 -15.84
N SER A 111 5.40 0.81 -15.97
CA SER A 111 6.15 1.11 -17.21
C SER A 111 7.47 0.34 -17.24
N THR A 112 7.78 -0.33 -16.14
CA THR A 112 9.05 -1.05 -15.97
C THR A 112 9.04 -2.43 -16.64
N ASP A 113 10.17 -2.82 -17.23
CA ASP A 113 10.33 -4.15 -17.84
C ASP A 113 10.97 -5.13 -16.84
N GLY A 114 12.22 -4.86 -16.45
CA GLY A 114 12.91 -5.67 -15.44
C GLY A 114 13.10 -7.13 -15.87
N THR A 115 12.39 -8.05 -15.20
CA THR A 115 12.45 -9.48 -15.49
C THR A 115 13.79 -10.11 -15.07
N GLY A 116 14.88 -9.73 -15.76
CA GLY A 116 16.19 -10.30 -15.46
C GLY A 116 16.99 -9.50 -14.44
N MET A 117 17.53 -10.20 -13.44
CA MET A 117 18.40 -9.60 -12.40
C MET A 117 17.62 -8.81 -11.35
N PRO A 118 18.21 -8.61 -10.14
CA PRO A 118 17.54 -7.93 -9.03
C PRO A 118 17.64 -6.40 -9.13
N GLN A 119 16.61 -5.78 -9.68
CA GLN A 119 16.55 -4.31 -9.80
C GLN A 119 16.01 -3.67 -8.52
N PHE A 120 16.86 -2.88 -7.84
CA PHE A 120 16.47 -2.17 -6.62
C PHE A 120 15.88 -0.79 -6.94
N LYS A 121 15.56 -0.02 -5.89
CA LYS A 121 14.87 1.28 -6.02
C LYS A 121 13.45 1.12 -6.58
N GLY A 122 12.48 1.76 -5.92
CA GLY A 122 11.08 1.66 -6.34
C GLY A 122 10.41 3.01 -6.52
N VAL A 123 9.08 3.01 -6.52
CA VAL A 123 8.30 4.27 -6.62
C VAL A 123 8.07 4.91 -5.24
N LYS A 124 8.36 6.19 -5.12
CA LYS A 124 8.18 6.92 -3.85
C LYS A 124 6.70 7.12 -3.51
N GLY A 125 6.40 7.09 -2.21
CA GLY A 125 5.03 7.25 -1.74
C GLY A 125 4.93 7.32 -0.22
N THR A 126 3.78 6.97 0.35
CA THR A 126 3.57 7.00 1.81
C THR A 126 2.85 5.73 2.30
N VAL A 127 3.00 5.44 3.59
CA VAL A 127 2.33 4.30 4.23
C VAL A 127 1.69 4.72 5.57
N GLU A 128 0.54 4.15 5.88
CA GLU A 128 -0.20 4.47 7.12
C GLU A 128 -1.06 3.27 7.59
N LYS A 129 -1.28 3.15 8.90
CA LYS A 129 -2.26 2.17 9.40
C LYS A 129 -3.67 2.75 9.33
N THR A 130 -4.58 2.02 8.71
CA THR A 130 -5.93 2.53 8.44
C THR A 130 -7.03 1.60 8.96
N ASP A 131 -8.20 2.16 9.21
CA ASP A 131 -9.37 1.40 9.68
C ASP A 131 -10.09 0.71 8.51
N GLU A 132 -9.64 1.01 7.28
CA GLU A 132 -10.16 0.37 6.07
C GLU A 132 -9.75 -1.10 5.99
N LYS A 133 -10.50 -1.89 5.23
CA LYS A 133 -10.20 -3.31 5.06
C LYS A 133 -9.24 -3.55 3.88
N VAL A 134 -8.54 -4.67 3.92
CA VAL A 134 -7.64 -5.05 2.83
C VAL A 134 -8.43 -5.41 1.56
N LEU A 135 -7.93 -4.96 0.41
CA LEU A 135 -8.59 -5.26 -0.87
C LEU A 135 -8.42 -6.73 -1.25
N SER A 136 -9.50 -7.37 -1.67
CA SER A 136 -9.42 -8.71 -2.24
C SER A 136 -8.93 -8.63 -3.70
N VAL A 137 -8.16 -9.62 -4.13
CA VAL A 137 -7.59 -9.61 -5.49
C VAL A 137 -8.64 -9.24 -6.55
N LYS A 138 -9.82 -9.83 -6.46
CA LYS A 138 -10.91 -9.55 -7.43
C LYS A 138 -11.50 -8.15 -7.20
N GLU A 139 -11.67 -7.76 -5.93
CA GLU A 139 -12.19 -6.44 -5.58
C GLU A 139 -11.32 -5.35 -6.21
N LEU A 140 -10.03 -5.64 -6.24
CA LEU A 140 -9.03 -4.76 -6.85
C LEU A 140 -9.20 -4.74 -8.40
N LEU A 141 -9.51 -5.91 -8.98
CA LEU A 141 -9.77 -6.00 -10.43
C LEU A 141 -10.94 -5.09 -10.81
N GLU A 142 -12.03 -5.22 -10.06
CA GLU A 142 -13.24 -4.42 -10.27
C GLU A 142 -12.98 -2.94 -9.98
N ALA A 143 -12.05 -2.66 -9.08
CA ALA A 143 -11.67 -1.27 -8.74
C ALA A 143 -10.95 -0.58 -9.91
N ILE A 144 -9.92 -1.22 -10.45
CA ILE A 144 -9.15 -0.64 -11.56
C ILE A 144 -9.90 -0.73 -12.90
N GLY A 145 -10.85 -1.67 -12.98
CA GLY A 145 -11.67 -1.81 -14.19
C GLY A 145 -11.59 -3.20 -14.81
N SER A 146 -10.40 -3.57 -15.29
CA SER A 146 -10.20 -4.87 -15.94
C SER A 146 -10.51 -6.04 -14.99
N MET A 1 -6.85 36.05 16.32
CA MET A 1 -8.11 36.83 16.38
C MET A 1 -9.26 35.99 16.93
N GLY A 2 -10.33 36.66 17.38
CA GLY A 2 -11.49 35.96 17.92
C GLY A 2 -11.52 35.94 19.45
N SER A 3 -11.13 37.06 20.08
CA SER A 3 -11.10 37.17 21.54
C SER A 3 -12.47 37.59 22.10
N SER A 4 -12.86 38.85 21.86
CA SER A 4 -14.17 39.35 22.32
C SER A 4 -15.23 39.17 21.23
N HIS A 5 -14.94 39.65 20.03
CA HIS A 5 -15.85 39.48 18.90
C HIS A 5 -15.99 38.00 18.52
N HIS A 6 -16.98 37.34 19.12
CA HIS A 6 -17.20 35.91 18.89
C HIS A 6 -17.85 35.66 17.52
N HIS A 7 -17.22 34.79 16.74
CA HIS A 7 -17.71 34.42 15.41
C HIS A 7 -17.85 32.89 15.32
N HIS A 8 -19.06 32.41 15.00
CA HIS A 8 -19.30 30.96 14.89
C HIS A 8 -18.30 30.31 13.93
N HIS A 9 -17.83 29.10 14.28
CA HIS A 9 -16.72 28.46 13.58
C HIS A 9 -17.13 27.90 12.21
N HIS A 10 -17.40 28.79 11.26
CA HIS A 10 -17.70 28.41 9.88
C HIS A 10 -16.41 28.35 9.04
N SER A 11 -15.82 29.51 8.80
CA SER A 11 -14.51 29.60 8.14
C SER A 11 -13.43 30.05 9.14
N SER A 12 -13.83 30.94 10.05
CA SER A 12 -12.94 31.43 11.12
C SER A 12 -13.70 31.60 12.44
N GLY A 13 -13.05 32.21 13.41
CA GLY A 13 -13.60 32.36 14.76
C GLY A 13 -12.49 32.37 15.79
N ARG A 14 -11.54 31.44 15.62
CA ARG A 14 -10.29 31.41 16.37
C ARG A 14 -9.31 30.45 15.67
N GLU A 15 -8.23 31.00 15.11
CA GLU A 15 -7.35 30.26 14.19
C GLU A 15 -6.52 29.15 14.86
N ASN A 16 -6.39 29.19 16.18
CA ASN A 16 -5.62 28.17 16.91
C ASN A 16 -6.42 26.87 17.10
N LEU A 17 -6.11 25.85 16.29
CA LEU A 17 -6.76 24.53 16.39
C LEU A 17 -5.74 23.40 16.68
N TYR A 18 -6.26 22.18 16.79
CA TYR A 18 -5.45 20.98 17.05
C TYR A 18 -5.76 19.85 16.05
N PHE A 19 -4.75 19.04 15.72
CA PHE A 19 -4.91 17.98 14.71
C PHE A 19 -4.40 16.62 15.21
N GLN A 20 -4.49 15.59 14.35
CA GLN A 20 -4.08 14.22 14.73
C GLN A 20 -3.52 13.43 13.54
N GLY A 21 -2.84 12.32 13.83
CA GLY A 21 -2.34 11.43 12.77
C GLY A 21 -0.91 11.76 12.32
N HIS A 22 -0.13 10.71 12.01
CA HIS A 22 1.24 10.88 11.52
C HIS A 22 1.64 9.75 10.56
N MET A 23 1.38 9.94 9.27
CA MET A 23 1.77 8.95 8.25
C MET A 23 3.27 9.06 7.92
N LEU A 24 3.81 8.05 7.23
CA LEU A 24 5.24 8.01 6.90
C LEU A 24 5.50 8.02 5.39
N GLU A 25 6.43 8.86 4.96
CA GLU A 25 6.88 8.88 3.58
C GLU A 25 7.88 7.73 3.34
N VAL A 26 7.55 6.83 2.43
CA VAL A 26 8.38 5.65 2.17
C VAL A 26 8.58 5.40 0.68
N GLU A 27 9.61 4.63 0.33
CA GLU A 27 9.84 4.22 -1.06
C GLU A 27 9.29 2.81 -1.31
N VAL A 28 8.26 2.71 -2.14
CA VAL A 28 7.53 1.45 -2.37
C VAL A 28 8.14 0.66 -3.53
N ILE A 29 8.72 -0.49 -3.22
CA ILE A 29 9.37 -1.34 -4.23
C ILE A 29 8.45 -2.45 -4.73
N SER A 30 8.75 -2.99 -5.90
CA SER A 30 8.01 -4.14 -6.46
C SER A 30 8.97 -5.18 -7.04
N GLY A 31 9.14 -6.28 -6.30
CA GLY A 31 10.04 -7.34 -6.75
C GLY A 31 9.37 -8.26 -7.76
N ARG A 32 9.92 -8.34 -8.97
CA ARG A 32 9.35 -9.18 -10.03
C ARG A 32 9.34 -10.67 -9.65
N THR A 33 8.21 -11.11 -9.11
CA THR A 33 7.99 -12.49 -8.71
C THR A 33 6.70 -13.02 -9.34
N LEU A 34 6.30 -14.26 -9.01
CA LEU A 34 5.11 -14.88 -9.61
C LEU A 34 5.27 -15.06 -11.14
N ASN A 35 6.51 -15.21 -11.60
CA ASN A 35 6.84 -15.40 -13.02
C ASN A 35 6.67 -14.11 -13.85
N GLN A 36 7.75 -13.32 -13.91
CA GLN A 36 7.79 -12.08 -14.73
C GLN A 36 6.74 -11.06 -14.29
N GLY A 37 5.52 -11.26 -14.75
CA GLY A 37 4.45 -10.32 -14.49
C GLY A 37 3.13 -10.70 -15.16
N ALA A 38 2.67 -11.92 -14.90
CA ALA A 38 1.40 -12.41 -15.48
C ALA A 38 0.20 -11.86 -14.70
N THR A 39 -0.95 -11.77 -15.35
CA THR A 39 -2.16 -11.23 -14.71
C THR A 39 -2.68 -12.19 -13.62
N VAL A 40 -3.65 -11.72 -12.84
CA VAL A 40 -4.23 -12.54 -11.78
C VAL A 40 -4.93 -13.78 -12.33
N GLU A 41 -5.41 -13.70 -13.58
CA GLU A 41 -6.12 -14.82 -14.21
C GLU A 41 -5.20 -16.01 -14.50
N GLU A 42 -3.96 -15.72 -14.92
CA GLU A 42 -2.97 -16.79 -15.17
C GLU A 42 -2.78 -17.66 -13.91
N LYS A 43 -2.84 -17.04 -12.73
CA LYS A 43 -2.72 -17.78 -11.46
C LYS A 43 -3.85 -17.39 -10.49
N LEU A 44 -5.09 -17.45 -10.97
CA LEU A 44 -6.26 -17.13 -10.14
C LEU A 44 -6.48 -18.22 -9.10
N THR A 45 -5.76 -18.13 -7.99
CA THR A 45 -5.83 -19.11 -6.91
C THR A 45 -5.48 -18.50 -5.55
N GLU A 46 -5.73 -19.25 -4.47
CA GLU A 46 -5.41 -18.79 -3.11
C GLU A 46 -3.94 -18.39 -2.99
N GLU A 47 -3.08 -19.05 -3.75
CA GLU A 47 -1.65 -18.73 -3.78
C GLU A 47 -1.43 -17.24 -4.11
N TYR A 48 -2.19 -16.74 -5.08
CA TYR A 48 -2.09 -15.34 -5.50
C TYR A 48 -2.52 -14.40 -4.36
N PHE A 49 -3.40 -14.90 -3.49
CA PHE A 49 -3.92 -14.14 -2.33
C PHE A 49 -2.95 -14.18 -1.13
N ASN A 50 -1.91 -15.02 -1.22
CA ASN A 50 -0.88 -15.10 -0.17
C ASN A 50 0.51 -14.70 -0.71
N ALA A 51 0.58 -14.36 -1.99
CA ALA A 51 1.85 -14.01 -2.64
C ALA A 51 2.10 -12.49 -2.69
N VAL A 52 1.13 -11.72 -3.20
CA VAL A 52 1.32 -10.28 -3.45
C VAL A 52 0.39 -9.38 -2.61
N ASN A 53 -0.14 -9.91 -1.50
CA ASN A 53 -1.19 -9.19 -0.73
C ASN A 53 -0.62 -8.49 0.52
N TYR A 54 0.69 -8.27 0.57
CA TYR A 54 1.32 -7.73 1.78
C TYR A 54 2.50 -6.79 1.44
N ALA A 55 2.93 -6.03 2.44
CA ALA A 55 4.09 -5.14 2.32
C ALA A 55 5.03 -5.30 3.51
N GLU A 56 6.34 -5.24 3.27
CA GLU A 56 7.33 -5.38 4.35
C GLU A 56 7.89 -4.00 4.77
N ILE A 57 7.67 -3.65 6.04
CA ILE A 57 8.07 -2.35 6.59
C ILE A 57 9.23 -2.51 7.60
N ASN A 58 10.06 -1.46 7.72
CA ASN A 58 11.17 -1.44 8.69
C ASN A 58 10.66 -1.40 10.14
N GLU A 59 11.46 -1.90 11.09
CA GLU A 59 11.09 -1.92 12.52
C GLU A 59 10.78 -0.51 13.05
N GLU A 60 11.65 0.45 12.73
CA GLU A 60 11.50 1.82 13.22
C GLU A 60 10.20 2.46 12.70
N ASP A 61 9.94 2.33 11.42
CA ASP A 61 8.70 2.83 10.82
C ASP A 61 7.48 2.05 11.34
N TRP A 62 7.67 0.76 11.57
CA TRP A 62 6.63 -0.10 12.13
C TRP A 62 6.12 0.45 13.48
N ASN A 63 7.06 0.70 14.40
CA ASN A 63 6.74 1.30 15.70
C ASN A 63 6.20 2.73 15.52
N ALA A 64 6.71 3.46 14.53
CA ALA A 64 6.27 4.83 14.27
C ALA A 64 4.77 4.91 13.95
N LEU A 65 4.29 3.98 13.12
CA LEU A 65 2.86 3.91 12.77
C LEU A 65 2.04 3.13 13.82
N GLY A 66 2.74 2.48 14.75
CA GLY A 66 2.07 1.65 15.76
C GLY A 66 1.43 0.40 15.16
N LEU A 67 2.17 -0.28 14.31
CA LEU A 67 1.67 -1.47 13.60
C LEU A 67 1.79 -2.74 14.47
N GLN A 68 1.11 -3.80 14.03
CA GLN A 68 1.09 -5.07 14.75
C GLN A 68 0.97 -6.23 13.75
N GLU A 69 1.96 -7.13 13.77
CA GLU A 69 2.12 -8.16 12.75
C GLU A 69 0.80 -8.85 12.37
N GLY A 70 0.23 -8.39 11.26
CA GLY A 70 -1.06 -8.90 10.79
C GLY A 70 -2.12 -7.81 10.59
N ASP A 71 -1.81 -6.56 10.93
CA ASP A 71 -2.78 -5.46 10.79
C ASP A 71 -2.84 -4.95 9.34
N ARG A 72 -3.65 -3.89 9.13
CA ARG A 72 -3.89 -3.34 7.79
C ARG A 72 -3.18 -1.99 7.60
N VAL A 73 -2.33 -1.90 6.57
CA VAL A 73 -1.66 -0.64 6.24
C VAL A 73 -2.09 -0.12 4.86
N LYS A 74 -2.18 1.19 4.73
CA LYS A 74 -2.55 1.84 3.47
C LYS A 74 -1.33 2.54 2.84
N VAL A 75 -1.29 2.56 1.52
CA VAL A 75 -0.14 3.09 0.77
C VAL A 75 -0.61 4.07 -0.31
N LYS A 76 -0.01 5.26 -0.35
CA LYS A 76 -0.44 6.33 -1.26
C LYS A 76 0.75 6.94 -2.03
N THR A 77 0.66 6.96 -3.36
CA THR A 77 1.69 7.56 -4.21
C THR A 77 1.07 8.58 -5.17
N GLU A 78 1.86 9.07 -6.13
CA GLU A 78 1.32 9.99 -7.17
C GLU A 78 0.52 9.22 -8.24
N PHE A 79 0.53 7.90 -8.16
CA PHE A 79 -0.24 7.04 -9.07
C PHE A 79 -1.63 6.73 -8.49
N GLY A 80 -1.65 6.08 -7.33
CA GLY A 80 -2.91 5.72 -6.69
C GLY A 80 -2.74 5.35 -5.21
N GLU A 81 -3.52 4.38 -4.73
CA GLU A 81 -3.42 3.93 -3.34
C GLU A 81 -3.91 2.49 -3.19
N VAL A 82 -3.49 1.82 -2.10
CA VAL A 82 -3.90 0.43 -1.84
C VAL A 82 -3.78 0.06 -0.34
N VAL A 83 -4.71 -0.75 0.15
CA VAL A 83 -4.65 -1.28 1.54
C VAL A 83 -4.23 -2.75 1.54
N VAL A 84 -3.09 -3.06 2.18
CA VAL A 84 -2.54 -4.42 2.18
C VAL A 84 -2.23 -4.90 3.62
N PHE A 85 -1.79 -6.17 3.75
CA PHE A 85 -1.37 -6.71 5.05
C PHE A 85 0.05 -6.26 5.43
N ALA A 86 0.26 -5.96 6.71
CA ALA A 86 1.56 -5.47 7.19
C ALA A 86 2.49 -6.60 7.67
N LYS A 87 3.70 -6.64 7.11
CA LYS A 87 4.76 -7.56 7.55
C LYS A 87 6.04 -6.81 7.88
N LYS A 88 6.75 -7.28 8.89
CA LYS A 88 7.99 -6.66 9.31
C LYS A 88 9.17 -7.28 8.55
N GLY A 89 9.93 -6.44 7.83
CA GLY A 89 10.99 -6.94 6.97
C GLY A 89 12.36 -6.32 7.24
N ASP A 90 13.36 -6.76 6.47
CA ASP A 90 14.74 -6.27 6.62
C ASP A 90 14.99 -5.04 5.71
N VAL A 91 13.92 -4.39 5.29
CA VAL A 91 14.00 -3.23 4.39
C VAL A 91 14.52 -1.98 5.14
N PRO A 92 15.19 -1.05 4.41
CA PRO A 92 15.70 0.21 5.00
C PRO A 92 14.58 1.12 5.57
N LYS A 93 14.97 2.05 6.45
CA LYS A 93 14.01 2.97 7.08
C LYS A 93 13.45 3.97 6.06
N GLY A 94 12.14 4.24 6.14
CA GLY A 94 11.48 5.08 5.14
C GLY A 94 11.43 4.40 3.77
N MET A 95 11.43 3.07 3.78
CA MET A 95 11.41 2.28 2.55
C MET A 95 10.70 0.94 2.78
N ILE A 96 9.84 0.53 1.85
CA ILE A 96 9.06 -0.71 2.01
C ILE A 96 9.06 -1.56 0.74
N PHE A 97 9.03 -2.88 0.91
CA PHE A 97 9.03 -3.82 -0.21
C PHE A 97 7.64 -4.46 -0.43
N ILE A 98 7.15 -4.42 -1.67
CA ILE A 98 5.92 -5.13 -2.03
C ILE A 98 6.17 -6.10 -3.20
N PRO A 99 5.70 -7.35 -3.08
CA PRO A 99 5.76 -8.32 -4.20
C PRO A 99 5.02 -7.81 -5.46
N MET A 100 5.67 -7.90 -6.62
CA MET A 100 5.08 -7.45 -7.90
C MET A 100 3.68 -8.04 -8.13
N GLY A 101 2.65 -7.21 -8.01
CA GLY A 101 1.28 -7.68 -8.19
C GLY A 101 0.26 -6.55 -8.34
N PRO A 102 -1.04 -6.89 -8.45
CA PRO A 102 -2.12 -5.89 -8.61
C PRO A 102 -2.14 -4.85 -7.47
N TYR A 103 -1.82 -5.28 -6.27
CA TYR A 103 -1.73 -4.39 -5.10
C TYR A 103 -0.65 -3.32 -5.32
N ALA A 104 0.55 -3.76 -5.69
CA ALA A 104 1.64 -2.85 -6.02
C ALA A 104 1.27 -1.98 -7.25
N ASN A 105 0.59 -2.60 -8.22
CA ASN A 105 0.13 -1.92 -9.43
C ASN A 105 -0.71 -0.66 -9.11
N MET A 106 -1.35 -0.66 -7.94
CA MET A 106 -2.17 0.47 -7.50
C MET A 106 -1.32 1.71 -7.16
N VAL A 107 -0.01 1.52 -6.97
CA VAL A 107 0.87 2.61 -6.51
C VAL A 107 2.16 2.74 -7.35
N ILE A 108 2.54 1.69 -8.08
CA ILE A 108 3.81 1.70 -8.82
C ILE A 108 3.64 2.06 -10.31
N ASP A 109 4.76 2.08 -11.03
CA ASP A 109 4.76 2.34 -12.48
C ASP A 109 4.98 1.03 -13.27
N PRO A 110 4.00 0.62 -14.10
CA PRO A 110 4.08 -0.62 -14.89
C PRO A 110 4.83 -0.47 -16.23
N SER A 111 5.47 0.68 -16.45
CA SER A 111 6.16 0.98 -17.72
C SER A 111 7.58 0.37 -17.73
N THR A 112 7.76 -0.78 -17.08
CA THR A 112 9.10 -1.37 -16.87
C THR A 112 9.64 -2.11 -18.11
N ASP A 113 8.88 -2.09 -19.20
CA ASP A 113 9.30 -2.76 -20.43
C ASP A 113 10.48 -2.05 -21.12
N GLY A 114 11.47 -2.82 -21.56
CA GLY A 114 12.62 -2.26 -22.25
C GLY A 114 13.75 -1.83 -21.30
N THR A 115 13.64 -2.17 -20.02
CA THR A 115 14.65 -1.79 -19.02
C THR A 115 15.59 -2.96 -18.68
N GLY A 116 16.86 -2.63 -18.44
CA GLY A 116 17.85 -3.64 -18.03
C GLY A 116 18.36 -3.38 -16.61
N MET A 117 18.37 -4.44 -15.78
CA MET A 117 18.74 -4.33 -14.35
C MET A 117 17.69 -3.52 -13.56
N PRO A 118 17.28 -4.01 -12.37
CA PRO A 118 16.28 -3.34 -11.54
C PRO A 118 16.86 -2.23 -10.64
N GLN A 119 18.05 -2.48 -10.07
CA GLN A 119 18.67 -1.57 -9.09
C GLN A 119 17.85 -1.50 -7.79
N PHE A 120 18.53 -1.25 -6.67
CA PHE A 120 17.85 -1.15 -5.37
C PHE A 120 17.09 0.18 -5.23
N LYS A 121 15.92 0.26 -5.86
CA LYS A 121 15.02 1.41 -5.69
C LYS A 121 13.57 1.03 -6.00
N GLY A 122 12.63 1.88 -5.59
CA GLY A 122 11.23 1.65 -5.89
C GLY A 122 10.45 2.94 -6.13
N VAL A 123 9.14 2.82 -6.32
CA VAL A 123 8.29 4.00 -6.52
C VAL A 123 7.93 4.65 -5.16
N LYS A 124 8.34 5.91 -4.97
CA LYS A 124 8.12 6.60 -3.70
C LYS A 124 6.63 6.88 -3.42
N GLY A 125 6.31 7.02 -2.14
CA GLY A 125 4.95 7.29 -1.71
C GLY A 125 4.84 7.40 -0.20
N THR A 126 3.71 6.99 0.36
CA THR A 126 3.48 7.05 1.82
C THR A 126 2.77 5.79 2.33
N VAL A 127 3.00 5.47 3.60
CA VAL A 127 2.32 4.36 4.27
C VAL A 127 1.69 4.83 5.58
N GLU A 128 0.54 4.27 5.95
CA GLU A 128 -0.19 4.71 7.14
C GLU A 128 -0.98 3.57 7.81
N LYS A 129 -1.16 3.70 9.12
CA LYS A 129 -2.10 2.86 9.87
C LYS A 129 -3.54 3.25 9.49
N THR A 130 -4.21 2.40 8.72
CA THR A 130 -5.56 2.70 8.25
C THR A 130 -6.65 1.97 9.05
N ASP A 131 -7.88 2.47 8.95
CA ASP A 131 -9.03 1.86 9.62
C ASP A 131 -9.85 1.00 8.62
N GLU A 132 -9.38 0.95 7.38
CA GLU A 132 -10.08 0.22 6.31
C GLU A 132 -9.67 -1.26 6.23
N LYS A 133 -10.28 -1.98 5.29
CA LYS A 133 -9.98 -3.39 5.03
C LYS A 133 -9.06 -3.55 3.81
N VAL A 134 -8.42 -4.72 3.70
CA VAL A 134 -7.55 -5.02 2.56
C VAL A 134 -8.37 -5.22 1.27
N LEU A 135 -7.86 -4.67 0.15
CA LEU A 135 -8.52 -4.84 -1.15
C LEU A 135 -8.21 -6.23 -1.74
N SER A 136 -9.13 -7.17 -1.58
CA SER A 136 -8.95 -8.53 -2.11
C SER A 136 -8.68 -8.51 -3.61
N VAL A 137 -7.99 -9.53 -4.11
CA VAL A 137 -7.51 -9.58 -5.50
C VAL A 137 -8.59 -9.16 -6.51
N LYS A 138 -9.76 -9.80 -6.46
CA LYS A 138 -10.82 -9.51 -7.43
C LYS A 138 -11.49 -8.14 -7.19
N GLU A 139 -11.74 -7.80 -5.93
CA GLU A 139 -12.31 -6.49 -5.57
C GLU A 139 -11.42 -5.37 -6.12
N LEU A 140 -10.11 -5.58 -6.01
CA LEU A 140 -9.10 -4.69 -6.58
C LEU A 140 -9.27 -4.58 -8.12
N LEU A 141 -9.52 -5.73 -8.77
CA LEU A 141 -9.74 -5.77 -10.22
C LEU A 141 -10.92 -4.87 -10.62
N GLU A 142 -12.07 -5.12 -10.00
CA GLU A 142 -13.29 -4.36 -10.30
C GLU A 142 -13.15 -2.88 -9.91
N ALA A 143 -12.36 -2.61 -8.87
CA ALA A 143 -12.07 -1.25 -8.44
C ALA A 143 -11.36 -0.44 -9.54
N ILE A 144 -10.28 -0.99 -10.09
CA ILE A 144 -9.53 -0.31 -11.15
C ILE A 144 -10.16 -0.52 -12.53
N GLY A 145 -11.02 -1.53 -12.66
CA GLY A 145 -11.70 -1.80 -13.92
C GLY A 145 -11.40 -3.18 -14.48
N SER A 146 -10.15 -3.40 -14.91
CA SER A 146 -9.74 -4.68 -15.49
C SER A 146 -9.86 -5.82 -14.49
N MET A 1 -52.49 40.52 -15.52
CA MET A 1 -53.28 39.69 -14.55
C MET A 1 -52.83 38.23 -14.58
N GLY A 2 -52.08 37.82 -13.56
CA GLY A 2 -51.56 36.45 -13.50
C GLY A 2 -50.65 36.23 -12.30
N SER A 3 -50.96 35.24 -11.47
CA SER A 3 -50.19 34.99 -10.24
C SER A 3 -49.24 33.78 -10.38
N SER A 4 -47.94 34.05 -10.32
CA SER A 4 -46.93 32.98 -10.29
C SER A 4 -46.45 32.74 -8.84
N HIS A 5 -45.52 31.81 -8.65
CA HIS A 5 -45.06 31.46 -7.31
C HIS A 5 -43.62 30.94 -7.30
N HIS A 6 -42.95 31.12 -6.14
CA HIS A 6 -41.57 30.66 -5.96
C HIS A 6 -41.27 30.43 -4.47
N HIS A 7 -40.57 29.35 -4.15
CA HIS A 7 -40.18 29.03 -2.76
C HIS A 7 -39.01 28.04 -2.73
N HIS A 8 -38.08 28.21 -1.79
CA HIS A 8 -36.86 27.37 -1.76
C HIS A 8 -36.13 27.41 -0.41
N HIS A 9 -35.61 26.26 0.00
CA HIS A 9 -34.68 26.16 1.14
C HIS A 9 -33.34 25.56 0.68
N HIS A 10 -32.31 25.63 1.51
CA HIS A 10 -31.00 25.09 1.16
C HIS A 10 -30.23 24.61 2.39
N SER A 11 -29.56 23.46 2.26
CA SER A 11 -28.73 22.90 3.35
C SER A 11 -27.24 23.04 3.03
N SER A 12 -26.42 23.32 4.04
CA SER A 12 -24.97 23.46 3.85
C SER A 12 -24.21 22.84 5.02
N GLY A 13 -23.19 22.04 4.72
CA GLY A 13 -22.37 21.46 5.78
C GLY A 13 -21.48 20.31 5.32
N ARG A 14 -20.25 20.29 5.81
CA ARG A 14 -19.30 19.18 5.55
C ARG A 14 -18.61 18.75 6.86
N GLU A 15 -18.68 17.45 7.17
CA GLU A 15 -18.07 16.93 8.40
C GLU A 15 -16.56 16.67 8.23
N ASN A 16 -15.89 16.44 9.35
CA ASN A 16 -14.43 16.21 9.38
C ASN A 16 -13.99 15.13 8.37
N LEU A 17 -12.96 15.45 7.59
CA LEU A 17 -12.40 14.51 6.60
C LEU A 17 -11.28 13.67 7.22
N TYR A 18 -11.37 12.35 7.05
CA TYR A 18 -10.36 11.40 7.54
C TYR A 18 -10.10 11.54 9.06
N PHE A 19 -8.98 10.98 9.52
CA PHE A 19 -8.62 11.00 10.94
C PHE A 19 -7.32 11.78 11.19
N GLN A 20 -6.85 11.77 12.43
CA GLN A 20 -5.58 12.45 12.79
C GLN A 20 -4.40 11.49 12.77
N GLY A 21 -3.20 12.06 12.64
CA GLY A 21 -1.98 11.28 12.78
C GLY A 21 -0.86 11.73 11.85
N HIS A 22 -0.03 10.78 11.41
CA HIS A 22 1.10 11.08 10.52
C HIS A 22 1.44 9.88 9.62
N MET A 23 1.32 10.06 8.31
CA MET A 23 1.69 9.03 7.34
C MET A 23 3.17 9.15 6.96
N LEU A 24 3.84 8.00 6.83
CA LEU A 24 5.29 7.98 6.60
C LEU A 24 5.66 7.97 5.12
N GLU A 25 6.59 8.84 4.76
CA GLU A 25 7.11 8.90 3.40
C GLU A 25 8.14 7.79 3.17
N VAL A 26 7.82 6.92 2.23
CA VAL A 26 8.61 5.71 1.97
C VAL A 26 8.77 5.43 0.47
N GLU A 27 9.71 4.56 0.11
CA GLU A 27 9.83 4.09 -1.28
C GLU A 27 9.18 2.70 -1.43
N VAL A 28 8.20 2.60 -2.31
CA VAL A 28 7.42 1.37 -2.51
C VAL A 28 7.97 0.53 -3.67
N ILE A 29 8.56 -0.62 -3.36
CA ILE A 29 9.17 -1.47 -4.38
C ILE A 29 8.21 -2.58 -4.85
N SER A 30 8.49 -3.16 -6.02
CA SER A 30 7.73 -4.30 -6.53
C SER A 30 8.66 -5.44 -6.97
N GLY A 31 8.87 -6.39 -6.06
CA GLY A 31 9.78 -7.51 -6.35
C GLY A 31 9.09 -8.63 -7.12
N ARG A 32 9.65 -9.00 -8.27
CA ARG A 32 9.07 -10.04 -9.12
C ARG A 32 9.23 -11.44 -8.50
N THR A 33 8.29 -11.82 -7.64
CA THR A 33 8.28 -13.16 -7.02
C THR A 33 7.97 -14.24 -8.05
N LEU A 34 6.91 -14.03 -8.82
CA LEU A 34 6.54 -14.93 -9.91
C LEU A 34 7.51 -14.78 -11.10
N ASN A 35 8.32 -15.80 -11.32
CA ASN A 35 9.33 -15.77 -12.39
C ASN A 35 8.71 -15.64 -13.79
N GLN A 36 7.44 -16.02 -13.93
CA GLN A 36 6.72 -15.89 -15.22
C GLN A 36 6.12 -14.48 -15.40
N GLY A 37 5.89 -13.78 -14.29
CA GLY A 37 5.19 -12.50 -14.34
C GLY A 37 3.71 -12.67 -14.69
N ALA A 38 3.37 -12.49 -15.96
CA ALA A 38 1.98 -12.65 -16.44
C ALA A 38 1.01 -11.65 -15.79
N THR A 39 -0.29 -11.82 -16.03
CA THR A 39 -1.32 -11.07 -15.30
C THR A 39 -1.89 -11.94 -14.18
N VAL A 40 -2.89 -11.43 -13.48
CA VAL A 40 -3.47 -12.15 -12.33
C VAL A 40 -4.24 -13.40 -12.78
N GLU A 41 -4.94 -13.31 -13.91
CA GLU A 41 -5.81 -14.40 -14.36
C GLU A 41 -5.02 -15.61 -14.88
N GLU A 42 -3.75 -15.44 -15.21
CA GLU A 42 -2.86 -16.58 -15.53
C GLU A 42 -2.57 -17.38 -14.25
N LYS A 43 -2.14 -16.68 -13.19
CA LYS A 43 -1.95 -17.31 -11.87
C LYS A 43 -3.14 -16.97 -10.94
N LEU A 44 -4.36 -17.28 -11.34
CA LEU A 44 -5.55 -16.90 -10.56
C LEU A 44 -5.73 -17.79 -9.30
N THR A 45 -4.62 -18.32 -8.79
CA THR A 45 -4.62 -19.21 -7.61
C THR A 45 -4.57 -18.42 -6.30
N GLU A 46 -4.95 -19.07 -5.21
CA GLU A 46 -4.83 -18.50 -3.87
C GLU A 46 -3.36 -18.18 -3.55
N GLU A 47 -2.45 -18.95 -4.15
CA GLU A 47 -1.00 -18.72 -4.02
C GLU A 47 -0.64 -17.29 -4.45
N TYR A 48 -1.33 -16.80 -5.48
CA TYR A 48 -1.15 -15.43 -5.99
C TYR A 48 -1.59 -14.40 -4.93
N PHE A 49 -2.73 -14.68 -4.29
CA PHE A 49 -3.28 -13.82 -3.25
C PHE A 49 -2.29 -13.66 -2.09
N ASN A 50 -1.95 -14.77 -1.44
CA ASN A 50 -1.04 -14.76 -0.30
C ASN A 50 0.35 -14.22 -0.65
N ALA A 51 0.72 -14.29 -1.93
CA ALA A 51 2.05 -13.85 -2.39
C ALA A 51 2.15 -12.32 -2.49
N VAL A 52 1.06 -11.64 -2.83
CA VAL A 52 1.11 -10.18 -3.09
C VAL A 52 0.13 -9.36 -2.21
N ASN A 53 -0.39 -9.97 -1.14
CA ASN A 53 -1.37 -9.29 -0.26
C ASN A 53 -0.71 -8.67 0.98
N TYR A 54 0.59 -8.45 0.95
CA TYR A 54 1.31 -7.92 2.12
C TYR A 54 2.46 -6.99 1.74
N ALA A 55 2.86 -6.15 2.69
CA ALA A 55 4.01 -5.27 2.51
C ALA A 55 5.03 -5.46 3.63
N GLU A 56 6.32 -5.41 3.31
CA GLU A 56 7.38 -5.56 4.31
C GLU A 56 7.92 -4.19 4.76
N ILE A 57 7.66 -3.82 6.02
CA ILE A 57 8.09 -2.54 6.58
C ILE A 57 9.18 -2.74 7.64
N ASN A 58 10.08 -1.76 7.78
CA ASN A 58 11.11 -1.79 8.84
C ASN A 58 10.48 -1.47 10.20
N GLU A 59 11.00 -2.12 11.27
CA GLU A 59 10.45 -1.93 12.62
C GLU A 59 10.42 -0.45 13.04
N GLU A 60 11.40 0.32 12.58
CA GLU A 60 11.44 1.77 12.84
C GLU A 60 10.15 2.47 12.40
N ASP A 61 9.80 2.33 11.13
CA ASP A 61 8.55 2.90 10.59
C ASP A 61 7.33 2.18 11.22
N TRP A 62 7.49 0.89 11.46
CA TRP A 62 6.48 0.05 12.09
C TRP A 62 6.00 0.65 13.44
N ASN A 63 6.96 1.00 14.29
CA ASN A 63 6.67 1.62 15.59
C ASN A 63 6.10 3.04 15.42
N ALA A 64 6.65 3.79 14.47
CA ALA A 64 6.22 5.17 14.20
C ALA A 64 4.71 5.26 13.90
N LEU A 65 4.18 4.23 13.25
CA LEU A 65 2.74 4.17 12.95
C LEU A 65 1.96 3.42 14.04
N GLY A 66 2.66 2.65 14.87
CA GLY A 66 2.01 1.86 15.90
C GLY A 66 1.35 0.60 15.34
N LEU A 67 2.08 -0.12 14.50
CA LEU A 67 1.55 -1.31 13.82
C LEU A 67 1.67 -2.57 14.69
N GLN A 68 0.67 -3.44 14.59
CA GLN A 68 0.73 -4.77 15.21
C GLN A 68 1.05 -5.83 14.15
N GLU A 69 1.60 -6.96 14.60
CA GLU A 69 1.98 -8.03 13.67
C GLU A 69 0.75 -8.75 13.13
N GLY A 70 0.29 -8.28 11.97
CA GLY A 70 -0.97 -8.73 11.39
C GLY A 70 -1.92 -7.56 11.11
N ASP A 71 -1.50 -6.35 11.48
CA ASP A 71 -2.28 -5.12 11.23
C ASP A 71 -2.46 -4.84 9.72
N ARG A 72 -3.26 -3.82 9.40
CA ARG A 72 -3.54 -3.45 8.01
C ARG A 72 -2.96 -2.07 7.66
N VAL A 73 -2.13 -2.02 6.61
CA VAL A 73 -1.50 -0.77 6.20
C VAL A 73 -1.97 -0.31 4.82
N LYS A 74 -2.13 0.99 4.67
CA LYS A 74 -2.45 1.59 3.37
C LYS A 74 -1.18 2.16 2.72
N VAL A 75 -1.13 2.11 1.40
CA VAL A 75 0.04 2.56 0.64
C VAL A 75 -0.41 3.53 -0.45
N LYS A 76 0.16 4.73 -0.46
CA LYS A 76 -0.35 5.81 -1.32
C LYS A 76 0.77 6.54 -2.06
N THR A 77 0.60 6.68 -3.36
CA THR A 77 1.57 7.37 -4.22
C THR A 77 0.85 8.30 -5.21
N GLU A 78 1.62 8.84 -6.16
CA GLU A 78 1.06 9.66 -7.24
C GLU A 78 0.17 8.84 -8.19
N PHE A 79 0.28 7.51 -8.11
CA PHE A 79 -0.50 6.62 -8.97
C PHE A 79 -1.87 6.26 -8.34
N GLY A 80 -1.88 6.05 -7.02
CA GLY A 80 -3.12 5.72 -6.32
C GLY A 80 -2.88 5.20 -4.90
N GLU A 81 -3.88 4.52 -4.34
CA GLU A 81 -3.76 3.95 -3.00
C GLU A 81 -4.26 2.50 -2.92
N VAL A 82 -3.68 1.72 -2.01
CA VAL A 82 -4.07 0.32 -1.81
C VAL A 82 -3.90 -0.10 -0.32
N VAL A 83 -4.76 -0.98 0.17
CA VAL A 83 -4.68 -1.46 1.57
C VAL A 83 -4.25 -2.94 1.61
N VAL A 84 -3.12 -3.22 2.25
CA VAL A 84 -2.56 -4.59 2.31
C VAL A 84 -2.21 -4.99 3.76
N PHE A 85 -1.80 -6.26 3.95
CA PHE A 85 -1.38 -6.76 5.28
C PHE A 85 0.02 -6.24 5.64
N ALA A 86 0.22 -5.94 6.93
CA ALA A 86 1.51 -5.41 7.42
C ALA A 86 2.43 -6.52 7.96
N LYS A 87 3.62 -6.63 7.38
CA LYS A 87 4.64 -7.58 7.87
C LYS A 87 5.98 -6.88 8.09
N LYS A 88 6.65 -7.26 9.17
CA LYS A 88 7.92 -6.67 9.52
C LYS A 88 9.06 -7.27 8.68
N GLY A 89 9.53 -6.51 7.69
CA GLY A 89 10.51 -7.03 6.73
C GLY A 89 11.94 -6.62 7.00
N ASP A 90 12.79 -6.78 6.00
CA ASP A 90 14.23 -6.52 6.11
C ASP A 90 14.63 -5.29 5.27
N VAL A 91 13.72 -4.33 5.16
CA VAL A 91 13.96 -3.11 4.40
C VAL A 91 14.52 -1.97 5.28
N PRO A 92 15.19 -0.97 4.68
CA PRO A 92 15.67 0.22 5.42
C PRO A 92 14.54 1.18 5.80
N LYS A 93 14.81 2.08 6.74
CA LYS A 93 13.79 3.04 7.23
C LYS A 93 13.35 4.00 6.11
N GLY A 94 12.06 4.35 6.11
CA GLY A 94 11.50 5.17 5.03
C GLY A 94 11.46 4.44 3.69
N MET A 95 11.32 3.12 3.73
CA MET A 95 11.31 2.29 2.53
C MET A 95 10.55 0.98 2.79
N ILE A 96 9.70 0.56 1.84
CA ILE A 96 8.91 -0.67 2.01
C ILE A 96 8.93 -1.55 0.75
N PHE A 97 8.93 -2.86 0.95
CA PHE A 97 8.96 -3.82 -0.15
C PHE A 97 7.58 -4.48 -0.34
N ILE A 98 7.04 -4.39 -1.56
CA ILE A 98 5.80 -5.09 -1.92
C ILE A 98 6.05 -6.03 -3.10
N PRO A 99 5.59 -7.30 -3.01
CA PRO A 99 5.69 -8.24 -4.13
C PRO A 99 4.91 -7.75 -5.38
N MET A 100 5.51 -7.94 -6.55
CA MET A 100 4.91 -7.50 -7.82
C MET A 100 3.51 -8.12 -8.01
N GLY A 101 2.47 -7.30 -7.81
CA GLY A 101 1.10 -7.79 -7.95
C GLY A 101 0.10 -6.68 -8.23
N PRO A 102 -1.22 -6.99 -8.26
CA PRO A 102 -2.26 -6.00 -8.56
C PRO A 102 -2.32 -4.90 -7.49
N TYR A 103 -1.99 -5.27 -6.26
CA TYR A 103 -1.92 -4.32 -5.14
C TYR A 103 -0.82 -3.30 -5.41
N ALA A 104 0.36 -3.78 -5.80
CA ALA A 104 1.46 -2.91 -6.22
C ALA A 104 1.06 -2.04 -7.42
N ASN A 105 0.39 -2.64 -8.41
CA ASN A 105 -0.06 -1.90 -9.62
C ASN A 105 -0.92 -0.67 -9.26
N MET A 106 -1.47 -0.64 -8.06
CA MET A 106 -2.26 0.50 -7.59
C MET A 106 -1.37 1.73 -7.34
N VAL A 107 -0.13 1.48 -6.93
CA VAL A 107 0.76 2.56 -6.47
C VAL A 107 2.09 2.63 -7.27
N ILE A 108 2.35 1.64 -8.12
CA ILE A 108 3.61 1.62 -8.87
C ILE A 108 3.42 1.99 -10.35
N ASP A 109 4.53 2.03 -11.08
CA ASP A 109 4.52 2.27 -12.52
C ASP A 109 4.73 0.95 -13.29
N PRO A 110 3.79 0.57 -14.18
CA PRO A 110 3.84 -0.71 -14.91
C PRO A 110 4.87 -0.74 -16.07
N SER A 111 5.84 0.18 -16.07
CA SER A 111 6.86 0.24 -17.13
C SER A 111 8.27 -0.06 -16.60
N THR A 112 8.46 -0.01 -15.28
CA THR A 112 9.79 -0.23 -14.68
C THR A 112 10.24 -1.70 -14.75
N ASP A 113 9.32 -2.62 -14.48
CA ASP A 113 9.65 -4.06 -14.47
C ASP A 113 9.55 -4.67 -15.89
N GLY A 114 10.70 -4.87 -16.53
CA GLY A 114 10.74 -5.49 -17.85
C GLY A 114 11.86 -6.51 -18.02
N THR A 115 13.06 -6.14 -17.55
CA THR A 115 14.23 -7.03 -17.60
C THR A 115 14.68 -7.41 -16.18
N GLY A 116 15.82 -8.07 -16.08
CA GLY A 116 16.40 -8.37 -14.77
C GLY A 116 16.85 -7.11 -14.04
N MET A 117 16.08 -6.69 -13.03
CA MET A 117 16.40 -5.48 -12.26
C MET A 117 17.65 -5.70 -11.40
N PRO A 118 18.73 -4.94 -11.67
CA PRO A 118 20.03 -5.11 -10.98
C PRO A 118 20.08 -4.44 -9.59
N GLN A 119 19.19 -3.48 -9.34
CA GLN A 119 19.25 -2.67 -8.12
C GLN A 119 17.91 -2.64 -7.37
N PHE A 120 17.97 -2.43 -6.06
CA PHE A 120 16.76 -2.29 -5.24
C PHE A 120 16.16 -0.88 -5.38
N LYS A 121 15.26 -0.71 -6.36
CA LYS A 121 14.59 0.57 -6.59
C LYS A 121 13.09 0.37 -6.83
N GLY A 122 12.28 1.22 -6.21
CA GLY A 122 10.85 1.17 -6.41
C GLY A 122 10.22 2.54 -6.59
N VAL A 123 8.89 2.58 -6.61
CA VAL A 123 8.15 3.84 -6.76
C VAL A 123 7.93 4.53 -5.41
N LYS A 124 8.39 5.77 -5.27
CA LYS A 124 8.29 6.51 -4.01
C LYS A 124 6.84 6.95 -3.71
N GLY A 125 6.50 6.98 -2.42
CA GLY A 125 5.18 7.38 -1.98
C GLY A 125 5.06 7.46 -0.46
N THR A 126 3.94 6.98 0.09
CA THR A 126 3.69 7.04 1.54
C THR A 126 3.03 5.76 2.06
N VAL A 127 3.15 5.53 3.36
CA VAL A 127 2.50 4.38 4.02
C VAL A 127 1.85 4.83 5.34
N GLU A 128 0.72 4.23 5.68
CA GLU A 128 -0.03 4.59 6.89
C GLU A 128 -0.78 3.39 7.48
N LYS A 129 -1.05 3.42 8.77
CA LYS A 129 -1.97 2.45 9.38
C LYS A 129 -3.41 2.93 9.23
N THR A 130 -4.30 2.07 8.80
CA THR A 130 -5.67 2.47 8.45
C THR A 130 -6.74 1.59 9.11
N ASP A 131 -7.94 2.11 9.17
CA ASP A 131 -9.09 1.37 9.68
C ASP A 131 -9.68 0.48 8.57
N GLU A 132 -9.40 0.84 7.32
CA GLU A 132 -9.88 0.09 6.14
C GLU A 132 -9.35 -1.35 6.11
N LYS A 133 -10.07 -2.21 5.40
CA LYS A 133 -9.68 -3.62 5.28
C LYS A 133 -8.77 -3.83 4.05
N VAL A 134 -8.07 -4.96 4.02
CA VAL A 134 -7.24 -5.32 2.88
C VAL A 134 -8.09 -5.58 1.63
N LEU A 135 -7.69 -5.02 0.50
CA LEU A 135 -8.39 -5.22 -0.77
C LEU A 135 -8.35 -6.70 -1.19
N SER A 136 -9.47 -7.21 -1.67
CA SER A 136 -9.49 -8.55 -2.29
C SER A 136 -9.10 -8.42 -3.77
N VAL A 137 -8.39 -9.41 -4.30
CA VAL A 137 -7.88 -9.36 -5.68
C VAL A 137 -8.96 -8.93 -6.68
N LYS A 138 -10.14 -9.55 -6.57
CA LYS A 138 -11.27 -9.21 -7.45
C LYS A 138 -11.81 -7.81 -7.18
N GLU A 139 -11.90 -7.44 -5.89
CA GLU A 139 -12.36 -6.11 -5.48
C GLU A 139 -11.41 -5.02 -6.01
N LEU A 140 -10.13 -5.38 -6.09
CA LEU A 140 -9.11 -4.51 -6.64
C LEU A 140 -9.32 -4.31 -8.16
N LEU A 141 -9.83 -5.34 -8.84
CA LEU A 141 -10.17 -5.22 -10.27
C LEU A 141 -11.24 -4.14 -10.47
N GLU A 142 -12.21 -4.12 -9.55
CA GLU A 142 -13.25 -3.09 -9.54
C GLU A 142 -12.64 -1.72 -9.20
N ALA A 143 -11.63 -1.71 -8.31
CA ALA A 143 -10.95 -0.48 -7.90
C ALA A 143 -10.17 0.16 -9.07
N ILE A 144 -9.45 -0.64 -9.84
CA ILE A 144 -8.70 -0.13 -11.00
C ILE A 144 -9.62 0.13 -12.21
N GLY A 145 -10.87 -0.29 -12.11
CA GLY A 145 -11.87 0.03 -13.12
C GLY A 145 -11.86 -0.91 -14.32
N SER A 146 -11.65 -2.20 -14.10
CA SER A 146 -11.70 -3.20 -15.18
C SER A 146 -11.90 -4.61 -14.63
N MET A 1 -2.41 54.45 -30.79
CA MET A 1 -3.64 53.61 -30.67
C MET A 1 -3.34 52.29 -29.95
N GLY A 2 -3.97 52.08 -28.79
CA GLY A 2 -3.78 50.83 -28.04
C GLY A 2 -4.07 50.99 -26.55
N SER A 3 -5.34 50.98 -26.18
CA SER A 3 -5.75 51.16 -24.78
C SER A 3 -5.54 49.87 -23.96
N SER A 4 -4.83 49.98 -22.85
CA SER A 4 -4.54 48.83 -21.98
C SER A 4 -5.69 48.55 -21.00
N HIS A 5 -5.85 47.29 -20.60
CA HIS A 5 -6.91 46.89 -19.66
C HIS A 5 -6.54 45.57 -18.97
N HIS A 6 -6.82 45.47 -17.66
CA HIS A 6 -6.49 44.27 -16.87
C HIS A 6 -7.74 43.65 -16.24
N HIS A 7 -7.75 42.32 -16.16
CA HIS A 7 -8.89 41.58 -15.59
C HIS A 7 -8.79 41.48 -14.06
N HIS A 8 -9.93 41.31 -13.40
CA HIS A 8 -9.96 41.23 -11.92
C HIS A 8 -10.66 39.95 -11.43
N HIS A 9 -10.16 39.37 -10.34
CA HIS A 9 -10.76 38.17 -9.74
C HIS A 9 -10.44 38.07 -8.24
N HIS A 10 -11.32 37.43 -7.49
CA HIS A 10 -11.07 37.19 -6.05
C HIS A 10 -10.92 35.68 -5.76
N SER A 11 -9.74 35.28 -5.30
CA SER A 11 -9.47 33.87 -4.99
C SER A 11 -10.12 33.46 -3.66
N SER A 12 -11.30 32.84 -3.74
CA SER A 12 -12.03 32.41 -2.54
C SER A 12 -11.94 30.89 -2.34
N GLY A 13 -11.43 30.47 -1.18
CA GLY A 13 -11.30 29.04 -0.89
C GLY A 13 -11.73 28.67 0.54
N ARG A 14 -11.34 27.49 0.99
CA ARG A 14 -11.65 27.03 2.35
C ARG A 14 -10.37 26.79 3.18
N GLU A 15 -10.56 26.31 4.41
CA GLU A 15 -9.43 26.12 5.35
C GLU A 15 -8.98 24.67 5.44
N ASN A 16 -7.85 24.44 6.12
CA ASN A 16 -7.29 23.09 6.31
C ASN A 16 -7.51 22.60 7.75
N LEU A 17 -8.33 21.56 7.90
CA LEU A 17 -8.65 21.01 9.24
C LEU A 17 -7.51 20.11 9.78
N TYR A 18 -7.52 19.87 11.08
CA TYR A 18 -6.49 19.04 11.74
C TYR A 18 -6.91 17.56 11.82
N PHE A 19 -6.06 16.68 11.30
CA PHE A 19 -6.27 15.23 11.39
C PHE A 19 -5.29 14.59 12.38
N GLN A 20 -5.74 13.61 13.14
CA GLN A 20 -4.90 12.94 14.13
C GLN A 20 -4.31 11.64 13.57
N GLY A 21 -3.09 11.73 13.04
CA GLY A 21 -2.42 10.58 12.44
C GLY A 21 -1.25 10.97 11.54
N HIS A 22 -0.04 10.62 11.95
CA HIS A 22 1.18 10.95 11.20
C HIS A 22 1.64 9.79 10.31
N MET A 23 1.56 9.99 8.99
CA MET A 23 2.03 8.98 8.02
C MET A 23 3.56 9.06 7.84
N LEU A 24 4.13 8.04 7.20
CA LEU A 24 5.57 8.01 6.93
C LEU A 24 5.87 7.90 5.43
N GLU A 25 6.69 8.83 4.94
CA GLU A 25 7.10 8.84 3.55
C GLU A 25 8.07 7.68 3.24
N VAL A 26 7.65 6.77 2.37
CA VAL A 26 8.42 5.55 2.08
C VAL A 26 8.63 5.34 0.58
N GLU A 27 9.63 4.53 0.22
CA GLU A 27 9.86 4.14 -1.18
C GLU A 27 9.28 2.74 -1.45
N VAL A 28 8.30 2.67 -2.34
CA VAL A 28 7.59 1.44 -2.64
C VAL A 28 8.22 0.66 -3.82
N ILE A 29 8.87 -0.45 -3.51
CA ILE A 29 9.49 -1.32 -4.54
C ILE A 29 8.64 -2.56 -4.83
N SER A 30 8.68 -3.01 -6.09
CA SER A 30 7.93 -4.19 -6.52
C SER A 30 8.85 -5.40 -6.75
N GLY A 31 8.84 -6.33 -5.81
CA GLY A 31 9.65 -7.53 -5.94
C GLY A 31 9.12 -8.51 -6.98
N ARG A 32 9.62 -8.41 -8.20
CA ARG A 32 9.21 -9.31 -9.29
C ARG A 32 9.68 -10.75 -9.04
N THR A 33 8.83 -11.53 -8.35
CA THR A 33 9.13 -12.95 -8.07
C THR A 33 8.19 -13.86 -8.85
N LEU A 34 8.45 -15.18 -8.79
CA LEU A 34 7.63 -16.20 -9.45
C LEU A 34 7.85 -16.23 -10.99
N ASN A 35 7.78 -15.05 -11.61
CA ASN A 35 8.00 -14.91 -13.06
C ASN A 35 6.99 -15.73 -13.88
N GLN A 36 5.92 -15.07 -14.30
CA GLN A 36 4.81 -15.73 -15.01
C GLN A 36 4.36 -14.94 -16.24
N GLY A 37 4.09 -13.64 -16.04
CA GLY A 37 3.59 -12.81 -17.14
C GLY A 37 2.09 -12.94 -17.37
N ALA A 38 1.45 -13.90 -16.69
CA ALA A 38 0.01 -14.15 -16.84
C ALA A 38 -0.83 -13.15 -16.05
N THR A 39 -1.98 -12.78 -16.59
CA THR A 39 -2.95 -11.94 -15.85
C THR A 39 -3.42 -12.64 -14.58
N VAL A 40 -3.83 -11.87 -13.57
CA VAL A 40 -4.27 -12.44 -12.30
C VAL A 40 -5.43 -13.44 -12.50
N GLU A 41 -6.25 -13.18 -13.53
CA GLU A 41 -7.39 -14.05 -13.85
C GLU A 41 -6.96 -15.48 -14.19
N GLU A 42 -5.78 -15.61 -14.80
CA GLU A 42 -5.24 -16.93 -15.16
C GLU A 42 -5.13 -17.84 -13.93
N LYS A 43 -4.72 -17.25 -12.81
CA LYS A 43 -4.45 -18.01 -11.59
C LYS A 43 -5.55 -17.83 -10.53
N LEU A 44 -5.71 -16.61 -10.00
CA LEU A 44 -6.74 -16.31 -8.98
C LEU A 44 -6.76 -17.32 -7.81
N THR A 45 -5.65 -18.04 -7.62
CA THR A 45 -5.56 -19.05 -6.54
C THR A 45 -5.25 -18.39 -5.19
N GLU A 46 -5.60 -19.07 -4.11
CA GLU A 46 -5.34 -18.57 -2.74
C GLU A 46 -3.86 -18.15 -2.59
N GLU A 47 -2.96 -18.91 -3.20
CA GLU A 47 -1.54 -18.59 -3.17
C GLU A 47 -1.25 -17.23 -3.82
N TYR A 48 -1.99 -16.92 -4.90
CA TYR A 48 -1.83 -15.64 -5.59
C TYR A 48 -2.11 -14.48 -4.61
N PHE A 49 -3.13 -14.68 -3.77
CA PHE A 49 -3.48 -13.72 -2.72
C PHE A 49 -2.33 -13.59 -1.70
N ASN A 50 -2.03 -14.70 -1.04
CA ASN A 50 -1.02 -14.74 0.03
C ASN A 50 0.41 -14.44 -0.48
N ALA A 51 0.57 -14.28 -1.79
CA ALA A 51 1.88 -13.98 -2.38
C ALA A 51 2.12 -12.46 -2.54
N VAL A 52 1.06 -11.69 -2.80
CA VAL A 52 1.20 -10.24 -3.09
C VAL A 52 0.26 -9.36 -2.25
N ASN A 53 -0.21 -9.88 -1.12
CA ASN A 53 -1.15 -9.13 -0.26
C ASN A 53 -0.48 -8.54 1.00
N TYR A 54 0.83 -8.37 0.97
CA TYR A 54 1.56 -7.87 2.14
C TYR A 54 2.69 -6.89 1.74
N ALA A 55 3.10 -6.06 2.70
CA ALA A 55 4.21 -5.13 2.50
C ALA A 55 5.22 -5.25 3.65
N GLU A 56 6.52 -5.21 3.33
CA GLU A 56 7.57 -5.27 4.34
C GLU A 56 8.02 -3.86 4.78
N ILE A 57 7.73 -3.49 6.02
CA ILE A 57 8.11 -2.19 6.56
C ILE A 57 9.23 -2.33 7.62
N ASN A 58 10.13 -1.34 7.69
CA ASN A 58 11.24 -1.36 8.65
C ASN A 58 10.72 -1.20 10.10
N GLU A 59 11.38 -1.89 11.04
CA GLU A 59 11.03 -1.85 12.46
C GLU A 59 10.84 -0.40 12.97
N GLU A 60 11.69 0.50 12.51
CA GLU A 60 11.62 1.91 12.92
C GLU A 60 10.25 2.52 12.56
N ASP A 61 9.87 2.40 11.28
CA ASP A 61 8.58 2.91 10.81
C ASP A 61 7.41 2.12 11.43
N TRP A 62 7.64 0.83 11.66
CA TRP A 62 6.66 -0.06 12.28
C TRP A 62 6.18 0.50 13.63
N ASN A 63 7.12 0.80 14.53
CA ASN A 63 6.78 1.37 15.84
C ASN A 63 6.25 2.81 15.71
N ALA A 64 6.82 3.58 14.77
CA ALA A 64 6.39 4.96 14.54
C ALA A 64 4.90 5.05 14.15
N LEU A 65 4.42 4.04 13.43
CA LEU A 65 3.01 3.96 13.03
C LEU A 65 2.18 3.18 14.06
N GLY A 66 2.86 2.49 14.99
CA GLY A 66 2.16 1.67 15.98
C GLY A 66 1.51 0.43 15.37
N LEU A 67 2.27 -0.28 14.54
CA LEU A 67 1.75 -1.46 13.85
C LEU A 67 1.91 -2.73 14.70
N GLN A 68 1.12 -3.74 14.35
CA GLN A 68 1.15 -5.04 15.02
C GLN A 68 0.97 -6.14 13.97
N GLU A 69 1.77 -7.18 14.04
CA GLU A 69 1.78 -8.23 13.02
C GLU A 69 0.40 -8.85 12.82
N GLY A 70 -0.30 -8.36 11.81
CA GLY A 70 -1.65 -8.82 11.53
C GLY A 70 -2.60 -7.73 11.04
N ASP A 71 -2.30 -6.45 11.33
CA ASP A 71 -3.21 -5.36 10.92
C ASP A 71 -2.93 -4.87 9.49
N ARG A 72 -3.73 -3.91 9.04
CA ARG A 72 -3.72 -3.49 7.63
C ARG A 72 -3.14 -2.08 7.45
N VAL A 73 -2.35 -1.91 6.39
CA VAL A 73 -1.76 -0.61 6.06
C VAL A 73 -2.13 -0.19 4.63
N LYS A 74 -2.42 1.10 4.45
CA LYS A 74 -2.71 1.65 3.12
C LYS A 74 -1.55 2.52 2.61
N VAL A 75 -1.13 2.28 1.37
CA VAL A 75 -0.06 3.08 0.75
C VAL A 75 -0.63 4.02 -0.32
N LYS A 76 -0.25 5.30 -0.26
CA LYS A 76 -0.68 6.30 -1.24
C LYS A 76 0.52 6.87 -2.02
N THR A 77 0.44 6.83 -3.34
CA THR A 77 1.47 7.44 -4.21
C THR A 77 0.83 8.23 -5.34
N GLU A 78 1.65 8.69 -6.28
CA GLU A 78 1.16 9.42 -7.46
C GLU A 78 0.43 8.50 -8.45
N PHE A 79 0.44 7.18 -8.17
CA PHE A 79 -0.27 6.19 -9.00
C PHE A 79 -1.61 5.79 -8.40
N GLY A 80 -1.79 6.01 -7.10
CA GLY A 80 -3.05 5.67 -6.44
C GLY A 80 -2.88 5.20 -5.00
N GLU A 81 -3.80 4.36 -4.53
CA GLU A 81 -3.74 3.82 -3.16
C GLU A 81 -4.16 2.33 -3.12
N VAL A 82 -3.60 1.59 -2.17
CA VAL A 82 -3.94 0.17 -1.99
C VAL A 82 -3.82 -0.25 -0.51
N VAL A 83 -4.65 -1.20 -0.08
CA VAL A 83 -4.63 -1.69 1.30
C VAL A 83 -4.14 -3.14 1.38
N VAL A 84 -3.01 -3.36 2.07
CA VAL A 84 -2.40 -4.69 2.20
C VAL A 84 -2.08 -5.03 3.68
N PHE A 85 -1.59 -6.24 3.93
CA PHE A 85 -1.20 -6.65 5.29
C PHE A 85 0.19 -6.11 5.67
N ALA A 86 0.36 -5.79 6.95
CA ALA A 86 1.62 -5.23 7.45
C ALA A 86 2.63 -6.33 7.88
N LYS A 87 3.76 -6.40 7.18
CA LYS A 87 4.88 -7.26 7.58
C LYS A 87 6.09 -6.44 7.99
N LYS A 88 6.96 -7.05 8.78
CA LYS A 88 8.17 -6.41 9.23
C LYS A 88 9.37 -6.88 8.39
N GLY A 89 9.93 -5.96 7.61
CA GLY A 89 11.01 -6.31 6.69
C GLY A 89 12.38 -5.82 7.11
N ASP A 90 13.41 -6.26 6.38
CA ASP A 90 14.80 -5.89 6.65
C ASP A 90 15.23 -4.70 5.78
N VAL A 91 14.24 -4.00 5.23
CA VAL A 91 14.48 -2.87 4.32
C VAL A 91 14.88 -1.59 5.07
N PRO A 92 15.58 -0.65 4.40
CA PRO A 92 15.96 0.65 5.02
C PRO A 92 14.73 1.46 5.48
N LYS A 93 14.91 2.33 6.48
CA LYS A 93 13.81 3.15 6.98
C LYS A 93 13.29 4.10 5.89
N GLY A 94 12.00 4.42 5.93
CA GLY A 94 11.40 5.23 4.86
C GLY A 94 11.39 4.50 3.52
N MET A 95 11.36 3.17 3.58
CA MET A 95 11.33 2.34 2.38
C MET A 95 10.56 1.04 2.68
N ILE A 96 9.70 0.61 1.75
CA ILE A 96 8.90 -0.61 1.98
C ILE A 96 8.93 -1.54 0.75
N PHE A 97 8.99 -2.85 1.01
CA PHE A 97 9.07 -3.85 -0.05
C PHE A 97 7.70 -4.51 -0.29
N ILE A 98 7.16 -4.36 -1.50
CA ILE A 98 5.91 -5.02 -1.88
C ILE A 98 6.13 -5.95 -3.09
N PRO A 99 5.78 -7.24 -2.96
CA PRO A 99 5.88 -8.19 -4.09
C PRO A 99 5.08 -7.71 -5.32
N MET A 100 5.70 -7.86 -6.50
CA MET A 100 5.11 -7.37 -7.76
C MET A 100 3.73 -8.00 -8.01
N GLY A 101 2.67 -7.24 -7.76
CA GLY A 101 1.32 -7.76 -7.94
C GLY A 101 0.31 -6.67 -8.27
N PRO A 102 -0.99 -7.02 -8.37
CA PRO A 102 -2.04 -6.04 -8.72
C PRO A 102 -2.15 -4.95 -7.65
N TYR A 103 -1.79 -5.30 -6.42
CA TYR A 103 -1.74 -4.36 -5.30
C TYR A 103 -0.64 -3.33 -5.53
N ALA A 104 0.56 -3.82 -5.84
CA ALA A 104 1.68 -2.95 -6.20
C ALA A 104 1.34 -2.07 -7.41
N ASN A 105 0.65 -2.62 -8.40
CA ASN A 105 0.29 -1.89 -9.63
C ASN A 105 -0.50 -0.61 -9.32
N MET A 106 -1.17 -0.62 -8.17
CA MET A 106 -1.98 0.54 -7.75
C MET A 106 -1.10 1.71 -7.26
N VAL A 107 0.14 1.42 -6.87
CA VAL A 107 1.01 2.44 -6.26
C VAL A 107 2.44 2.47 -6.85
N ILE A 108 2.77 1.53 -7.73
CA ILE A 108 4.13 1.47 -8.30
C ILE A 108 4.14 1.84 -9.79
N ASP A 109 5.33 1.95 -10.37
CA ASP A 109 5.50 2.35 -11.77
C ASP A 109 5.68 1.13 -12.69
N PRO A 110 4.78 0.94 -13.68
CA PRO A 110 4.87 -0.17 -14.63
C PRO A 110 5.75 0.13 -15.85
N SER A 111 6.35 1.32 -15.89
CA SER A 111 7.19 1.75 -17.02
C SER A 111 8.64 1.27 -16.84
N THR A 112 8.90 0.59 -15.72
CA THR A 112 10.23 0.01 -15.46
C THR A 112 10.52 -1.15 -16.43
N ASP A 113 10.98 -0.81 -17.63
CA ASP A 113 11.24 -1.80 -18.68
C ASP A 113 12.39 -2.74 -18.27
N GLY A 114 12.06 -4.02 -18.06
CA GLY A 114 13.04 -4.99 -17.56
C GLY A 114 14.10 -5.40 -18.58
N THR A 115 15.07 -4.52 -18.81
CA THR A 115 16.21 -4.81 -19.71
C THR A 115 17.54 -4.60 -18.98
N GLY A 116 17.59 -4.95 -17.69
CA GLY A 116 18.78 -4.75 -16.88
C GLY A 116 18.60 -3.69 -15.79
N MET A 117 17.36 -3.26 -15.58
CA MET A 117 17.04 -2.25 -14.56
C MET A 117 17.24 -2.78 -13.13
N PRO A 118 17.64 -1.89 -12.20
CA PRO A 118 17.95 -2.28 -10.81
C PRO A 118 16.70 -2.65 -9.99
N GLN A 119 16.68 -3.87 -9.47
CA GLN A 119 15.55 -4.38 -8.68
C GLN A 119 15.63 -3.87 -7.22
N PHE A 120 16.00 -2.60 -7.08
CA PHE A 120 16.12 -1.95 -5.77
C PHE A 120 15.52 -0.53 -5.79
N LYS A 121 15.26 -0.01 -6.99
CA LYS A 121 14.64 1.32 -7.14
C LYS A 121 13.11 1.21 -7.12
N GLY A 122 12.47 1.99 -6.26
CA GLY A 122 11.02 1.94 -6.15
C GLY A 122 10.33 3.29 -6.37
N VAL A 123 9.00 3.28 -6.32
CA VAL A 123 8.22 4.52 -6.42
C VAL A 123 7.89 5.06 -5.02
N LYS A 124 8.33 6.27 -4.73
CA LYS A 124 8.10 6.86 -3.41
C LYS A 124 6.65 7.30 -3.19
N GLY A 125 6.27 7.31 -1.92
CA GLY A 125 4.93 7.69 -1.51
C GLY A 125 4.81 7.72 0.01
N THR A 126 3.62 7.45 0.54
CA THR A 126 3.41 7.44 1.99
C THR A 126 2.65 6.20 2.45
N VAL A 127 2.97 5.73 3.66
CA VAL A 127 2.28 4.57 4.24
C VAL A 127 1.63 4.95 5.59
N GLU A 128 0.47 4.37 5.85
CA GLU A 128 -0.25 4.60 7.11
C GLU A 128 -1.07 3.36 7.50
N LYS A 129 -1.31 3.17 8.79
CA LYS A 129 -2.24 2.14 9.25
C LYS A 129 -3.68 2.59 8.96
N THR A 130 -4.50 1.70 8.43
CA THR A 130 -5.84 2.09 7.96
C THR A 130 -6.96 1.26 8.57
N ASP A 131 -8.17 1.82 8.55
CA ASP A 131 -9.36 1.15 9.04
C ASP A 131 -9.98 0.25 7.94
N GLU A 132 -9.57 0.48 6.70
CA GLU A 132 -10.10 -0.25 5.54
C GLU A 132 -9.59 -1.69 5.47
N LYS A 133 -10.36 -2.53 4.80
CA LYS A 133 -10.00 -3.94 4.62
C LYS A 133 -8.94 -4.11 3.53
N VAL A 134 -8.20 -5.22 3.57
CA VAL A 134 -7.27 -5.55 2.49
C VAL A 134 -8.04 -5.94 1.23
N LEU A 135 -7.67 -5.34 0.10
CA LEU A 135 -8.39 -5.59 -1.15
C LEU A 135 -8.29 -7.05 -1.60
N SER A 136 -9.42 -7.63 -1.96
CA SER A 136 -9.44 -8.96 -2.58
C SER A 136 -8.99 -8.85 -4.03
N VAL A 137 -8.30 -9.86 -4.54
CA VAL A 137 -7.67 -9.80 -5.88
C VAL A 137 -8.63 -9.26 -6.96
N LYS A 138 -9.84 -9.82 -7.05
CA LYS A 138 -10.83 -9.36 -8.04
C LYS A 138 -11.42 -7.99 -7.66
N GLU A 139 -11.67 -7.78 -6.37
CA GLU A 139 -12.22 -6.53 -5.86
C GLU A 139 -11.28 -5.36 -6.24
N LEU A 140 -9.99 -5.64 -6.18
CA LEU A 140 -8.95 -4.72 -6.61
C LEU A 140 -9.12 -4.38 -8.09
N LEU A 141 -9.43 -5.39 -8.91
CA LEU A 141 -9.66 -5.18 -10.35
C LEU A 141 -10.80 -4.19 -10.57
N GLU A 142 -11.91 -4.39 -9.84
CA GLU A 142 -13.06 -3.49 -9.91
C GLU A 142 -12.69 -2.07 -9.46
N ALA A 143 -11.77 -1.98 -8.49
CA ALA A 143 -11.31 -0.68 -7.98
C ALA A 143 -10.41 0.07 -9.00
N ILE A 144 -9.46 -0.64 -9.62
CA ILE A 144 -8.52 -0.01 -10.55
C ILE A 144 -9.15 0.32 -11.91
N GLY A 145 -10.37 -0.15 -12.14
CA GLY A 145 -11.07 0.15 -13.38
C GLY A 145 -11.99 -0.98 -13.84
N SER A 146 -11.51 -2.22 -13.75
CA SER A 146 -12.29 -3.38 -14.19
C SER A 146 -13.55 -3.55 -13.32
N MET A 1 -59.18 -8.97 -9.34
CA MET A 1 -59.29 -7.60 -9.93
C MET A 1 -58.68 -6.54 -9.00
N GLY A 2 -57.96 -5.58 -9.57
CA GLY A 2 -57.30 -4.54 -8.79
C GLY A 2 -55.80 -4.73 -8.66
N SER A 3 -55.09 -3.69 -8.22
CA SER A 3 -53.64 -3.78 -8.02
C SER A 3 -53.15 -2.75 -6.97
N SER A 4 -52.75 -3.23 -5.80
CA SER A 4 -52.28 -2.36 -4.72
C SER A 4 -50.83 -1.93 -4.97
N HIS A 5 -50.45 -0.79 -4.40
CA HIS A 5 -49.09 -0.25 -4.59
C HIS A 5 -48.68 0.70 -3.44
N HIS A 6 -48.07 0.14 -2.40
CA HIS A 6 -47.53 0.95 -1.29
C HIS A 6 -46.00 0.78 -1.20
N HIS A 7 -45.27 1.89 -1.24
CA HIS A 7 -43.81 1.85 -1.18
C HIS A 7 -43.25 2.86 -0.17
N HIS A 8 -42.34 2.39 0.67
CA HIS A 8 -41.72 3.24 1.71
C HIS A 8 -40.31 2.73 2.04
N HIS A 9 -39.36 3.64 2.25
CA HIS A 9 -37.95 3.25 2.44
C HIS A 9 -37.25 4.09 3.53
N HIS A 10 -36.35 3.45 4.27
CA HIS A 10 -35.48 4.12 5.24
C HIS A 10 -34.09 3.45 5.28
N SER A 11 -33.05 4.24 5.06
CA SER A 11 -31.66 3.76 5.09
C SER A 11 -30.70 4.87 5.52
N SER A 12 -29.79 4.58 6.45
CA SER A 12 -28.87 5.59 6.98
C SER A 12 -27.55 4.98 7.46
N GLY A 13 -26.43 5.58 7.06
CA GLY A 13 -25.12 5.19 7.57
C GLY A 13 -24.59 6.18 8.61
N ARG A 14 -23.47 5.86 9.25
CA ARG A 14 -22.89 6.76 10.27
C ARG A 14 -21.41 6.45 10.55
N GLU A 15 -20.61 7.52 10.60
CA GLU A 15 -19.16 7.41 10.86
C GLU A 15 -18.84 7.46 12.36
N ASN A 16 -17.54 7.39 12.69
CA ASN A 16 -17.07 7.38 14.08
C ASN A 16 -15.79 8.22 14.22
N LEU A 17 -15.49 8.66 15.44
CA LEU A 17 -14.31 9.52 15.72
C LEU A 17 -13.04 8.96 15.04
N TYR A 18 -12.33 9.83 14.32
CA TYR A 18 -11.18 9.42 13.50
C TYR A 18 -9.85 9.49 14.27
N PHE A 19 -9.01 8.48 14.08
CA PHE A 19 -7.65 8.48 14.63
C PHE A 19 -6.68 9.21 13.69
N GLN A 20 -5.41 9.27 14.09
CA GLN A 20 -4.40 10.03 13.32
C GLN A 20 -3.86 9.25 12.11
N GLY A 21 -3.52 7.99 12.32
CA GLY A 21 -2.85 7.21 11.28
C GLY A 21 -1.35 7.48 11.22
N HIS A 22 -1.00 8.74 10.97
CA HIS A 22 0.39 9.20 11.00
C HIS A 22 1.24 8.55 9.89
N MET A 23 1.20 9.12 8.69
CA MET A 23 1.91 8.56 7.54
C MET A 23 3.41 8.89 7.55
N LEU A 24 4.18 8.00 6.94
CA LEU A 24 5.63 8.18 6.77
C LEU A 24 5.99 8.26 5.28
N GLU A 25 6.92 9.14 4.94
CA GLU A 25 7.42 9.25 3.57
C GLU A 25 8.44 8.14 3.27
N VAL A 26 8.03 7.22 2.43
CA VAL A 26 8.80 6.00 2.15
C VAL A 26 8.89 5.71 0.65
N GLU A 27 9.84 4.87 0.27
CA GLU A 27 9.94 4.39 -1.11
C GLU A 27 9.32 2.99 -1.25
N VAL A 28 8.27 2.89 -2.04
CA VAL A 28 7.50 1.65 -2.22
C VAL A 28 8.05 0.79 -3.38
N ILE A 29 8.66 -0.32 -3.05
CA ILE A 29 9.30 -1.18 -4.05
C ILE A 29 8.33 -2.26 -4.57
N SER A 30 8.55 -2.69 -5.80
CA SER A 30 7.80 -3.83 -6.37
C SER A 30 8.78 -4.91 -6.84
N GLY A 31 9.05 -5.88 -5.97
CA GLY A 31 10.05 -6.90 -6.28
C GLY A 31 9.50 -8.03 -7.16
N ARG A 32 10.34 -8.53 -8.05
CA ARG A 32 9.95 -9.60 -8.99
C ARG A 32 9.63 -10.91 -8.25
N THR A 33 8.42 -10.99 -7.72
CA THR A 33 7.96 -12.18 -6.97
C THR A 33 7.05 -13.06 -7.82
N LEU A 34 7.31 -14.36 -7.84
CA LEU A 34 6.58 -15.31 -8.70
C LEU A 34 6.78 -14.99 -10.19
N ASN A 35 6.15 -15.76 -11.05
CA ASN A 35 6.25 -15.54 -12.50
C ASN A 35 5.18 -14.57 -12.99
N GLN A 36 5.62 -13.42 -13.54
CA GLN A 36 4.71 -12.46 -14.17
C GLN A 36 4.31 -12.95 -15.58
N GLY A 37 3.96 -12.03 -16.46
CA GLY A 37 3.56 -12.41 -17.82
C GLY A 37 2.09 -12.83 -17.90
N ALA A 38 1.72 -13.84 -17.11
CA ALA A 38 0.33 -14.32 -17.06
C ALA A 38 -0.60 -13.29 -16.39
N THR A 39 -1.81 -13.17 -16.91
CA THR A 39 -2.84 -12.34 -16.26
C THR A 39 -3.25 -12.94 -14.92
N VAL A 40 -3.76 -12.10 -14.01
CA VAL A 40 -4.28 -12.60 -12.73
C VAL A 40 -5.40 -13.61 -12.97
N GLU A 41 -6.05 -13.50 -14.14
CA GLU A 41 -7.06 -14.46 -14.58
C GLU A 41 -6.44 -15.86 -14.78
N GLU A 42 -5.34 -15.92 -15.55
CA GLU A 42 -4.59 -17.17 -15.73
C GLU A 42 -4.12 -17.75 -14.38
N LYS A 43 -3.62 -16.88 -13.52
CA LYS A 43 -3.10 -17.28 -12.21
C LYS A 43 -4.14 -17.04 -11.10
N LEU A 44 -5.42 -17.16 -11.44
CA LEU A 44 -6.51 -16.95 -10.48
C LEU A 44 -6.50 -18.06 -9.41
N THR A 45 -5.67 -17.89 -8.39
CA THR A 45 -5.54 -18.89 -7.31
C THR A 45 -5.27 -18.23 -5.96
N GLU A 46 -5.55 -18.97 -4.89
CA GLU A 46 -5.30 -18.49 -3.52
C GLU A 46 -3.85 -18.04 -3.32
N GLU A 47 -2.93 -18.67 -4.06
CA GLU A 47 -1.51 -18.31 -3.98
C GLU A 47 -1.26 -16.85 -4.36
N TYR A 48 -2.02 -16.34 -5.34
CA TYR A 48 -1.93 -14.94 -5.74
C TYR A 48 -2.42 -14.02 -4.59
N PHE A 49 -3.29 -14.58 -3.74
CA PHE A 49 -3.80 -13.87 -2.57
C PHE A 49 -2.86 -14.03 -1.36
N ASN A 50 -1.98 -15.03 -1.42
CA ASN A 50 -1.01 -15.27 -0.34
C ASN A 50 0.25 -14.39 -0.50
N ALA A 51 0.75 -14.29 -1.72
CA ALA A 51 2.06 -13.66 -1.97
C ALA A 51 2.01 -12.12 -2.01
N VAL A 52 1.29 -11.57 -2.97
CA VAL A 52 1.37 -10.13 -3.28
C VAL A 52 0.38 -9.26 -2.46
N ASN A 53 -0.09 -9.78 -1.32
CA ASN A 53 -1.13 -9.08 -0.54
C ASN A 53 -0.59 -8.40 0.72
N TYR A 54 0.73 -8.29 0.86
CA TYR A 54 1.31 -7.69 2.06
C TYR A 54 2.47 -6.75 1.70
N ALA A 55 2.86 -5.92 2.67
CA ALA A 55 3.99 -4.99 2.50
C ALA A 55 5.03 -5.17 3.62
N GLU A 56 6.30 -5.07 3.25
CA GLU A 56 7.41 -5.17 4.21
C GLU A 56 7.83 -3.79 4.70
N ILE A 57 7.61 -3.51 5.98
CA ILE A 57 7.98 -2.23 6.59
C ILE A 57 9.16 -2.41 7.57
N ASN A 58 10.03 -1.40 7.66
CA ASN A 58 11.15 -1.42 8.59
C ASN A 58 10.67 -1.37 10.05
N GLU A 59 11.44 -1.94 10.97
CA GLU A 59 11.04 -2.00 12.39
C GLU A 59 10.79 -0.61 12.99
N GLU A 60 11.64 0.36 12.65
CA GLU A 60 11.51 1.74 13.15
C GLU A 60 10.21 2.39 12.67
N ASP A 61 9.94 2.30 11.37
CA ASP A 61 8.69 2.82 10.80
C ASP A 61 7.48 2.05 11.35
N TRP A 62 7.65 0.74 11.53
CA TRP A 62 6.66 -0.12 12.15
C TRP A 62 6.22 0.44 13.52
N ASN A 63 7.19 0.79 14.35
CA ASN A 63 6.94 1.38 15.67
C ASN A 63 6.30 2.78 15.53
N ALA A 64 6.80 3.56 14.56
CA ALA A 64 6.28 4.91 14.30
C ALA A 64 4.79 4.89 13.92
N LEU A 65 4.42 3.90 13.12
CA LEU A 65 3.03 3.73 12.69
C LEU A 65 2.18 3.04 13.78
N GLY A 66 2.87 2.51 14.80
CA GLY A 66 2.18 1.78 15.87
C GLY A 66 1.53 0.50 15.38
N LEU A 67 2.23 -0.22 14.50
CA LEU A 67 1.67 -1.42 13.87
C LEU A 67 1.73 -2.65 14.79
N GLN A 68 0.91 -3.65 14.45
CA GLN A 68 0.86 -4.90 15.19
C GLN A 68 0.75 -6.08 14.20
N GLU A 69 1.60 -7.08 14.37
CA GLU A 69 1.69 -8.20 13.43
C GLU A 69 0.33 -8.87 13.21
N GLY A 70 -0.36 -8.44 12.17
CA GLY A 70 -1.71 -8.94 11.88
C GLY A 70 -2.63 -7.88 11.28
N ASP A 71 -2.30 -6.60 11.45
CA ASP A 71 -3.14 -5.51 10.91
C ASP A 71 -2.75 -5.12 9.47
N ARG A 72 -3.31 -4.00 8.98
CA ARG A 72 -3.10 -3.59 7.59
C ARG A 72 -2.82 -2.08 7.49
N VAL A 73 -2.26 -1.66 6.35
CA VAL A 73 -1.87 -0.26 6.13
C VAL A 73 -2.36 0.28 4.78
N LYS A 74 -2.52 1.60 4.72
CA LYS A 74 -2.85 2.31 3.48
C LYS A 74 -1.58 2.90 2.84
N VAL A 75 -1.40 2.63 1.55
CA VAL A 75 -0.22 3.13 0.82
C VAL A 75 -0.65 4.10 -0.29
N LYS A 76 -0.12 5.32 -0.27
CA LYS A 76 -0.51 6.37 -1.22
C LYS A 76 0.70 6.94 -1.98
N THR A 77 0.65 6.90 -3.32
CA THR A 77 1.73 7.41 -4.18
C THR A 77 1.18 8.31 -5.28
N GLU A 78 2.05 8.69 -6.23
CA GLU A 78 1.66 9.52 -7.38
C GLU A 78 0.80 8.75 -8.41
N PHE A 79 0.58 7.46 -8.17
CA PHE A 79 -0.22 6.63 -9.08
C PHE A 79 -1.61 6.30 -8.49
N GLY A 80 -1.66 6.02 -7.20
CA GLY A 80 -2.92 5.71 -6.54
C GLY A 80 -2.73 5.26 -5.10
N GLU A 81 -3.62 4.39 -4.61
CA GLU A 81 -3.51 3.86 -3.25
C GLU A 81 -4.08 2.44 -3.13
N VAL A 82 -3.50 1.67 -2.20
CA VAL A 82 -3.94 0.29 -1.96
C VAL A 82 -3.85 -0.05 -0.46
N VAL A 83 -4.63 -1.03 -0.01
CA VAL A 83 -4.61 -1.47 1.39
C VAL A 83 -4.15 -2.93 1.49
N VAL A 84 -3.00 -3.15 2.12
CA VAL A 84 -2.38 -4.48 2.23
C VAL A 84 -2.02 -4.83 3.69
N PHE A 85 -1.66 -6.09 3.93
CA PHE A 85 -1.27 -6.54 5.28
C PHE A 85 0.13 -6.02 5.64
N ALA A 86 0.26 -5.46 6.85
CA ALA A 86 1.54 -4.91 7.30
C ALA A 86 2.44 -5.98 7.96
N LYS A 87 3.63 -6.17 7.43
CA LYS A 87 4.60 -7.12 8.00
C LYS A 87 5.99 -6.52 8.11
N LYS A 88 6.75 -6.97 9.09
CA LYS A 88 8.09 -6.45 9.35
C LYS A 88 9.13 -7.19 8.48
N GLY A 89 9.59 -6.53 7.41
CA GLY A 89 10.37 -7.23 6.38
C GLY A 89 11.79 -6.69 6.17
N ASP A 90 12.38 -7.13 5.05
CA ASP A 90 13.78 -6.82 4.72
C ASP A 90 13.91 -5.48 3.98
N VAL A 91 13.84 -4.41 4.75
CA VAL A 91 13.97 -3.04 4.22
C VAL A 91 14.60 -2.08 5.24
N PRO A 92 15.29 -1.02 4.79
CA PRO A 92 15.79 0.05 5.66
C PRO A 92 14.69 1.09 6.00
N LYS A 93 14.95 1.96 6.97
CA LYS A 93 13.93 2.93 7.41
C LYS A 93 13.61 3.96 6.31
N GLY A 94 12.34 4.36 6.23
CA GLY A 94 11.90 5.27 5.17
C GLY A 94 11.77 4.57 3.81
N MET A 95 11.67 3.25 3.80
CA MET A 95 11.55 2.48 2.57
C MET A 95 10.81 1.15 2.83
N ILE A 96 9.89 0.78 1.93
CA ILE A 96 9.09 -0.44 2.12
C ILE A 96 9.04 -1.30 0.84
N PHE A 97 8.91 -2.61 1.01
CA PHE A 97 8.92 -3.54 -0.11
C PHE A 97 7.55 -4.21 -0.33
N ILE A 98 7.06 -4.21 -1.56
CA ILE A 98 5.82 -4.92 -1.92
C ILE A 98 6.06 -5.89 -3.09
N PRO A 99 5.61 -7.15 -2.98
CA PRO A 99 5.71 -8.13 -4.07
C PRO A 99 5.01 -7.65 -5.37
N MET A 100 5.63 -7.95 -6.52
CA MET A 100 5.09 -7.53 -7.82
C MET A 100 3.70 -8.13 -8.07
N GLY A 101 2.65 -7.31 -7.90
CA GLY A 101 1.29 -7.79 -8.11
C GLY A 101 0.28 -6.65 -8.24
N PRO A 102 -1.02 -6.98 -8.41
CA PRO A 102 -2.09 -5.98 -8.59
C PRO A 102 -2.11 -4.93 -7.46
N TYR A 103 -1.74 -5.37 -6.25
CA TYR A 103 -1.66 -4.46 -5.10
C TYR A 103 -0.56 -3.41 -5.29
N ALA A 104 0.63 -3.87 -5.64
CA ALA A 104 1.73 -2.96 -5.97
C ALA A 104 1.38 -2.10 -7.19
N ASN A 105 0.71 -2.70 -8.16
CA ASN A 105 0.26 -2.01 -9.38
C ASN A 105 -0.56 -0.74 -9.07
N MET A 106 -1.19 -0.71 -7.90
CA MET A 106 -2.00 0.44 -7.48
C MET A 106 -1.13 1.63 -7.05
N VAL A 107 0.13 1.36 -6.71
CA VAL A 107 1.02 2.39 -6.16
C VAL A 107 2.37 2.48 -6.89
N ILE A 108 2.65 1.57 -7.81
CA ILE A 108 3.91 1.60 -8.55
C ILE A 108 3.70 2.08 -10.00
N ASP A 109 4.79 2.15 -10.76
CA ASP A 109 4.73 2.51 -12.18
C ASP A 109 4.58 1.24 -13.05
N PRO A 110 3.41 1.04 -13.69
CA PRO A 110 3.19 -0.11 -14.57
C PRO A 110 3.91 0.02 -15.93
N SER A 111 4.37 1.24 -16.23
CA SER A 111 5.08 1.53 -17.49
C SER A 111 6.38 0.71 -17.58
N THR A 112 7.35 1.05 -16.73
CA THR A 112 8.65 0.35 -16.67
C THR A 112 9.31 0.18 -18.05
N ASP A 113 10.29 -0.71 -18.15
CA ASP A 113 10.96 -1.01 -19.42
C ASP A 113 11.44 -2.47 -19.45
N GLY A 114 11.63 -3.01 -20.66
CA GLY A 114 12.06 -4.40 -20.81
C GLY A 114 13.42 -4.70 -20.17
N THR A 115 14.24 -3.67 -19.99
CA THR A 115 15.57 -3.83 -19.38
C THR A 115 15.50 -3.76 -17.84
N GLY A 116 15.27 -2.55 -17.31
CA GLY A 116 15.20 -2.37 -15.86
C GLY A 116 16.54 -1.96 -15.24
N MET A 117 16.49 -1.13 -14.20
CA MET A 117 17.69 -0.66 -13.52
C MET A 117 18.16 -1.64 -12.42
N PRO A 118 19.47 -1.70 -12.14
CA PRO A 118 20.02 -2.53 -11.05
C PRO A 118 19.87 -1.85 -9.67
N GLN A 119 20.41 -2.50 -8.63
CA GLN A 119 20.37 -1.96 -7.25
C GLN A 119 18.93 -1.86 -6.70
N PHE A 120 18.81 -1.65 -5.38
CA PHE A 120 17.50 -1.56 -4.72
C PHE A 120 16.79 -0.23 -5.06
N LYS A 121 15.71 -0.31 -5.83
CA LYS A 121 14.95 0.87 -6.24
C LYS A 121 13.46 0.57 -6.37
N GLY A 122 12.63 1.49 -5.90
CA GLY A 122 11.18 1.35 -6.03
C GLY A 122 10.47 2.68 -6.31
N VAL A 123 9.14 2.64 -6.39
CA VAL A 123 8.33 3.86 -6.58
C VAL A 123 8.04 4.55 -5.25
N LYS A 124 8.36 5.84 -5.16
CA LYS A 124 8.25 6.57 -3.90
C LYS A 124 6.78 6.91 -3.53
N GLY A 125 6.55 7.20 -2.25
CA GLY A 125 5.19 7.49 -1.77
C GLY A 125 5.08 7.60 -0.24
N THR A 126 3.90 7.29 0.30
CA THR A 126 3.64 7.38 1.76
C THR A 126 2.86 6.16 2.27
N VAL A 127 2.91 5.92 3.58
CA VAL A 127 2.15 4.80 4.19
C VAL A 127 1.73 5.12 5.64
N GLU A 128 0.54 4.65 6.02
CA GLU A 128 0.03 4.79 7.40
C GLU A 128 -0.96 3.66 7.74
N LYS A 129 -1.19 3.40 9.02
CA LYS A 129 -2.18 2.38 9.41
C LYS A 129 -3.60 2.98 9.43
N THR A 130 -4.57 2.16 9.04
CA THR A 130 -5.97 2.59 8.95
C THR A 130 -6.94 1.43 9.21
N ASP A 131 -8.19 1.77 9.52
CA ASP A 131 -9.24 0.76 9.76
C ASP A 131 -9.74 0.16 8.44
N GLU A 132 -9.30 0.73 7.31
CA GLU A 132 -9.66 0.24 5.97
C GLU A 132 -9.41 -1.28 5.82
N LYS A 133 -10.18 -1.89 4.94
CA LYS A 133 -10.05 -3.34 4.67
C LYS A 133 -8.99 -3.62 3.60
N VAL A 134 -8.30 -4.75 3.72
CA VAL A 134 -7.38 -5.21 2.68
C VAL A 134 -8.15 -5.63 1.43
N LEU A 135 -7.73 -5.15 0.27
CA LEU A 135 -8.36 -5.52 -1.00
C LEU A 135 -8.15 -7.00 -1.31
N SER A 136 -9.13 -7.60 -1.97
CA SER A 136 -8.97 -8.95 -2.54
C SER A 136 -8.46 -8.82 -3.98
N VAL A 137 -7.73 -9.81 -4.44
CA VAL A 137 -7.15 -9.76 -5.79
C VAL A 137 -8.20 -9.36 -6.85
N LYS A 138 -9.37 -10.00 -6.79
CA LYS A 138 -10.48 -9.70 -7.70
C LYS A 138 -11.14 -8.35 -7.36
N GLU A 139 -11.32 -8.07 -6.07
CA GLU A 139 -11.92 -6.81 -5.62
C GLU A 139 -11.09 -5.61 -6.10
N LEU A 140 -9.79 -5.83 -6.16
CA LEU A 140 -8.84 -4.86 -6.72
C LEU A 140 -9.09 -4.68 -8.22
N LEU A 141 -9.39 -5.78 -8.91
CA LEU A 141 -9.75 -5.74 -10.34
C LEU A 141 -10.99 -4.87 -10.54
N GLU A 142 -12.02 -5.12 -9.73
CA GLU A 142 -13.27 -4.35 -9.79
C GLU A 142 -13.00 -2.85 -9.58
N ALA A 143 -12.03 -2.53 -8.72
CA ALA A 143 -11.64 -1.13 -8.45
C ALA A 143 -10.96 -0.48 -9.67
N ILE A 144 -10.01 -1.18 -10.28
CA ILE A 144 -9.29 -0.63 -11.44
C ILE A 144 -10.07 -0.81 -12.76
N GLY A 145 -11.21 -1.49 -12.67
CA GLY A 145 -12.12 -1.61 -13.82
C GLY A 145 -11.78 -2.77 -14.76
N SER A 146 -11.40 -3.92 -14.20
CA SER A 146 -11.14 -5.13 -15.00
C SER A 146 -12.29 -6.13 -14.85
N MET A 1 -28.02 57.88 -17.75
CA MET A 1 -28.86 56.71 -17.37
C MET A 1 -28.29 55.99 -16.14
N GLY A 2 -29.17 55.33 -15.39
CA GLY A 2 -28.74 54.58 -14.22
C GLY A 2 -29.68 53.42 -13.87
N SER A 3 -29.14 52.37 -13.26
CA SER A 3 -29.93 51.20 -12.88
C SER A 3 -29.32 50.47 -11.68
N SER A 4 -29.91 50.64 -10.49
CA SER A 4 -29.41 50.01 -9.27
C SER A 4 -30.08 48.66 -9.00
N HIS A 5 -29.62 47.63 -9.71
CA HIS A 5 -30.19 46.29 -9.58
C HIS A 5 -29.48 45.50 -8.46
N HIS A 6 -30.18 45.36 -7.34
CA HIS A 6 -29.60 44.77 -6.12
C HIS A 6 -30.04 43.32 -5.89
N HIS A 7 -29.32 42.64 -4.99
CA HIS A 7 -29.58 41.23 -4.67
C HIS A 7 -29.25 40.94 -3.20
N HIS A 8 -30.11 40.18 -2.52
CA HIS A 8 -29.92 39.89 -1.10
C HIS A 8 -30.04 38.38 -0.79
N HIS A 9 -28.90 37.72 -0.64
CA HIS A 9 -28.86 36.31 -0.21
C HIS A 9 -27.63 36.03 0.65
N HIS A 10 -27.81 35.21 1.67
CA HIS A 10 -26.74 34.91 2.63
C HIS A 10 -26.90 33.49 3.19
N SER A 11 -26.08 32.56 2.71
CA SER A 11 -26.21 31.14 3.10
C SER A 11 -24.85 30.49 3.36
N SER A 12 -24.80 29.60 4.35
CA SER A 12 -23.57 28.85 4.68
C SER A 12 -23.91 27.52 5.38
N GLY A 13 -23.11 26.49 5.13
CA GLY A 13 -23.31 25.21 5.78
C GLY A 13 -22.46 25.04 7.03
N ARG A 14 -22.71 23.97 7.78
CA ARG A 14 -21.95 23.67 8.99
C ARG A 14 -21.71 22.16 9.15
N GLU A 15 -20.46 21.75 8.95
CA GLU A 15 -20.09 20.33 9.11
C GLU A 15 -18.57 20.18 9.28
N ASN A 16 -18.12 20.17 10.54
CA ASN A 16 -16.70 20.04 10.85
C ASN A 16 -16.42 18.77 11.67
N LEU A 17 -15.80 17.78 11.05
CA LEU A 17 -15.45 16.52 11.72
C LEU A 17 -13.95 16.43 12.01
N TYR A 18 -13.57 15.55 12.94
CA TYR A 18 -12.16 15.36 13.31
C TYR A 18 -11.40 14.56 12.25
N PHE A 19 -10.07 14.55 12.36
CA PHE A 19 -9.21 13.74 11.48
C PHE A 19 -7.79 13.64 12.04
N GLN A 20 -7.39 12.43 12.43
CA GLN A 20 -6.06 12.19 13.01
C GLN A 20 -5.31 11.08 12.25
N GLY A 21 -4.08 11.38 11.83
CA GLY A 21 -3.27 10.41 11.10
C GLY A 21 -1.85 10.92 10.83
N HIS A 22 -0.94 10.01 10.49
CA HIS A 22 0.47 10.38 10.24
C HIS A 22 1.18 9.35 9.38
N MET A 23 1.28 9.63 8.08
CA MET A 23 1.97 8.75 7.15
C MET A 23 3.49 8.94 7.17
N LEU A 24 4.21 7.90 6.79
CA LEU A 24 5.67 7.94 6.67
C LEU A 24 6.09 8.04 5.21
N GLU A 25 7.00 8.97 4.91
CA GLU A 25 7.50 9.15 3.56
C GLU A 25 8.55 8.08 3.22
N VAL A 26 8.13 7.15 2.38
CA VAL A 26 8.91 5.94 2.09
C VAL A 26 9.01 5.67 0.59
N GLU A 27 9.90 4.77 0.19
CA GLU A 27 9.94 4.30 -1.20
C GLU A 27 9.32 2.90 -1.32
N VAL A 28 8.31 2.77 -2.17
CA VAL A 28 7.53 1.55 -2.34
C VAL A 28 8.08 0.67 -3.48
N ILE A 29 8.61 -0.51 -3.14
CA ILE A 29 9.23 -1.39 -4.15
C ILE A 29 8.28 -2.50 -4.62
N SER A 30 8.60 -3.09 -5.77
CA SER A 30 7.86 -4.26 -6.29
C SER A 30 8.82 -5.41 -6.64
N GLY A 31 8.83 -6.45 -5.79
CA GLY A 31 9.76 -7.56 -5.98
C GLY A 31 9.09 -8.84 -6.44
N ARG A 32 9.70 -9.51 -7.43
CA ARG A 32 9.18 -10.75 -7.99
C ARG A 32 9.18 -11.91 -6.97
N THR A 33 8.04 -12.12 -6.31
CA THR A 33 7.84 -13.31 -5.47
C THR A 33 7.27 -14.47 -6.30
N LEU A 34 6.68 -14.14 -7.45
CA LEU A 34 6.20 -15.14 -8.42
C LEU A 34 7.07 -15.11 -9.68
N ASN A 35 7.81 -16.19 -9.93
CA ASN A 35 8.75 -16.24 -11.08
C ASN A 35 8.04 -16.56 -12.40
N GLN A 36 6.88 -17.21 -12.31
CA GLN A 36 6.08 -17.51 -13.51
C GLN A 36 5.47 -16.24 -14.09
N GLY A 37 5.89 -15.88 -15.30
CA GLY A 37 5.36 -14.68 -15.94
C GLY A 37 3.96 -14.89 -16.50
N ALA A 38 2.97 -14.96 -15.60
CA ALA A 38 1.57 -15.16 -16.00
C ALA A 38 0.72 -13.95 -15.63
N THR A 39 -0.54 -13.94 -16.09
CA THR A 39 -1.49 -12.87 -15.76
C THR A 39 -2.20 -13.14 -14.44
N VAL A 40 -2.81 -12.09 -13.87
CA VAL A 40 -3.63 -12.26 -12.67
C VAL A 40 -4.78 -13.25 -12.93
N GLU A 41 -5.34 -13.17 -14.14
CA GLU A 41 -6.39 -14.10 -14.59
C GLU A 41 -5.91 -15.55 -14.54
N GLU A 42 -4.68 -15.78 -15.03
CA GLU A 42 -4.07 -17.10 -15.01
C GLU A 42 -3.93 -17.67 -13.58
N LYS A 43 -3.71 -16.77 -12.63
CA LYS A 43 -3.44 -17.16 -11.25
C LYS A 43 -4.56 -16.76 -10.27
N LEU A 44 -5.81 -16.75 -10.76
CA LEU A 44 -6.96 -16.47 -9.90
C LEU A 44 -7.13 -17.56 -8.82
N THR A 45 -6.39 -17.42 -7.72
CA THR A 45 -6.42 -18.38 -6.62
C THR A 45 -5.65 -17.86 -5.40
N GLU A 46 -5.58 -18.66 -4.34
CA GLU A 46 -4.87 -18.27 -3.11
C GLU A 46 -3.39 -17.96 -3.37
N GLU A 47 -2.83 -18.56 -4.42
CA GLU A 47 -1.43 -18.32 -4.80
C GLU A 47 -1.16 -16.81 -4.99
N TYR A 48 -2.10 -16.11 -5.62
CA TYR A 48 -1.97 -14.66 -5.85
C TYR A 48 -2.22 -13.87 -4.56
N PHE A 49 -2.94 -14.46 -3.62
CA PHE A 49 -3.29 -13.80 -2.37
C PHE A 49 -2.06 -13.75 -1.41
N ASN A 50 -1.67 -14.92 -0.90
CA ASN A 50 -0.60 -15.00 0.09
C ASN A 50 0.76 -14.53 -0.45
N ALA A 51 0.85 -14.27 -1.76
CA ALA A 51 2.11 -13.90 -2.40
C ALA A 51 2.33 -12.37 -2.49
N VAL A 52 1.25 -11.59 -2.68
CA VAL A 52 1.38 -10.14 -2.92
C VAL A 52 0.46 -9.26 -2.05
N ASN A 53 -0.24 -9.85 -1.09
CA ASN A 53 -1.23 -9.11 -0.29
C ASN A 53 -0.64 -8.47 0.98
N TYR A 54 0.68 -8.29 1.02
CA TYR A 54 1.35 -7.75 2.20
C TYR A 54 2.45 -6.77 1.83
N ALA A 55 2.72 -5.84 2.75
CA ALA A 55 3.84 -4.90 2.61
C ALA A 55 4.81 -5.07 3.77
N GLU A 56 6.10 -5.09 3.48
CA GLU A 56 7.13 -5.22 4.51
C GLU A 56 7.71 -3.84 4.91
N ILE A 57 7.46 -3.44 6.15
CA ILE A 57 7.90 -2.13 6.65
C ILE A 57 9.05 -2.28 7.66
N ASN A 58 9.83 -1.22 7.81
CA ASN A 58 10.97 -1.19 8.74
C ASN A 58 10.51 -1.36 10.20
N GLU A 59 11.38 -1.92 11.04
CA GLU A 59 11.02 -2.17 12.45
C GLU A 59 10.83 -0.87 13.23
N GLU A 60 11.70 0.11 13.00
CA GLU A 60 11.57 1.43 13.64
C GLU A 60 10.28 2.13 13.20
N ASP A 61 10.05 2.18 11.89
CA ASP A 61 8.84 2.78 11.34
C ASP A 61 7.58 1.96 11.72
N TRP A 62 7.77 0.65 11.88
CA TRP A 62 6.72 -0.25 12.36
C TRP A 62 6.15 0.24 13.70
N ASN A 63 7.04 0.43 14.68
CA ASN A 63 6.64 0.95 15.99
C ASN A 63 6.26 2.43 15.91
N ALA A 64 6.85 3.15 14.97
CA ALA A 64 6.52 4.57 14.74
C ALA A 64 5.03 4.75 14.38
N LEU A 65 4.51 3.84 13.57
CA LEU A 65 3.09 3.85 13.20
C LEU A 65 2.23 3.06 14.21
N GLY A 66 2.88 2.29 15.07
CA GLY A 66 2.15 1.43 16.01
C GLY A 66 1.46 0.27 15.32
N LEU A 67 2.18 -0.43 14.45
CA LEU A 67 1.63 -1.55 13.70
C LEU A 67 1.70 -2.86 14.50
N GLN A 68 0.86 -3.80 14.10
CA GLN A 68 0.80 -5.12 14.71
C GLN A 68 0.72 -6.19 13.60
N GLU A 69 1.58 -7.20 13.67
CA GLU A 69 1.71 -8.18 12.60
C GLU A 69 0.38 -8.87 12.30
N GLY A 70 -0.36 -8.28 11.37
CA GLY A 70 -1.69 -8.79 11.01
C GLY A 70 -2.73 -7.70 10.73
N ASP A 71 -2.41 -6.43 10.99
CA ASP A 71 -3.38 -5.34 10.73
C ASP A 71 -3.25 -4.75 9.31
N ARG A 72 -4.03 -3.70 9.04
CA ARG A 72 -4.16 -3.13 7.68
C ARG A 72 -3.41 -1.80 7.54
N VAL A 73 -2.65 -1.66 6.46
CA VAL A 73 -1.95 -0.41 6.13
C VAL A 73 -2.28 0.07 4.71
N LYS A 74 -2.37 1.39 4.54
CA LYS A 74 -2.62 1.98 3.22
C LYS A 74 -1.33 2.59 2.65
N VAL A 75 -1.25 2.61 1.32
CA VAL A 75 -0.08 3.13 0.61
C VAL A 75 -0.53 4.12 -0.47
N LYS A 76 0.16 5.24 -0.61
CA LYS A 76 -0.24 6.29 -1.54
C LYS A 76 0.94 6.89 -2.32
N THR A 77 0.76 7.01 -3.63
CA THR A 77 1.76 7.62 -4.52
C THR A 77 1.07 8.56 -5.52
N GLU A 78 1.83 9.06 -6.48
CA GLU A 78 1.25 9.90 -7.55
C GLU A 78 0.47 9.06 -8.57
N PHE A 79 0.57 7.73 -8.45
CA PHE A 79 -0.15 6.82 -9.35
C PHE A 79 -1.52 6.43 -8.78
N GLY A 80 -1.59 6.23 -7.47
CA GLY A 80 -2.84 5.84 -6.81
C GLY A 80 -2.65 5.41 -5.36
N GLU A 81 -3.48 4.48 -4.90
CA GLU A 81 -3.42 4.01 -3.52
C GLU A 81 -3.99 2.59 -3.36
N VAL A 82 -3.56 1.89 -2.30
CA VAL A 82 -4.00 0.52 -2.03
C VAL A 82 -3.93 0.19 -0.52
N VAL A 83 -4.81 -0.69 -0.03
CA VAL A 83 -4.77 -1.16 1.37
C VAL A 83 -4.33 -2.63 1.43
N VAL A 84 -3.19 -2.90 2.09
CA VAL A 84 -2.64 -4.26 2.19
C VAL A 84 -2.41 -4.69 3.65
N PHE A 85 -1.95 -5.91 3.86
CA PHE A 85 -1.61 -6.40 5.21
C PHE A 85 -0.22 -5.91 5.63
N ALA A 86 -0.05 -5.62 6.93
CA ALA A 86 1.21 -5.11 7.46
C ALA A 86 2.14 -6.25 7.93
N LYS A 87 3.35 -6.28 7.37
CA LYS A 87 4.41 -7.20 7.82
C LYS A 87 5.73 -6.46 7.99
N LYS A 88 6.61 -7.03 8.81
CA LYS A 88 7.89 -6.40 9.11
C LYS A 88 9.02 -6.99 8.25
N GLY A 89 9.79 -6.12 7.59
CA GLY A 89 10.86 -6.59 6.71
C GLY A 89 12.21 -5.94 7.00
N ASP A 90 13.29 -6.63 6.66
CA ASP A 90 14.66 -6.13 6.88
C ASP A 90 15.07 -5.10 5.80
N VAL A 91 14.17 -4.15 5.52
CA VAL A 91 14.37 -3.14 4.47
C VAL A 91 14.95 -1.84 5.06
N PRO A 92 15.57 -0.97 4.21
CA PRO A 92 16.14 0.33 4.67
C PRO A 92 15.08 1.29 5.23
N LYS A 93 15.37 1.91 6.38
CA LYS A 93 14.39 2.79 7.07
C LYS A 93 13.86 3.88 6.13
N GLY A 94 12.53 4.10 6.15
CA GLY A 94 11.91 5.00 5.18
C GLY A 94 11.78 4.37 3.78
N MET A 95 11.68 3.05 3.74
CA MET A 95 11.55 2.32 2.48
C MET A 95 10.81 1.00 2.73
N ILE A 96 9.84 0.66 1.87
CA ILE A 96 9.01 -0.54 2.10
C ILE A 96 8.98 -1.46 0.87
N PHE A 97 8.95 -2.76 1.12
CA PHE A 97 8.95 -3.76 0.05
C PHE A 97 7.56 -4.38 -0.14
N ILE A 98 7.00 -4.23 -1.34
CA ILE A 98 5.76 -4.91 -1.71
C ILE A 98 6.01 -5.86 -2.89
N PRO A 99 5.59 -7.13 -2.78
CA PRO A 99 5.72 -8.09 -3.89
C PRO A 99 5.02 -7.62 -5.18
N MET A 100 5.64 -7.89 -6.33
CA MET A 100 5.08 -7.49 -7.63
C MET A 100 3.65 -8.03 -7.83
N GLY A 101 2.66 -7.16 -7.65
CA GLY A 101 1.27 -7.59 -7.78
C GLY A 101 0.30 -6.45 -8.05
N PRO A 102 -1.02 -6.74 -8.20
CA PRO A 102 -2.02 -5.71 -8.53
C PRO A 102 -2.14 -4.65 -7.44
N TYR A 103 -1.82 -5.05 -6.21
CA TYR A 103 -1.76 -4.11 -5.09
C TYR A 103 -0.69 -3.05 -5.38
N ALA A 104 0.48 -3.52 -5.77
CA ALA A 104 1.55 -2.64 -6.22
C ALA A 104 1.16 -1.86 -7.49
N ASN A 105 0.36 -2.49 -8.37
CA ASN A 105 -0.07 -1.84 -9.62
C ASN A 105 -0.90 -0.57 -9.37
N MET A 106 -1.34 -0.39 -8.13
CA MET A 106 -2.13 0.79 -7.74
C MET A 106 -1.22 1.94 -7.29
N VAL A 107 0.05 1.65 -7.01
CA VAL A 107 0.97 2.66 -6.47
C VAL A 107 2.29 2.74 -7.26
N ILE A 108 2.58 1.75 -8.09
CA ILE A 108 3.83 1.76 -8.87
C ILE A 108 3.58 2.12 -10.34
N ASP A 109 4.66 2.18 -11.12
CA ASP A 109 4.57 2.41 -12.57
C ASP A 109 4.49 1.06 -13.32
N PRO A 110 3.32 0.76 -13.93
CA PRO A 110 3.14 -0.50 -14.67
C PRO A 110 3.62 -0.45 -16.13
N SER A 111 4.27 0.64 -16.52
CA SER A 111 4.69 0.84 -17.92
C SER A 111 6.18 0.51 -18.14
N THR A 112 6.96 0.51 -17.06
CA THR A 112 8.40 0.21 -17.15
C THR A 112 8.68 -1.21 -17.68
N ASP A 113 9.80 -1.35 -18.37
CA ASP A 113 10.24 -2.65 -18.92
C ASP A 113 11.54 -3.13 -18.25
N GLY A 114 11.77 -2.66 -17.02
CA GLY A 114 12.99 -3.01 -16.29
C GLY A 114 13.06 -4.49 -15.88
N THR A 115 13.43 -5.35 -16.83
CA THR A 115 13.55 -6.80 -16.58
C THR A 115 15.01 -7.22 -16.34
N GLY A 116 15.88 -6.25 -16.06
CA GLY A 116 17.31 -6.51 -15.96
C GLY A 116 17.73 -7.28 -14.70
N MET A 117 18.71 -6.72 -13.98
CA MET A 117 19.29 -7.37 -12.81
C MET A 117 18.73 -6.81 -11.49
N PRO A 118 18.76 -7.60 -10.39
CA PRO A 118 18.23 -7.18 -9.09
C PRO A 118 18.86 -5.88 -8.56
N GLN A 119 18.03 -4.84 -8.40
CA GLN A 119 18.48 -3.54 -7.90
C GLN A 119 17.47 -2.97 -6.90
N PHE A 120 17.95 -2.60 -5.71
CA PHE A 120 17.06 -2.15 -4.62
C PHE A 120 16.54 -0.72 -4.84
N LYS A 121 15.49 -0.60 -5.65
CA LYS A 121 14.78 0.67 -5.83
C LYS A 121 13.32 0.44 -6.25
N GLY A 122 12.44 1.32 -5.79
CA GLY A 122 11.03 1.25 -6.15
C GLY A 122 10.41 2.62 -6.41
N VAL A 123 9.08 2.66 -6.43
CA VAL A 123 8.34 3.92 -6.62
C VAL A 123 8.07 4.64 -5.27
N LYS A 124 8.50 5.88 -5.15
CA LYS A 124 8.35 6.64 -3.90
C LYS A 124 6.88 6.94 -3.56
N GLY A 125 6.58 7.02 -2.26
CA GLY A 125 5.22 7.30 -1.80
C GLY A 125 5.12 7.38 -0.27
N THR A 126 3.92 7.14 0.26
CA THR A 126 3.69 7.17 1.72
C THR A 126 2.92 5.92 2.20
N VAL A 127 3.02 5.64 3.50
CA VAL A 127 2.30 4.51 4.10
C VAL A 127 1.96 4.78 5.58
N GLU A 128 0.79 4.28 6.01
CA GLU A 128 0.38 4.34 7.43
C GLU A 128 -0.79 3.38 7.69
N LYS A 129 -1.10 3.16 8.97
CA LYS A 129 -2.18 2.25 9.36
C LYS A 129 -3.57 2.80 8.99
N THR A 130 -4.50 1.90 8.69
CA THR A 130 -5.90 2.28 8.41
C THR A 130 -6.86 1.20 8.90
N ASP A 131 -8.11 1.59 9.17
CA ASP A 131 -9.14 0.65 9.61
C ASP A 131 -9.88 0.04 8.42
N GLU A 132 -9.52 0.47 7.21
CA GLU A 132 -10.14 0.00 5.98
C GLU A 132 -9.83 -1.48 5.69
N LYS A 133 -10.47 -2.01 4.65
CA LYS A 133 -10.29 -3.42 4.27
C LYS A 133 -9.13 -3.58 3.28
N VAL A 134 -8.46 -4.74 3.35
CA VAL A 134 -7.48 -5.13 2.34
C VAL A 134 -8.19 -5.44 1.02
N LEU A 135 -7.80 -4.77 -0.05
CA LEU A 135 -8.43 -5.00 -1.36
C LEU A 135 -8.06 -6.37 -1.92
N SER A 136 -8.86 -7.38 -1.60
CA SER A 136 -8.63 -8.75 -2.07
C SER A 136 -8.37 -8.76 -3.58
N VAL A 137 -7.55 -9.72 -4.04
CA VAL A 137 -7.09 -9.76 -5.44
C VAL A 137 -8.24 -9.50 -6.44
N LYS A 138 -9.37 -10.15 -6.21
CA LYS A 138 -10.55 -9.96 -7.08
C LYS A 138 -11.21 -8.58 -6.86
N GLU A 139 -11.42 -8.21 -5.59
CA GLU A 139 -12.05 -6.93 -5.23
C GLU A 139 -11.25 -5.76 -5.84
N LEU A 140 -9.93 -5.90 -5.85
CA LEU A 140 -9.01 -4.93 -6.44
C LEU A 140 -9.28 -4.77 -7.94
N LEU A 141 -9.51 -5.88 -8.63
CA LEU A 141 -9.79 -5.85 -10.08
C LEU A 141 -11.00 -4.96 -10.37
N GLU A 142 -12.06 -5.17 -9.60
CA GLU A 142 -13.30 -4.41 -9.76
C GLU A 142 -13.19 -3.01 -9.16
N ALA A 143 -12.37 -2.86 -8.12
CA ALA A 143 -12.15 -1.56 -7.47
C ALA A 143 -11.53 -0.54 -8.44
N ILE A 144 -10.57 -0.99 -9.26
CA ILE A 144 -9.95 -0.11 -10.26
C ILE A 144 -10.85 0.13 -11.48
N GLY A 145 -11.98 -0.59 -11.54
CA GLY A 145 -12.94 -0.42 -12.62
C GLY A 145 -12.99 -1.58 -13.62
N SER A 146 -12.33 -2.68 -13.29
CA SER A 146 -12.32 -3.88 -14.17
C SER A 146 -13.03 -5.06 -13.52
N MET A 1 -5.67 29.23 -54.26
CA MET A 1 -5.47 27.76 -54.44
C MET A 1 -5.04 27.08 -53.13
N GLY A 2 -5.44 27.65 -51.99
CA GLY A 2 -5.10 27.08 -50.70
C GLY A 2 -5.92 27.67 -49.55
N SER A 3 -6.39 26.83 -48.63
CA SER A 3 -7.20 27.27 -47.48
C SER A 3 -7.16 26.26 -46.33
N SER A 4 -7.63 26.69 -45.15
CA SER A 4 -7.68 25.82 -43.97
C SER A 4 -8.62 26.36 -42.88
N HIS A 5 -9.03 25.50 -41.96
CA HIS A 5 -9.84 25.88 -40.80
C HIS A 5 -9.15 25.43 -39.50
N HIS A 6 -9.17 26.29 -38.49
CA HIS A 6 -8.30 26.11 -37.31
C HIS A 6 -9.08 26.16 -35.98
N HIS A 7 -8.83 25.20 -35.10
CA HIS A 7 -9.40 25.17 -33.75
C HIS A 7 -8.77 24.07 -32.88
N HIS A 8 -8.17 24.45 -31.75
CA HIS A 8 -7.53 23.49 -30.83
C HIS A 8 -8.47 23.09 -29.69
N HIS A 9 -8.98 24.10 -28.97
CA HIS A 9 -10.06 23.94 -27.97
C HIS A 9 -9.90 22.71 -27.05
N HIS A 10 -9.20 22.88 -25.92
CA HIS A 10 -9.08 21.82 -24.91
C HIS A 10 -8.83 22.39 -23.50
N SER A 11 -8.87 21.53 -22.49
CA SER A 11 -8.69 21.94 -21.09
C SER A 11 -8.07 20.80 -20.25
N SER A 12 -7.96 21.01 -18.94
CA SER A 12 -7.38 20.01 -18.02
C SER A 12 -8.05 20.07 -16.63
N GLY A 13 -7.74 19.08 -15.78
CA GLY A 13 -8.30 19.04 -14.42
C GLY A 13 -7.21 19.09 -13.35
N ARG A 14 -7.52 19.66 -12.19
CA ARG A 14 -6.52 19.84 -11.12
C ARG A 14 -6.68 18.78 -10.00
N GLU A 15 -7.50 19.09 -8.99
CA GLU A 15 -7.77 18.17 -7.86
C GLU A 15 -6.51 17.89 -7.00
N ASN A 16 -6.55 18.32 -5.74
CA ASN A 16 -5.40 18.16 -4.81
C ASN A 16 -5.89 17.80 -3.39
N LEU A 17 -5.59 16.58 -2.94
CA LEU A 17 -6.07 16.10 -1.63
C LEU A 17 -4.94 16.07 -0.57
N TYR A 18 -5.35 15.91 0.70
CA TYR A 18 -4.40 15.81 1.83
C TYR A 18 -4.76 14.64 2.75
N PHE A 19 -3.84 14.30 3.64
CA PHE A 19 -4.05 13.22 4.62
C PHE A 19 -3.87 13.74 6.06
N GLN A 20 -4.04 12.86 7.05
CA GLN A 20 -3.98 13.28 8.46
C GLN A 20 -3.15 12.30 9.31
N GLY A 21 -2.41 12.83 10.28
CA GLY A 21 -1.66 12.00 11.22
C GLY A 21 -0.19 11.84 10.86
N HIS A 22 0.55 11.11 11.71
CA HIS A 22 1.97 10.85 11.46
C HIS A 22 2.16 9.72 10.44
N MET A 23 1.95 10.05 9.16
CA MET A 23 2.20 9.10 8.06
C MET A 23 3.66 9.18 7.60
N LEU A 24 4.21 8.08 7.14
CA LEU A 24 5.64 8.02 6.80
C LEU A 24 5.91 8.01 5.31
N GLU A 25 6.71 8.97 4.88
CA GLU A 25 7.16 9.08 3.49
C GLU A 25 8.17 7.97 3.17
N VAL A 26 7.72 6.94 2.47
CA VAL A 26 8.56 5.76 2.18
C VAL A 26 8.75 5.55 0.67
N GLU A 27 9.70 4.71 0.30
CA GLU A 27 9.86 4.29 -1.10
C GLU A 27 9.23 2.91 -1.33
N VAL A 28 8.19 2.87 -2.16
CA VAL A 28 7.43 1.64 -2.41
C VAL A 28 8.00 0.84 -3.59
N ILE A 29 8.58 -0.31 -3.31
CA ILE A 29 9.21 -1.13 -4.35
C ILE A 29 8.30 -2.29 -4.79
N SER A 30 8.47 -2.74 -6.03
CA SER A 30 7.73 -3.91 -6.54
C SER A 30 8.69 -5.01 -6.96
N GLY A 31 8.81 -6.06 -6.13
CA GLY A 31 9.74 -7.15 -6.41
C GLY A 31 9.07 -8.36 -7.04
N ARG A 32 9.63 -8.84 -8.15
CA ARG A 32 9.06 -9.98 -8.87
C ARG A 32 9.29 -11.29 -8.10
N THR A 33 8.31 -11.65 -7.27
CA THR A 33 8.39 -12.87 -6.44
C THR A 33 7.75 -14.08 -7.13
N LEU A 34 6.52 -13.91 -7.63
CA LEU A 34 5.82 -14.98 -8.36
C LEU A 34 6.59 -15.44 -9.60
N ASN A 35 7.33 -16.54 -9.46
CA ASN A 35 8.12 -17.10 -10.56
C ASN A 35 7.23 -17.54 -11.74
N GLN A 36 5.92 -17.58 -11.52
CA GLN A 36 4.96 -17.91 -12.58
C GLN A 36 5.16 -17.03 -13.84
N GLY A 37 5.60 -15.78 -13.64
CA GLY A 37 5.74 -14.84 -14.75
C GLY A 37 4.43 -14.59 -15.48
N ALA A 38 3.49 -13.91 -14.82
CA ALA A 38 2.14 -13.71 -15.36
C ALA A 38 1.38 -12.63 -14.59
N THR A 39 0.24 -12.21 -15.14
CA THR A 39 -0.64 -11.24 -14.45
C THR A 39 -1.43 -11.93 -13.33
N VAL A 40 -2.36 -11.21 -12.72
CA VAL A 40 -3.23 -11.80 -11.71
C VAL A 40 -4.26 -12.75 -12.34
N GLU A 41 -4.63 -12.47 -13.58
CA GLU A 41 -5.69 -13.23 -14.29
C GLU A 41 -5.29 -14.71 -14.50
N GLU A 42 -4.02 -14.95 -14.80
CA GLU A 42 -3.52 -16.32 -14.99
C GLU A 42 -3.58 -17.15 -13.70
N LYS A 43 -3.39 -16.52 -12.55
CA LYS A 43 -3.32 -17.25 -11.27
C LYS A 43 -4.39 -16.76 -10.27
N LEU A 44 -5.65 -16.71 -10.70
CA LEU A 44 -6.76 -16.32 -9.82
C LEU A 44 -7.05 -17.41 -8.78
N THR A 45 -6.33 -17.34 -7.66
CA THR A 45 -6.54 -18.27 -6.53
C THR A 45 -6.02 -17.67 -5.22
N GLU A 46 -6.27 -18.35 -4.09
CA GLU A 46 -5.84 -17.86 -2.78
C GLU A 46 -4.31 -17.79 -2.67
N GLU A 47 -3.62 -18.68 -3.39
CA GLU A 47 -2.15 -18.67 -3.44
C GLU A 47 -1.62 -17.32 -3.96
N TYR A 48 -2.43 -16.63 -4.77
CA TYR A 48 -2.10 -15.29 -5.24
C TYR A 48 -2.32 -14.27 -4.12
N PHE A 49 -3.38 -14.48 -3.34
CA PHE A 49 -3.74 -13.61 -2.23
C PHE A 49 -2.59 -13.53 -1.21
N ASN A 50 -2.26 -14.67 -0.61
CA ASN A 50 -1.21 -14.72 0.42
C ASN A 50 0.20 -14.51 -0.17
N ALA A 51 0.29 -14.29 -1.48
CA ALA A 51 1.56 -14.02 -2.15
C ALA A 51 1.82 -12.52 -2.35
N VAL A 52 0.76 -11.73 -2.59
CA VAL A 52 0.93 -10.30 -2.92
C VAL A 52 0.13 -9.35 -1.99
N ASN A 53 -0.57 -9.89 -1.00
CA ASN A 53 -1.42 -9.04 -0.12
C ASN A 53 -0.67 -8.51 1.11
N TYR A 54 0.61 -8.20 0.97
CA TYR A 54 1.39 -7.71 2.12
C TYR A 54 2.53 -6.76 1.69
N ALA A 55 3.00 -5.95 2.64
CA ALA A 55 4.13 -5.05 2.41
C ALA A 55 5.18 -5.19 3.52
N GLU A 56 6.45 -5.30 3.15
CA GLU A 56 7.53 -5.44 4.12
C GLU A 56 8.06 -4.06 4.56
N ILE A 57 7.86 -3.77 5.83
CA ILE A 57 8.17 -2.46 6.41
C ILE A 57 9.37 -2.53 7.38
N ASN A 58 10.15 -1.46 7.47
CA ASN A 58 11.26 -1.40 8.44
C ASN A 58 10.71 -1.29 9.87
N GLU A 59 11.36 -1.97 10.82
CA GLU A 59 10.90 -1.97 12.22
C GLU A 59 10.75 -0.56 12.81
N GLU A 60 11.65 0.34 12.46
CA GLU A 60 11.57 1.74 12.92
C GLU A 60 10.22 2.38 12.51
N ASP A 61 9.88 2.31 11.23
CA ASP A 61 8.60 2.81 10.74
C ASP A 61 7.44 2.02 11.35
N TRP A 62 7.67 0.71 11.48
CA TRP A 62 6.71 -0.21 12.12
C TRP A 62 6.29 0.29 13.51
N ASN A 63 7.29 0.69 14.31
CA ASN A 63 7.03 1.22 15.65
C ASN A 63 6.35 2.60 15.59
N ALA A 64 6.81 3.44 14.66
CA ALA A 64 6.27 4.80 14.50
C ALA A 64 4.78 4.80 14.13
N LEU A 65 4.38 3.85 13.31
CA LEU A 65 2.98 3.72 12.89
C LEU A 65 2.14 2.89 13.88
N GLY A 66 2.81 2.31 14.88
CA GLY A 66 2.14 1.45 15.85
C GLY A 66 1.43 0.27 15.20
N LEU A 67 2.15 -0.46 14.37
CA LEU A 67 1.56 -1.57 13.60
C LEU A 67 1.67 -2.91 14.34
N GLN A 68 0.82 -3.85 13.91
CA GLN A 68 0.81 -5.22 14.45
C GLN A 68 0.94 -6.23 13.31
N GLU A 69 1.66 -7.32 13.57
CA GLU A 69 1.87 -8.33 12.53
C GLU A 69 0.55 -8.98 12.10
N GLY A 70 -0.02 -8.44 11.03
CA GLY A 70 -1.28 -8.93 10.51
C GLY A 70 -2.36 -7.84 10.34
N ASP A 71 -2.08 -6.61 10.79
CA ASP A 71 -3.06 -5.51 10.63
C ASP A 71 -3.02 -4.93 9.19
N ARG A 72 -3.82 -3.89 8.95
CA ARG A 72 -3.97 -3.33 7.59
C ARG A 72 -3.26 -1.98 7.44
N VAL A 73 -2.34 -1.90 6.47
CA VAL A 73 -1.67 -0.65 6.12
C VAL A 73 -2.06 -0.18 4.72
N LYS A 74 -2.08 1.13 4.51
CA LYS A 74 -2.50 1.70 3.23
C LYS A 74 -1.39 2.53 2.58
N VAL A 75 -1.11 2.27 1.32
CA VAL A 75 -0.05 2.98 0.59
C VAL A 75 -0.64 3.93 -0.46
N LYS A 76 -0.12 5.17 -0.52
CA LYS A 76 -0.53 6.14 -1.55
C LYS A 76 0.70 6.68 -2.33
N THR A 77 0.52 6.86 -3.63
CA THR A 77 1.52 7.50 -4.50
C THR A 77 0.84 8.43 -5.49
N GLU A 78 1.60 8.97 -6.44
CA GLU A 78 1.03 9.80 -7.51
C GLU A 78 0.35 8.92 -8.59
N PHE A 79 0.35 7.61 -8.37
CA PHE A 79 -0.33 6.65 -9.26
C PHE A 79 -1.69 6.21 -8.69
N GLY A 80 -1.75 6.08 -7.36
CA GLY A 80 -3.01 5.67 -6.71
C GLY A 80 -2.81 5.19 -5.27
N GLU A 81 -3.73 4.36 -4.78
CA GLU A 81 -3.66 3.83 -3.41
C GLU A 81 -4.11 2.36 -3.34
N VAL A 82 -3.70 1.67 -2.27
CA VAL A 82 -4.08 0.26 -2.04
C VAL A 82 -3.90 -0.13 -0.55
N VAL A 83 -4.72 -1.07 -0.08
CA VAL A 83 -4.62 -1.57 1.31
C VAL A 83 -4.09 -3.02 1.35
N VAL A 84 -3.00 -3.23 2.08
CA VAL A 84 -2.37 -4.56 2.20
C VAL A 84 -2.02 -4.89 3.67
N PHE A 85 -1.60 -6.14 3.92
CA PHE A 85 -1.21 -6.55 5.29
C PHE A 85 0.18 -6.01 5.66
N ALA A 86 0.34 -5.65 6.94
CA ALA A 86 1.60 -5.11 7.45
C ALA A 86 2.60 -6.22 7.85
N LYS A 87 3.83 -6.12 7.32
CA LYS A 87 4.91 -7.02 7.71
C LYS A 87 6.17 -6.26 8.09
N LYS A 88 7.03 -6.92 8.86
CA LYS A 88 8.31 -6.38 9.25
C LYS A 88 9.42 -7.00 8.38
N GLY A 89 9.90 -6.25 7.39
CA GLY A 89 10.81 -6.81 6.39
C GLY A 89 12.29 -6.49 6.64
N ASP A 90 13.11 -6.76 5.61
CA ASP A 90 14.55 -6.57 5.70
C ASP A 90 14.99 -5.22 5.08
N VAL A 91 14.02 -4.37 4.78
CA VAL A 91 14.26 -3.08 4.13
C VAL A 91 14.75 -2.01 5.13
N PRO A 92 15.42 -0.95 4.64
CA PRO A 92 15.82 0.18 5.50
C PRO A 92 14.64 1.12 5.84
N LYS A 93 14.87 2.04 6.78
CA LYS A 93 13.79 2.95 7.22
C LYS A 93 13.36 3.90 6.09
N GLY A 94 12.08 4.28 6.11
CA GLY A 94 11.53 5.11 5.03
C GLY A 94 11.49 4.39 3.69
N MET A 95 11.33 3.07 3.73
CA MET A 95 11.32 2.25 2.53
C MET A 95 10.50 0.97 2.76
N ILE A 96 9.68 0.58 1.78
CA ILE A 96 8.86 -0.63 1.91
C ILE A 96 8.89 -1.50 0.64
N PHE A 97 8.98 -2.81 0.84
CA PHE A 97 9.01 -3.76 -0.28
C PHE A 97 7.63 -4.43 -0.48
N ILE A 98 7.07 -4.32 -1.68
CA ILE A 98 5.81 -4.99 -2.01
C ILE A 98 5.99 -5.95 -3.20
N PRO A 99 5.58 -7.22 -3.05
CA PRO A 99 5.65 -8.21 -4.14
C PRO A 99 4.88 -7.76 -5.40
N MET A 100 5.44 -8.07 -6.57
CA MET A 100 4.85 -7.65 -7.85
C MET A 100 3.44 -8.23 -8.03
N GLY A 101 2.43 -7.40 -7.84
CA GLY A 101 1.05 -7.84 -7.99
C GLY A 101 0.09 -6.69 -8.26
N PRO A 102 -1.23 -6.96 -8.39
CA PRO A 102 -2.22 -5.91 -8.67
C PRO A 102 -2.26 -4.85 -7.56
N TYR A 103 -1.98 -5.29 -6.33
CA TYR A 103 -1.88 -4.41 -5.18
C TYR A 103 -0.75 -3.39 -5.37
N ALA A 104 0.45 -3.91 -5.66
CA ALA A 104 1.59 -3.05 -5.99
C ALA A 104 1.28 -2.17 -7.20
N ASN A 105 0.66 -2.77 -8.22
CA ASN A 105 0.29 -2.05 -9.46
C ASN A 105 -0.54 -0.79 -9.18
N MET A 106 -1.27 -0.78 -8.06
CA MET A 106 -2.11 0.37 -7.68
C MET A 106 -1.27 1.61 -7.35
N VAL A 107 0.01 1.41 -7.02
CA VAL A 107 0.87 2.51 -6.53
C VAL A 107 2.24 2.56 -7.25
N ILE A 108 2.72 1.41 -7.72
CA ILE A 108 4.04 1.33 -8.36
C ILE A 108 3.96 1.67 -9.86
N ASP A 109 5.12 1.83 -10.49
CA ASP A 109 5.20 2.14 -11.93
C ASP A 109 5.51 0.87 -12.75
N PRO A 110 4.58 0.46 -13.65
CA PRO A 110 4.73 -0.80 -14.43
C PRO A 110 5.89 -0.75 -15.45
N SER A 111 6.57 0.39 -15.54
CA SER A 111 7.71 0.56 -16.46
C SER A 111 8.99 -0.10 -15.91
N THR A 112 8.83 -1.07 -15.02
CA THR A 112 9.95 -1.77 -14.41
C THR A 112 10.82 -2.50 -15.46
N ASP A 113 12.12 -2.59 -15.18
CA ASP A 113 13.09 -3.13 -16.15
C ASP A 113 12.76 -4.55 -16.60
N GLY A 114 12.72 -4.76 -17.92
CA GLY A 114 12.60 -6.10 -18.45
C GLY A 114 13.90 -6.88 -18.34
N THR A 115 15.01 -6.13 -18.20
CA THR A 115 16.34 -6.71 -18.04
C THR A 115 16.71 -6.89 -16.55
N GLY A 116 17.04 -5.79 -15.88
CA GLY A 116 17.41 -5.84 -14.47
C GLY A 116 18.41 -4.73 -14.07
N MET A 117 18.22 -4.16 -12.88
CA MET A 117 19.09 -3.09 -12.37
C MET A 117 19.66 -3.43 -10.98
N PRO A 118 20.87 -2.94 -10.67
CA PRO A 118 21.47 -3.07 -9.33
C PRO A 118 20.82 -2.13 -8.31
N GLN A 119 21.07 -2.39 -7.01
CA GLN A 119 20.47 -1.59 -5.93
C GLN A 119 18.94 -1.74 -5.88
N PHE A 120 18.28 -0.86 -5.15
CA PHE A 120 16.82 -0.88 -5.04
C PHE A 120 16.19 0.38 -5.65
N LYS A 121 15.28 0.19 -6.61
CA LYS A 121 14.54 1.31 -7.20
C LYS A 121 13.02 1.09 -7.09
N GLY A 122 12.38 1.85 -6.21
CA GLY A 122 10.93 1.79 -6.06
C GLY A 122 10.27 3.16 -6.20
N VAL A 123 8.95 3.16 -6.33
CA VAL A 123 8.18 4.42 -6.46
C VAL A 123 7.95 5.09 -5.08
N LYS A 124 8.33 6.36 -4.95
CA LYS A 124 8.12 7.11 -3.71
C LYS A 124 6.61 7.26 -3.36
N GLY A 125 6.30 7.25 -2.07
CA GLY A 125 4.93 7.42 -1.62
C GLY A 125 4.81 7.52 -0.08
N THR A 126 3.59 7.34 0.44
CA THR A 126 3.35 7.35 1.88
C THR A 126 2.62 6.08 2.33
N VAL A 127 2.97 5.57 3.50
CA VAL A 127 2.27 4.42 4.08
C VAL A 127 1.92 4.69 5.55
N GLU A 128 0.75 4.21 5.98
CA GLU A 128 0.33 4.33 7.37
C GLU A 128 -0.81 3.34 7.69
N LYS A 129 -1.14 3.20 8.97
CA LYS A 129 -2.24 2.30 9.37
C LYS A 129 -3.60 2.87 8.93
N THR A 130 -4.50 2.00 8.48
CA THR A 130 -5.82 2.45 7.99
C THR A 130 -6.96 1.62 8.58
N ASP A 131 -8.17 2.18 8.50
CA ASP A 131 -9.38 1.52 9.00
C ASP A 131 -9.94 0.53 7.96
N GLU A 132 -9.51 0.70 6.71
CA GLU A 132 -9.95 -0.18 5.62
C GLU A 132 -9.39 -1.61 5.74
N LYS A 133 -10.14 -2.54 5.19
CA LYS A 133 -9.69 -3.94 5.08
C LYS A 133 -8.73 -4.11 3.90
N VAL A 134 -7.94 -5.18 3.92
CA VAL A 134 -7.07 -5.50 2.78
C VAL A 134 -7.90 -5.86 1.54
N LEU A 135 -7.64 -5.18 0.43
CA LEU A 135 -8.42 -5.37 -0.79
C LEU A 135 -8.43 -6.83 -1.25
N SER A 136 -9.61 -7.35 -1.56
CA SER A 136 -9.74 -8.69 -2.13
C SER A 136 -9.24 -8.69 -3.57
N VAL A 137 -8.53 -9.75 -3.98
CA VAL A 137 -7.92 -9.82 -5.32
C VAL A 137 -8.90 -9.38 -6.44
N LYS A 138 -10.10 -9.94 -6.43
CA LYS A 138 -11.13 -9.59 -7.42
C LYS A 138 -11.69 -8.18 -7.18
N GLU A 139 -11.93 -7.85 -5.92
CA GLU A 139 -12.44 -6.53 -5.52
C GLU A 139 -11.51 -5.42 -6.03
N LEU A 140 -10.22 -5.73 -6.05
CA LEU A 140 -9.19 -4.85 -6.60
C LEU A 140 -9.37 -4.69 -8.12
N LEU A 141 -9.66 -5.80 -8.82
CA LEU A 141 -9.92 -5.78 -10.26
C LEU A 141 -11.11 -4.87 -10.58
N GLU A 142 -12.10 -4.89 -9.70
CA GLU A 142 -13.29 -4.04 -9.84
C GLU A 142 -12.96 -2.58 -9.50
N ALA A 143 -12.14 -2.39 -8.47
CA ALA A 143 -11.74 -1.05 -7.99
C ALA A 143 -11.02 -0.23 -9.07
N ILE A 144 -10.18 -0.90 -9.87
CA ILE A 144 -9.41 -0.21 -10.92
C ILE A 144 -10.27 0.17 -12.14
N GLY A 145 -11.55 -0.19 -12.10
CA GLY A 145 -12.47 0.16 -13.19
C GLY A 145 -13.05 -1.05 -13.92
N SER A 146 -12.17 -1.85 -14.52
CA SER A 146 -12.57 -3.07 -15.23
C SER A 146 -13.49 -2.78 -16.41
N MET A 1 27.21 27.88 63.08
CA MET A 1 25.96 27.37 63.69
C MET A 1 24.72 27.89 62.94
N GLY A 2 23.67 27.07 62.89
CA GLY A 2 22.43 27.48 62.23
C GLY A 2 22.30 26.97 60.81
N SER A 3 21.07 26.85 60.33
CA SER A 3 20.78 26.38 58.97
C SER A 3 19.46 26.98 58.46
N SER A 4 19.01 26.56 57.28
CA SER A 4 17.78 27.12 56.69
C SER A 4 16.95 26.06 55.95
N HIS A 5 15.66 26.36 55.76
CA HIS A 5 14.75 25.50 55.00
C HIS A 5 13.62 26.33 54.36
N HIS A 6 13.45 26.18 53.04
CA HIS A 6 12.48 26.99 52.30
C HIS A 6 12.23 26.43 50.89
N HIS A 7 10.97 26.16 50.57
CA HIS A 7 10.60 25.66 49.23
C HIS A 7 9.17 26.07 48.84
N HIS A 8 9.05 27.02 47.91
CA HIS A 8 7.76 27.42 47.33
C HIS A 8 7.82 27.38 45.79
N HIS A 9 7.33 26.29 45.22
CA HIS A 9 7.31 26.10 43.76
C HIS A 9 5.94 25.62 43.29
N HIS A 10 5.33 26.36 42.37
CA HIS A 10 3.98 26.02 41.88
C HIS A 10 3.74 26.58 40.46
N SER A 11 3.24 25.72 39.57
CA SER A 11 2.92 26.13 38.19
C SER A 11 1.64 25.44 37.69
N SER A 12 0.65 26.23 37.28
CA SER A 12 -0.67 25.69 36.88
C SER A 12 -0.91 25.81 35.37
N GLY A 13 -1.84 24.98 34.87
CA GLY A 13 -2.19 24.99 33.45
C GLY A 13 -3.26 23.97 33.12
N ARG A 14 -4.17 24.31 32.20
CA ARG A 14 -5.29 23.41 31.86
C ARG A 14 -5.63 23.42 30.36
N GLU A 15 -5.13 22.42 29.63
CA GLU A 15 -5.49 22.22 28.23
C GLU A 15 -5.19 20.79 27.76
N ASN A 16 -5.89 20.33 26.73
CA ASN A 16 -5.72 18.96 26.22
C ASN A 16 -5.68 18.92 24.68
N LEU A 17 -4.58 18.43 24.12
CA LEU A 17 -4.44 18.27 22.67
C LEU A 17 -4.02 16.83 22.31
N TYR A 18 -3.92 16.52 21.01
CA TYR A 18 -3.56 15.17 20.57
C TYR A 18 -3.07 15.17 19.10
N PHE A 19 -2.65 14.00 18.61
CA PHE A 19 -2.20 13.84 17.23
C PHE A 19 -3.27 13.09 16.41
N GLN A 20 -3.80 13.75 15.38
CA GLN A 20 -4.91 13.20 14.58
C GLN A 20 -4.40 12.36 13.39
N GLY A 21 -3.35 12.82 12.73
CA GLY A 21 -2.80 12.09 11.59
C GLY A 21 -1.30 12.27 11.42
N HIS A 22 -0.57 11.16 11.29
CA HIS A 22 0.88 11.20 11.05
C HIS A 22 1.34 10.05 10.13
N MET A 23 1.31 10.29 8.83
CA MET A 23 1.78 9.32 7.85
C MET A 23 3.31 9.40 7.66
N LEU A 24 3.91 8.34 7.12
CA LEU A 24 5.35 8.28 6.90
C LEU A 24 5.70 8.20 5.40
N GLU A 25 6.83 8.82 5.03
CA GLU A 25 7.31 8.78 3.64
C GLU A 25 8.28 7.63 3.42
N VAL A 26 7.96 6.81 2.43
CA VAL A 26 8.71 5.57 2.16
C VAL A 26 8.85 5.31 0.65
N GLU A 27 9.81 4.47 0.28
CA GLU A 27 9.95 4.04 -1.13
C GLU A 27 9.30 2.67 -1.33
N VAL A 28 8.26 2.63 -2.16
CA VAL A 28 7.48 1.41 -2.40
C VAL A 28 8.08 0.58 -3.55
N ILE A 29 8.70 -0.54 -3.21
CA ILE A 29 9.37 -1.39 -4.20
C ILE A 29 8.43 -2.48 -4.73
N SER A 30 8.74 -3.01 -5.92
CA SER A 30 7.97 -4.11 -6.50
C SER A 30 8.86 -5.14 -7.20
N GLY A 31 9.22 -6.18 -6.46
CA GLY A 31 10.05 -7.24 -7.02
C GLY A 31 9.22 -8.29 -7.76
N ARG A 32 9.57 -8.57 -9.02
CA ARG A 32 8.81 -9.54 -9.82
C ARG A 32 8.96 -10.98 -9.25
N THR A 33 8.00 -11.37 -8.42
CA THR A 33 7.95 -12.71 -7.84
C THR A 33 6.95 -13.60 -8.57
N LEU A 34 5.66 -13.24 -8.50
CA LEU A 34 4.60 -13.99 -9.19
C LEU A 34 4.30 -13.43 -10.58
N ASN A 35 5.11 -12.48 -11.04
CA ASN A 35 4.95 -11.89 -12.37
C ASN A 35 5.47 -12.86 -13.45
N GLN A 36 4.81 -14.00 -13.58
CA GLN A 36 5.26 -15.08 -14.47
C GLN A 36 4.83 -14.86 -15.93
N GLY A 37 4.53 -13.63 -16.29
CA GLY A 37 4.01 -13.36 -17.63
C GLY A 37 2.55 -13.78 -17.79
N ALA A 38 1.71 -13.29 -16.89
CA ALA A 38 0.27 -13.63 -16.90
C ALA A 38 -0.54 -12.59 -16.14
N THR A 39 -1.85 -12.55 -16.40
CA THR A 39 -2.76 -11.73 -15.61
C THR A 39 -3.07 -12.41 -14.28
N VAL A 40 -3.57 -11.65 -13.32
CA VAL A 40 -3.88 -12.21 -12.00
C VAL A 40 -4.96 -13.29 -12.10
N GLU A 41 -5.87 -13.12 -13.06
CA GLU A 41 -6.98 -14.06 -13.26
C GLU A 41 -6.54 -15.37 -13.90
N GLU A 42 -5.32 -15.39 -14.46
CA GLU A 42 -4.73 -16.63 -14.98
C GLU A 42 -4.41 -17.60 -13.84
N LYS A 43 -4.12 -17.04 -12.66
CA LYS A 43 -3.82 -17.83 -11.46
C LYS A 43 -5.04 -17.96 -10.53
N LEU A 44 -5.45 -16.84 -9.92
CA LEU A 44 -6.58 -16.81 -8.95
C LEU A 44 -6.37 -17.77 -7.77
N THR A 45 -5.15 -18.27 -7.59
CA THR A 45 -4.85 -19.24 -6.52
C THR A 45 -4.69 -18.57 -5.15
N GLU A 46 -4.89 -19.35 -4.08
CA GLU A 46 -4.68 -18.88 -2.71
C GLU A 46 -3.24 -18.37 -2.53
N GLU A 47 -2.31 -19.04 -3.22
CA GLU A 47 -0.90 -18.65 -3.20
C GLU A 47 -0.72 -17.22 -3.72
N TYR A 48 -1.47 -16.87 -4.77
CA TYR A 48 -1.39 -15.53 -5.37
C TYR A 48 -1.81 -14.47 -4.35
N PHE A 49 -2.83 -14.79 -3.57
CA PHE A 49 -3.32 -13.88 -2.53
C PHE A 49 -2.24 -13.66 -1.45
N ASN A 50 -1.93 -14.71 -0.71
CA ASN A 50 -0.98 -14.64 0.41
C ASN A 50 0.39 -14.08 -0.01
N ALA A 51 0.73 -14.21 -1.30
CA ALA A 51 2.05 -13.79 -1.79
C ALA A 51 2.13 -12.29 -2.14
N VAL A 52 1.07 -11.72 -2.73
CA VAL A 52 1.12 -10.32 -3.19
C VAL A 52 0.27 -9.37 -2.32
N ASN A 53 -0.24 -9.87 -1.20
CA ASN A 53 -1.14 -9.07 -0.35
C ASN A 53 -0.43 -8.43 0.86
N TYR A 54 0.90 -8.31 0.82
CA TYR A 54 1.63 -7.75 1.97
C TYR A 54 2.69 -6.74 1.56
N ALA A 55 3.07 -5.90 2.53
CA ALA A 55 4.19 -4.95 2.37
C ALA A 55 5.15 -5.06 3.56
N GLU A 56 6.45 -5.05 3.30
CA GLU A 56 7.45 -5.15 4.37
C GLU A 56 7.98 -3.77 4.79
N ILE A 57 7.73 -3.39 6.05
CA ILE A 57 8.13 -2.08 6.59
C ILE A 57 9.27 -2.22 7.61
N ASN A 58 10.05 -1.14 7.76
CA ASN A 58 11.14 -1.08 8.74
C ASN A 58 10.60 -1.08 10.18
N GLU A 59 11.37 -1.66 11.11
CA GLU A 59 10.97 -1.71 12.54
C GLU A 59 10.60 -0.32 13.10
N GLU A 60 11.44 0.67 12.84
CA GLU A 60 11.24 2.02 13.39
C GLU A 60 9.93 2.66 12.89
N ASP A 61 9.63 2.51 11.61
CA ASP A 61 8.36 2.98 11.06
C ASP A 61 7.20 2.10 11.55
N TRP A 62 7.51 0.83 11.79
CA TRP A 62 6.54 -0.14 12.30
C TRP A 62 5.95 0.29 13.66
N ASN A 63 6.81 0.60 14.62
CA ASN A 63 6.35 1.06 15.94
C ASN A 63 5.79 2.49 15.86
N ALA A 64 6.30 3.31 14.94
CA ALA A 64 5.80 4.68 14.73
C ALA A 64 4.31 4.69 14.38
N LEU A 65 3.91 3.78 13.49
CA LEU A 65 2.50 3.66 13.08
C LEU A 65 1.72 2.69 13.98
N GLY A 66 2.41 2.04 14.92
CA GLY A 66 1.77 1.06 15.78
C GLY A 66 1.16 -0.12 15.02
N LEU A 67 1.95 -0.72 14.14
CA LEU A 67 1.48 -1.83 13.31
C LEU A 67 1.70 -3.20 13.99
N GLN A 68 1.02 -4.22 13.48
CA GLN A 68 1.12 -5.58 14.03
C GLN A 68 0.89 -6.62 12.93
N GLU A 69 1.90 -7.44 12.67
CA GLU A 69 1.95 -8.32 11.49
C GLU A 69 0.60 -8.96 11.15
N GLY A 70 -0.01 -8.45 10.10
CA GLY A 70 -1.32 -8.92 9.67
C GLY A 70 -2.40 -7.84 9.66
N ASP A 71 -2.11 -6.66 10.23
CA ASP A 71 -3.07 -5.55 10.19
C ASP A 71 -3.02 -4.80 8.85
N ARG A 72 -3.90 -3.82 8.67
CA ARG A 72 -4.05 -3.16 7.37
C ARG A 72 -3.28 -1.83 7.30
N VAL A 73 -2.46 -1.67 6.26
CA VAL A 73 -1.75 -0.42 6.00
C VAL A 73 -2.14 0.18 4.64
N LYS A 74 -2.37 1.48 4.64
CA LYS A 74 -2.66 2.22 3.41
C LYS A 74 -1.37 2.73 2.77
N VAL A 75 -1.17 2.38 1.51
CA VAL A 75 0.00 2.82 0.74
C VAL A 75 -0.42 3.83 -0.31
N LYS A 76 0.22 5.01 -0.31
CA LYS A 76 -0.19 6.12 -1.18
C LYS A 76 1.00 6.74 -1.91
N THR A 77 0.85 6.94 -3.21
CA THR A 77 1.90 7.53 -4.05
C THR A 77 1.33 8.58 -5.00
N GLU A 78 2.16 9.03 -5.94
CA GLU A 78 1.72 9.98 -6.97
C GLU A 78 0.89 9.28 -8.07
N PHE A 79 0.82 7.94 -8.01
CA PHE A 79 0.05 7.15 -8.98
C PHE A 79 -1.33 6.75 -8.42
N GLY A 80 -1.36 6.27 -7.18
CA GLY A 80 -2.62 5.87 -6.57
C GLY A 80 -2.47 5.40 -5.13
N GLU A 81 -3.36 4.52 -4.69
CA GLU A 81 -3.35 4.03 -3.30
C GLU A 81 -3.94 2.61 -3.20
N VAL A 82 -3.49 1.85 -2.19
CA VAL A 82 -3.98 0.48 -1.98
C VAL A 82 -3.87 0.07 -0.49
N VAL A 83 -4.71 -0.86 -0.06
CA VAL A 83 -4.67 -1.39 1.32
C VAL A 83 -4.15 -2.84 1.33
N VAL A 84 -3.05 -3.08 2.04
CA VAL A 84 -2.43 -4.41 2.11
C VAL A 84 -2.14 -4.84 3.56
N PHE A 85 -1.73 -6.10 3.74
CA PHE A 85 -1.30 -6.61 5.05
C PHE A 85 0.11 -6.11 5.40
N ALA A 86 0.30 -5.69 6.64
CA ALA A 86 1.59 -5.19 7.12
C ALA A 86 2.50 -6.33 7.62
N LYS A 87 3.73 -6.37 7.09
CA LYS A 87 4.77 -7.29 7.59
C LYS A 87 6.05 -6.51 7.89
N LYS A 88 6.77 -6.97 8.90
CA LYS A 88 8.05 -6.38 9.25
C LYS A 88 9.16 -6.99 8.39
N GLY A 89 9.95 -6.14 7.74
CA GLY A 89 10.94 -6.63 6.77
C GLY A 89 12.38 -6.28 7.13
N ASP A 90 13.29 -6.65 6.22
CA ASP A 90 14.73 -6.37 6.38
C ASP A 90 15.09 -5.03 5.70
N VAL A 91 14.06 -4.30 5.29
CA VAL A 91 14.22 -3.04 4.57
C VAL A 91 14.64 -1.88 5.50
N PRO A 92 15.37 -0.88 4.94
CA PRO A 92 15.78 0.32 5.69
C PRO A 92 14.59 1.25 6.05
N LYS A 93 14.83 2.20 6.96
CA LYS A 93 13.78 3.13 7.37
C LYS A 93 13.38 4.06 6.21
N GLY A 94 12.10 4.45 6.16
CA GLY A 94 11.60 5.23 5.04
C GLY A 94 11.63 4.47 3.71
N MET A 95 11.56 3.14 3.78
CA MET A 95 11.58 2.30 2.59
C MET A 95 10.81 0.99 2.84
N ILE A 96 9.99 0.56 1.87
CA ILE A 96 9.18 -0.65 2.03
C ILE A 96 9.19 -1.53 0.76
N PHE A 97 9.23 -2.84 0.96
CA PHE A 97 9.24 -3.79 -0.16
C PHE A 97 7.84 -4.41 -0.38
N ILE A 98 7.38 -4.41 -1.64
CA ILE A 98 6.15 -5.09 -2.01
C ILE A 98 6.40 -6.03 -3.20
N PRO A 99 5.84 -7.25 -3.17
CA PRO A 99 5.89 -8.17 -4.33
C PRO A 99 5.09 -7.63 -5.53
N MET A 100 5.71 -7.65 -6.71
CA MET A 100 5.08 -7.15 -7.95
C MET A 100 3.73 -7.84 -8.18
N GLY A 101 2.64 -7.11 -7.92
CA GLY A 101 1.30 -7.67 -8.09
C GLY A 101 0.24 -6.60 -8.27
N PRO A 102 -1.05 -6.99 -8.35
CA PRO A 102 -2.17 -6.04 -8.57
C PRO A 102 -2.22 -4.94 -7.48
N TYR A 103 -1.86 -5.31 -6.26
CA TYR A 103 -1.81 -4.36 -5.14
C TYR A 103 -0.73 -3.29 -5.38
N ALA A 104 0.50 -3.74 -5.65
CA ALA A 104 1.59 -2.83 -5.99
C ALA A 104 1.25 -1.99 -7.24
N ASN A 105 0.58 -2.62 -8.19
CA ASN A 105 0.15 -1.96 -9.44
C ASN A 105 -0.71 -0.70 -9.17
N MET A 106 -1.32 -0.63 -7.98
CA MET A 106 -2.18 0.51 -7.61
C MET A 106 -1.35 1.73 -7.17
N VAL A 107 -0.06 1.52 -6.88
CA VAL A 107 0.82 2.59 -6.39
C VAL A 107 2.14 2.73 -7.17
N ILE A 108 2.52 1.70 -7.92
CA ILE A 108 3.79 1.73 -8.65
C ILE A 108 3.62 2.16 -10.12
N ASP A 109 4.74 2.29 -10.83
CA ASP A 109 4.74 2.62 -12.25
C ASP A 109 5.00 1.35 -13.10
N PRO A 110 4.00 0.90 -13.88
CA PRO A 110 4.13 -0.29 -14.74
C PRO A 110 4.89 -0.01 -16.05
N SER A 111 5.29 1.24 -16.25
CA SER A 111 6.01 1.66 -17.47
C SER A 111 7.50 1.25 -17.41
N THR A 112 7.76 -0.02 -17.11
CA THR A 112 9.14 -0.49 -16.91
C THR A 112 9.71 -1.16 -18.16
N ASP A 113 10.43 -0.40 -18.97
CA ASP A 113 11.15 -0.94 -20.13
C ASP A 113 12.64 -1.18 -19.80
N GLY A 114 13.17 -2.29 -20.26
CA GLY A 114 14.55 -2.66 -19.95
C GLY A 114 14.71 -4.14 -19.62
N THR A 115 15.92 -4.67 -19.76
CA THR A 115 16.17 -6.11 -19.56
C THR A 115 16.20 -6.50 -18.07
N GLY A 116 16.38 -5.53 -17.18
CA GLY A 116 16.45 -5.83 -15.75
C GLY A 116 15.80 -4.76 -14.86
N MET A 117 15.06 -5.21 -13.84
CA MET A 117 14.44 -4.30 -12.87
C MET A 117 15.36 -4.04 -11.67
N PRO A 118 15.20 -2.90 -10.96
CA PRO A 118 15.99 -2.59 -9.75
C PRO A 118 15.71 -3.59 -8.61
N GLN A 119 16.69 -4.46 -8.34
CA GLN A 119 16.52 -5.59 -7.42
C GLN A 119 16.30 -5.14 -5.96
N PHE A 120 16.55 -3.87 -5.66
CA PHE A 120 16.41 -3.37 -4.28
C PHE A 120 15.90 -1.91 -4.23
N LYS A 121 15.32 -1.43 -5.33
CA LYS A 121 14.75 -0.07 -5.38
C LYS A 121 13.40 -0.06 -6.10
N GLY A 122 12.56 0.93 -5.80
CA GLY A 122 11.22 0.97 -6.38
C GLY A 122 10.65 2.38 -6.55
N VAL A 123 9.32 2.47 -6.49
CA VAL A 123 8.60 3.74 -6.65
C VAL A 123 8.35 4.42 -5.29
N LYS A 124 8.82 5.66 -5.15
CA LYS A 124 8.70 6.40 -3.88
C LYS A 124 7.26 6.85 -3.60
N GLY A 125 6.91 6.95 -2.31
CA GLY A 125 5.57 7.34 -1.91
C GLY A 125 5.42 7.47 -0.38
N THR A 126 4.27 7.02 0.15
CA THR A 126 3.99 7.11 1.59
C THR A 126 3.22 5.89 2.10
N VAL A 127 3.20 5.72 3.42
CA VAL A 127 2.45 4.63 4.07
C VAL A 127 1.83 5.10 5.40
N GLU A 128 0.65 4.59 5.72
CA GLU A 128 -0.06 4.97 6.95
C GLU A 128 -0.99 3.84 7.46
N LYS A 129 -1.22 3.82 8.78
CA LYS A 129 -2.20 2.91 9.39
C LYS A 129 -3.62 3.22 8.88
N THR A 130 -4.41 2.19 8.58
CA THR A 130 -5.80 2.38 8.13
C THR A 130 -6.77 1.42 8.83
N ASP A 131 -8.02 1.84 8.94
CA ASP A 131 -9.07 1.03 9.57
C ASP A 131 -9.92 0.30 8.51
N GLU A 132 -9.49 0.41 7.25
CA GLU A 132 -10.17 -0.25 6.14
C GLU A 132 -9.77 -1.73 6.01
N LYS A 133 -10.28 -2.38 4.98
CA LYS A 133 -9.96 -3.79 4.70
C LYS A 133 -8.92 -3.91 3.58
N VAL A 134 -8.16 -4.99 3.58
CA VAL A 134 -7.24 -5.28 2.48
C VAL A 134 -8.01 -5.50 1.17
N LEU A 135 -7.72 -4.72 0.15
CA LEU A 135 -8.44 -4.80 -1.12
C LEU A 135 -8.26 -6.18 -1.79
N SER A 136 -9.16 -7.11 -1.47
CA SER A 136 -9.10 -8.48 -1.99
C SER A 136 -8.80 -8.51 -3.50
N VAL A 137 -8.10 -9.54 -3.96
CA VAL A 137 -7.62 -9.62 -5.35
C VAL A 137 -8.70 -9.25 -6.38
N LYS A 138 -9.86 -9.90 -6.31
CA LYS A 138 -10.95 -9.61 -7.25
C LYS A 138 -11.61 -8.25 -6.94
N GLU A 139 -11.77 -7.94 -5.66
CA GLU A 139 -12.33 -6.63 -5.23
C GLU A 139 -11.50 -5.48 -5.83
N LEU A 140 -10.19 -5.69 -5.88
CA LEU A 140 -9.25 -4.78 -6.51
C LEU A 140 -9.53 -4.67 -8.02
N LEU A 141 -9.84 -5.82 -8.64
CA LEU A 141 -10.22 -5.85 -10.06
C LEU A 141 -11.49 -5.02 -10.30
N GLU A 142 -12.45 -5.18 -9.39
CA GLU A 142 -13.69 -4.40 -9.43
C GLU A 142 -13.40 -2.90 -9.35
N ALA A 143 -12.53 -2.53 -8.41
CA ALA A 143 -12.13 -1.14 -8.19
C ALA A 143 -11.54 -0.51 -9.46
N ILE A 144 -10.66 -1.25 -10.15
CA ILE A 144 -10.01 -0.73 -11.37
C ILE A 144 -10.96 -0.75 -12.58
N GLY A 145 -12.01 -1.58 -12.53
CA GLY A 145 -12.96 -1.63 -13.63
C GLY A 145 -13.91 -2.83 -13.56
N SER A 146 -13.36 -4.03 -13.35
CA SER A 146 -14.17 -5.26 -13.34
C SER A 146 -13.43 -6.42 -12.66
N MET A 1 -48.97 1.55 -0.73
CA MET A 1 -47.96 0.57 -0.25
C MET A 1 -47.52 0.87 1.18
N GLY A 2 -48.09 0.15 2.15
CA GLY A 2 -47.76 0.37 3.57
C GLY A 2 -46.72 -0.63 4.08
N SER A 3 -45.50 -0.16 4.31
CA SER A 3 -44.41 -1.01 4.80
C SER A 3 -43.37 -0.19 5.59
N SER A 4 -42.77 -0.81 6.61
CA SER A 4 -41.81 -0.11 7.47
C SER A 4 -40.70 -1.04 7.99
N HIS A 5 -39.45 -0.62 7.79
CA HIS A 5 -38.29 -1.29 8.38
C HIS A 5 -37.47 -0.30 9.22
N HIS A 6 -36.99 -0.74 10.38
CA HIS A 6 -36.29 0.14 11.32
C HIS A 6 -34.77 0.11 11.10
N HIS A 7 -34.14 1.28 11.25
CA HIS A 7 -32.71 1.45 10.99
C HIS A 7 -31.87 1.35 12.28
N HIS A 8 -31.75 0.15 12.83
CA HIS A 8 -30.94 -0.09 14.03
C HIS A 8 -29.44 0.05 13.74
N HIS A 9 -28.73 0.83 14.56
CA HIS A 9 -27.31 1.12 14.33
C HIS A 9 -26.48 0.96 15.62
N HIS A 10 -25.18 0.68 15.48
CA HIS A 10 -24.27 0.61 16.63
C HIS A 10 -23.90 2.03 17.10
N SER A 11 -24.17 2.33 18.37
CA SER A 11 -24.00 3.68 18.92
C SER A 11 -22.52 4.05 19.08
N SER A 12 -21.92 4.61 18.03
CA SER A 12 -20.53 5.10 18.09
C SER A 12 -20.45 6.43 18.84
N GLY A 13 -19.43 6.59 19.68
CA GLY A 13 -19.33 7.78 20.53
C GLY A 13 -18.36 8.84 20.04
N ARG A 14 -18.09 9.82 20.90
CA ARG A 14 -17.17 10.92 20.56
C ARG A 14 -15.79 10.67 21.19
N GLU A 15 -14.77 10.47 20.34
CA GLU A 15 -13.41 10.17 20.81
C GLU A 15 -12.42 11.29 20.47
N ASN A 16 -11.13 10.96 20.44
CA ASN A 16 -10.07 11.93 20.15
C ASN A 16 -10.36 12.75 18.87
N LEU A 17 -10.72 14.01 19.06
CA LEU A 17 -11.06 14.91 17.95
C LEU A 17 -9.81 15.31 17.14
N TYR A 18 -10.03 15.78 15.91
CA TYR A 18 -8.93 16.19 15.02
C TYR A 18 -8.00 15.01 14.68
N PHE A 19 -8.47 13.79 14.94
CA PHE A 19 -7.70 12.57 14.66
C PHE A 19 -7.19 12.51 13.21
N GLN A 20 -5.89 12.29 13.06
CA GLN A 20 -5.26 12.22 11.74
C GLN A 20 -4.10 11.21 11.72
N GLY A 21 -3.48 11.01 12.89
CA GLY A 21 -2.38 10.05 12.99
C GLY A 21 -1.04 10.64 12.57
N HIS A 22 -0.29 9.88 11.77
CA HIS A 22 1.05 10.30 11.33
C HIS A 22 1.56 9.38 10.21
N MET A 23 1.34 9.78 8.95
CA MET A 23 1.80 9.01 7.81
C MET A 23 3.29 9.23 7.53
N LEU A 24 3.95 8.18 7.04
CA LEU A 24 5.40 8.21 6.78
C LEU A 24 5.72 8.05 5.31
N GLU A 25 6.59 8.92 4.80
CA GLU A 25 7.06 8.81 3.41
C GLU A 25 8.04 7.66 3.26
N VAL A 26 7.85 6.91 2.18
CA VAL A 26 8.59 5.66 1.95
C VAL A 26 8.82 5.41 0.45
N GLU A 27 9.82 4.61 0.14
CA GLU A 27 10.02 4.15 -1.24
C GLU A 27 9.44 2.75 -1.43
N VAL A 28 8.38 2.66 -2.21
CA VAL A 28 7.64 1.42 -2.42
C VAL A 28 8.22 0.60 -3.58
N ILE A 29 8.88 -0.50 -3.25
CA ILE A 29 9.50 -1.35 -4.26
C ILE A 29 8.56 -2.47 -4.72
N SER A 30 8.73 -2.95 -5.95
CA SER A 30 7.89 -4.03 -6.48
C SER A 30 8.75 -5.11 -7.16
N GLY A 31 8.95 -6.23 -6.48
CA GLY A 31 9.79 -7.31 -7.01
C GLY A 31 9.00 -8.39 -7.74
N ARG A 32 9.21 -8.54 -9.05
CA ARG A 32 8.51 -9.55 -9.84
C ARG A 32 9.19 -10.93 -9.73
N THR A 33 8.97 -11.59 -8.59
CA THR A 33 9.48 -12.96 -8.38
C THR A 33 8.41 -14.01 -8.68
N LEU A 34 7.15 -13.63 -8.52
CA LEU A 34 6.01 -14.54 -8.77
C LEU A 34 5.27 -14.19 -10.08
N ASN A 35 5.08 -12.90 -10.33
CA ASN A 35 4.48 -12.44 -11.59
C ASN A 35 5.54 -12.37 -12.69
N GLN A 36 5.79 -13.51 -13.33
CA GLN A 36 6.86 -13.63 -14.34
C GLN A 36 6.30 -13.88 -15.75
N GLY A 37 5.03 -13.54 -15.98
CA GLY A 37 4.43 -13.74 -17.29
C GLY A 37 2.91 -13.86 -17.24
N ALA A 38 2.40 -14.79 -16.43
CA ALA A 38 0.95 -14.98 -16.28
C ALA A 38 0.33 -13.84 -15.45
N THR A 39 -0.74 -13.24 -15.96
CA THR A 39 -1.42 -12.17 -15.24
C THR A 39 -2.20 -12.71 -14.04
N VAL A 40 -2.84 -11.82 -13.29
CA VAL A 40 -3.65 -12.24 -12.15
C VAL A 40 -4.83 -13.14 -12.60
N GLU A 41 -5.25 -12.99 -13.86
CA GLU A 41 -6.40 -13.76 -14.39
C GLU A 41 -6.01 -15.24 -14.57
N GLU A 42 -4.89 -15.48 -15.25
CA GLU A 42 -4.36 -16.84 -15.40
C GLU A 42 -4.06 -17.50 -14.04
N LYS A 43 -3.92 -16.66 -13.01
CA LYS A 43 -3.55 -17.13 -11.67
C LYS A 43 -4.53 -16.66 -10.58
N LEU A 44 -5.81 -16.49 -10.95
CA LEU A 44 -6.85 -16.12 -9.97
C LEU A 44 -7.07 -17.26 -8.94
N THR A 45 -6.27 -17.23 -7.87
CA THR A 45 -6.38 -18.23 -6.80
C THR A 45 -5.92 -17.65 -5.45
N GLU A 46 -6.39 -18.25 -4.35
CA GLU A 46 -5.99 -17.85 -3.00
C GLU A 46 -4.46 -17.91 -2.84
N GLU A 47 -3.82 -18.80 -3.61
CA GLU A 47 -2.36 -18.88 -3.68
C GLU A 47 -1.76 -17.53 -4.12
N TYR A 48 -2.36 -16.94 -5.16
CA TYR A 48 -1.93 -15.63 -5.67
C TYR A 48 -2.18 -14.53 -4.61
N PHE A 49 -3.30 -14.68 -3.90
CA PHE A 49 -3.69 -13.73 -2.86
C PHE A 49 -2.62 -13.63 -1.77
N ASN A 50 -2.37 -14.75 -1.08
CA ASN A 50 -1.42 -14.78 0.04
C ASN A 50 -0.01 -14.28 -0.36
N ALA A 51 0.31 -14.35 -1.65
CA ALA A 51 1.63 -13.97 -2.14
C ALA A 51 1.79 -12.45 -2.35
N VAL A 52 0.75 -11.79 -2.87
CA VAL A 52 0.84 -10.35 -3.20
C VAL A 52 0.03 -9.45 -2.25
N ASN A 53 -0.40 -9.99 -1.11
CA ASN A 53 -1.25 -9.25 -0.17
C ASN A 53 -0.50 -8.74 1.08
N TYR A 54 0.81 -8.52 0.97
CA TYR A 54 1.57 -8.02 2.11
C TYR A 54 2.70 -7.08 1.69
N ALA A 55 3.17 -6.28 2.65
CA ALA A 55 4.30 -5.37 2.45
C ALA A 55 5.30 -5.45 3.62
N GLU A 56 6.58 -5.28 3.32
CA GLU A 56 7.62 -5.28 4.36
C GLU A 56 7.99 -3.86 4.79
N ILE A 57 7.74 -3.52 6.06
CA ILE A 57 8.04 -2.20 6.60
C ILE A 57 9.22 -2.26 7.61
N ASN A 58 10.02 -1.20 7.67
CA ASN A 58 11.10 -1.09 8.65
C ASN A 58 10.54 -1.03 10.08
N GLU A 59 11.27 -1.61 11.03
CA GLU A 59 10.80 -1.70 12.43
C GLU A 59 10.52 -0.31 13.04
N GLU A 60 11.38 0.66 12.77
CA GLU A 60 11.20 2.02 13.29
C GLU A 60 9.88 2.65 12.81
N ASP A 61 9.64 2.62 11.50
CA ASP A 61 8.39 3.14 10.92
C ASP A 61 7.20 2.27 11.39
N TRP A 62 7.45 0.98 11.51
CA TRP A 62 6.47 0.02 12.03
C TRP A 62 5.92 0.46 13.39
N ASN A 63 6.83 0.74 14.33
CA ASN A 63 6.45 1.18 15.67
C ASN A 63 5.91 2.62 15.64
N ALA A 64 6.38 3.43 14.69
CA ALA A 64 5.91 4.81 14.52
C ALA A 64 4.41 4.84 14.12
N LEU A 65 3.99 3.86 13.33
CA LEU A 65 2.58 3.74 12.91
C LEU A 65 1.76 2.90 13.89
N GLY A 66 2.41 2.44 14.97
CA GLY A 66 1.75 1.56 15.94
C GLY A 66 1.21 0.28 15.31
N LEU A 67 1.99 -0.30 14.41
CA LEU A 67 1.59 -1.48 13.65
C LEU A 67 1.66 -2.78 14.47
N GLN A 68 0.68 -3.65 14.25
CA GLN A 68 0.71 -5.01 14.77
C GLN A 68 1.00 -5.99 13.64
N GLU A 69 1.70 -7.08 13.93
CA GLU A 69 2.01 -8.08 12.90
C GLU A 69 0.74 -8.73 12.34
N GLY A 70 0.34 -8.29 11.15
CA GLY A 70 -0.93 -8.69 10.56
C GLY A 70 -1.92 -7.53 10.45
N ASP A 71 -1.46 -6.32 10.78
CA ASP A 71 -2.28 -5.10 10.70
C ASP A 71 -2.51 -4.70 9.23
N ARG A 72 -3.36 -3.70 8.99
CA ARG A 72 -3.63 -3.22 7.63
C ARG A 72 -2.96 -1.87 7.35
N VAL A 73 -2.16 -1.83 6.29
CA VAL A 73 -1.49 -0.59 5.87
C VAL A 73 -2.02 -0.10 4.52
N LYS A 74 -2.33 1.18 4.44
CA LYS A 74 -2.76 1.79 3.19
C LYS A 74 -1.59 2.58 2.55
N VAL A 75 -1.09 2.04 1.45
CA VAL A 75 0.08 2.59 0.76
C VAL A 75 -0.37 3.57 -0.33
N LYS A 76 0.18 4.78 -0.30
CA LYS A 76 -0.33 5.88 -1.13
C LYS A 76 0.79 6.62 -1.85
N THR A 77 0.67 6.70 -3.16
CA THR A 77 1.68 7.37 -4.00
C THR A 77 1.03 8.33 -5.00
N GLU A 78 1.83 8.85 -5.93
CA GLU A 78 1.31 9.72 -6.99
C GLU A 78 0.60 8.90 -8.10
N PHE A 79 0.56 7.57 -7.94
CA PHE A 79 -0.11 6.69 -8.90
C PHE A 79 -1.48 6.22 -8.37
N GLY A 80 -1.57 6.01 -7.06
CA GLY A 80 -2.82 5.54 -6.44
C GLY A 80 -2.61 5.08 -5.00
N GLU A 81 -3.61 4.40 -4.43
CA GLU A 81 -3.48 3.87 -3.06
C GLU A 81 -4.17 2.50 -2.89
N VAL A 82 -3.57 1.64 -2.06
CA VAL A 82 -4.05 0.26 -1.86
C VAL A 82 -3.87 -0.19 -0.39
N VAL A 83 -4.74 -1.08 0.09
CA VAL A 83 -4.64 -1.60 1.47
C VAL A 83 -4.15 -3.07 1.49
N VAL A 84 -3.02 -3.32 2.15
CA VAL A 84 -2.43 -4.68 2.24
C VAL A 84 -2.07 -5.05 3.70
N PHE A 85 -1.67 -6.30 3.91
CA PHE A 85 -1.23 -6.77 5.23
C PHE A 85 0.21 -6.31 5.54
N ALA A 86 0.44 -5.92 6.80
CA ALA A 86 1.75 -5.41 7.22
C ALA A 86 2.66 -6.51 7.81
N LYS A 87 3.87 -6.63 7.26
CA LYS A 87 4.91 -7.52 7.82
C LYS A 87 6.19 -6.74 8.10
N LYS A 88 6.90 -7.11 9.15
CA LYS A 88 8.15 -6.48 9.48
C LYS A 88 9.29 -7.11 8.66
N GLY A 89 9.87 -6.33 7.74
CA GLY A 89 10.82 -6.90 6.78
C GLY A 89 12.18 -6.23 6.77
N ASP A 90 13.14 -6.85 6.09
CA ASP A 90 14.51 -6.35 6.01
C ASP A 90 14.63 -5.21 4.99
N VAL A 91 14.12 -4.04 5.34
CA VAL A 91 14.18 -2.86 4.48
C VAL A 91 14.67 -1.63 5.25
N PRO A 92 15.39 -0.69 4.59
CA PRO A 92 15.84 0.57 5.22
C PRO A 92 14.66 1.43 5.71
N LYS A 93 14.93 2.32 6.67
CA LYS A 93 13.88 3.20 7.20
C LYS A 93 13.35 4.15 6.11
N GLY A 94 12.06 4.46 6.17
CA GLY A 94 11.43 5.25 5.11
C GLY A 94 11.48 4.56 3.76
N MET A 95 11.51 3.23 3.76
CA MET A 95 11.55 2.43 2.54
C MET A 95 10.83 1.09 2.78
N ILE A 96 10.00 0.65 1.82
CA ILE A 96 9.22 -0.58 1.99
C ILE A 96 9.20 -1.45 0.71
N PHE A 97 9.21 -2.77 0.90
CA PHE A 97 9.18 -3.70 -0.23
C PHE A 97 7.80 -4.36 -0.39
N ILE A 98 7.30 -4.39 -1.62
CA ILE A 98 6.04 -5.08 -1.94
C ILE A 98 6.23 -6.03 -3.13
N PRO A 99 5.73 -7.29 -3.04
CA PRO A 99 5.76 -8.23 -4.18
C PRO A 99 4.96 -7.71 -5.37
N MET A 100 5.52 -7.84 -6.58
CA MET A 100 4.87 -7.36 -7.80
C MET A 100 3.50 -8.03 -8.00
N GLY A 101 2.43 -7.26 -7.79
CA GLY A 101 1.08 -7.79 -7.95
C GLY A 101 0.05 -6.70 -8.22
N PRO A 102 -1.25 -7.03 -8.28
CA PRO A 102 -2.30 -6.04 -8.60
C PRO A 102 -2.37 -4.92 -7.55
N TYR A 103 -1.93 -5.24 -6.33
CA TYR A 103 -1.90 -4.28 -5.22
C TYR A 103 -0.79 -3.24 -5.45
N ALA A 104 0.43 -3.73 -5.66
CA ALA A 104 1.56 -2.85 -5.98
C ALA A 104 1.30 -2.08 -7.28
N ASN A 105 0.60 -2.72 -8.20
CA ASN A 105 0.28 -2.14 -9.51
C ASN A 105 -0.50 -0.82 -9.36
N MET A 106 -1.16 -0.63 -8.22
CA MET A 106 -1.94 0.58 -7.96
C MET A 106 -1.04 1.75 -7.58
N VAL A 107 0.10 1.45 -6.95
CA VAL A 107 0.97 2.50 -6.38
C VAL A 107 2.30 2.64 -7.12
N ILE A 108 2.67 1.61 -7.88
CA ILE A 108 3.91 1.63 -8.64
C ILE A 108 3.69 2.11 -10.08
N ASP A 109 4.78 2.19 -10.85
CA ASP A 109 4.71 2.55 -12.26
C ASP A 109 4.58 1.30 -13.15
N PRO A 110 3.41 1.06 -13.75
CA PRO A 110 3.18 -0.13 -14.59
C PRO A 110 3.83 -0.04 -15.99
N SER A 111 4.40 1.12 -16.32
CA SER A 111 5.09 1.31 -17.60
C SER A 111 6.43 0.56 -17.61
N THR A 112 7.13 0.60 -16.49
CA THR A 112 8.43 -0.07 -16.36
C THR A 112 8.29 -1.58 -16.10
N ASP A 113 9.40 -2.24 -15.80
CA ASP A 113 9.44 -3.69 -15.55
C ASP A 113 10.62 -4.08 -14.66
N GLY A 114 11.71 -3.32 -14.75
CA GLY A 114 12.95 -3.71 -14.09
C GLY A 114 13.79 -4.63 -14.97
N THR A 115 14.46 -4.04 -15.96
CA THR A 115 15.26 -4.81 -16.92
C THR A 115 16.39 -5.60 -16.24
N GLY A 116 16.11 -6.86 -15.89
CA GLY A 116 17.10 -7.69 -15.22
C GLY A 116 17.29 -7.34 -13.74
N MET A 117 17.74 -6.11 -13.48
CA MET A 117 17.97 -5.62 -12.12
C MET A 117 17.46 -4.19 -11.94
N PRO A 118 16.84 -3.88 -10.77
CA PRO A 118 16.36 -2.53 -10.45
C PRO A 118 17.44 -1.65 -9.81
N GLN A 119 18.53 -2.29 -9.35
CA GLN A 119 19.64 -1.60 -8.69
C GLN A 119 19.17 -0.80 -7.46
N PHE A 120 18.57 -1.51 -6.50
CA PHE A 120 18.02 -0.90 -5.27
C PHE A 120 17.20 0.36 -5.58
N LYS A 121 15.95 0.16 -5.99
CA LYS A 121 15.08 1.27 -6.40
C LYS A 121 13.62 0.84 -6.54
N GLY A 122 12.73 1.66 -6.00
CA GLY A 122 11.31 1.45 -6.18
C GLY A 122 10.54 2.75 -6.37
N VAL A 123 9.22 2.66 -6.46
CA VAL A 123 8.39 3.87 -6.63
C VAL A 123 8.11 4.57 -5.28
N LYS A 124 8.55 5.82 -5.16
CA LYS A 124 8.42 6.57 -3.92
C LYS A 124 6.98 7.00 -3.63
N GLY A 125 6.67 7.21 -2.34
CA GLY A 125 5.33 7.61 -1.93
C GLY A 125 5.19 7.72 -0.42
N THR A 126 4.03 7.31 0.11
CA THR A 126 3.75 7.37 1.55
C THR A 126 3.08 6.09 2.04
N VAL A 127 3.11 5.88 3.35
CA VAL A 127 2.41 4.75 3.98
C VAL A 127 1.71 5.21 5.29
N GLU A 128 0.55 4.65 5.55
CA GLU A 128 -0.22 4.93 6.76
C GLU A 128 -1.00 3.70 7.20
N LYS A 129 -1.14 3.50 8.51
CA LYS A 129 -1.94 2.39 9.03
C LYS A 129 -3.43 2.77 9.03
N THR A 130 -4.30 1.81 8.73
CA THR A 130 -5.71 2.12 8.47
C THR A 130 -6.69 1.22 9.23
N ASP A 131 -7.90 1.73 9.41
CA ASP A 131 -9.00 1.00 10.04
C ASP A 131 -9.71 0.11 9.00
N GLU A 132 -9.48 0.42 7.73
CA GLU A 132 -10.14 -0.27 6.61
C GLU A 132 -9.68 -1.73 6.45
N LYS A 133 -10.27 -2.41 5.46
CA LYS A 133 -9.93 -3.81 5.18
C LYS A 133 -8.93 -3.95 4.02
N VAL A 134 -8.27 -5.09 3.95
CA VAL A 134 -7.38 -5.40 2.82
C VAL A 134 -8.19 -5.74 1.56
N LEU A 135 -7.77 -5.19 0.42
CA LEU A 135 -8.46 -5.47 -0.85
C LEU A 135 -8.28 -6.92 -1.28
N SER A 136 -9.35 -7.51 -1.82
CA SER A 136 -9.26 -8.84 -2.43
C SER A 136 -8.82 -8.71 -3.89
N VAL A 137 -8.10 -9.71 -4.41
CA VAL A 137 -7.51 -9.62 -5.77
C VAL A 137 -8.52 -9.11 -6.82
N LYS A 138 -9.68 -9.76 -6.90
CA LYS A 138 -10.70 -9.37 -7.88
C LYS A 138 -11.38 -8.04 -7.50
N GLU A 139 -11.64 -7.84 -6.21
CA GLU A 139 -12.26 -6.60 -5.72
C GLU A 139 -11.38 -5.39 -6.12
N LEU A 140 -10.08 -5.61 -6.09
CA LEU A 140 -9.10 -4.66 -6.56
C LEU A 140 -9.26 -4.41 -8.07
N LEU A 141 -9.47 -5.49 -8.84
CA LEU A 141 -9.70 -5.39 -10.29
C LEU A 141 -10.90 -4.48 -10.58
N GLU A 142 -11.98 -4.69 -9.83
CA GLU A 142 -13.19 -3.87 -9.96
C GLU A 142 -12.90 -2.39 -9.69
N ALA A 143 -12.07 -2.14 -8.68
CA ALA A 143 -11.70 -0.77 -8.29
C ALA A 143 -10.88 -0.06 -9.39
N ILE A 144 -9.86 -0.73 -9.92
CA ILE A 144 -8.98 -0.13 -10.93
C ILE A 144 -9.64 -0.04 -12.33
N GLY A 145 -10.66 -0.87 -12.57
CA GLY A 145 -11.40 -0.78 -13.83
C GLY A 145 -11.78 -2.13 -14.45
N SER A 146 -11.06 -3.18 -14.09
CA SER A 146 -11.30 -4.52 -14.64
C SER A 146 -12.45 -5.23 -13.91
N MET A 1 -51.34 41.88 -22.40
CA MET A 1 -52.36 41.05 -21.69
C MET A 1 -51.70 39.88 -20.94
N GLY A 2 -51.42 40.08 -19.65
CA GLY A 2 -50.84 39.03 -18.83
C GLY A 2 -49.57 39.46 -18.09
N SER A 3 -48.96 38.53 -17.36
CA SER A 3 -47.73 38.79 -16.58
C SER A 3 -47.18 37.48 -16.00
N SER A 4 -45.87 37.25 -16.19
CA SER A 4 -45.22 35.99 -15.76
C SER A 4 -45.02 35.94 -14.23
N HIS A 5 -44.61 34.79 -13.72
CA HIS A 5 -44.36 34.61 -12.28
C HIS A 5 -43.11 33.72 -12.05
N HIS A 6 -42.04 34.32 -11.51
CA HIS A 6 -40.76 33.62 -11.34
C HIS A 6 -40.22 33.74 -9.90
N HIS A 7 -40.03 32.61 -9.22
CA HIS A 7 -39.41 32.57 -7.89
C HIS A 7 -38.59 31.28 -7.69
N HIS A 8 -37.31 31.44 -7.33
CA HIS A 8 -36.43 30.29 -7.03
C HIS A 8 -35.40 30.66 -5.95
N HIS A 9 -35.05 29.71 -5.09
CA HIS A 9 -34.06 29.94 -4.03
C HIS A 9 -33.32 28.64 -3.65
N HIS A 10 -32.02 28.73 -3.42
CA HIS A 10 -31.18 27.55 -3.13
C HIS A 10 -30.16 27.85 -2.01
N SER A 11 -29.87 26.86 -1.16
CA SER A 11 -28.93 27.05 -0.04
C SER A 11 -27.73 26.09 -0.12
N SER A 12 -26.77 26.23 0.80
CA SER A 12 -25.56 25.39 0.81
C SER A 12 -25.72 24.16 1.73
N GLY A 13 -24.68 23.33 1.81
CA GLY A 13 -24.77 22.06 2.54
C GLY A 13 -23.84 21.96 3.75
N ARG A 14 -22.81 21.11 3.64
CA ARG A 14 -21.96 20.75 4.79
C ARG A 14 -20.49 21.14 4.58
N GLU A 15 -19.67 20.88 5.60
CA GLU A 15 -18.22 21.14 5.54
C GLU A 15 -17.42 19.84 5.29
N ASN A 16 -16.12 19.98 5.06
CA ASN A 16 -15.22 18.82 4.95
C ASN A 16 -14.33 18.72 6.21
N LEU A 17 -14.46 17.62 6.94
CA LEU A 17 -13.73 17.44 8.22
C LEU A 17 -12.27 17.02 8.00
N TYR A 18 -11.47 17.10 9.06
CA TYR A 18 -10.01 16.88 8.98
C TYR A 18 -9.65 15.39 9.15
N PHE A 19 -8.75 14.91 8.30
CA PHE A 19 -8.19 13.55 8.43
C PHE A 19 -6.86 13.60 9.19
N GLN A 20 -6.89 13.25 10.47
CA GLN A 20 -5.69 13.24 11.31
C GLN A 20 -4.99 11.87 11.27
N GLY A 21 -4.03 11.73 10.36
CA GLY A 21 -3.28 10.48 10.23
C GLY A 21 -1.78 10.71 10.03
N HIS A 22 -0.97 10.21 10.96
CA HIS A 22 0.48 10.38 10.88
C HIS A 22 1.11 9.34 9.92
N MET A 23 1.15 9.67 8.63
CA MET A 23 1.77 8.80 7.63
C MET A 23 3.29 8.98 7.57
N LEU A 24 3.97 8.06 6.89
CA LEU A 24 5.43 8.13 6.71
C LEU A 24 5.80 8.13 5.23
N GLU A 25 6.79 8.95 4.89
CA GLU A 25 7.33 8.97 3.52
C GLU A 25 8.30 7.82 3.32
N VAL A 26 7.96 6.94 2.39
CA VAL A 26 8.72 5.70 2.16
C VAL A 26 8.90 5.41 0.68
N GLU A 27 9.87 4.57 0.35
CA GLU A 27 10.08 4.13 -1.04
C GLU A 27 9.46 2.75 -1.26
N VAL A 28 8.40 2.71 -2.06
CA VAL A 28 7.62 1.49 -2.31
C VAL A 28 8.22 0.66 -3.46
N ILE A 29 8.87 -0.44 -3.13
CA ILE A 29 9.49 -1.29 -4.15
C ILE A 29 8.54 -2.40 -4.61
N SER A 30 8.84 -3.02 -5.75
CA SER A 30 8.00 -4.08 -6.29
C SER A 30 8.85 -5.29 -6.77
N GLY A 31 8.70 -6.43 -6.10
CA GLY A 31 9.47 -7.63 -6.45
C GLY A 31 8.60 -8.79 -6.94
N ARG A 32 8.92 -9.32 -8.12
CA ARG A 32 8.12 -10.39 -8.73
C ARG A 32 8.22 -11.71 -7.93
N THR A 33 7.25 -11.94 -7.05
CA THR A 33 7.23 -13.15 -6.20
C THR A 33 6.64 -14.38 -6.92
N LEU A 34 5.54 -14.18 -7.66
CA LEU A 34 4.88 -15.28 -8.38
C LEU A 34 5.79 -15.94 -9.42
N ASN A 35 5.55 -17.22 -9.69
CA ASN A 35 6.36 -17.99 -10.65
C ASN A 35 6.16 -17.49 -12.09
N GLN A 36 7.17 -16.78 -12.62
CA GLN A 36 7.15 -16.25 -14.00
C GLN A 36 6.00 -15.27 -14.26
N GLY A 37 6.05 -14.61 -15.42
CA GLY A 37 5.07 -13.59 -15.77
C GLY A 37 3.74 -14.15 -16.28
N ALA A 38 2.64 -13.46 -15.93
CA ALA A 38 1.29 -13.85 -16.36
C ALA A 38 0.26 -12.86 -15.80
N THR A 39 -0.95 -12.87 -16.38
CA THR A 39 -2.05 -12.07 -15.84
C THR A 39 -2.60 -12.72 -14.57
N VAL A 40 -3.23 -11.93 -13.71
CA VAL A 40 -3.81 -12.47 -12.47
C VAL A 40 -4.82 -13.59 -12.76
N GLU A 41 -5.49 -13.49 -13.91
CA GLU A 41 -6.44 -14.52 -14.37
C GLU A 41 -5.76 -15.89 -14.53
N GLU A 42 -4.51 -15.88 -15.01
CA GLU A 42 -3.73 -17.11 -15.19
C GLU A 42 -3.39 -17.79 -13.85
N LYS A 43 -3.51 -17.06 -12.76
CA LYS A 43 -3.10 -17.56 -11.44
C LYS A 43 -4.14 -17.28 -10.35
N LEU A 44 -5.42 -17.31 -10.70
CA LEU A 44 -6.50 -17.13 -9.71
C LEU A 44 -6.49 -18.28 -8.69
N THR A 45 -5.70 -18.13 -7.63
CA THR A 45 -5.60 -19.13 -6.57
C THR A 45 -5.15 -18.52 -5.23
N GLU A 46 -5.19 -19.32 -4.17
CA GLU A 46 -4.79 -18.88 -2.82
C GLU A 46 -3.36 -18.31 -2.81
N GLU A 47 -2.49 -18.89 -3.64
CA GLU A 47 -1.10 -18.39 -3.78
C GLU A 47 -1.08 -16.89 -4.11
N TYR A 48 -1.90 -16.49 -5.09
CA TYR A 48 -1.96 -15.09 -5.51
C TYR A 48 -2.59 -14.21 -4.41
N PHE A 49 -3.37 -14.84 -3.53
CA PHE A 49 -4.03 -14.12 -2.44
C PHE A 49 -3.14 -14.03 -1.17
N ASN A 50 -1.91 -14.55 -1.24
CA ASN A 50 -0.94 -14.32 -0.16
C ASN A 50 0.35 -13.66 -0.69
N ALA A 51 0.90 -14.21 -1.77
CA ALA A 51 2.23 -13.82 -2.28
C ALA A 51 2.37 -12.31 -2.56
N VAL A 52 1.26 -11.61 -2.78
CA VAL A 52 1.31 -10.16 -3.11
C VAL A 52 0.34 -9.32 -2.25
N ASN A 53 -0.12 -9.87 -1.14
CA ASN A 53 -1.14 -9.19 -0.30
C ASN A 53 -0.53 -8.51 0.94
N TYR A 54 0.78 -8.31 0.94
CA TYR A 54 1.46 -7.73 2.12
C TYR A 54 2.56 -6.75 1.72
N ALA A 55 2.98 -5.93 2.68
CA ALA A 55 4.10 -5.01 2.50
C ALA A 55 5.15 -5.21 3.60
N GLU A 56 6.41 -5.40 3.21
CA GLU A 56 7.49 -5.58 4.19
C GLU A 56 8.08 -4.23 4.61
N ILE A 57 7.96 -3.94 5.90
CA ILE A 57 8.25 -2.62 6.46
C ILE A 57 9.42 -2.66 7.46
N ASN A 58 10.10 -1.52 7.64
CA ASN A 58 11.17 -1.39 8.63
C ASN A 58 10.58 -1.27 10.05
N GLU A 59 11.26 -1.84 11.03
CA GLU A 59 10.76 -1.85 12.42
C GLU A 59 10.64 -0.43 13.02
N GLU A 60 11.58 0.46 12.68
CA GLU A 60 11.55 1.83 13.19
C GLU A 60 10.29 2.58 12.73
N ASP A 61 9.98 2.50 11.43
CA ASP A 61 8.74 3.08 10.89
C ASP A 61 7.51 2.33 11.43
N TRP A 62 7.66 1.02 11.59
CA TRP A 62 6.64 0.17 12.20
C TRP A 62 6.21 0.72 13.56
N ASN A 63 7.21 1.10 14.37
CA ASN A 63 6.98 1.70 15.69
C ASN A 63 6.30 3.07 15.54
N ALA A 64 6.75 3.85 14.56
CA ALA A 64 6.21 5.20 14.30
C ALA A 64 4.71 5.15 13.96
N LEU A 65 4.31 4.15 13.19
CA LEU A 65 2.91 3.96 12.84
C LEU A 65 2.14 3.16 13.92
N GLY A 66 2.90 2.53 14.82
CA GLY A 66 2.29 1.72 15.87
C GLY A 66 1.57 0.48 15.31
N LEU A 67 2.25 -0.23 14.42
CA LEU A 67 1.66 -1.38 13.73
C LEU A 67 1.76 -2.67 14.55
N GLN A 68 0.99 -3.67 14.15
CA GLN A 68 0.99 -4.99 14.80
C GLN A 68 1.00 -6.09 13.74
N GLU A 69 1.99 -6.98 13.82
CA GLU A 69 2.19 -8.00 12.77
C GLU A 69 0.91 -8.76 12.42
N GLY A 70 0.25 -8.31 11.35
CA GLY A 70 -0.99 -8.93 10.91
C GLY A 70 -2.13 -7.94 10.66
N ASP A 71 -1.88 -6.64 10.86
CA ASP A 71 -2.91 -5.61 10.63
C ASP A 71 -2.88 -5.06 9.19
N ARG A 72 -3.66 -4.01 8.93
CA ARG A 72 -3.83 -3.47 7.57
C ARG A 72 -3.19 -2.07 7.42
N VAL A 73 -2.40 -1.89 6.36
CA VAL A 73 -1.80 -0.59 6.04
C VAL A 73 -2.17 -0.14 4.61
N LYS A 74 -2.43 1.15 4.45
CA LYS A 74 -2.68 1.72 3.13
C LYS A 74 -1.41 2.39 2.58
N VAL A 75 -1.09 2.07 1.33
CA VAL A 75 0.07 2.64 0.63
C VAL A 75 -0.41 3.66 -0.41
N LYS A 76 0.15 4.86 -0.36
CA LYS A 76 -0.35 5.98 -1.18
C LYS A 76 0.77 6.70 -1.95
N THR A 77 0.57 6.82 -3.26
CA THR A 77 1.54 7.46 -4.16
C THR A 77 0.83 8.40 -5.14
N GLU A 78 1.56 8.89 -6.15
CA GLU A 78 0.97 9.73 -7.19
C GLU A 78 0.15 8.91 -8.20
N PHE A 79 0.32 7.58 -8.16
CA PHE A 79 -0.40 6.68 -9.07
C PHE A 79 -1.75 6.26 -8.47
N GLY A 80 -1.79 6.05 -7.15
CA GLY A 80 -3.02 5.68 -6.47
C GLY A 80 -2.82 5.27 -5.01
N GLU A 81 -3.78 4.50 -4.48
CA GLU A 81 -3.72 4.03 -3.10
C GLU A 81 -4.30 2.60 -2.96
N VAL A 82 -3.68 1.78 -2.11
CA VAL A 82 -4.13 0.39 -1.90
C VAL A 82 -3.98 -0.04 -0.43
N VAL A 83 -4.90 -0.89 0.05
CA VAL A 83 -4.86 -1.39 1.42
C VAL A 83 -4.38 -2.85 1.47
N VAL A 84 -3.23 -3.09 2.12
CA VAL A 84 -2.63 -4.43 2.21
C VAL A 84 -2.33 -4.83 3.66
N PHE A 85 -1.82 -6.05 3.86
CA PHE A 85 -1.38 -6.50 5.20
C PHE A 85 0.05 -6.01 5.51
N ALA A 86 0.30 -5.67 6.78
CA ALA A 86 1.61 -5.15 7.19
C ALA A 86 2.57 -6.26 7.64
N LYS A 87 3.83 -6.18 7.19
CA LYS A 87 4.89 -7.09 7.61
C LYS A 87 6.17 -6.34 7.98
N LYS A 88 6.99 -6.99 8.78
CA LYS A 88 8.29 -6.48 9.17
C LYS A 88 9.40 -7.29 8.46
N GLY A 89 9.95 -6.75 7.36
CA GLY A 89 10.78 -7.59 6.49
C GLY A 89 12.01 -6.92 5.87
N ASP A 90 13.13 -6.94 6.60
CA ASP A 90 14.48 -6.73 6.05
C ASP A 90 14.77 -5.31 5.47
N VAL A 91 13.74 -4.54 5.18
CA VAL A 91 13.93 -3.24 4.51
C VAL A 91 14.42 -2.14 5.46
N PRO A 92 15.22 -1.17 4.95
CA PRO A 92 15.71 -0.03 5.75
C PRO A 92 14.61 0.99 6.06
N LYS A 93 14.90 1.94 6.94
CA LYS A 93 13.91 2.94 7.35
C LYS A 93 13.58 3.91 6.20
N GLY A 94 12.32 4.37 6.17
CA GLY A 94 11.86 5.20 5.06
C GLY A 94 11.75 4.44 3.73
N MET A 95 11.72 3.11 3.80
CA MET A 95 11.67 2.28 2.61
C MET A 95 10.86 0.99 2.88
N ILE A 96 10.00 0.60 1.93
CA ILE A 96 9.17 -0.61 2.10
C ILE A 96 9.13 -1.45 0.81
N PHE A 97 9.09 -2.76 0.98
CA PHE A 97 9.06 -3.69 -0.17
C PHE A 97 7.68 -4.32 -0.35
N ILE A 98 7.10 -4.16 -1.54
CA ILE A 98 5.81 -4.81 -1.86
C ILE A 98 5.95 -5.75 -3.07
N PRO A 99 5.51 -7.01 -2.94
CA PRO A 99 5.55 -7.98 -4.05
C PRO A 99 4.77 -7.50 -5.29
N MET A 100 5.37 -7.70 -6.47
CA MET A 100 4.78 -7.26 -7.74
C MET A 100 3.42 -7.94 -7.97
N GLY A 101 2.35 -7.18 -7.79
CA GLY A 101 1.01 -7.71 -8.00
C GLY A 101 -0.03 -6.62 -8.21
N PRO A 102 -1.32 -6.99 -8.29
CA PRO A 102 -2.41 -6.00 -8.50
C PRO A 102 -2.41 -4.91 -7.42
N TYR A 103 -2.06 -5.30 -6.20
CA TYR A 103 -1.96 -4.36 -5.07
C TYR A 103 -0.87 -3.31 -5.33
N ALA A 104 0.34 -3.77 -5.65
CA ALA A 104 1.46 -2.87 -5.99
C ALA A 104 1.16 -2.08 -7.26
N ASN A 105 0.44 -2.70 -8.20
CA ASN A 105 0.12 -2.09 -9.50
C ASN A 105 -0.73 -0.81 -9.34
N MET A 106 -1.30 -0.62 -8.16
CA MET A 106 -2.13 0.56 -7.88
C MET A 106 -1.26 1.77 -7.47
N VAL A 107 -0.05 1.51 -6.99
CA VAL A 107 0.80 2.56 -6.41
C VAL A 107 2.18 2.66 -7.09
N ILE A 108 2.60 1.62 -7.80
CA ILE A 108 3.92 1.63 -8.43
C ILE A 108 3.85 2.05 -9.91
N ASP A 109 5.01 2.13 -10.54
CA ASP A 109 5.10 2.44 -11.97
C ASP A 109 5.28 1.15 -12.78
N PRO A 110 4.22 0.67 -13.47
CA PRO A 110 4.26 -0.60 -14.20
C PRO A 110 4.88 -0.49 -15.61
N SER A 111 5.77 0.50 -15.80
CA SER A 111 6.43 0.68 -17.11
C SER A 111 7.97 0.58 -16.98
N THR A 112 8.50 0.90 -15.80
CA THR A 112 9.96 0.80 -15.56
C THR A 112 10.44 -0.66 -15.59
N ASP A 113 11.01 -1.07 -16.72
CA ASP A 113 11.54 -2.44 -16.92
C ASP A 113 10.43 -3.51 -16.75
N GLY A 114 10.19 -3.93 -15.51
CA GLY A 114 9.20 -4.97 -15.24
C GLY A 114 9.79 -6.37 -15.16
N THR A 115 11.02 -6.53 -15.65
CA THR A 115 11.70 -7.84 -15.65
C THR A 115 12.46 -8.08 -14.34
N GLY A 116 13.12 -9.25 -14.24
CA GLY A 116 13.88 -9.58 -13.04
C GLY A 116 15.20 -8.82 -12.93
N MET A 117 15.12 -7.51 -12.67
CA MET A 117 16.30 -6.66 -12.54
C MET A 117 16.99 -6.81 -11.18
N PRO A 118 18.33 -6.65 -11.14
CA PRO A 118 19.11 -6.71 -9.90
C PRO A 118 19.29 -5.33 -9.23
N GLN A 119 18.45 -4.37 -9.64
CA GLN A 119 18.52 -3.00 -9.12
C GLN A 119 17.45 -2.74 -8.05
N PHE A 120 17.85 -2.20 -6.91
CA PHE A 120 16.92 -1.90 -5.82
C PHE A 120 16.23 -0.54 -6.03
N LYS A 121 15.39 -0.46 -7.05
CA LYS A 121 14.64 0.77 -7.34
C LYS A 121 13.15 0.63 -6.99
N GLY A 122 12.65 1.51 -6.13
CA GLY A 122 11.24 1.49 -5.78
C GLY A 122 10.55 2.83 -6.04
N VAL A 123 9.24 2.80 -6.20
CA VAL A 123 8.45 4.02 -6.41
C VAL A 123 8.23 4.79 -5.10
N LYS A 124 8.65 6.04 -5.05
CA LYS A 124 8.56 6.86 -3.84
C LYS A 124 7.10 7.22 -3.51
N GLY A 125 6.70 7.02 -2.25
CA GLY A 125 5.34 7.33 -1.83
C GLY A 125 5.19 7.47 -0.31
N THR A 126 4.04 7.06 0.22
CA THR A 126 3.75 7.15 1.65
C THR A 126 3.02 5.90 2.16
N VAL A 127 3.05 5.68 3.48
CA VAL A 127 2.34 4.56 4.10
C VAL A 127 1.67 4.97 5.42
N GLU A 128 0.50 4.39 5.68
CA GLU A 128 -0.26 4.67 6.92
C GLU A 128 -1.11 3.45 7.33
N LYS A 129 -1.46 3.35 8.61
CA LYS A 129 -2.37 2.28 9.06
C LYS A 129 -3.82 2.77 9.00
N THR A 130 -4.71 1.90 8.52
CA THR A 130 -6.11 2.28 8.27
C THR A 130 -7.10 1.19 8.71
N ASP A 131 -8.35 1.60 8.97
CA ASP A 131 -9.41 0.67 9.34
C ASP A 131 -10.05 0.02 8.10
N GLU A 132 -9.61 0.45 6.92
CA GLU A 132 -10.13 -0.08 5.65
C GLU A 132 -9.67 -1.51 5.39
N LYS A 133 -10.53 -2.29 4.74
CA LYS A 133 -10.25 -3.70 4.46
C LYS A 133 -9.17 -3.87 3.37
N VAL A 134 -8.43 -4.97 3.43
CA VAL A 134 -7.47 -5.31 2.38
C VAL A 134 -8.20 -5.60 1.06
N LEU A 135 -7.86 -4.84 0.01
CA LEU A 135 -8.51 -4.98 -1.30
C LEU A 135 -8.27 -6.37 -1.91
N SER A 136 -9.21 -7.27 -1.68
CA SER A 136 -9.12 -8.63 -2.22
C SER A 136 -8.91 -8.60 -3.73
N VAL A 137 -8.23 -9.63 -4.26
CA VAL A 137 -7.79 -9.64 -5.66
C VAL A 137 -8.88 -9.18 -6.64
N LYS A 138 -10.10 -9.73 -6.52
CA LYS A 138 -11.21 -9.34 -7.40
C LYS A 138 -11.74 -7.93 -7.08
N GLU A 139 -11.90 -7.63 -5.79
CA GLU A 139 -12.39 -6.32 -5.35
C GLU A 139 -11.49 -5.21 -5.90
N LEU A 140 -10.20 -5.49 -5.90
CA LEU A 140 -9.20 -4.61 -6.46
C LEU A 140 -9.45 -4.38 -7.96
N LEU A 141 -9.79 -5.45 -8.68
CA LEU A 141 -10.11 -5.37 -10.11
C LEU A 141 -11.25 -4.37 -10.34
N GLU A 142 -12.34 -4.56 -9.59
CA GLU A 142 -13.52 -3.70 -9.70
C GLU A 142 -13.21 -2.26 -9.27
N ALA A 143 -12.26 -2.11 -8.34
CA ALA A 143 -11.84 -0.78 -7.85
C ALA A 143 -11.05 0.01 -8.90
N ILE A 144 -10.17 -0.67 -9.64
CA ILE A 144 -9.36 0.00 -10.67
C ILE A 144 -10.04 -0.04 -12.06
N GLY A 145 -11.07 -0.88 -12.20
CA GLY A 145 -11.80 -0.97 -13.45
C GLY A 145 -12.04 -2.40 -13.91
N SER A 146 -10.96 -3.13 -14.17
CA SER A 146 -11.06 -4.53 -14.62
C SER A 146 -9.72 -5.26 -14.49
N MET A 1 35.15 17.33 28.94
CA MET A 1 35.73 16.24 28.10
C MET A 1 34.80 15.86 26.94
N GLY A 2 33.60 15.38 27.26
CA GLY A 2 32.64 14.98 26.24
C GLY A 2 31.20 14.98 26.75
N SER A 3 30.36 14.14 26.16
CA SER A 3 28.92 14.07 26.53
C SER A 3 28.24 15.45 26.37
N SER A 4 27.66 15.98 27.47
CA SER A 4 27.12 17.37 27.48
C SER A 4 26.08 17.62 26.36
N HIS A 5 25.38 16.57 25.94
CA HIS A 5 24.40 16.69 24.86
C HIS A 5 23.16 17.48 25.29
N HIS A 6 23.05 18.73 24.84
CA HIS A 6 21.89 19.57 25.16
C HIS A 6 21.15 20.03 23.89
N HIS A 7 20.09 20.82 24.08
CA HIS A 7 19.23 21.31 22.98
C HIS A 7 18.34 20.20 22.41
N HIS A 8 17.36 20.60 21.61
CA HIS A 8 16.39 19.66 20.99
C HIS A 8 15.51 18.95 22.05
N HIS A 9 14.59 18.13 21.58
CA HIS A 9 13.79 17.24 22.42
C HIS A 9 13.78 15.83 21.82
N HIS A 10 13.37 15.75 20.55
CA HIS A 10 13.45 14.49 19.78
C HIS A 10 13.82 14.79 18.31
N SER A 11 13.13 15.75 17.71
CA SER A 11 13.43 16.20 16.34
C SER A 11 13.66 17.72 16.31
N SER A 12 13.79 18.30 15.11
CA SER A 12 13.94 19.76 14.96
C SER A 12 12.71 20.50 15.51
N GLY A 13 11.51 20.02 15.15
CA GLY A 13 10.27 20.63 15.62
C GLY A 13 9.22 20.80 14.53
N ARG A 14 8.02 20.28 14.78
CA ARG A 14 6.90 20.43 13.84
C ARG A 14 6.12 21.72 14.11
N GLU A 15 6.12 22.64 13.15
CA GLU A 15 5.42 23.92 13.30
C GLU A 15 3.89 23.72 13.33
N ASN A 16 3.31 23.41 12.17
CA ASN A 16 1.86 23.16 12.07
C ASN A 16 1.57 21.71 11.70
N LEU A 17 0.54 21.14 12.33
CA LEU A 17 0.12 19.76 12.04
C LEU A 17 -1.35 19.74 11.59
N TYR A 18 -1.62 19.11 10.45
CA TYR A 18 -2.95 19.13 9.83
C TYR A 18 -3.91 18.09 10.44
N PHE A 19 -3.50 17.50 11.56
CA PHE A 19 -4.31 16.51 12.28
C PHE A 19 -4.70 15.32 11.38
N GLN A 20 -3.80 14.98 10.44
CA GLN A 20 -4.02 13.84 9.54
C GLN A 20 -3.37 12.56 10.12
N GLY A 21 -3.74 11.41 9.55
CA GLY A 21 -3.13 10.14 9.97
C GLY A 21 -1.61 10.15 9.84
N HIS A 22 -0.93 9.68 10.89
CA HIS A 22 0.53 9.67 10.92
C HIS A 22 1.11 8.77 9.81
N MET A 23 1.49 9.37 8.69
CA MET A 23 2.08 8.64 7.57
C MET A 23 3.60 8.81 7.52
N LEU A 24 4.26 7.93 6.79
CA LEU A 24 5.71 8.00 6.58
C LEU A 24 6.05 8.02 5.09
N GLU A 25 7.02 8.85 4.72
CA GLU A 25 7.53 8.89 3.36
C GLU A 25 8.50 7.73 3.12
N VAL A 26 8.03 6.78 2.32
CA VAL A 26 8.74 5.52 2.10
C VAL A 26 8.84 5.18 0.61
N GLU A 27 9.80 4.32 0.25
CA GLU A 27 9.91 3.85 -1.14
C GLU A 27 9.27 2.46 -1.30
N VAL A 28 8.24 2.38 -2.13
CA VAL A 28 7.48 1.14 -2.35
C VAL A 28 8.07 0.31 -3.51
N ILE A 29 8.70 -0.80 -3.18
CA ILE A 29 9.35 -1.63 -4.20
C ILE A 29 8.43 -2.76 -4.68
N SER A 30 8.57 -3.16 -5.94
CA SER A 30 7.81 -4.30 -6.50
C SER A 30 8.72 -5.50 -6.77
N GLY A 31 8.59 -6.52 -5.93
CA GLY A 31 9.42 -7.72 -6.06
C GLY A 31 8.84 -8.74 -7.03
N ARG A 32 9.36 -8.77 -8.26
CA ARG A 32 8.89 -9.70 -9.28
C ARG A 32 9.33 -11.15 -8.96
N THR A 33 8.41 -11.91 -8.38
CA THR A 33 8.63 -13.33 -8.08
C THR A 33 7.85 -14.22 -9.05
N LEU A 34 8.14 -15.53 -9.02
CA LEU A 34 7.54 -16.49 -9.97
C LEU A 34 7.87 -16.12 -11.42
N ASN A 35 8.95 -16.71 -11.92
CA ASN A 35 9.53 -16.37 -13.24
C ASN A 35 8.52 -16.54 -14.41
N GLN A 36 9.02 -16.28 -15.63
CA GLN A 36 8.20 -16.29 -16.86
C GLN A 36 7.28 -15.05 -16.95
N GLY A 37 6.36 -14.93 -16.00
CA GLY A 37 5.46 -13.78 -15.97
C GLY A 37 4.05 -14.08 -16.49
N ALA A 38 3.06 -13.43 -15.89
CA ALA A 38 1.66 -13.56 -16.29
C ALA A 38 0.81 -12.49 -15.59
N THR A 39 -0.39 -12.23 -16.10
CA THR A 39 -1.30 -11.31 -15.42
C THR A 39 -2.03 -12.05 -14.30
N VAL A 40 -2.68 -11.30 -13.42
CA VAL A 40 -3.37 -11.87 -12.27
C VAL A 40 -4.37 -12.95 -12.70
N GLU A 41 -5.00 -12.73 -13.85
CA GLU A 41 -6.02 -13.65 -14.37
C GLU A 41 -5.45 -15.06 -14.66
N GLU A 42 -4.26 -15.12 -15.27
CA GLU A 42 -3.63 -16.42 -15.57
C GLU A 42 -3.29 -17.19 -14.30
N LYS A 43 -3.08 -16.47 -13.19
CA LYS A 43 -2.61 -17.08 -11.94
C LYS A 43 -3.62 -16.87 -10.79
N LEU A 44 -4.92 -16.84 -11.13
CA LEU A 44 -5.97 -16.69 -10.11
C LEU A 44 -6.03 -17.92 -9.18
N THR A 45 -5.20 -17.89 -8.14
CA THR A 45 -5.16 -18.97 -7.14
C THR A 45 -4.94 -18.41 -5.73
N GLU A 46 -5.15 -19.25 -4.72
CA GLU A 46 -4.94 -18.87 -3.32
C GLU A 46 -3.54 -18.25 -3.12
N GLU A 47 -2.54 -18.87 -3.74
CA GLU A 47 -1.15 -18.39 -3.64
C GLU A 47 -1.00 -16.94 -4.11
N TYR A 48 -1.78 -16.54 -5.09
CA TYR A 48 -1.76 -15.15 -5.58
C TYR A 48 -2.39 -14.22 -4.53
N PHE A 49 -3.29 -14.78 -3.72
CA PHE A 49 -3.93 -14.06 -2.61
C PHE A 49 -3.11 -14.21 -1.32
N ASN A 50 -2.01 -14.97 -1.39
CA ASN A 50 -1.11 -15.15 -0.25
C ASN A 50 0.16 -14.29 -0.38
N ALA A 51 0.75 -14.28 -1.58
CA ALA A 51 2.05 -13.62 -1.78
C ALA A 51 1.95 -12.09 -1.94
N VAL A 52 1.27 -11.62 -2.99
CA VAL A 52 1.31 -10.18 -3.33
C VAL A 52 0.35 -9.34 -2.45
N ASN A 53 -0.01 -9.84 -1.27
CA ASN A 53 -1.04 -9.18 -0.44
C ASN A 53 -0.44 -8.49 0.81
N TYR A 54 0.88 -8.36 0.88
CA TYR A 54 1.52 -7.77 2.07
C TYR A 54 2.57 -6.72 1.70
N ALA A 55 2.98 -5.96 2.70
CA ALA A 55 4.09 -5.02 2.57
C ALA A 55 5.08 -5.22 3.73
N GLU A 56 6.36 -5.25 3.43
CA GLU A 56 7.40 -5.38 4.47
C GLU A 56 7.93 -4.00 4.90
N ILE A 57 7.70 -3.66 6.16
CA ILE A 57 8.12 -2.37 6.72
C ILE A 57 9.26 -2.56 7.74
N ASN A 58 10.13 -1.55 7.87
CA ASN A 58 11.24 -1.57 8.83
C ASN A 58 10.73 -1.44 10.28
N GLU A 59 11.53 -1.91 11.24
CA GLU A 59 11.19 -1.83 12.67
C GLU A 59 10.88 -0.38 13.11
N GLU A 60 11.74 0.55 12.72
CA GLU A 60 11.58 1.97 13.05
C GLU A 60 10.23 2.52 12.56
N ASP A 61 9.93 2.32 11.29
CA ASP A 61 8.68 2.79 10.70
C ASP A 61 7.48 2.03 11.29
N TRP A 62 7.67 0.74 11.56
CA TRP A 62 6.66 -0.09 12.21
C TRP A 62 6.19 0.51 13.54
N ASN A 63 7.16 0.89 14.38
CA ASN A 63 6.87 1.55 15.65
C ASN A 63 6.27 2.95 15.43
N ALA A 64 6.77 3.67 14.43
CA ALA A 64 6.28 5.01 14.10
C ALA A 64 4.79 4.99 13.70
N LEU A 65 4.37 3.93 13.02
CA LEU A 65 2.98 3.79 12.59
C LEU A 65 2.11 3.09 13.64
N GLY A 66 2.74 2.50 14.66
CA GLY A 66 2.01 1.78 15.69
C GLY A 66 1.25 0.56 15.13
N LEU A 67 1.94 -0.24 14.33
CA LEU A 67 1.32 -1.38 13.64
C LEU A 67 1.31 -2.65 14.49
N GLN A 68 0.23 -3.42 14.37
CA GLN A 68 0.15 -4.74 14.98
C GLN A 68 0.59 -5.82 13.96
N GLU A 69 1.16 -6.91 14.46
CA GLU A 69 1.61 -7.99 13.57
C GLU A 69 0.44 -8.59 12.79
N GLY A 70 0.32 -8.17 11.54
CA GLY A 70 -0.81 -8.55 10.70
C GLY A 70 -1.89 -7.46 10.62
N ASP A 71 -1.46 -6.20 10.74
CA ASP A 71 -2.39 -5.06 10.64
C ASP A 71 -2.66 -4.68 9.17
N ARG A 72 -3.45 -3.63 8.94
CA ARG A 72 -3.84 -3.21 7.59
C ARG A 72 -3.30 -1.80 7.29
N VAL A 73 -2.52 -1.66 6.21
CA VAL A 73 -1.93 -0.37 5.84
C VAL A 73 -2.34 0.06 4.42
N LYS A 74 -2.59 1.36 4.24
CA LYS A 74 -2.88 1.92 2.92
C LYS A 74 -1.73 2.80 2.43
N VAL A 75 -1.23 2.51 1.24
CA VAL A 75 -0.17 3.31 0.62
C VAL A 75 -0.75 4.25 -0.45
N LYS A 76 -0.35 5.53 -0.41
CA LYS A 76 -0.73 6.50 -1.44
C LYS A 76 0.50 7.06 -2.17
N THR A 77 0.48 7.00 -3.50
CA THR A 77 1.53 7.57 -4.35
C THR A 77 0.92 8.49 -5.40
N GLU A 78 1.73 8.94 -6.35
CA GLU A 78 1.23 9.77 -7.45
C GLU A 78 0.40 8.94 -8.45
N PHE A 79 0.44 7.61 -8.32
CA PHE A 79 -0.29 6.71 -9.22
C PHE A 79 -1.65 6.29 -8.64
N GLY A 80 -1.70 6.01 -7.34
CA GLY A 80 -2.96 5.62 -6.71
C GLY A 80 -2.82 5.22 -5.25
N GLU A 81 -3.65 4.26 -4.81
CA GLU A 81 -3.66 3.83 -3.41
C GLU A 81 -4.13 2.37 -3.29
N VAL A 82 -3.70 1.69 -2.22
CA VAL A 82 -4.08 0.29 -1.97
C VAL A 82 -3.95 -0.09 -0.49
N VAL A 83 -4.79 -1.03 -0.03
CA VAL A 83 -4.72 -1.53 1.35
C VAL A 83 -4.18 -2.97 1.39
N VAL A 84 -3.06 -3.18 2.06
CA VAL A 84 -2.42 -4.51 2.16
C VAL A 84 -2.14 -4.91 3.62
N PHE A 85 -1.72 -6.15 3.81
CA PHE A 85 -1.33 -6.65 5.14
C PHE A 85 0.07 -6.14 5.54
N ALA A 86 0.25 -5.84 6.82
CA ALA A 86 1.53 -5.30 7.33
C ALA A 86 2.46 -6.41 7.86
N LYS A 87 3.67 -6.49 7.30
CA LYS A 87 4.72 -7.38 7.79
C LYS A 87 5.98 -6.59 8.12
N LYS A 88 6.82 -7.17 8.98
CA LYS A 88 8.06 -6.53 9.39
C LYS A 88 9.26 -7.16 8.65
N GLY A 89 9.82 -6.43 7.70
CA GLY A 89 10.85 -7.00 6.82
C GLY A 89 12.25 -6.45 7.07
N ASP A 90 13.19 -6.88 6.23
CA ASP A 90 14.60 -6.47 6.35
C ASP A 90 14.89 -5.20 5.54
N VAL A 91 13.82 -4.48 5.18
CA VAL A 91 13.96 -3.25 4.37
C VAL A 91 14.56 -2.11 5.19
N PRO A 92 15.25 -1.15 4.52
CA PRO A 92 15.80 0.03 5.20
C PRO A 92 14.70 0.99 5.70
N LYS A 93 15.01 1.78 6.73
CA LYS A 93 14.05 2.75 7.28
C LYS A 93 13.59 3.75 6.20
N GLY A 94 12.28 4.04 6.18
CA GLY A 94 11.71 4.88 5.13
C GLY A 94 11.65 4.16 3.77
N MET A 95 11.55 2.84 3.79
CA MET A 95 11.48 2.05 2.58
C MET A 95 10.68 0.75 2.84
N ILE A 96 9.79 0.37 1.90
CA ILE A 96 8.97 -0.83 2.08
C ILE A 96 8.95 -1.72 0.83
N PHE A 97 8.90 -3.03 1.05
CA PHE A 97 8.91 -4.00 -0.05
C PHE A 97 7.52 -4.63 -0.27
N ILE A 98 7.02 -4.58 -1.50
CA ILE A 98 5.77 -5.25 -1.87
C ILE A 98 5.97 -6.16 -3.10
N PRO A 99 5.55 -7.43 -3.03
CA PRO A 99 5.65 -8.36 -4.17
C PRO A 99 4.91 -7.84 -5.42
N MET A 100 5.47 -8.10 -6.59
CA MET A 100 4.89 -7.63 -7.86
C MET A 100 3.48 -8.20 -8.07
N GLY A 101 2.47 -7.36 -7.85
CA GLY A 101 1.09 -7.80 -8.01
C GLY A 101 0.12 -6.64 -8.19
N PRO A 102 -1.20 -6.92 -8.30
CA PRO A 102 -2.22 -5.87 -8.52
C PRO A 102 -2.20 -4.82 -7.41
N TYR A 103 -1.91 -5.27 -6.19
CA TYR A 103 -1.75 -4.37 -5.04
C TYR A 103 -0.65 -3.33 -5.31
N ALA A 104 0.51 -3.82 -5.76
CA ALA A 104 1.62 -2.94 -6.13
C ALA A 104 1.25 -2.04 -7.32
N ASN A 105 0.58 -2.60 -8.33
CA ASN A 105 0.18 -1.84 -9.53
C ASN A 105 -0.77 -0.67 -9.19
N MET A 106 -1.23 -0.60 -7.95
CA MET A 106 -2.07 0.52 -7.49
C MET A 106 -1.23 1.73 -7.08
N VAL A 107 0.05 1.51 -6.78
CA VAL A 107 0.93 2.55 -6.24
C VAL A 107 2.27 2.67 -6.98
N ILE A 108 2.60 1.71 -7.82
CA ILE A 108 3.89 1.72 -8.52
C ILE A 108 3.77 2.31 -9.95
N ASP A 109 4.89 2.35 -10.66
CA ASP A 109 4.93 2.85 -12.04
C ASP A 109 4.72 1.72 -13.06
N PRO A 110 3.54 1.68 -13.72
CA PRO A 110 3.23 0.64 -14.72
C PRO A 110 3.83 0.93 -16.11
N SER A 111 4.63 1.99 -16.23
CA SER A 111 5.26 2.34 -17.51
C SER A 111 6.40 1.37 -17.86
N THR A 112 7.14 0.95 -16.83
CA THR A 112 8.21 -0.05 -17.01
C THR A 112 7.66 -1.48 -17.02
N ASP A 113 8.39 -2.39 -17.66
CA ASP A 113 8.01 -3.80 -17.70
C ASP A 113 8.97 -4.66 -16.85
N GLY A 114 9.94 -4.01 -16.19
CA GLY A 114 10.95 -4.73 -15.42
C GLY A 114 11.76 -5.69 -16.27
N THR A 115 12.26 -5.21 -17.40
CA THR A 115 13.00 -6.04 -18.37
C THR A 115 14.52 -5.90 -18.19
N GLY A 116 15.23 -7.02 -18.32
CA GLY A 116 16.69 -6.99 -18.35
C GLY A 116 17.35 -7.39 -17.03
N MET A 117 18.14 -6.49 -16.46
CA MET A 117 18.93 -6.79 -15.26
C MET A 117 18.12 -6.61 -13.97
N PRO A 118 18.38 -7.46 -12.95
CA PRO A 118 17.64 -7.44 -11.69
C PRO A 118 18.06 -6.28 -10.77
N GLN A 119 17.29 -5.18 -10.81
CA GLN A 119 17.53 -4.03 -9.92
C GLN A 119 16.73 -4.17 -8.62
N PHE A 120 16.88 -3.21 -7.72
CA PHE A 120 16.19 -3.22 -6.43
C PHE A 120 15.49 -1.88 -6.16
N LYS A 121 15.29 -1.11 -7.22
CA LYS A 121 14.66 0.21 -7.12
C LYS A 121 13.13 0.11 -7.09
N GLY A 122 12.49 0.94 -6.28
CA GLY A 122 11.03 0.96 -6.21
C GLY A 122 10.44 2.36 -6.39
N VAL A 123 9.11 2.46 -6.33
CA VAL A 123 8.40 3.74 -6.46
C VAL A 123 8.10 4.38 -5.09
N LYS A 124 8.57 5.61 -4.89
CA LYS A 124 8.41 6.31 -3.61
C LYS A 124 6.97 6.83 -3.41
N GLY A 125 6.53 6.84 -2.15
CA GLY A 125 5.19 7.31 -1.80
C GLY A 125 4.99 7.46 -0.29
N THR A 126 3.74 7.44 0.17
CA THR A 126 3.43 7.58 1.60
C THR A 126 2.58 6.40 2.11
N VAL A 127 2.90 5.92 3.30
CA VAL A 127 2.15 4.81 3.91
C VAL A 127 1.65 5.14 5.31
N GLU A 128 0.45 4.65 5.65
CA GLU A 128 -0.10 4.80 7.00
C GLU A 128 -1.10 3.68 7.31
N LYS A 129 -1.32 3.40 8.60
CA LYS A 129 -2.27 2.38 9.03
C LYS A 129 -3.71 2.83 8.80
N THR A 130 -4.58 1.91 8.39
CA THR A 130 -5.97 2.24 8.04
C THR A 130 -6.96 1.28 8.69
N ASP A 131 -8.22 1.71 8.77
CA ASP A 131 -9.29 0.90 9.35
C ASP A 131 -10.01 0.08 8.26
N GLU A 132 -9.72 0.40 7.00
CA GLU A 132 -10.35 -0.29 5.86
C GLU A 132 -9.92 -1.76 5.77
N LYS A 133 -10.61 -2.52 4.93
CA LYS A 133 -10.26 -3.92 4.67
C LYS A 133 -9.21 -4.03 3.56
N VAL A 134 -8.40 -5.08 3.59
CA VAL A 134 -7.42 -5.34 2.53
C VAL A 134 -8.13 -5.57 1.18
N LEU A 135 -7.69 -4.85 0.14
CA LEU A 135 -8.29 -4.99 -1.18
C LEU A 135 -8.03 -6.37 -1.78
N SER A 136 -8.94 -7.31 -1.52
CA SER A 136 -8.83 -8.67 -2.06
C SER A 136 -8.56 -8.64 -3.57
N VAL A 137 -7.83 -9.65 -4.07
CA VAL A 137 -7.42 -9.70 -5.48
C VAL A 137 -8.58 -9.34 -6.43
N LYS A 138 -9.75 -9.91 -6.17
CA LYS A 138 -10.95 -9.63 -6.98
C LYS A 138 -11.50 -8.22 -6.71
N GLU A 139 -11.55 -7.82 -5.44
CA GLU A 139 -12.08 -6.50 -5.06
C GLU A 139 -11.22 -5.39 -5.69
N LEU A 140 -9.93 -5.68 -5.83
CA LEU A 140 -9.00 -4.76 -6.47
C LEU A 140 -9.33 -4.59 -7.96
N LEU A 141 -9.75 -5.69 -8.60
CA LEU A 141 -10.21 -5.64 -10.00
C LEU A 141 -11.40 -4.68 -10.14
N GLU A 142 -12.33 -4.81 -9.19
CA GLU A 142 -13.51 -3.95 -9.12
C GLU A 142 -13.13 -2.50 -8.76
N ALA A 143 -12.15 -2.36 -7.87
CA ALA A 143 -11.67 -1.05 -7.45
C ALA A 143 -11.13 -0.24 -8.65
N ILE A 144 -10.30 -0.87 -9.48
CA ILE A 144 -9.78 -0.22 -10.68
C ILE A 144 -10.82 -0.23 -11.83
N GLY A 145 -11.75 -1.19 -11.77
CA GLY A 145 -12.88 -1.22 -12.69
C GLY A 145 -12.51 -1.52 -14.14
N SER A 146 -11.74 -2.58 -14.37
CA SER A 146 -11.34 -2.97 -15.73
C SER A 146 -10.78 -4.39 -15.77
N MET A 1 -51.51 -27.16 -1.82
CA MET A 1 -50.76 -26.21 -0.95
C MET A 1 -49.91 -25.23 -1.77
N GLY A 2 -49.33 -24.25 -1.10
CA GLY A 2 -48.51 -23.24 -1.78
C GLY A 2 -48.11 -22.08 -0.87
N SER A 3 -46.98 -22.22 -0.18
CA SER A 3 -46.52 -21.21 0.79
C SER A 3 -46.23 -19.85 0.12
N SER A 4 -47.11 -18.88 0.37
CA SER A 4 -46.98 -17.55 -0.24
C SER A 4 -46.70 -16.47 0.82
N HIS A 5 -45.72 -15.61 0.55
CA HIS A 5 -45.40 -14.47 1.41
C HIS A 5 -44.80 -13.31 0.60
N HIS A 6 -44.89 -12.09 1.15
CA HIS A 6 -44.35 -10.90 0.47
C HIS A 6 -43.73 -9.92 1.48
N HIS A 7 -42.47 -9.56 1.24
CA HIS A 7 -41.69 -8.74 2.18
C HIS A 7 -40.82 -7.68 1.47
N HIS A 8 -40.86 -6.45 1.97
CA HIS A 8 -40.06 -5.35 1.41
C HIS A 8 -38.68 -5.23 2.10
N HIS A 9 -37.82 -4.35 1.59
CA HIS A 9 -36.47 -4.15 2.16
C HIS A 9 -36.02 -2.68 2.12
N HIS A 10 -35.33 -2.27 3.19
CA HIS A 10 -34.63 -0.97 3.23
C HIS A 10 -33.19 -1.18 3.75
N SER A 11 -32.21 -0.99 2.87
CA SER A 11 -30.81 -1.37 3.16
C SER A 11 -30.17 -0.59 4.32
N SER A 12 -29.89 0.70 4.13
CA SER A 12 -29.17 1.53 5.13
C SER A 12 -27.71 1.06 5.31
N GLY A 13 -26.77 1.83 4.75
CA GLY A 13 -25.36 1.47 4.83
C GLY A 13 -24.43 2.68 4.84
N ARG A 14 -24.19 3.24 6.02
CA ARG A 14 -23.34 4.44 6.15
C ARG A 14 -21.87 4.06 6.37
N GLU A 15 -20.96 4.83 5.76
CA GLU A 15 -19.51 4.58 5.88
C GLU A 15 -18.88 5.36 7.05
N ASN A 16 -17.83 4.79 7.63
CA ASN A 16 -17.13 5.40 8.79
C ASN A 16 -15.74 5.94 8.41
N LEU A 17 -15.56 7.26 8.48
CA LEU A 17 -14.26 7.88 8.18
C LEU A 17 -13.71 8.67 9.37
N TYR A 18 -12.42 8.98 9.32
CA TYR A 18 -11.73 9.73 10.38
C TYR A 18 -10.86 10.86 9.79
N PHE A 19 -10.36 11.74 10.65
CA PHE A 19 -9.49 12.84 10.20
C PHE A 19 -8.01 12.58 10.53
N GLN A 20 -7.22 12.36 9.48
CA GLN A 20 -5.77 12.16 9.60
C GLN A 20 -5.36 10.85 10.30
N GLY A 21 -4.10 10.49 10.08
CA GLY A 21 -3.52 9.33 10.72
C GLY A 21 -2.00 9.35 10.62
N HIS A 22 -1.32 8.48 11.37
CA HIS A 22 0.14 8.48 11.38
C HIS A 22 0.68 7.76 10.13
N MET A 23 1.16 8.54 9.16
CA MET A 23 1.78 7.99 7.94
C MET A 23 3.29 8.27 7.89
N LEU A 24 3.97 7.59 6.98
CA LEU A 24 5.41 7.78 6.76
C LEU A 24 5.75 7.88 5.28
N GLU A 25 6.65 8.80 4.94
CA GLU A 25 7.13 8.97 3.56
C GLU A 25 8.26 8.00 3.26
N VAL A 26 7.98 7.08 2.35
CA VAL A 26 8.88 5.94 2.08
C VAL A 26 9.07 5.70 0.57
N GLU A 27 10.05 4.86 0.22
CA GLU A 27 10.21 4.41 -1.17
C GLU A 27 9.65 2.99 -1.33
N VAL A 28 8.84 2.79 -2.37
CA VAL A 28 8.18 1.50 -2.62
C VAL A 28 8.81 0.73 -3.79
N ILE A 29 9.47 -0.38 -3.49
CA ILE A 29 10.03 -1.27 -4.53
C ILE A 29 9.12 -2.48 -4.78
N SER A 30 9.13 -3.00 -6.00
CA SER A 30 8.30 -4.15 -6.37
C SER A 30 9.15 -5.29 -6.95
N GLY A 31 9.27 -6.37 -6.19
CA GLY A 31 10.03 -7.54 -6.64
C GLY A 31 9.15 -8.59 -7.32
N ARG A 32 9.48 -8.96 -8.55
CA ARG A 32 8.64 -9.88 -9.33
C ARG A 32 8.78 -11.33 -8.86
N THR A 33 7.80 -11.78 -8.09
CA THR A 33 7.72 -13.18 -7.62
C THR A 33 6.31 -13.74 -7.84
N LEU A 34 6.13 -15.02 -7.53
CA LEU A 34 4.83 -15.71 -7.74
C LEU A 34 4.49 -15.84 -9.24
N ASN A 35 4.17 -14.72 -9.88
CA ASN A 35 3.78 -14.71 -11.29
C ASN A 35 4.92 -14.18 -12.17
N GLN A 36 5.49 -15.06 -12.98
CA GLN A 36 6.60 -14.71 -13.88
C GLN A 36 6.15 -14.68 -15.35
N GLY A 37 5.14 -15.50 -15.69
CA GLY A 37 4.68 -15.58 -17.07
C GLY A 37 3.21 -15.99 -17.21
N ALA A 38 2.34 -15.38 -16.41
CA ALA A 38 0.89 -15.60 -16.52
C ALA A 38 0.11 -14.32 -16.23
N THR A 39 -1.21 -14.40 -16.33
CA THR A 39 -2.08 -13.27 -15.94
C THR A 39 -2.61 -13.48 -14.52
N VAL A 40 -3.33 -12.48 -13.99
CA VAL A 40 -3.87 -12.58 -12.64
C VAL A 40 -4.92 -13.69 -12.53
N GLU A 41 -5.75 -13.83 -13.57
CA GLU A 41 -6.80 -14.84 -13.59
C GLU A 41 -6.22 -16.27 -13.61
N GLU A 42 -5.17 -16.46 -14.43
CA GLU A 42 -4.49 -17.76 -14.55
C GLU A 42 -4.07 -18.30 -13.17
N LYS A 43 -3.72 -17.40 -12.27
CA LYS A 43 -3.21 -17.78 -10.95
C LYS A 43 -4.06 -17.16 -9.82
N LEU A 44 -5.34 -16.86 -10.13
CA LEU A 44 -6.27 -16.17 -9.20
C LEU A 44 -6.40 -16.89 -7.84
N THR A 45 -5.92 -18.13 -7.76
CA THR A 45 -6.05 -18.95 -6.54
C THR A 45 -5.39 -18.30 -5.30
N GLU A 46 -5.50 -18.98 -4.16
CA GLU A 46 -4.99 -18.48 -2.87
C GLU A 46 -3.55 -17.94 -2.96
N GLU A 47 -2.72 -18.58 -3.79
CA GLU A 47 -1.33 -18.17 -3.98
C GLU A 47 -1.22 -16.69 -4.43
N TYR A 48 -2.17 -16.22 -5.22
CA TYR A 48 -2.21 -14.80 -5.62
C TYR A 48 -2.73 -13.93 -4.47
N PHE A 49 -3.47 -14.54 -3.56
CA PHE A 49 -4.07 -13.83 -2.42
C PHE A 49 -3.13 -13.85 -1.18
N ASN A 50 -1.96 -14.47 -1.29
CA ASN A 50 -0.99 -14.46 -0.19
C ASN A 50 0.37 -13.86 -0.59
N ALA A 51 0.89 -14.22 -1.76
CA ALA A 51 2.25 -13.83 -2.18
C ALA A 51 2.39 -12.32 -2.50
N VAL A 52 1.31 -11.69 -2.99
CA VAL A 52 1.38 -10.26 -3.37
C VAL A 52 0.42 -9.37 -2.55
N ASN A 53 -0.08 -9.89 -1.42
CA ASN A 53 -1.09 -9.16 -0.63
C ASN A 53 -0.52 -8.53 0.64
N TYR A 54 0.80 -8.38 0.71
CA TYR A 54 1.45 -7.83 1.91
C TYR A 54 2.62 -6.90 1.56
N ALA A 55 3.11 -6.18 2.56
CA ALA A 55 4.26 -5.28 2.39
C ALA A 55 5.26 -5.42 3.55
N GLU A 56 6.55 -5.31 3.25
CA GLU A 56 7.60 -5.38 4.26
C GLU A 56 8.03 -3.98 4.71
N ILE A 57 7.75 -3.64 5.98
CA ILE A 57 8.11 -2.34 6.55
C ILE A 57 9.22 -2.50 7.60
N ASN A 58 10.09 -1.49 7.70
CA ASN A 58 11.15 -1.47 8.72
C ASN A 58 10.56 -1.38 10.14
N GLU A 59 11.18 -2.06 11.10
CA GLU A 59 10.63 -2.13 12.46
C GLU A 59 10.46 -0.75 13.12
N GLU A 60 11.40 0.18 12.89
CA GLU A 60 11.27 1.54 13.42
C GLU A 60 10.00 2.22 12.89
N ASP A 61 9.79 2.15 11.58
CA ASP A 61 8.59 2.68 10.95
C ASP A 61 7.34 1.92 11.44
N TRP A 62 7.49 0.62 11.61
CA TRP A 62 6.43 -0.24 12.15
C TRP A 62 5.91 0.30 13.49
N ASN A 63 6.84 0.57 14.41
CA ASN A 63 6.50 1.13 15.72
C ASN A 63 5.99 2.57 15.59
N ALA A 64 6.55 3.33 14.64
CA ALA A 64 6.11 4.70 14.38
C ALA A 64 4.64 4.76 13.93
N LEU A 65 4.25 3.79 13.10
CA LEU A 65 2.87 3.70 12.61
C LEU A 65 1.94 3.07 13.65
N GLY A 66 2.52 2.42 14.66
CA GLY A 66 1.74 1.67 15.63
C GLY A 66 1.05 0.46 14.99
N LEU A 67 1.85 -0.38 14.34
CA LEU A 67 1.32 -1.55 13.62
C LEU A 67 1.28 -2.82 14.49
N GLN A 68 0.45 -3.77 14.06
CA GLN A 68 0.29 -5.06 14.72
C GLN A 68 0.44 -6.18 13.68
N GLU A 69 1.31 -7.15 13.97
CA GLU A 69 1.66 -8.18 12.98
C GLU A 69 0.43 -8.85 12.34
N GLY A 70 0.08 -8.39 11.15
CA GLY A 70 -1.07 -8.91 10.42
C GLY A 70 -2.22 -7.91 10.26
N ASP A 71 -1.96 -6.63 10.54
CA ASP A 71 -2.99 -5.59 10.41
C ASP A 71 -3.03 -4.98 8.99
N ARG A 72 -3.77 -3.88 8.84
CA ARG A 72 -4.01 -3.27 7.51
C ARG A 72 -3.27 -1.94 7.35
N VAL A 73 -2.50 -1.81 6.28
CA VAL A 73 -1.82 -0.56 5.94
C VAL A 73 -2.18 -0.07 4.53
N LYS A 74 -2.41 1.23 4.39
CA LYS A 74 -2.71 1.83 3.08
C LYS A 74 -1.48 2.54 2.51
N VAL A 75 -1.11 2.17 1.29
CA VAL A 75 0.01 2.80 0.59
C VAL A 75 -0.52 3.74 -0.49
N LYS A 76 0.00 4.96 -0.53
CA LYS A 76 -0.56 5.99 -1.41
C LYS A 76 0.54 6.75 -2.17
N THR A 77 0.34 6.91 -3.47
CA THR A 77 1.34 7.57 -4.34
C THR A 77 0.66 8.49 -5.37
N GLU A 78 1.45 8.99 -6.31
CA GLU A 78 0.95 9.80 -7.42
C GLU A 78 0.02 9.00 -8.35
N PHE A 79 0.11 7.67 -8.27
CA PHE A 79 -0.71 6.78 -9.11
C PHE A 79 -2.07 6.47 -8.46
N GLY A 80 -2.04 5.96 -7.23
CA GLY A 80 -3.27 5.64 -6.52
C GLY A 80 -3.02 5.16 -5.10
N GLU A 81 -3.95 4.37 -4.56
CA GLU A 81 -3.80 3.82 -3.20
C GLU A 81 -4.21 2.34 -3.14
N VAL A 82 -3.64 1.60 -2.18
CA VAL A 82 -3.99 0.20 -1.97
C VAL A 82 -3.82 -0.20 -0.51
N VAL A 83 -4.67 -1.09 -0.01
CA VAL A 83 -4.57 -1.58 1.37
C VAL A 83 -4.13 -3.05 1.40
N VAL A 84 -2.97 -3.31 2.01
CA VAL A 84 -2.39 -4.66 2.09
C VAL A 84 -2.08 -5.04 3.55
N PHE A 85 -1.68 -6.29 3.76
CA PHE A 85 -1.28 -6.75 5.10
C PHE A 85 0.14 -6.28 5.46
N ALA A 86 0.30 -5.74 6.67
CA ALA A 86 1.61 -5.25 7.12
C ALA A 86 2.49 -6.37 7.69
N LYS A 87 3.71 -6.49 7.16
CA LYS A 87 4.70 -7.45 7.68
C LYS A 87 6.05 -6.79 7.88
N LYS A 88 6.81 -7.32 8.83
CA LYS A 88 8.07 -6.72 9.24
C LYS A 88 9.24 -7.27 8.41
N GLY A 89 9.97 -6.39 7.73
CA GLY A 89 11.04 -6.81 6.82
C GLY A 89 12.42 -6.27 7.19
N ASP A 90 13.42 -6.60 6.38
CA ASP A 90 14.80 -6.17 6.60
C ASP A 90 15.13 -4.87 5.85
N VAL A 91 14.11 -4.25 5.28
CA VAL A 91 14.28 -3.00 4.51
C VAL A 91 14.79 -1.85 5.41
N PRO A 92 15.51 -0.86 4.83
CA PRO A 92 15.97 0.33 5.57
C PRO A 92 14.81 1.27 5.95
N LYS A 93 15.01 2.10 6.98
CA LYS A 93 13.95 2.98 7.45
C LYS A 93 13.57 4.03 6.38
N GLY A 94 12.28 4.35 6.29
CA GLY A 94 11.80 5.21 5.22
C GLY A 94 11.77 4.52 3.86
N MET A 95 11.66 3.19 3.86
CA MET A 95 11.64 2.41 2.64
C MET A 95 10.90 1.08 2.87
N ILE A 96 10.05 0.67 1.92
CA ILE A 96 9.25 -0.56 2.08
C ILE A 96 9.26 -1.42 0.81
N PHE A 97 9.22 -2.74 0.99
CA PHE A 97 9.21 -3.69 -0.13
C PHE A 97 7.81 -4.27 -0.35
N ILE A 98 7.39 -4.32 -1.61
CA ILE A 98 6.11 -4.95 -1.99
C ILE A 98 6.31 -5.92 -3.15
N PRO A 99 5.75 -7.15 -3.08
CA PRO A 99 5.79 -8.10 -4.20
C PRO A 99 5.07 -7.57 -5.45
N MET A 100 5.74 -7.61 -6.59
CA MET A 100 5.20 -7.06 -7.85
C MET A 100 3.86 -7.72 -8.20
N GLY A 101 2.77 -6.99 -7.99
CA GLY A 101 1.44 -7.52 -8.28
C GLY A 101 0.39 -6.44 -8.45
N PRO A 102 -0.89 -6.81 -8.62
CA PRO A 102 -1.98 -5.83 -8.82
C PRO A 102 -2.06 -4.81 -7.68
N TYR A 103 -1.73 -5.25 -6.47
CA TYR A 103 -1.68 -4.36 -5.31
C TYR A 103 -0.58 -3.29 -5.52
N ALA A 104 0.62 -3.74 -5.87
CA ALA A 104 1.73 -2.84 -6.18
C ALA A 104 1.40 -1.90 -7.35
N ASN A 105 0.76 -2.45 -8.39
CA ASN A 105 0.35 -1.66 -9.58
C ASN A 105 -0.47 -0.42 -9.19
N MET A 106 -1.19 -0.52 -8.07
CA MET A 106 -2.02 0.59 -7.57
C MET A 106 -1.16 1.79 -7.13
N VAL A 107 0.10 1.54 -6.78
CA VAL A 107 0.96 2.58 -6.21
C VAL A 107 2.31 2.73 -6.95
N ILE A 108 2.64 1.77 -7.81
CA ILE A 108 3.92 1.82 -8.53
C ILE A 108 3.71 2.16 -10.02
N ASP A 109 4.81 2.21 -10.77
CA ASP A 109 4.76 2.40 -12.22
C ASP A 109 5.07 1.07 -12.94
N PRO A 110 4.05 0.44 -13.55
CA PRO A 110 4.23 -0.86 -14.23
C PRO A 110 4.84 -0.75 -15.64
N SER A 111 5.40 0.43 -15.97
CA SER A 111 6.00 0.65 -17.29
C SER A 111 7.42 0.08 -17.38
N THR A 112 8.03 -0.18 -16.23
CA THR A 112 9.40 -0.74 -16.19
C THR A 112 9.39 -2.26 -16.01
N ASP A 113 9.76 -2.99 -17.06
CA ASP A 113 9.85 -4.45 -17.01
C ASP A 113 11.09 -4.93 -16.24
N GLY A 114 11.03 -4.84 -14.91
CA GLY A 114 12.12 -5.31 -14.06
C GLY A 114 13.44 -4.57 -14.28
N THR A 115 14.52 -5.12 -13.74
CA THR A 115 15.86 -4.54 -13.89
C THR A 115 16.90 -5.63 -14.18
N GLY A 116 17.02 -6.59 -13.26
CA GLY A 116 17.99 -7.67 -13.41
C GLY A 116 19.09 -7.59 -12.34
N MET A 117 19.12 -8.57 -11.43
CA MET A 117 20.04 -8.55 -10.28
C MET A 117 19.68 -7.43 -9.28
N PRO A 118 20.12 -7.52 -8.01
CA PRO A 118 19.79 -6.53 -6.97
C PRO A 118 20.20 -5.09 -7.33
N GLN A 119 19.26 -4.33 -7.87
CA GLN A 119 19.50 -2.91 -8.22
C GLN A 119 18.67 -1.94 -7.36
N PHE A 120 17.56 -2.43 -6.80
CA PHE A 120 16.69 -1.61 -5.91
C PHE A 120 16.10 -0.39 -6.63
N LYS A 121 15.67 0.61 -5.84
CA LYS A 121 15.13 1.89 -6.36
C LYS A 121 13.71 1.75 -6.92
N GLY A 122 12.71 2.09 -6.09
CA GLY A 122 11.31 1.96 -6.46
C GLY A 122 10.58 3.30 -6.63
N VAL A 123 9.26 3.26 -6.51
CA VAL A 123 8.41 4.46 -6.64
C VAL A 123 8.15 5.11 -5.27
N LYS A 124 8.29 6.42 -5.16
CA LYS A 124 8.08 7.14 -3.89
C LYS A 124 6.59 7.28 -3.53
N GLY A 125 6.28 7.12 -2.25
CA GLY A 125 4.92 7.29 -1.76
C GLY A 125 4.83 7.32 -0.24
N THR A 126 3.62 7.17 0.30
CA THR A 126 3.39 7.16 1.75
C THR A 126 2.72 5.87 2.21
N VAL A 127 2.92 5.51 3.47
CA VAL A 127 2.21 4.38 4.08
C VAL A 127 1.58 4.81 5.41
N GLU A 128 0.39 4.31 5.72
CA GLU A 128 -0.32 4.76 6.92
C GLU A 128 -1.09 3.64 7.62
N LYS A 129 -1.18 3.75 8.96
CA LYS A 129 -2.08 2.91 9.75
C LYS A 129 -3.52 3.41 9.61
N THR A 130 -4.35 2.65 8.91
CA THR A 130 -5.72 3.07 8.57
C THR A 130 -6.77 2.08 9.08
N ASP A 131 -8.01 2.55 9.14
CA ASP A 131 -9.16 1.74 9.57
C ASP A 131 -9.66 0.84 8.40
N GLU A 132 -9.18 1.12 7.21
CA GLU A 132 -9.60 0.41 5.99
C GLU A 132 -9.30 -1.09 6.03
N LYS A 133 -10.01 -1.84 5.20
CA LYS A 133 -9.78 -3.28 5.04
C LYS A 133 -8.82 -3.57 3.88
N VAL A 134 -8.22 -4.75 3.87
CA VAL A 134 -7.39 -5.18 2.74
C VAL A 134 -8.26 -5.52 1.53
N LEU A 135 -7.84 -5.08 0.35
CA LEU A 135 -8.57 -5.37 -0.88
C LEU A 135 -8.39 -6.83 -1.30
N SER A 136 -9.49 -7.51 -1.64
CA SER A 136 -9.40 -8.84 -2.25
C SER A 136 -8.93 -8.70 -3.71
N VAL A 137 -8.19 -9.68 -4.21
CA VAL A 137 -7.58 -9.58 -5.54
C VAL A 137 -8.54 -9.06 -6.62
N LYS A 138 -9.71 -9.67 -6.74
CA LYS A 138 -10.71 -9.24 -7.72
C LYS A 138 -11.37 -7.91 -7.31
N GLU A 139 -11.59 -7.71 -6.00
CA GLU A 139 -12.20 -6.47 -5.50
C GLU A 139 -11.31 -5.27 -5.86
N LEU A 140 -10.01 -5.51 -5.87
CA LEU A 140 -9.03 -4.56 -6.36
C LEU A 140 -9.29 -4.25 -7.85
N LEU A 141 -9.57 -5.29 -8.63
CA LEU A 141 -9.89 -5.12 -10.06
C LEU A 141 -11.17 -4.29 -10.21
N GLU A 142 -12.15 -4.56 -9.35
CA GLU A 142 -13.40 -3.79 -9.31
C GLU A 142 -13.14 -2.33 -8.91
N ALA A 143 -12.17 -2.13 -8.02
CA ALA A 143 -11.77 -0.77 -7.59
C ALA A 143 -11.16 0.04 -8.74
N ILE A 144 -10.41 -0.63 -9.62
CA ILE A 144 -9.82 0.04 -10.80
C ILE A 144 -10.77 0.02 -12.01
N GLY A 145 -11.79 -0.85 -11.96
CA GLY A 145 -12.77 -0.92 -13.04
C GLY A 145 -12.57 -2.10 -13.99
N SER A 146 -11.48 -2.83 -13.83
CA SER A 146 -11.17 -3.99 -14.70
C SER A 146 -11.58 -5.32 -14.07
N MET A 1 11.47 33.51 35.23
CA MET A 1 11.07 32.16 34.73
C MET A 1 11.21 32.05 33.21
N GLY A 2 10.69 33.04 32.48
CA GLY A 2 10.79 33.01 31.03
C GLY A 2 9.86 34.00 30.33
N SER A 3 10.43 34.95 29.60
CA SER A 3 9.65 35.94 28.83
C SER A 3 9.36 35.42 27.41
N SER A 4 8.16 34.88 27.22
CA SER A 4 7.75 34.32 25.92
C SER A 4 7.79 35.37 24.79
N HIS A 5 8.55 35.07 23.74
CA HIS A 5 8.64 35.97 22.58
C HIS A 5 7.63 35.58 21.50
N HIS A 6 7.23 36.54 20.66
CA HIS A 6 6.23 36.29 19.61
C HIS A 6 6.72 36.78 18.22
N HIS A 7 6.44 35.97 17.20
CA HIS A 7 6.82 36.30 15.81
C HIS A 7 5.57 36.49 14.93
N HIS A 8 5.31 37.74 14.53
CA HIS A 8 4.10 38.10 13.79
C HIS A 8 4.11 37.63 12.32
N HIS A 9 2.92 37.48 11.74
CA HIS A 9 2.76 37.14 10.32
C HIS A 9 1.68 38.02 9.65
N HIS A 10 1.49 37.86 8.35
CA HIS A 10 0.42 38.56 7.63
C HIS A 10 -0.89 37.75 7.67
N SER A 11 -2.01 38.42 7.37
CA SER A 11 -3.32 37.77 7.37
C SER A 11 -3.51 36.89 6.12
N SER A 12 -3.03 35.65 6.18
CA SER A 12 -3.22 34.69 5.09
C SER A 12 -4.38 33.73 5.40
N GLY A 13 -4.70 32.86 4.45
CA GLY A 13 -5.84 31.95 4.61
C GLY A 13 -5.46 30.48 4.77
N ARG A 14 -4.19 30.20 5.08
CA ARG A 14 -3.73 28.81 5.23
C ARG A 14 -4.24 28.17 6.53
N GLU A 15 -5.27 27.34 6.39
CA GLU A 15 -5.85 26.58 7.50
C GLU A 15 -5.06 25.28 7.76
N ASN A 16 -5.65 24.36 8.53
CA ASN A 16 -5.04 23.06 8.80
C ASN A 16 -6.12 21.97 8.98
N LEU A 17 -6.95 22.13 10.01
CA LEU A 17 -8.01 21.16 10.36
C LEU A 17 -7.46 19.84 10.90
N TYR A 18 -7.79 19.56 12.17
CA TYR A 18 -7.40 18.32 12.87
C TYR A 18 -5.89 18.22 13.12
N PHE A 19 -5.50 17.23 13.93
CA PHE A 19 -4.09 16.97 14.25
C PHE A 19 -3.85 15.46 14.47
N GLN A 20 -4.54 14.64 13.67
CA GLN A 20 -4.47 13.18 13.81
C GLN A 20 -4.36 12.48 12.44
N GLY A 21 -3.91 11.23 12.45
CA GLY A 21 -3.79 10.45 11.22
C GLY A 21 -2.55 10.83 10.40
N HIS A 22 -1.38 10.43 10.87
CA HIS A 22 -0.12 10.73 10.17
C HIS A 22 0.37 9.53 9.33
N MET A 23 0.82 9.82 8.11
CA MET A 23 1.45 8.81 7.25
C MET A 23 2.97 8.98 7.21
N LEU A 24 3.67 7.89 6.92
CA LEU A 24 5.14 7.93 6.81
C LEU A 24 5.60 7.87 5.34
N GLU A 25 6.43 8.83 4.96
CA GLU A 25 6.99 8.87 3.60
C GLU A 25 8.02 7.77 3.38
N VAL A 26 7.65 6.84 2.50
CA VAL A 26 8.44 5.64 2.24
C VAL A 26 8.59 5.38 0.73
N GLU A 27 9.62 4.63 0.35
CA GLU A 27 9.80 4.23 -1.05
C GLU A 27 9.28 2.81 -1.29
N VAL A 28 8.27 2.69 -2.15
CA VAL A 28 7.56 1.43 -2.39
C VAL A 28 8.19 0.63 -3.54
N ILE A 29 8.82 -0.50 -3.22
CA ILE A 29 9.49 -1.31 -4.23
C ILE A 29 8.58 -2.45 -4.73
N SER A 30 8.90 -2.98 -5.92
CA SER A 30 8.13 -4.09 -6.50
C SER A 30 9.02 -5.30 -6.78
N GLY A 31 8.81 -6.39 -6.03
CA GLY A 31 9.62 -7.60 -6.20
C GLY A 31 9.27 -8.39 -7.46
N ARG A 32 10.24 -8.53 -8.37
CA ARG A 32 10.02 -9.19 -9.66
C ARG A 32 9.98 -10.72 -9.56
N THR A 33 9.81 -11.25 -8.34
CA THR A 33 9.68 -12.70 -8.13
C THR A 33 8.42 -13.26 -8.81
N LEU A 34 7.30 -12.53 -8.70
CA LEU A 34 6.03 -12.94 -9.33
C LEU A 34 5.64 -12.02 -10.49
N ASN A 35 4.70 -12.50 -11.31
CA ASN A 35 4.19 -11.76 -12.48
C ASN A 35 5.30 -11.42 -13.49
N GLN A 36 5.48 -12.30 -14.47
CA GLN A 36 6.43 -12.08 -15.56
C GLN A 36 5.74 -11.40 -16.75
N GLY A 37 4.45 -11.08 -16.58
CA GLY A 37 3.65 -10.51 -17.64
C GLY A 37 2.34 -11.27 -17.84
N ALA A 38 1.64 -11.52 -16.74
CA ALA A 38 0.40 -12.32 -16.77
C ALA A 38 -0.71 -11.67 -15.94
N THR A 39 -1.94 -11.77 -16.42
CA THR A 39 -3.10 -11.28 -15.67
C THR A 39 -3.34 -12.10 -14.40
N VAL A 40 -4.01 -11.52 -13.41
CA VAL A 40 -4.31 -12.24 -12.17
C VAL A 40 -5.15 -13.50 -12.43
N GLU A 41 -5.93 -13.47 -13.52
CA GLU A 41 -6.75 -14.61 -13.93
C GLU A 41 -5.87 -15.78 -14.38
N GLU A 42 -4.73 -15.45 -14.98
CA GLU A 42 -3.75 -16.45 -15.45
C GLU A 42 -3.40 -17.45 -14.33
N LYS A 43 -3.31 -16.96 -13.09
CA LYS A 43 -3.06 -17.81 -11.93
C LYS A 43 -4.34 -17.98 -11.09
N LEU A 44 -4.86 -16.85 -10.56
CA LEU A 44 -6.16 -16.78 -9.86
C LEU A 44 -6.21 -17.51 -8.49
N THR A 45 -5.45 -18.59 -8.32
CA THR A 45 -5.46 -19.36 -7.07
C THR A 45 -5.17 -18.48 -5.84
N GLU A 46 -5.65 -18.91 -4.67
CA GLU A 46 -5.45 -18.16 -3.42
C GLU A 46 -3.97 -17.92 -3.12
N GLU A 47 -3.11 -18.81 -3.62
CA GLU A 47 -1.65 -18.62 -3.49
C GLU A 47 -1.21 -17.28 -4.09
N TYR A 48 -1.87 -16.88 -5.20
CA TYR A 48 -1.63 -15.57 -5.82
C TYR A 48 -1.96 -14.45 -4.81
N PHE A 49 -3.05 -14.65 -4.07
CA PHE A 49 -3.51 -13.71 -3.05
C PHE A 49 -2.48 -13.57 -1.93
N ASN A 50 -2.27 -14.66 -1.20
CA ASN A 50 -1.36 -14.67 -0.04
C ASN A 50 0.07 -14.25 -0.40
N ALA A 51 0.44 -14.37 -1.68
CA ALA A 51 1.80 -14.05 -2.14
C ALA A 51 2.02 -12.54 -2.35
N VAL A 52 0.97 -11.81 -2.77
CA VAL A 52 1.12 -10.38 -3.10
C VAL A 52 0.30 -9.46 -2.18
N ASN A 53 -0.36 -10.01 -1.16
CA ASN A 53 -1.22 -9.21 -0.26
C ASN A 53 -0.50 -8.73 1.00
N TYR A 54 0.82 -8.53 0.94
CA TYR A 54 1.55 -8.03 2.12
C TYR A 54 2.70 -7.10 1.72
N ALA A 55 3.02 -6.17 2.62
CA ALA A 55 4.14 -5.23 2.41
C ALA A 55 5.12 -5.29 3.57
N GLU A 56 6.42 -5.23 3.26
CA GLU A 56 7.46 -5.27 4.28
C GLU A 56 7.91 -3.85 4.69
N ILE A 57 7.61 -3.46 5.93
CA ILE A 57 7.96 -2.13 6.45
C ILE A 57 9.07 -2.24 7.50
N ASN A 58 9.95 -1.24 7.54
CA ASN A 58 11.06 -1.20 8.50
C ASN A 58 10.55 -1.17 9.95
N GLU A 59 11.37 -1.71 10.86
CA GLU A 59 11.03 -1.82 12.28
C GLU A 59 10.66 -0.45 12.90
N GLU A 60 11.55 0.52 12.72
CA GLU A 60 11.32 1.88 13.23
C GLU A 60 10.00 2.49 12.72
N ASP A 61 9.81 2.49 11.41
CA ASP A 61 8.57 3.04 10.81
C ASP A 61 7.34 2.28 11.30
N TRP A 62 7.52 0.98 11.48
CA TRP A 62 6.48 0.08 11.99
C TRP A 62 5.89 0.59 13.32
N ASN A 63 6.77 0.85 14.28
CA ASN A 63 6.33 1.34 15.60
C ASN A 63 5.89 2.80 15.54
N ALA A 64 6.49 3.57 14.64
CA ALA A 64 6.10 4.98 14.44
C ALA A 64 4.62 5.12 14.08
N LEU A 65 4.10 4.16 13.31
CA LEU A 65 2.67 4.11 12.96
C LEU A 65 1.85 3.32 14.01
N GLY A 66 2.56 2.59 14.87
CA GLY A 66 1.90 1.77 15.88
C GLY A 66 1.29 0.49 15.31
N LEU A 67 2.05 -0.18 14.47
CA LEU A 67 1.59 -1.42 13.83
C LEU A 67 1.83 -2.66 14.72
N GLN A 68 0.97 -3.65 14.57
CA GLN A 68 1.18 -4.96 15.17
C GLN A 68 1.36 -6.00 14.06
N GLU A 69 2.21 -6.99 14.30
CA GLU A 69 2.51 -8.01 13.27
C GLU A 69 1.25 -8.78 12.86
N GLY A 70 0.62 -8.29 11.80
CA GLY A 70 -0.65 -8.85 11.32
C GLY A 70 -1.68 -7.78 10.93
N ASP A 71 -1.37 -6.51 11.21
CA ASP A 71 -2.28 -5.39 10.89
C ASP A 71 -2.40 -5.13 9.37
N ARG A 72 -3.24 -4.14 9.02
CA ARG A 72 -3.45 -3.74 7.62
C ARG A 72 -2.91 -2.32 7.38
N VAL A 73 -2.26 -2.09 6.24
CA VAL A 73 -1.68 -0.79 5.94
C VAL A 73 -2.16 -0.20 4.60
N LYS A 74 -2.42 1.10 4.60
CA LYS A 74 -2.74 1.85 3.37
C LYS A 74 -1.45 2.39 2.73
N VAL A 75 -1.30 2.18 1.42
CA VAL A 75 -0.12 2.63 0.68
C VAL A 75 -0.55 3.60 -0.42
N LYS A 76 0.05 4.79 -0.45
CA LYS A 76 -0.41 5.87 -1.33
C LYS A 76 0.72 6.57 -2.08
N THR A 77 0.55 6.71 -3.39
CA THR A 77 1.54 7.39 -4.26
C THR A 77 0.84 8.26 -5.31
N GLU A 78 1.62 8.87 -6.19
CA GLU A 78 1.08 9.68 -7.28
C GLU A 78 0.35 8.82 -8.33
N PHE A 79 0.51 7.50 -8.25
CA PHE A 79 -0.15 6.57 -9.16
C PHE A 79 -1.53 6.15 -8.61
N GLY A 80 -1.62 5.91 -7.31
CA GLY A 80 -2.88 5.51 -6.69
C GLY A 80 -2.71 5.08 -5.24
N GLU A 81 -3.53 4.13 -4.79
CA GLU A 81 -3.43 3.62 -3.43
C GLU A 81 -3.98 2.19 -3.30
N VAL A 82 -3.48 1.45 -2.31
CA VAL A 82 -3.90 0.06 -2.07
C VAL A 82 -3.82 -0.29 -0.57
N VAL A 83 -4.60 -1.28 -0.15
CA VAL A 83 -4.56 -1.76 1.24
C VAL A 83 -4.10 -3.21 1.31
N VAL A 84 -2.95 -3.44 1.96
CA VAL A 84 -2.37 -4.78 2.10
C VAL A 84 -2.09 -5.13 3.57
N PHE A 85 -1.63 -6.36 3.83
CA PHE A 85 -1.24 -6.77 5.18
C PHE A 85 0.13 -6.22 5.56
N ALA A 86 0.41 -6.18 6.86
CA ALA A 86 1.63 -5.55 7.39
C ALA A 86 2.69 -6.60 7.79
N LYS A 87 3.90 -6.42 7.26
CA LYS A 87 5.00 -7.35 7.52
C LYS A 87 6.26 -6.60 7.91
N LYS A 88 6.87 -7.01 9.01
CA LYS A 88 8.05 -6.35 9.53
C LYS A 88 9.31 -6.77 8.76
N GLY A 89 9.71 -5.94 7.82
CA GLY A 89 10.81 -6.29 6.92
C GLY A 89 12.16 -5.73 7.35
N ASP A 90 13.23 -6.32 6.82
CA ASP A 90 14.60 -5.88 7.10
C ASP A 90 15.05 -4.78 6.11
N VAL A 91 14.08 -4.20 5.42
CA VAL A 91 14.31 -3.08 4.49
C VAL A 91 14.67 -1.78 5.24
N PRO A 92 15.35 -0.82 4.57
CA PRO A 92 15.78 0.43 5.21
C PRO A 92 14.61 1.31 5.72
N LYS A 93 14.91 2.19 6.68
CA LYS A 93 13.89 3.09 7.24
C LYS A 93 13.33 4.05 6.18
N GLY A 94 12.05 4.39 6.28
CA GLY A 94 11.40 5.21 5.25
C GLY A 94 11.39 4.52 3.89
N MET A 95 11.29 3.19 3.89
CA MET A 95 11.33 2.40 2.67
C MET A 95 10.58 1.07 2.88
N ILE A 96 9.77 0.66 1.89
CA ILE A 96 8.98 -0.58 2.02
C ILE A 96 9.04 -1.44 0.75
N PHE A 97 8.91 -2.75 0.92
CA PHE A 97 8.96 -3.69 -0.19
C PHE A 97 7.59 -4.35 -0.43
N ILE A 98 7.14 -4.36 -1.68
CA ILE A 98 5.88 -5.04 -2.06
C ILE A 98 6.10 -5.97 -3.29
N PRO A 99 5.70 -7.25 -3.20
CA PRO A 99 5.78 -8.17 -4.35
C PRO A 99 5.04 -7.66 -5.60
N MET A 100 5.62 -7.87 -6.79
CA MET A 100 5.02 -7.40 -8.04
C MET A 100 3.64 -8.02 -8.25
N GLY A 101 2.60 -7.22 -8.05
CA GLY A 101 1.23 -7.70 -8.24
C GLY A 101 0.24 -6.58 -8.49
N PRO A 102 -1.06 -6.88 -8.57
CA PRO A 102 -2.09 -5.85 -8.82
C PRO A 102 -2.13 -4.81 -7.69
N TYR A 103 -1.70 -5.23 -6.50
CA TYR A 103 -1.62 -4.36 -5.34
C TYR A 103 -0.51 -3.32 -5.51
N ALA A 104 0.70 -3.80 -5.80
CA ALA A 104 1.82 -2.91 -6.13
C ALA A 104 1.49 -2.05 -7.35
N ASN A 105 0.84 -2.64 -8.34
CA ASN A 105 0.44 -1.95 -9.58
C ASN A 105 -0.40 -0.69 -9.29
N MET A 106 -1.07 -0.68 -8.15
CA MET A 106 -1.88 0.48 -7.73
C MET A 106 -0.99 1.70 -7.40
N VAL A 107 0.23 1.43 -6.93
CA VAL A 107 1.10 2.50 -6.40
C VAL A 107 2.44 2.59 -7.14
N ILE A 108 2.80 1.58 -7.93
CA ILE A 108 4.08 1.58 -8.64
C ILE A 108 3.90 1.93 -10.13
N ASP A 109 5.02 1.94 -10.86
CA ASP A 109 5.00 2.12 -12.32
C ASP A 109 5.36 0.80 -13.03
N PRO A 110 4.34 0.05 -13.52
CA PRO A 110 4.58 -1.25 -14.18
C PRO A 110 5.15 -1.10 -15.62
N SER A 111 5.30 0.13 -16.08
CA SER A 111 5.89 0.39 -17.41
C SER A 111 7.38 0.01 -17.45
N THR A 112 8.05 0.08 -16.30
CA THR A 112 9.48 -0.20 -16.22
C THR A 112 9.79 -1.58 -15.61
N ASP A 113 10.96 -2.11 -15.93
CA ASP A 113 11.48 -3.32 -15.31
C ASP A 113 12.64 -2.98 -14.36
N GLY A 114 13.26 -4.00 -13.76
CA GLY A 114 14.40 -3.77 -12.88
C GLY A 114 15.71 -3.54 -13.64
N THR A 115 15.70 -2.56 -14.56
CA THR A 115 16.86 -2.25 -15.39
C THR A 115 17.81 -1.28 -14.66
N GLY A 116 18.92 -1.81 -14.16
CA GLY A 116 19.90 -1.00 -13.44
C GLY A 116 20.46 -1.73 -12.22
N MET A 117 19.99 -1.35 -11.03
CA MET A 117 20.43 -2.01 -9.79
C MET A 117 19.56 -3.25 -9.50
N PRO A 118 20.15 -4.33 -8.97
CA PRO A 118 19.44 -5.61 -8.72
C PRO A 118 18.16 -5.48 -7.88
N GLN A 119 17.08 -5.03 -8.51
CA GLN A 119 15.78 -4.86 -7.85
C GLN A 119 15.87 -3.90 -6.66
N PHE A 120 16.80 -2.94 -6.75
CA PHE A 120 16.96 -1.91 -5.72
C PHE A 120 16.20 -0.63 -6.09
N LYS A 121 15.66 0.04 -5.07
CA LYS A 121 14.88 1.27 -5.24
C LYS A 121 13.54 1.04 -5.94
N GLY A 122 12.51 1.69 -5.46
CA GLY A 122 11.18 1.55 -6.05
C GLY A 122 10.47 2.88 -6.25
N VAL A 123 9.15 2.84 -6.32
CA VAL A 123 8.33 4.05 -6.49
C VAL A 123 8.04 4.72 -5.15
N LYS A 124 8.49 5.97 -4.98
CA LYS A 124 8.33 6.71 -3.72
C LYS A 124 6.86 7.04 -3.42
N GLY A 125 6.52 7.10 -2.13
CA GLY A 125 5.17 7.42 -1.70
C GLY A 125 5.01 7.49 -0.17
N THR A 126 3.85 7.04 0.34
CA THR A 126 3.57 7.07 1.79
C THR A 126 2.86 5.80 2.25
N VAL A 127 2.92 5.53 3.56
CA VAL A 127 2.22 4.39 4.16
C VAL A 127 1.70 4.72 5.58
N GLU A 128 0.54 4.16 5.93
CA GLU A 128 -0.05 4.35 7.26
C GLU A 128 -0.99 3.19 7.60
N LYS A 129 -1.32 3.00 8.88
CA LYS A 129 -2.33 2.00 9.25
C LYS A 129 -3.74 2.57 9.02
N THR A 130 -4.58 1.80 8.35
CA THR A 130 -5.89 2.29 7.94
C THR A 130 -7.05 1.50 8.56
N ASP A 131 -8.20 2.14 8.65
CA ASP A 131 -9.42 1.48 9.10
C ASP A 131 -9.99 0.58 7.99
N GLU A 132 -9.45 0.76 6.78
CA GLU A 132 -9.86 0.02 5.59
C GLU A 132 -9.43 -1.46 5.63
N LYS A 133 -10.26 -2.29 5.03
CA LYS A 133 -9.97 -3.72 4.85
C LYS A 133 -8.97 -3.95 3.71
N VAL A 134 -8.27 -5.09 3.73
CA VAL A 134 -7.37 -5.45 2.64
C VAL A 134 -8.16 -5.77 1.36
N LEU A 135 -7.74 -5.15 0.25
CA LEU A 135 -8.38 -5.39 -1.04
C LEU A 135 -8.19 -6.83 -1.52
N SER A 136 -9.28 -7.57 -1.70
CA SER A 136 -9.20 -8.86 -2.40
C SER A 136 -8.81 -8.64 -3.85
N VAL A 137 -8.09 -9.59 -4.45
CA VAL A 137 -7.64 -9.47 -5.84
C VAL A 137 -8.79 -9.00 -6.76
N LYS A 138 -9.99 -9.53 -6.53
CA LYS A 138 -11.18 -9.17 -7.31
C LYS A 138 -11.68 -7.75 -6.97
N GLU A 139 -11.74 -7.40 -5.68
CA GLU A 139 -12.19 -6.08 -5.26
C GLU A 139 -11.27 -4.99 -5.82
N LEU A 140 -9.98 -5.31 -5.89
CA LEU A 140 -8.99 -4.44 -6.51
C LEU A 140 -9.32 -4.20 -8.00
N LEU A 141 -9.80 -5.24 -8.68
CA LEU A 141 -10.26 -5.12 -10.07
C LEU A 141 -11.36 -4.07 -10.17
N GLU A 142 -12.34 -4.17 -9.28
CA GLU A 142 -13.45 -3.22 -9.21
C GLU A 142 -12.96 -1.81 -8.83
N ALA A 143 -11.90 -1.75 -8.05
CA ALA A 143 -11.31 -0.46 -7.64
C ALA A 143 -10.64 0.28 -8.80
N ILE A 144 -9.95 -0.46 -9.67
CA ILE A 144 -9.28 0.14 -10.84
C ILE A 144 -10.24 0.31 -12.03
N GLY A 145 -11.35 -0.43 -12.01
CA GLY A 145 -12.36 -0.31 -13.06
C GLY A 145 -13.01 -1.64 -13.43
N SER A 146 -12.19 -2.67 -13.62
CA SER A 146 -12.67 -4.00 -14.01
C SER A 146 -13.71 -4.54 -13.02
N MET A 1 -16.63 73.14 20.14
CA MET A 1 -16.89 73.50 18.73
C MET A 1 -16.78 72.28 17.80
N GLY A 2 -17.90 71.58 17.61
CA GLY A 2 -17.90 70.35 16.80
C GLY A 2 -17.23 69.17 17.52
N SER A 3 -17.63 67.95 17.16
CA SER A 3 -17.05 66.75 17.80
C SER A 3 -17.45 65.47 17.06
N SER A 4 -16.45 64.74 16.58
CA SER A 4 -16.69 63.44 15.94
C SER A 4 -16.69 62.31 16.98
N HIS A 5 -17.87 61.73 17.20
CA HIS A 5 -18.03 60.65 18.20
C HIS A 5 -17.54 59.30 17.66
N HIS A 6 -17.10 58.42 18.56
CA HIS A 6 -16.53 57.12 18.17
C HIS A 6 -17.34 55.94 18.76
N HIS A 7 -17.11 54.75 18.23
CA HIS A 7 -17.77 53.52 18.73
C HIS A 7 -16.79 52.33 18.69
N HIS A 8 -17.20 51.18 19.21
CA HIS A 8 -16.34 49.98 19.21
C HIS A 8 -17.13 48.70 18.91
N HIS A 9 -16.49 47.77 18.19
CA HIS A 9 -17.13 46.51 17.78
C HIS A 9 -16.47 45.30 18.45
N HIS A 10 -17.28 44.32 18.85
CA HIS A 10 -16.76 43.07 19.43
C HIS A 10 -16.56 42.00 18.35
N SER A 11 -15.45 41.26 18.43
CA SER A 11 -15.13 40.26 17.40
C SER A 11 -14.23 39.14 17.95
N SER A 12 -14.64 37.89 17.73
CA SER A 12 -13.83 36.71 18.08
C SER A 12 -14.39 35.44 17.42
N GLY A 13 -13.49 34.61 16.87
CA GLY A 13 -13.92 33.37 16.20
C GLY A 13 -12.79 32.36 16.06
N ARG A 14 -12.44 31.70 17.17
CA ARG A 14 -11.35 30.71 17.18
C ARG A 14 -11.91 29.29 17.37
N GLU A 15 -11.70 28.42 16.37
CA GLU A 15 -12.25 27.05 16.40
C GLU A 15 -11.15 26.00 16.65
N ASN A 16 -11.55 24.73 16.64
CA ASN A 16 -10.64 23.62 16.95
C ASN A 16 -10.59 22.56 15.83
N LEU A 17 -9.37 22.27 15.36
CA LEU A 17 -9.14 21.15 14.43
C LEU A 17 -8.25 20.08 15.08
N TYR A 18 -8.69 18.83 15.04
CA TYR A 18 -7.97 17.73 15.72
C TYR A 18 -7.26 16.79 14.74
N PHE A 19 -6.23 16.11 15.23
CA PHE A 19 -5.44 15.16 14.44
C PHE A 19 -5.50 13.75 15.05
N GLN A 20 -5.08 12.73 14.31
CA GLN A 20 -5.15 11.34 14.80
C GLN A 20 -3.83 10.56 14.62
N GLY A 21 -3.20 10.69 13.46
CA GLY A 21 -1.98 9.93 13.18
C GLY A 21 -1.14 10.51 12.05
N HIS A 22 0.10 10.03 11.92
CA HIS A 22 1.02 10.56 10.90
C HIS A 22 1.48 9.47 9.91
N MET A 23 1.22 9.70 8.62
CA MET A 23 1.70 8.82 7.56
C MET A 23 3.17 9.14 7.23
N LEU A 24 3.97 8.11 6.93
CA LEU A 24 5.39 8.31 6.64
C LEU A 24 5.69 8.16 5.14
N GLU A 25 6.61 8.99 4.64
CA GLU A 25 7.02 8.97 3.25
C GLU A 25 8.04 7.85 3.00
N VAL A 26 7.64 6.84 2.24
CA VAL A 26 8.49 5.66 2.01
C VAL A 26 8.64 5.34 0.51
N GLU A 27 9.67 4.57 0.16
CA GLU A 27 9.84 4.13 -1.24
C GLU A 27 9.32 2.70 -1.41
N VAL A 28 8.28 2.56 -2.22
CA VAL A 28 7.58 1.28 -2.42
C VAL A 28 8.22 0.47 -3.56
N ILE A 29 8.80 -0.67 -3.22
CA ILE A 29 9.47 -1.52 -4.21
C ILE A 29 8.56 -2.67 -4.67
N SER A 30 8.87 -3.25 -5.83
CA SER A 30 8.11 -4.40 -6.37
C SER A 30 9.04 -5.56 -6.70
N GLY A 31 9.01 -6.60 -5.87
CA GLY A 31 9.90 -7.74 -6.04
C GLY A 31 9.27 -8.89 -6.82
N ARG A 32 9.96 -9.34 -7.87
CA ARG A 32 9.46 -10.44 -8.71
C ARG A 32 9.65 -11.80 -8.02
N THR A 33 8.73 -12.13 -7.12
CA THR A 33 8.67 -13.49 -6.53
C THR A 33 7.64 -14.34 -7.27
N LEU A 34 6.77 -13.66 -8.02
CA LEU A 34 5.72 -14.30 -8.82
C LEU A 34 5.43 -13.46 -10.07
N ASN A 35 4.95 -14.10 -11.14
CA ASN A 35 4.58 -13.40 -12.39
C ASN A 35 5.81 -12.88 -13.16
N GLN A 36 6.16 -13.56 -14.25
CA GLN A 36 7.17 -13.07 -15.20
C GLN A 36 6.50 -12.10 -16.19
N GLY A 37 5.22 -12.33 -16.42
CA GLY A 37 4.43 -11.49 -17.31
C GLY A 37 3.01 -12.03 -17.48
N ALA A 38 2.23 -12.01 -16.39
CA ALA A 38 0.89 -12.60 -16.38
C ALA A 38 -0.14 -11.68 -15.72
N THR A 39 -1.41 -11.97 -15.97
CA THR A 39 -2.51 -11.25 -15.30
C THR A 39 -2.83 -11.91 -13.95
N VAL A 40 -3.66 -11.26 -13.13
CA VAL A 40 -4.08 -11.85 -11.86
C VAL A 40 -4.99 -13.06 -12.10
N GLU A 41 -5.79 -12.97 -13.17
CA GLU A 41 -6.70 -14.05 -13.56
C GLU A 41 -5.92 -15.24 -14.15
N GLU A 42 -4.76 -14.95 -14.75
CA GLU A 42 -3.86 -15.99 -15.25
C GLU A 42 -3.48 -17.00 -14.14
N LYS A 43 -3.48 -16.52 -12.89
CA LYS A 43 -3.25 -17.40 -11.72
C LYS A 43 -4.55 -17.63 -10.90
N LEU A 44 -4.98 -16.60 -10.15
CA LEU A 44 -6.15 -16.68 -9.26
C LEU A 44 -6.08 -17.83 -8.23
N THR A 45 -4.93 -18.46 -8.08
CA THR A 45 -4.75 -19.50 -7.04
C THR A 45 -4.71 -18.86 -5.64
N GLU A 46 -4.96 -19.65 -4.60
CA GLU A 46 -4.96 -19.11 -3.24
C GLU A 46 -3.61 -18.47 -2.89
N GLU A 47 -2.53 -19.07 -3.40
CA GLU A 47 -1.18 -18.51 -3.21
C GLU A 47 -1.10 -17.05 -3.68
N TYR A 48 -1.86 -16.72 -4.72
CA TYR A 48 -1.90 -15.35 -5.26
C TYR A 48 -2.50 -14.38 -4.22
N PHE A 49 -3.43 -14.88 -3.41
CA PHE A 49 -4.11 -14.07 -2.39
C PHE A 49 -3.33 -14.05 -1.06
N ASN A 50 -2.15 -14.66 -1.05
CA ASN A 50 -1.28 -14.65 0.14
C ASN A 50 0.09 -14.03 -0.14
N ALA A 51 0.62 -14.28 -1.35
CA ALA A 51 1.97 -13.83 -1.71
C ALA A 51 2.07 -12.31 -1.86
N VAL A 52 1.23 -11.74 -2.73
CA VAL A 52 1.33 -10.30 -3.08
C VAL A 52 0.37 -9.42 -2.26
N ASN A 53 -0.14 -9.94 -1.14
CA ASN A 53 -1.16 -9.23 -0.35
C ASN A 53 -0.57 -8.57 0.91
N TYR A 54 0.73 -8.36 0.96
CA TYR A 54 1.37 -7.74 2.13
C TYR A 54 2.54 -6.82 1.74
N ALA A 55 3.05 -6.09 2.71
CA ALA A 55 4.22 -5.21 2.51
C ALA A 55 5.24 -5.38 3.65
N GLU A 56 6.52 -5.45 3.28
CA GLU A 56 7.61 -5.52 4.28
C GLU A 56 8.04 -4.12 4.71
N ILE A 57 7.86 -3.83 5.99
CA ILE A 57 8.08 -2.48 6.54
C ILE A 57 9.27 -2.46 7.52
N ASN A 58 10.03 -1.35 7.50
CA ASN A 58 11.12 -1.15 8.46
C ASN A 58 10.57 -1.00 9.90
N GLU A 59 11.29 -1.50 10.90
CA GLU A 59 10.82 -1.48 12.28
C GLU A 59 10.62 -0.04 12.81
N GLU A 60 11.44 0.89 12.35
CA GLU A 60 11.30 2.31 12.71
C GLU A 60 9.91 2.86 12.30
N ASP A 61 9.60 2.76 11.02
CA ASP A 61 8.28 3.19 10.50
C ASP A 61 7.15 2.34 11.13
N TRP A 62 7.44 1.06 11.32
CA TRP A 62 6.54 0.12 12.00
C TRP A 62 6.13 0.66 13.39
N ASN A 63 7.13 1.04 14.18
CA ASN A 63 6.92 1.63 15.51
C ASN A 63 6.28 3.02 15.40
N ALA A 64 6.70 3.78 14.39
CA ALA A 64 6.17 5.13 14.14
C ALA A 64 4.65 5.12 13.88
N LEU A 65 4.17 4.07 13.24
CA LEU A 65 2.74 3.91 12.96
C LEU A 65 2.03 3.07 14.03
N GLY A 66 2.80 2.47 14.95
CA GLY A 66 2.22 1.60 15.96
C GLY A 66 1.58 0.35 15.38
N LEU A 67 2.32 -0.32 14.49
CA LEU A 67 1.82 -1.51 13.80
C LEU A 67 2.05 -2.80 14.61
N GLN A 68 1.08 -3.70 14.54
CA GLN A 68 1.21 -5.04 15.10
C GLN A 68 1.28 -6.07 13.96
N GLU A 69 1.95 -7.20 14.20
CA GLU A 69 2.11 -8.22 13.16
C GLU A 69 0.77 -8.82 12.74
N GLY A 70 0.29 -8.40 11.57
CA GLY A 70 -1.02 -8.83 11.08
C GLY A 70 -2.01 -7.68 10.88
N ASP A 71 -1.57 -6.45 11.17
CA ASP A 71 -2.39 -5.25 10.94
C ASP A 71 -2.60 -4.98 9.44
N ARG A 72 -3.46 -4.01 9.14
CA ARG A 72 -3.72 -3.60 7.75
C ARG A 72 -3.15 -2.19 7.48
N VAL A 73 -2.33 -2.08 6.44
CA VAL A 73 -1.71 -0.80 6.07
C VAL A 73 -2.21 -0.30 4.71
N LYS A 74 -2.20 1.01 4.55
CA LYS A 74 -2.69 1.65 3.33
C LYS A 74 -1.59 2.54 2.72
N VAL A 75 -1.21 2.25 1.48
CA VAL A 75 -0.14 3.00 0.81
C VAL A 75 -0.71 4.01 -0.22
N LYS A 76 -0.24 5.26 -0.15
CA LYS A 76 -0.63 6.30 -1.12
C LYS A 76 0.60 6.81 -1.89
N THR A 77 0.53 6.82 -3.22
CA THR A 77 1.62 7.35 -4.05
C THR A 77 1.09 8.32 -5.12
N GLU A 78 1.96 8.73 -6.03
CA GLU A 78 1.57 9.59 -7.14
C GLU A 78 0.67 8.85 -8.15
N PHE A 79 0.64 7.51 -8.06
CA PHE A 79 -0.17 6.70 -8.98
C PHE A 79 -1.55 6.37 -8.38
N GLY A 80 -1.58 5.95 -7.12
CA GLY A 80 -2.85 5.60 -6.47
C GLY A 80 -2.68 5.11 -5.04
N GLU A 81 -3.66 4.36 -4.55
CA GLU A 81 -3.62 3.83 -3.18
C GLU A 81 -4.01 2.34 -3.15
N VAL A 82 -3.64 1.66 -2.06
CA VAL A 82 -4.01 0.25 -1.87
C VAL A 82 -3.92 -0.16 -0.39
N VAL A 83 -4.83 -1.01 0.07
CA VAL A 83 -4.79 -1.54 1.45
C VAL A 83 -4.28 -2.99 1.47
N VAL A 84 -3.17 -3.23 2.15
CA VAL A 84 -2.56 -4.57 2.23
C VAL A 84 -2.24 -4.98 3.68
N PHE A 85 -1.73 -6.20 3.87
CA PHE A 85 -1.33 -6.67 5.21
C PHE A 85 0.06 -6.13 5.61
N ALA A 86 0.22 -5.82 6.89
CA ALA A 86 1.48 -5.26 7.41
C ALA A 86 2.42 -6.34 7.95
N LYS A 87 3.62 -6.42 7.37
CA LYS A 87 4.66 -7.34 7.85
C LYS A 87 5.99 -6.62 7.98
N LYS A 88 6.81 -7.08 8.92
CA LYS A 88 8.07 -6.42 9.23
C LYS A 88 9.23 -7.02 8.41
N GLY A 89 9.91 -6.18 7.65
CA GLY A 89 10.96 -6.65 6.76
C GLY A 89 12.33 -6.04 7.07
N ASP A 90 13.36 -6.55 6.40
CA ASP A 90 14.74 -6.08 6.61
C ASP A 90 15.04 -4.81 5.80
N VAL A 91 14.00 -4.20 5.23
CA VAL A 91 14.14 -2.98 4.42
C VAL A 91 14.62 -1.80 5.27
N PRO A 92 15.31 -0.81 4.66
CA PRO A 92 15.81 0.38 5.36
C PRO A 92 14.68 1.36 5.77
N LYS A 93 15.00 2.27 6.69
CA LYS A 93 14.01 3.23 7.22
C LYS A 93 13.49 4.18 6.11
N GLY A 94 12.17 4.34 6.05
CA GLY A 94 11.57 5.16 5.00
C GLY A 94 11.50 4.45 3.65
N MET A 95 11.49 3.12 3.67
CA MET A 95 11.40 2.33 2.45
C MET A 95 10.69 1.00 2.72
N ILE A 96 9.79 0.58 1.82
CA ILE A 96 9.02 -0.67 2.01
C ILE A 96 9.08 -1.57 0.77
N PHE A 97 9.10 -2.87 1.00
CA PHE A 97 9.17 -3.87 -0.08
C PHE A 97 7.83 -4.57 -0.27
N ILE A 98 7.24 -4.45 -1.46
CA ILE A 98 6.01 -5.16 -1.80
C ILE A 98 6.23 -6.13 -2.96
N PRO A 99 5.89 -7.42 -2.80
CA PRO A 99 5.96 -8.40 -3.90
C PRO A 99 5.11 -7.98 -5.10
N MET A 100 5.69 -8.04 -6.30
CA MET A 100 5.00 -7.60 -7.53
C MET A 100 3.62 -8.25 -7.69
N GLY A 101 2.58 -7.43 -7.64
CA GLY A 101 1.22 -7.91 -7.79
C GLY A 101 0.21 -6.79 -7.97
N PRO A 102 -1.08 -7.11 -8.15
CA PRO A 102 -2.13 -6.09 -8.40
C PRO A 102 -2.13 -4.99 -7.35
N TYR A 103 -1.79 -5.36 -6.12
CA TYR A 103 -1.69 -4.42 -5.01
C TYR A 103 -0.56 -3.40 -5.25
N ALA A 104 0.60 -3.91 -5.64
CA ALA A 104 1.74 -3.05 -6.00
C ALA A 104 1.43 -2.21 -7.24
N ASN A 105 0.75 -2.81 -8.22
CA ASN A 105 0.38 -2.10 -9.47
C ASN A 105 -0.59 -0.94 -9.22
N MET A 106 -1.08 -0.81 -7.98
CA MET A 106 -1.90 0.34 -7.58
C MET A 106 -1.04 1.55 -7.22
N VAL A 107 0.20 1.28 -6.80
CA VAL A 107 1.06 2.33 -6.23
C VAL A 107 2.36 2.50 -7.03
N ILE A 108 2.70 1.52 -7.85
CA ILE A 108 3.92 1.58 -8.66
C ILE A 108 3.61 1.96 -10.12
N ASP A 109 4.65 2.01 -10.95
CA ASP A 109 4.48 2.22 -12.39
C ASP A 109 4.41 0.87 -13.14
N PRO A 110 3.25 0.53 -13.74
CA PRO A 110 3.07 -0.73 -14.46
C PRO A 110 3.45 -0.65 -15.95
N SER A 111 4.20 0.39 -16.33
CA SER A 111 4.59 0.58 -17.73
C SER A 111 6.12 0.63 -17.87
N THR A 112 6.82 0.01 -16.93
CA THR A 112 8.28 0.03 -16.89
C THR A 112 8.92 -0.91 -17.93
N ASP A 113 9.61 -0.32 -18.91
CA ASP A 113 10.44 -1.09 -19.86
C ASP A 113 11.91 -0.73 -19.69
N GLY A 114 12.18 0.36 -18.96
CA GLY A 114 13.54 0.80 -18.72
C GLY A 114 14.37 -0.24 -17.97
N THR A 115 15.68 -0.22 -18.19
CA THR A 115 16.58 -1.19 -17.57
C THR A 115 16.77 -0.91 -16.07
N GLY A 116 15.75 -1.24 -15.28
CA GLY A 116 15.85 -1.17 -13.84
C GLY A 116 16.16 -2.52 -13.22
N MET A 117 15.30 -3.50 -13.50
CA MET A 117 15.53 -4.90 -13.09
C MET A 117 15.45 -5.05 -11.55
N PRO A 118 15.52 -6.30 -11.01
CA PRO A 118 15.51 -6.56 -9.54
C PRO A 118 16.61 -5.83 -8.71
N GLN A 119 17.15 -4.72 -9.20
CA GLN A 119 18.05 -3.88 -8.41
C GLN A 119 17.27 -3.10 -7.35
N PHE A 120 17.98 -2.37 -6.49
CA PHE A 120 17.34 -1.71 -5.34
C PHE A 120 16.69 -0.36 -5.73
N LYS A 121 15.74 -0.43 -6.67
CA LYS A 121 14.98 0.76 -7.09
C LYS A 121 13.46 0.52 -6.90
N GLY A 122 12.76 1.53 -6.38
CA GLY A 122 11.32 1.41 -6.18
C GLY A 122 10.56 2.69 -6.47
N VAL A 123 9.23 2.64 -6.41
CA VAL A 123 8.39 3.83 -6.60
C VAL A 123 8.04 4.50 -5.25
N LYS A 124 8.43 5.76 -5.08
CA LYS A 124 8.18 6.48 -3.82
C LYS A 124 6.69 6.71 -3.54
N GLY A 125 6.39 6.88 -2.26
CA GLY A 125 5.01 7.09 -1.81
C GLY A 125 4.92 7.29 -0.29
N THR A 126 3.79 6.91 0.30
CA THR A 126 3.57 7.07 1.75
C THR A 126 2.82 5.86 2.33
N VAL A 127 3.10 5.53 3.59
CA VAL A 127 2.44 4.39 4.26
C VAL A 127 1.79 4.81 5.59
N GLU A 128 0.65 4.19 5.89
CA GLU A 128 -0.08 4.42 7.14
C GLU A 128 -0.92 3.18 7.52
N LYS A 129 -1.47 3.14 8.74
CA LYS A 129 -2.38 2.06 9.12
C LYS A 129 -3.85 2.51 9.03
N THR A 130 -4.71 1.62 8.53
CA THR A 130 -6.13 1.93 8.34
C THR A 130 -7.03 0.83 8.90
N ASP A 131 -8.29 1.18 9.14
CA ASP A 131 -9.30 0.24 9.61
C ASP A 131 -10.02 -0.44 8.44
N GLU A 132 -9.67 -0.02 7.22
CA GLU A 132 -10.20 -0.64 5.99
C GLU A 132 -9.66 -2.06 5.81
N LYS A 133 -10.42 -2.90 5.11
CA LYS A 133 -9.98 -4.26 4.82
C LYS A 133 -9.16 -4.31 3.53
N VAL A 134 -8.32 -5.34 3.40
CA VAL A 134 -7.43 -5.50 2.25
C VAL A 134 -8.22 -5.59 0.92
N LEU A 135 -7.80 -4.80 -0.07
CA LEU A 135 -8.46 -4.79 -1.38
C LEU A 135 -8.37 -6.17 -2.06
N SER A 136 -9.46 -6.94 -2.01
CA SER A 136 -9.47 -8.29 -2.61
C SER A 136 -9.02 -8.23 -4.08
N VAL A 137 -8.28 -9.25 -4.54
CA VAL A 137 -7.65 -9.23 -5.87
C VAL A 137 -8.61 -8.76 -6.99
N LYS A 138 -9.78 -9.37 -7.08
CA LYS A 138 -10.76 -8.98 -8.10
C LYS A 138 -11.42 -7.62 -7.78
N GLU A 139 -11.72 -7.37 -6.50
CA GLU A 139 -12.25 -6.08 -6.07
C GLU A 139 -11.31 -4.93 -6.47
N LEU A 140 -10.01 -5.22 -6.41
CA LEU A 140 -8.98 -4.31 -6.86
C LEU A 140 -9.12 -4.02 -8.36
N LEU A 141 -9.44 -5.06 -9.15
CA LEU A 141 -9.72 -4.90 -10.58
C LEU A 141 -10.93 -3.98 -10.78
N GLU A 142 -11.97 -4.21 -9.98
CA GLU A 142 -13.20 -3.40 -10.02
C GLU A 142 -12.92 -1.95 -9.59
N ALA A 143 -11.95 -1.78 -8.69
CA ALA A 143 -11.56 -0.45 -8.21
C ALA A 143 -10.90 0.38 -9.31
N ILE A 144 -9.93 -0.21 -10.01
CA ILE A 144 -9.25 0.49 -11.11
C ILE A 144 -10.11 0.54 -12.37
N GLY A 145 -11.10 -0.35 -12.45
CA GLY A 145 -12.01 -0.38 -13.60
C GLY A 145 -12.01 -1.73 -14.30
N SER A 146 -10.91 -2.06 -14.98
CA SER A 146 -10.78 -3.34 -15.70
C SER A 146 -11.83 -3.49 -16.80
N MET A 1 -18.23 21.10 76.18
CA MET A 1 -19.24 20.16 76.73
C MET A 1 -19.75 19.18 75.65
N GLY A 2 -20.36 19.72 74.60
CA GLY A 2 -20.91 18.88 73.53
C GLY A 2 -19.96 18.71 72.34
N SER A 3 -20.22 17.70 71.52
CA SER A 3 -19.38 17.37 70.36
C SER A 3 -20.02 17.81 69.04
N SER A 4 -19.18 18.22 68.09
CA SER A 4 -19.63 18.65 66.76
C SER A 4 -18.43 18.97 65.86
N HIS A 5 -18.18 18.14 64.85
CA HIS A 5 -17.01 18.31 63.97
C HIS A 5 -17.14 17.47 62.69
N HIS A 6 -17.14 18.14 61.53
CA HIS A 6 -17.32 17.44 60.24
C HIS A 6 -16.77 18.24 59.05
N HIS A 7 -16.51 17.54 57.93
CA HIS A 7 -16.03 18.16 56.70
C HIS A 7 -16.16 17.19 55.50
N HIS A 8 -16.04 17.71 54.27
CA HIS A 8 -16.18 16.87 53.07
C HIS A 8 -15.07 17.12 52.03
N HIS A 9 -14.81 16.09 51.23
CA HIS A 9 -13.92 16.19 50.05
C HIS A 9 -14.71 15.92 48.77
N HIS A 10 -14.21 16.38 47.63
CA HIS A 10 -14.87 16.12 46.35
C HIS A 10 -13.87 16.17 45.19
N SER A 11 -13.88 15.12 44.36
CA SER A 11 -12.98 15.02 43.21
C SER A 11 -13.53 14.03 42.17
N SER A 12 -14.19 14.56 41.14
CA SER A 12 -14.82 13.73 40.11
C SER A 12 -14.23 13.98 38.72
N GLY A 13 -13.82 12.92 38.04
CA GLY A 13 -13.35 13.04 36.65
C GLY A 13 -12.01 12.38 36.37
N ARG A 14 -12.01 11.40 35.47
CA ARG A 14 -10.78 10.81 34.94
C ARG A 14 -10.53 11.33 33.52
N GLU A 15 -9.59 12.26 33.38
CA GLU A 15 -9.39 13.00 32.13
C GLU A 15 -8.29 12.38 31.25
N ASN A 16 -8.15 12.93 30.02
CA ASN A 16 -7.13 12.53 29.03
C ASN A 16 -7.57 11.35 28.15
N LEU A 17 -7.27 11.46 26.86
CA LEU A 17 -7.60 10.43 25.88
C LEU A 17 -6.38 10.13 25.00
N TYR A 18 -6.22 8.88 24.60
CA TYR A 18 -5.05 8.45 23.80
C TYR A 18 -5.21 8.81 22.32
N PHE A 19 -4.44 9.79 21.86
CA PHE A 19 -4.50 10.22 20.46
C PHE A 19 -3.45 9.50 19.60
N GLN A 20 -3.74 9.35 18.31
CA GLN A 20 -2.85 8.68 17.36
C GLN A 20 -2.86 9.38 15.99
N GLY A 21 -1.67 9.69 15.47
CA GLY A 21 -1.58 10.30 14.15
C GLY A 21 -0.14 10.54 13.69
N HIS A 22 0.36 9.68 12.79
CA HIS A 22 1.73 9.80 12.28
C HIS A 22 1.96 8.89 11.05
N MET A 23 1.81 9.44 9.85
CA MET A 23 2.11 8.70 8.63
C MET A 23 3.57 8.90 8.22
N LEU A 24 4.06 8.06 7.30
CA LEU A 24 5.47 8.10 6.88
C LEU A 24 5.64 8.19 5.36
N GLU A 25 6.70 8.86 4.95
CA GLU A 25 7.10 8.89 3.54
C GLU A 25 8.08 7.75 3.24
N VAL A 26 7.71 6.92 2.30
CA VAL A 26 8.47 5.69 2.01
C VAL A 26 8.63 5.47 0.49
N GLU A 27 9.65 4.70 0.12
CA GLU A 27 9.82 4.29 -1.28
C GLU A 27 9.30 2.85 -1.47
N VAL A 28 8.25 2.70 -2.26
CA VAL A 28 7.55 1.42 -2.46
C VAL A 28 8.16 0.60 -3.59
N ILE A 29 8.71 -0.56 -3.26
CA ILE A 29 9.34 -1.43 -4.26
C ILE A 29 8.43 -2.61 -4.63
N SER A 30 8.64 -3.17 -5.82
CA SER A 30 7.90 -4.37 -6.26
C SER A 30 8.86 -5.47 -6.71
N GLY A 31 9.01 -6.49 -5.86
CA GLY A 31 9.97 -7.57 -6.13
C GLY A 31 9.32 -8.80 -6.74
N ARG A 32 10.12 -9.59 -7.45
CA ARG A 32 9.64 -10.78 -8.15
C ARG A 32 9.45 -11.97 -7.19
N THR A 33 8.41 -11.91 -6.36
CA THR A 33 8.03 -13.03 -5.48
C THR A 33 7.33 -14.12 -6.30
N LEU A 34 6.49 -13.68 -7.23
CA LEU A 34 5.86 -14.57 -8.21
C LEU A 34 6.49 -14.36 -9.60
N ASN A 35 6.27 -15.32 -10.50
CA ASN A 35 6.80 -15.22 -11.86
C ASN A 35 6.15 -14.06 -12.65
N GLN A 36 6.93 -13.03 -12.94
CA GLN A 36 6.45 -11.91 -13.76
C GLN A 36 6.32 -12.36 -15.23
N GLY A 37 5.07 -12.54 -15.66
CA GLY A 37 4.80 -13.02 -17.01
C GLY A 37 3.36 -13.48 -17.16
N ALA A 38 2.89 -14.27 -16.18
CA ALA A 38 1.49 -14.69 -16.14
C ALA A 38 0.62 -13.66 -15.41
N THR A 39 -0.46 -13.24 -16.05
CA THR A 39 -1.39 -12.29 -15.44
C THR A 39 -2.19 -12.94 -14.31
N VAL A 40 -2.77 -12.14 -13.44
CA VAL A 40 -3.58 -12.66 -12.34
C VAL A 40 -4.73 -13.55 -12.86
N GLU A 41 -5.27 -13.23 -14.04
CA GLU A 41 -6.29 -14.06 -14.68
C GLU A 41 -5.74 -15.47 -14.99
N GLU A 42 -4.47 -15.54 -15.37
CA GLU A 42 -3.76 -16.81 -15.56
C GLU A 42 -3.62 -17.56 -14.23
N LYS A 43 -3.41 -16.81 -13.15
CA LYS A 43 -3.09 -17.39 -11.84
C LYS A 43 -4.17 -17.06 -10.77
N LEU A 44 -5.44 -17.08 -11.16
CA LEU A 44 -6.54 -16.83 -10.22
C LEU A 44 -6.66 -17.97 -9.19
N THR A 45 -5.83 -17.87 -8.14
CA THR A 45 -5.82 -18.84 -7.04
C THR A 45 -5.57 -18.15 -5.70
N GLU A 46 -5.90 -18.82 -4.60
CA GLU A 46 -5.70 -18.26 -3.26
C GLU A 46 -4.20 -18.05 -3.00
N GLU A 47 -3.37 -18.88 -3.64
CA GLU A 47 -1.92 -18.75 -3.58
C GLU A 47 -1.47 -17.34 -4.02
N TYR A 48 -2.10 -16.83 -5.08
CA TYR A 48 -1.79 -15.50 -5.62
C TYR A 48 -2.14 -14.41 -4.59
N PHE A 49 -3.24 -14.61 -3.88
CA PHE A 49 -3.69 -13.67 -2.85
C PHE A 49 -2.66 -13.55 -1.73
N ASN A 50 -2.48 -14.63 -0.98
CA ASN A 50 -1.59 -14.63 0.18
C ASN A 50 -0.15 -14.17 -0.15
N ALA A 51 0.23 -14.27 -1.42
CA ALA A 51 1.59 -13.93 -1.86
C ALA A 51 1.80 -12.41 -2.05
N VAL A 52 0.77 -11.71 -2.54
CA VAL A 52 0.90 -10.28 -2.87
C VAL A 52 0.00 -9.36 -2.03
N ASN A 53 -0.49 -9.88 -0.90
CA ASN A 53 -1.41 -9.11 -0.04
C ASN A 53 -0.73 -8.52 1.21
N TYR A 54 0.58 -8.28 1.14
CA TYR A 54 1.30 -7.71 2.29
C TYR A 54 2.47 -6.80 1.86
N ALA A 55 2.96 -6.01 2.80
CA ALA A 55 4.13 -5.14 2.58
C ALA A 55 5.17 -5.34 3.70
N GLU A 56 6.44 -5.48 3.32
CA GLU A 56 7.52 -5.63 4.31
C GLU A 56 8.08 -4.25 4.72
N ILE A 57 8.02 -3.98 6.02
CA ILE A 57 8.33 -2.66 6.58
C ILE A 57 9.53 -2.71 7.54
N ASN A 58 10.29 -1.62 7.63
CA ASN A 58 11.42 -1.52 8.55
C ASN A 58 10.93 -1.38 10.01
N GLU A 59 11.77 -1.81 10.97
CA GLU A 59 11.41 -1.74 12.40
C GLU A 59 11.06 -0.30 12.83
N GLU A 60 11.88 0.66 12.42
CA GLU A 60 11.66 2.08 12.73
C GLU A 60 10.28 2.55 12.23
N ASP A 61 10.04 2.37 10.94
CA ASP A 61 8.77 2.77 10.32
C ASP A 61 7.59 2.01 10.96
N TRP A 62 7.83 0.74 11.29
CA TRP A 62 6.83 -0.11 11.94
C TRP A 62 6.31 0.51 13.25
N ASN A 63 7.22 0.86 14.15
CA ASN A 63 6.86 1.46 15.43
C ASN A 63 6.40 2.92 15.28
N ALA A 64 6.92 3.61 14.26
CA ALA A 64 6.51 4.99 13.97
C ALA A 64 5.02 5.07 13.60
N LEU A 65 4.52 4.02 12.95
CA LEU A 65 3.10 3.90 12.61
C LEU A 65 2.29 3.18 13.70
N GLY A 66 2.99 2.70 14.73
CA GLY A 66 2.34 1.94 15.81
C GLY A 66 1.67 0.67 15.31
N LEU A 67 2.39 -0.09 14.48
CA LEU A 67 1.82 -1.29 13.86
C LEU A 67 1.92 -2.55 14.73
N GLN A 68 1.04 -3.50 14.45
CA GLN A 68 1.05 -4.83 15.06
C GLN A 68 1.01 -5.89 13.94
N GLU A 69 1.67 -7.02 14.15
CA GLU A 69 1.76 -8.06 13.12
C GLU A 69 0.38 -8.62 12.74
N GLY A 70 -0.16 -8.14 11.63
CA GLY A 70 -1.50 -8.52 11.19
C GLY A 70 -2.42 -7.32 10.94
N ASP A 71 -1.93 -6.11 11.26
CA ASP A 71 -2.69 -4.88 11.00
C ASP A 71 -2.84 -4.60 9.49
N ARG A 72 -3.85 -3.80 9.15
CA ARG A 72 -4.10 -3.40 7.77
C ARG A 72 -3.60 -1.98 7.50
N VAL A 73 -2.78 -1.81 6.46
CA VAL A 73 -2.19 -0.51 6.12
C VAL A 73 -2.53 -0.07 4.70
N LYS A 74 -2.60 1.24 4.49
CA LYS A 74 -2.83 1.79 3.15
C LYS A 74 -1.61 2.60 2.67
N VAL A 75 -1.24 2.41 1.42
CA VAL A 75 -0.13 3.12 0.80
C VAL A 75 -0.64 4.13 -0.24
N LYS A 76 -0.31 5.40 -0.06
CA LYS A 76 -0.70 6.46 -1.01
C LYS A 76 0.51 7.03 -1.76
N THR A 77 0.49 6.92 -3.09
CA THR A 77 1.55 7.50 -3.93
C THR A 77 0.97 8.48 -4.95
N GLU A 78 1.84 9.02 -5.81
CA GLU A 78 1.39 9.92 -6.87
C GLU A 78 0.62 9.15 -7.97
N PHE A 79 0.66 7.82 -7.92
CA PHE A 79 -0.07 6.99 -8.89
C PHE A 79 -1.45 6.57 -8.35
N GLY A 80 -1.48 6.06 -7.11
CA GLY A 80 -2.75 5.62 -6.53
C GLY A 80 -2.66 5.27 -5.05
N GLU A 81 -3.55 4.40 -4.58
CA GLU A 81 -3.56 3.96 -3.18
C GLU A 81 -4.20 2.57 -3.02
N VAL A 82 -3.66 1.75 -2.12
CA VAL A 82 -4.14 0.38 -1.90
C VAL A 82 -4.03 -0.04 -0.41
N VAL A 83 -4.94 -0.90 0.05
CA VAL A 83 -4.90 -1.42 1.43
C VAL A 83 -4.40 -2.88 1.47
N VAL A 84 -3.26 -3.10 2.12
CA VAL A 84 -2.66 -4.44 2.24
C VAL A 84 -2.35 -4.79 3.72
N PHE A 85 -1.84 -6.00 3.97
CA PHE A 85 -1.42 -6.41 5.32
C PHE A 85 -0.01 -5.91 5.66
N ALA A 86 0.20 -5.52 6.91
CA ALA A 86 1.50 -5.00 7.36
C ALA A 86 2.40 -6.12 7.92
N LYS A 87 3.58 -6.29 7.32
CA LYS A 87 4.57 -7.25 7.82
C LYS A 87 5.95 -6.61 7.91
N LYS A 88 6.81 -7.18 8.74
CA LYS A 88 8.14 -6.63 8.97
C LYS A 88 9.17 -7.34 8.07
N GLY A 89 10.12 -6.57 7.53
CA GLY A 89 11.12 -7.13 6.62
C GLY A 89 12.52 -6.57 6.81
N ASP A 90 13.44 -6.96 5.93
CA ASP A 90 14.85 -6.53 6.02
C ASP A 90 15.12 -5.30 5.14
N VAL A 91 14.11 -4.43 5.00
CA VAL A 91 14.23 -3.23 4.17
C VAL A 91 14.72 -2.02 5.00
N PRO A 92 15.40 -1.05 4.35
CA PRO A 92 15.90 0.16 5.03
C PRO A 92 14.77 1.11 5.50
N LYS A 93 15.11 2.03 6.41
CA LYS A 93 14.13 2.99 6.94
C LYS A 93 13.64 3.96 5.86
N GLY A 94 12.35 4.32 5.91
CA GLY A 94 11.77 5.17 4.88
C GLY A 94 11.64 4.48 3.52
N MET A 95 11.63 3.14 3.54
CA MET A 95 11.53 2.35 2.32
C MET A 95 10.80 1.02 2.62
N ILE A 96 9.88 0.62 1.75
CA ILE A 96 9.10 -0.62 1.98
C ILE A 96 9.06 -1.52 0.75
N PHE A 97 9.06 -2.82 0.98
CA PHE A 97 9.01 -3.82 -0.10
C PHE A 97 7.61 -4.41 -0.25
N ILE A 98 7.10 -4.42 -1.47
CA ILE A 98 5.81 -5.08 -1.76
C ILE A 98 5.97 -6.08 -2.92
N PRO A 99 5.47 -7.32 -2.75
CA PRO A 99 5.47 -8.32 -3.83
C PRO A 99 4.81 -7.80 -5.11
N MET A 100 5.53 -7.89 -6.24
CA MET A 100 5.03 -7.40 -7.53
C MET A 100 3.66 -8.01 -7.85
N GLY A 101 2.60 -7.22 -7.60
CA GLY A 101 1.25 -7.73 -7.79
C GLY A 101 0.24 -6.63 -8.12
N PRO A 102 -1.07 -6.96 -8.22
CA PRO A 102 -2.09 -5.97 -8.59
C PRO A 102 -2.23 -4.84 -7.56
N TYR A 103 -1.88 -5.16 -6.32
CA TYR A 103 -1.90 -4.19 -5.20
C TYR A 103 -0.83 -3.13 -5.40
N ALA A 104 0.42 -3.57 -5.58
CA ALA A 104 1.53 -2.68 -5.89
C ALA A 104 1.28 -1.94 -7.21
N ASN A 105 0.64 -2.63 -8.15
CA ASN A 105 0.35 -2.09 -9.47
C ASN A 105 -0.53 -0.82 -9.39
N MET A 106 -1.21 -0.65 -8.27
CA MET A 106 -2.05 0.54 -8.04
C MET A 106 -1.19 1.77 -7.68
N VAL A 107 -0.03 1.52 -7.07
CA VAL A 107 0.79 2.61 -6.52
C VAL A 107 2.16 2.75 -7.21
N ILE A 108 2.58 1.71 -7.92
CA ILE A 108 3.91 1.71 -8.56
C ILE A 108 3.85 2.17 -10.03
N ASP A 109 5.01 2.13 -10.69
CA ASP A 109 5.14 2.51 -12.11
C ASP A 109 5.56 1.30 -12.96
N PRO A 110 4.69 0.86 -13.90
CA PRO A 110 4.98 -0.31 -14.75
C PRO A 110 5.85 0.03 -15.98
N SER A 111 6.53 1.16 -15.94
CA SER A 111 7.42 1.58 -17.05
C SER A 111 8.86 1.11 -16.84
N THR A 112 9.05 0.19 -15.90
CA THR A 112 10.39 -0.34 -15.57
C THR A 112 10.71 -1.63 -16.34
N ASP A 113 11.83 -2.29 -15.97
CA ASP A 113 12.24 -3.58 -16.56
C ASP A 113 12.74 -3.41 -18.01
N GLY A 114 13.68 -4.28 -18.42
CA GLY A 114 14.22 -4.19 -19.78
C GLY A 114 15.56 -4.90 -19.95
N THR A 115 16.65 -4.26 -19.51
CA THR A 115 18.01 -4.77 -19.74
C THR A 115 18.39 -5.90 -18.76
N GLY A 116 18.48 -5.58 -17.48
CA GLY A 116 18.85 -6.58 -16.48
C GLY A 116 19.26 -5.96 -15.15
N MET A 117 19.80 -6.80 -14.24
CA MET A 117 20.21 -6.36 -12.90
C MET A 117 18.98 -6.04 -12.01
N PRO A 118 19.08 -6.28 -10.68
CA PRO A 118 17.97 -6.06 -9.75
C PRO A 118 17.45 -4.61 -9.77
N GLN A 119 18.38 -3.65 -9.76
CA GLN A 119 18.06 -2.22 -9.77
C GLN A 119 17.27 -1.78 -8.52
N PHE A 120 17.94 -1.06 -7.62
CA PHE A 120 17.29 -0.52 -6.43
C PHE A 120 16.45 0.71 -6.80
N LYS A 121 15.35 0.48 -7.51
CA LYS A 121 14.48 1.55 -7.98
C LYS A 121 13.01 1.29 -7.59
N GLY A 122 12.56 1.95 -6.53
CA GLY A 122 11.18 1.81 -6.08
C GLY A 122 10.37 3.08 -6.31
N VAL A 123 9.06 2.94 -6.38
CA VAL A 123 8.16 4.09 -6.55
C VAL A 123 7.81 4.73 -5.20
N LYS A 124 8.14 6.00 -5.02
CA LYS A 124 7.93 6.68 -3.75
C LYS A 124 6.44 6.90 -3.42
N GLY A 125 6.18 7.18 -2.15
CA GLY A 125 4.83 7.45 -1.68
C GLY A 125 4.76 7.59 -0.16
N THR A 126 3.60 7.27 0.41
CA THR A 126 3.38 7.36 1.87
C THR A 126 2.66 6.11 2.38
N VAL A 127 2.89 5.79 3.65
CA VAL A 127 2.23 4.63 4.29
C VAL A 127 1.64 5.00 5.65
N GLU A 128 0.50 4.39 5.97
CA GLU A 128 -0.18 4.60 7.25
C GLU A 128 -1.11 3.43 7.58
N LYS A 129 -1.35 3.18 8.86
CA LYS A 129 -2.31 2.15 9.26
C LYS A 129 -3.75 2.64 9.13
N THR A 130 -4.63 1.78 8.65
CA THR A 130 -6.04 2.15 8.44
C THR A 130 -6.99 1.05 8.93
N ASP A 131 -8.18 1.45 9.35
CA ASP A 131 -9.21 0.50 9.79
C ASP A 131 -9.92 -0.12 8.57
N GLU A 132 -9.57 0.34 7.37
CA GLU A 132 -10.13 -0.20 6.13
C GLU A 132 -9.72 -1.66 5.90
N LYS A 133 -10.53 -2.40 5.14
CA LYS A 133 -10.23 -3.79 4.83
C LYS A 133 -9.18 -3.92 3.71
N VAL A 134 -8.41 -5.00 3.75
CA VAL A 134 -7.48 -5.32 2.66
C VAL A 134 -8.24 -5.75 1.41
N LEU A 135 -7.95 -5.13 0.27
CA LEU A 135 -8.67 -5.44 -0.98
C LEU A 135 -8.43 -6.88 -1.42
N SER A 136 -9.51 -7.57 -1.78
CA SER A 136 -9.40 -8.89 -2.41
C SER A 136 -8.90 -8.75 -3.85
N VAL A 137 -8.05 -9.67 -4.29
CA VAL A 137 -7.40 -9.58 -5.61
C VAL A 137 -8.39 -9.23 -6.74
N LYS A 138 -9.53 -9.91 -6.77
CA LYS A 138 -10.53 -9.69 -7.82
C LYS A 138 -11.26 -8.35 -7.65
N GLU A 139 -11.61 -7.99 -6.40
CA GLU A 139 -12.29 -6.71 -6.13
C GLU A 139 -11.40 -5.53 -6.49
N LEU A 140 -10.09 -5.71 -6.29
CA LEU A 140 -9.10 -4.75 -6.72
C LEU A 140 -9.23 -4.48 -8.23
N LEU A 141 -9.47 -5.55 -9.00
CA LEU A 141 -9.69 -5.44 -10.45
C LEU A 141 -10.91 -4.55 -10.73
N GLU A 142 -12.01 -4.84 -10.02
CA GLU A 142 -13.25 -4.06 -10.16
C GLU A 142 -13.02 -2.59 -9.78
N ALA A 143 -12.27 -2.37 -8.69
CA ALA A 143 -11.99 -1.03 -8.18
C ALA A 143 -11.28 -0.15 -9.23
N ILE A 144 -10.25 -0.71 -9.88
CA ILE A 144 -9.50 0.05 -10.89
C ILE A 144 -10.25 0.16 -12.23
N GLY A 145 -11.37 -0.55 -12.35
CA GLY A 145 -12.18 -0.47 -13.57
C GLY A 145 -12.54 -1.83 -14.16
N SER A 146 -11.67 -2.81 -13.99
CA SER A 146 -11.87 -4.15 -14.57
C SER A 146 -12.82 -4.99 -13.70
N MET A 1 -38.11 28.02 64.61
CA MET A 1 -36.73 27.55 64.29
C MET A 1 -36.55 27.33 62.80
N GLY A 2 -35.28 27.29 62.35
CA GLY A 2 -34.99 27.11 60.93
C GLY A 2 -34.71 28.42 60.21
N SER A 3 -33.75 28.40 59.27
CA SER A 3 -33.40 29.61 58.50
C SER A 3 -33.41 29.31 56.99
N SER A 4 -33.58 30.35 56.18
CA SER A 4 -33.62 30.21 54.72
C SER A 4 -32.21 30.11 54.11
N HIS A 5 -31.91 28.96 53.51
CA HIS A 5 -30.60 28.71 52.90
C HIS A 5 -30.68 27.60 51.83
N HIS A 6 -30.02 27.82 50.71
CA HIS A 6 -30.08 26.90 49.56
C HIS A 6 -28.81 26.99 48.70
N HIS A 7 -28.43 25.86 48.09
CA HIS A 7 -27.19 25.80 47.30
C HIS A 7 -27.34 24.93 46.04
N HIS A 8 -27.03 25.50 44.88
CA HIS A 8 -27.05 24.77 43.60
C HIS A 8 -26.31 25.55 42.51
N HIS A 9 -25.32 24.92 41.87
CA HIS A 9 -24.56 25.57 40.79
C HIS A 9 -24.35 24.61 39.60
N HIS A 10 -24.33 25.18 38.40
CA HIS A 10 -24.12 24.39 37.17
C HIS A 10 -22.62 24.34 36.81
N SER A 11 -22.05 23.13 36.82
CA SER A 11 -20.63 22.94 36.51
C SER A 11 -20.43 22.23 35.16
N SER A 12 -19.55 22.77 34.31
CA SER A 12 -19.28 22.17 32.99
C SER A 12 -17.84 22.47 32.53
N GLY A 13 -17.21 21.47 31.91
CA GLY A 13 -15.85 21.63 31.41
C GLY A 13 -15.70 21.12 29.99
N ARG A 14 -14.73 21.64 29.25
CA ARG A 14 -14.52 21.22 27.85
C ARG A 14 -13.15 20.58 27.63
N GLU A 15 -13.14 19.24 27.53
CA GLU A 15 -11.92 18.49 27.22
C GLU A 15 -11.96 17.99 25.77
N ASN A 16 -11.45 18.81 24.86
CA ASN A 16 -11.48 18.51 23.43
C ASN A 16 -10.12 17.96 22.95
N LEU A 17 -10.04 16.66 22.75
CA LEU A 17 -8.80 16.03 22.29
C LEU A 17 -8.70 16.05 20.76
N TYR A 18 -7.54 16.49 20.27
CA TYR A 18 -7.28 16.61 18.83
C TYR A 18 -6.13 15.68 18.40
N PHE A 19 -6.29 15.01 17.27
CA PHE A 19 -5.31 14.05 16.79
C PHE A 19 -5.28 13.99 15.25
N GLN A 20 -4.10 14.18 14.68
CA GLN A 20 -3.91 14.08 13.23
C GLN A 20 -3.27 12.74 12.84
N GLY A 21 -3.83 12.06 11.83
CA GLY A 21 -3.25 10.82 11.34
C GLY A 21 -1.92 11.04 10.64
N HIS A 22 -0.84 11.17 11.41
CA HIS A 22 0.50 11.40 10.85
C HIS A 22 0.99 10.20 10.04
N MET A 23 1.09 10.37 8.73
CA MET A 23 1.58 9.33 7.83
C MET A 23 3.09 9.45 7.59
N LEU A 24 3.71 8.38 7.12
CA LEU A 24 5.16 8.35 6.87
C LEU A 24 5.47 8.29 5.37
N GLU A 25 6.51 9.00 4.95
CA GLU A 25 6.96 8.96 3.55
C GLU A 25 8.00 7.86 3.34
N VAL A 26 7.73 7.00 2.36
CA VAL A 26 8.56 5.83 2.10
C VAL A 26 8.73 5.57 0.59
N GLU A 27 9.71 4.75 0.22
CA GLU A 27 9.86 4.32 -1.17
C GLU A 27 9.28 2.91 -1.35
N VAL A 28 8.26 2.81 -2.20
CA VAL A 28 7.55 1.54 -2.41
C VAL A 28 8.14 0.73 -3.56
N ILE A 29 8.69 -0.43 -3.25
CA ILE A 29 9.26 -1.31 -4.27
C ILE A 29 8.31 -2.45 -4.60
N SER A 30 8.49 -3.06 -5.76
CA SER A 30 7.69 -4.22 -6.14
C SER A 30 8.46 -5.16 -7.06
N GLY A 31 8.44 -6.45 -6.74
CA GLY A 31 9.08 -7.42 -7.62
C GLY A 31 9.44 -8.75 -6.97
N ARG A 32 10.66 -8.82 -6.43
CA ARG A 32 11.30 -10.09 -6.03
C ARG A 32 10.42 -11.03 -5.16
N THR A 33 9.54 -11.78 -5.83
CA THR A 33 8.83 -12.92 -5.23
C THR A 33 8.54 -13.97 -6.31
N LEU A 34 7.79 -13.54 -7.33
CA LEU A 34 7.57 -14.35 -8.52
C LEU A 34 8.32 -13.74 -9.71
N ASN A 35 9.28 -14.48 -10.27
CA ASN A 35 10.06 -13.98 -11.43
C ASN A 35 9.17 -13.82 -12.67
N GLN A 36 8.23 -14.75 -12.85
CA GLN A 36 7.23 -14.63 -13.92
C GLN A 36 5.94 -14.00 -13.37
N GLY A 37 5.67 -12.77 -13.76
CA GLY A 37 4.52 -12.06 -13.22
C GLY A 37 3.18 -12.52 -13.81
N ALA A 38 3.03 -12.37 -15.13
CA ALA A 38 1.76 -12.64 -15.81
C ALA A 38 0.65 -11.71 -15.29
N THR A 39 -0.61 -12.02 -15.61
CA THR A 39 -1.75 -11.28 -15.05
C THR A 39 -2.47 -12.10 -13.98
N VAL A 40 -3.40 -11.47 -13.27
CA VAL A 40 -4.21 -12.17 -12.27
C VAL A 40 -5.01 -13.31 -12.92
N GLU A 41 -5.44 -13.08 -14.16
CA GLU A 41 -6.24 -14.05 -14.91
C GLU A 41 -5.46 -15.35 -15.16
N GLU A 42 -4.14 -15.22 -15.39
CA GLU A 42 -3.28 -16.40 -15.58
C GLU A 42 -3.19 -17.27 -14.31
N LYS A 43 -3.24 -16.66 -13.13
CA LYS A 43 -3.12 -17.41 -11.87
C LYS A 43 -4.24 -17.07 -10.86
N LEU A 44 -5.50 -17.28 -11.26
CA LEU A 44 -6.63 -17.12 -10.34
C LEU A 44 -6.66 -18.26 -9.31
N THR A 45 -5.89 -18.11 -8.23
CA THR A 45 -5.77 -19.16 -7.20
C THR A 45 -5.47 -18.58 -5.82
N GLU A 46 -5.61 -19.43 -4.80
CA GLU A 46 -5.31 -19.05 -3.41
C GLU A 46 -3.87 -18.54 -3.27
N GLU A 47 -2.95 -19.12 -4.05
CA GLU A 47 -1.55 -18.68 -4.06
C GLU A 47 -1.43 -17.18 -4.34
N TYR A 48 -2.21 -16.69 -5.30
CA TYR A 48 -2.19 -15.28 -5.69
C TYR A 48 -2.59 -14.38 -4.49
N PHE A 49 -3.46 -14.91 -3.64
CA PHE A 49 -3.92 -14.19 -2.45
C PHE A 49 -2.88 -14.22 -1.32
N ASN A 50 -2.06 -15.28 -1.28
CA ASN A 50 -1.02 -15.41 -0.24
C ASN A 50 0.37 -14.99 -0.76
N ALA A 51 0.44 -14.56 -2.02
CA ALA A 51 1.71 -14.16 -2.64
C ALA A 51 1.95 -12.64 -2.59
N VAL A 52 0.93 -11.85 -2.91
CA VAL A 52 1.12 -10.40 -3.16
C VAL A 52 0.19 -9.49 -2.34
N ASN A 53 -0.40 -9.99 -1.25
CA ASN A 53 -1.36 -9.18 -0.47
C ASN A 53 -0.73 -8.61 0.81
N TYR A 54 0.59 -8.56 0.87
CA TYR A 54 1.30 -8.07 2.07
C TYR A 54 2.49 -7.17 1.69
N ALA A 55 2.91 -6.34 2.63
CA ALA A 55 4.05 -5.43 2.41
C ALA A 55 5.09 -5.52 3.53
N GLU A 56 6.37 -5.51 3.16
CA GLU A 56 7.46 -5.54 4.14
C GLU A 56 7.88 -4.12 4.54
N ILE A 57 7.69 -3.81 5.82
CA ILE A 57 7.87 -2.46 6.35
C ILE A 57 9.09 -2.36 7.29
N ASN A 58 9.74 -1.21 7.29
CA ASN A 58 10.87 -0.96 8.20
C ASN A 58 10.39 -0.90 9.66
N GLU A 59 11.21 -1.43 10.56
CA GLU A 59 10.84 -1.51 11.99
C GLU A 59 10.65 -0.13 12.64
N GLU A 60 11.47 0.86 12.26
CA GLU A 60 11.33 2.22 12.79
C GLU A 60 9.95 2.81 12.42
N ASP A 61 9.60 2.70 11.14
CA ASP A 61 8.31 3.16 10.65
C ASP A 61 7.16 2.32 11.23
N TRP A 62 7.43 1.04 11.44
CA TRP A 62 6.50 0.11 12.07
C TRP A 62 6.09 0.63 13.46
N ASN A 63 7.08 0.92 14.31
CA ASN A 63 6.84 1.41 15.67
C ASN A 63 6.19 2.80 15.65
N ALA A 64 6.61 3.63 14.69
CA ALA A 64 6.10 5.01 14.57
C ALA A 64 4.57 5.03 14.35
N LEU A 65 4.10 4.23 13.40
CA LEU A 65 2.67 4.12 13.11
C LEU A 65 1.93 3.24 14.14
N GLY A 66 2.69 2.65 15.06
CA GLY A 66 2.10 1.75 16.06
C GLY A 66 1.47 0.51 15.42
N LEU A 67 2.20 -0.12 14.50
CA LEU A 67 1.68 -1.29 13.78
C LEU A 67 1.85 -2.57 14.62
N GLN A 68 0.99 -3.55 14.36
CA GLN A 68 1.00 -4.80 15.12
C GLN A 68 0.77 -5.99 14.18
N GLU A 69 1.80 -6.83 14.08
CA GLU A 69 1.85 -7.93 13.10
C GLU A 69 0.49 -8.62 12.89
N GLY A 70 -0.16 -8.27 11.79
CA GLY A 70 -1.49 -8.77 11.49
C GLY A 70 -2.47 -7.67 11.08
N ASP A 71 -2.15 -6.42 11.41
CA ASP A 71 -3.02 -5.28 11.07
C ASP A 71 -2.87 -4.86 9.60
N ARG A 72 -3.62 -3.84 9.18
CA ARG A 72 -3.64 -3.40 7.78
C ARG A 72 -2.92 -2.06 7.59
N VAL A 73 -2.08 -1.99 6.56
CA VAL A 73 -1.41 -0.75 6.20
C VAL A 73 -1.85 -0.26 4.81
N LYS A 74 -2.10 1.03 4.71
CA LYS A 74 -2.51 1.63 3.44
C LYS A 74 -1.33 2.36 2.78
N VAL A 75 -1.24 2.24 1.46
CA VAL A 75 -0.10 2.79 0.71
C VAL A 75 -0.61 3.77 -0.35
N LYS A 76 0.05 4.92 -0.49
CA LYS A 76 -0.41 5.99 -1.37
C LYS A 76 0.74 6.65 -2.14
N THR A 77 0.61 6.70 -3.46
CA THR A 77 1.59 7.37 -4.32
C THR A 77 0.88 8.20 -5.41
N GLU A 78 1.65 8.73 -6.36
CA GLU A 78 1.09 9.48 -7.49
C GLU A 78 0.24 8.58 -8.42
N PHE A 79 0.35 7.27 -8.25
CA PHE A 79 -0.39 6.31 -9.09
C PHE A 79 -1.76 5.94 -8.48
N GLY A 80 -1.83 5.87 -7.16
CA GLY A 80 -3.07 5.52 -6.47
C GLY A 80 -2.86 5.06 -5.04
N GLU A 81 -3.85 4.34 -4.49
CA GLU A 81 -3.77 3.84 -3.11
C GLU A 81 -4.28 2.38 -3.00
N VAL A 82 -3.78 1.65 -2.01
CA VAL A 82 -4.16 0.25 -1.79
C VAL A 82 -4.03 -0.16 -0.30
N VAL A 83 -4.88 -1.09 0.16
CA VAL A 83 -4.80 -1.60 1.54
C VAL A 83 -4.32 -3.07 1.56
N VAL A 84 -3.19 -3.32 2.22
CA VAL A 84 -2.59 -4.66 2.28
C VAL A 84 -2.25 -5.07 3.73
N PHE A 85 -1.83 -6.33 3.91
CA PHE A 85 -1.43 -6.84 5.23
C PHE A 85 -0.03 -6.35 5.62
N ALA A 86 0.13 -5.98 6.88
CA ALA A 86 1.40 -5.43 7.37
C ALA A 86 2.39 -6.51 7.84
N LYS A 87 3.61 -6.47 7.29
CA LYS A 87 4.71 -7.34 7.75
C LYS A 87 5.96 -6.52 8.00
N LYS A 88 6.76 -6.96 8.97
CA LYS A 88 8.04 -6.34 9.24
C LYS A 88 9.13 -6.99 8.36
N GLY A 89 9.85 -6.18 7.59
CA GLY A 89 10.80 -6.71 6.62
C GLY A 89 12.22 -6.17 6.78
N ASP A 90 13.15 -6.76 6.03
CA ASP A 90 14.57 -6.40 6.10
C ASP A 90 14.90 -5.13 5.26
N VAL A 91 13.92 -4.25 5.14
CA VAL A 91 14.08 -3.02 4.33
C VAL A 91 14.57 -1.84 5.19
N PRO A 92 15.30 -0.88 4.58
CA PRO A 92 15.83 0.30 5.31
C PRO A 92 14.74 1.32 5.70
N LYS A 93 15.15 2.38 6.40
CA LYS A 93 14.24 3.41 6.89
C LYS A 93 13.53 4.16 5.74
N GLY A 94 12.25 4.48 5.92
CA GLY A 94 11.50 5.19 4.89
C GLY A 94 11.47 4.44 3.56
N MET A 95 11.44 3.12 3.63
CA MET A 95 11.46 2.28 2.44
C MET A 95 10.71 0.96 2.70
N ILE A 96 9.88 0.52 1.75
CA ILE A 96 9.11 -0.71 1.91
C ILE A 96 9.10 -1.55 0.62
N PHE A 97 9.07 -2.87 0.76
CA PHE A 97 9.02 -3.77 -0.39
C PHE A 97 7.66 -4.47 -0.48
N ILE A 98 7.13 -4.55 -1.70
CA ILE A 98 5.88 -5.28 -1.95
C ILE A 98 6.08 -6.31 -3.08
N PRO A 99 5.62 -7.56 -2.90
CA PRO A 99 5.67 -8.57 -3.97
C PRO A 99 5.04 -8.07 -5.28
N MET A 100 5.63 -8.43 -6.42
CA MET A 100 5.12 -7.98 -7.73
C MET A 100 3.67 -8.45 -7.94
N GLY A 101 2.72 -7.51 -7.84
CA GLY A 101 1.32 -7.88 -8.01
C GLY A 101 0.38 -6.68 -8.16
N PRO A 102 -0.93 -6.94 -8.35
CA PRO A 102 -1.94 -5.86 -8.58
C PRO A 102 -1.98 -4.85 -7.42
N TYR A 103 -1.76 -5.32 -6.20
CA TYR A 103 -1.72 -4.46 -5.02
C TYR A 103 -0.61 -3.42 -5.16
N ALA A 104 0.59 -3.89 -5.49
CA ALA A 104 1.72 -3.01 -5.78
C ALA A 104 1.45 -2.16 -7.04
N ASN A 105 0.82 -2.77 -8.03
CA ASN A 105 0.44 -2.09 -9.28
C ASN A 105 -0.42 -0.84 -9.02
N MET A 106 -1.05 -0.78 -7.84
CA MET A 106 -1.85 0.38 -7.43
C MET A 106 -0.98 1.59 -7.10
N VAL A 107 0.28 1.33 -6.71
CA VAL A 107 1.15 2.39 -6.19
C VAL A 107 2.52 2.44 -6.90
N ILE A 108 2.82 1.45 -7.73
CA ILE A 108 4.10 1.43 -8.46
C ILE A 108 3.90 1.81 -9.94
N ASP A 109 4.99 1.77 -10.69
CA ASP A 109 4.96 2.01 -12.14
C ASP A 109 5.14 0.69 -12.92
N PRO A 110 4.14 0.27 -13.71
CA PRO A 110 4.20 -0.97 -14.50
C PRO A 110 4.98 -0.82 -15.82
N SER A 111 5.47 0.39 -16.10
CA SER A 111 6.18 0.66 -17.36
C SER A 111 7.66 0.29 -17.28
N THR A 112 8.30 0.61 -16.15
CA THR A 112 9.74 0.37 -15.96
C THR A 112 10.14 -1.10 -16.19
N ASP A 113 11.29 -1.30 -16.85
CA ASP A 113 11.81 -2.64 -17.16
C ASP A 113 10.85 -3.47 -18.04
N GLY A 114 9.99 -4.28 -17.41
CA GLY A 114 9.14 -5.21 -18.16
C GLY A 114 9.95 -6.19 -19.01
N THR A 115 11.20 -6.44 -18.60
CA THR A 115 12.12 -7.28 -19.37
C THR A 115 12.81 -8.31 -18.48
N GLY A 116 13.42 -7.87 -17.38
CA GLY A 116 14.07 -8.78 -16.45
C GLY A 116 15.41 -8.28 -15.91
N MET A 117 15.47 -7.01 -15.52
CA MET A 117 16.69 -6.44 -14.92
C MET A 117 16.55 -6.29 -13.40
N PRO A 118 17.64 -6.59 -12.65
CA PRO A 118 17.64 -6.55 -11.18
C PRO A 118 17.93 -5.15 -10.60
N GLN A 119 17.17 -4.15 -11.05
CA GLN A 119 17.33 -2.78 -10.52
C GLN A 119 16.68 -2.64 -9.15
N PHE A 120 17.43 -2.13 -8.17
CA PHE A 120 16.91 -1.91 -6.82
C PHE A 120 16.26 -0.52 -6.70
N LYS A 121 15.55 -0.31 -5.57
CA LYS A 121 14.71 0.88 -5.38
C LYS A 121 13.47 0.85 -6.28
N GLY A 122 12.46 1.64 -5.96
CA GLY A 122 11.19 1.56 -6.67
C GLY A 122 10.47 2.89 -6.83
N VAL A 123 9.17 2.90 -6.56
CA VAL A 123 8.36 4.12 -6.66
C VAL A 123 8.12 4.75 -5.28
N LYS A 124 8.59 5.99 -5.10
CA LYS A 124 8.44 6.68 -3.81
C LYS A 124 6.99 7.14 -3.57
N GLY A 125 6.64 7.29 -2.29
CA GLY A 125 5.30 7.71 -1.92
C GLY A 125 5.10 7.78 -0.40
N THR A 126 3.98 7.25 0.09
CA THR A 126 3.64 7.30 1.52
C THR A 126 3.01 5.99 2.02
N VAL A 127 3.15 5.75 3.32
CA VAL A 127 2.52 4.59 3.98
C VAL A 127 1.84 5.01 5.29
N GLU A 128 0.75 4.33 5.65
CA GLU A 128 -0.02 4.66 6.84
C GLU A 128 -0.75 3.43 7.40
N LYS A 129 -1.17 3.49 8.66
CA LYS A 129 -2.04 2.45 9.23
C LYS A 129 -3.51 2.79 8.96
N THR A 130 -4.31 1.78 8.64
CA THR A 130 -5.75 2.01 8.42
C THR A 130 -6.59 0.88 9.03
N ASP A 131 -7.75 1.28 9.57
CA ASP A 131 -8.73 0.32 10.10
C ASP A 131 -9.47 -0.39 8.96
N GLU A 132 -9.31 0.12 7.75
CA GLU A 132 -9.92 -0.47 6.56
C GLU A 132 -9.43 -1.89 6.30
N LYS A 133 -10.27 -2.67 5.62
CA LYS A 133 -9.92 -4.05 5.27
C LYS A 133 -9.03 -4.11 4.03
N VAL A 134 -8.37 -5.25 3.84
CA VAL A 134 -7.49 -5.47 2.69
C VAL A 134 -8.32 -5.75 1.43
N LEU A 135 -7.92 -5.13 0.32
CA LEU A 135 -8.60 -5.36 -0.96
C LEU A 135 -8.54 -6.83 -1.37
N SER A 136 -9.67 -7.39 -1.79
CA SER A 136 -9.67 -8.71 -2.43
C SER A 136 -9.16 -8.58 -3.86
N VAL A 137 -8.41 -9.56 -4.34
CA VAL A 137 -7.78 -9.48 -5.67
C VAL A 137 -8.78 -9.03 -6.75
N LYS A 138 -10.00 -9.54 -6.68
CA LYS A 138 -11.08 -9.16 -7.60
C LYS A 138 -11.59 -7.73 -7.31
N GLU A 139 -11.74 -7.40 -6.02
CA GLU A 139 -12.19 -6.08 -5.60
C GLU A 139 -11.24 -5.00 -6.13
N LEU A 140 -9.96 -5.34 -6.13
CA LEU A 140 -8.91 -4.47 -6.66
C LEU A 140 -9.11 -4.22 -8.17
N LEU A 141 -9.56 -5.25 -8.90
CA LEU A 141 -9.86 -5.10 -10.33
C LEU A 141 -10.97 -4.06 -10.53
N GLU A 142 -11.97 -4.10 -9.64
CA GLU A 142 -13.07 -3.14 -9.66
C GLU A 142 -12.62 -1.74 -9.21
N ALA A 143 -11.61 -1.69 -8.35
CA ALA A 143 -11.04 -0.42 -7.87
C ALA A 143 -10.33 0.35 -8.99
N ILE A 144 -9.53 -0.36 -9.79
CA ILE A 144 -8.80 0.28 -10.90
C ILE A 144 -9.73 0.58 -12.10
N GLY A 145 -10.97 0.09 -12.03
CA GLY A 145 -11.94 0.33 -13.11
C GLY A 145 -12.55 -0.96 -13.65
N SER A 146 -11.71 -1.81 -14.23
CA SER A 146 -12.16 -3.10 -14.80
C SER A 146 -11.36 -4.27 -14.23
N MET A 1 -57.86 -2.55 19.52
CA MET A 1 -57.75 -2.86 20.97
C MET A 1 -56.46 -2.28 21.58
N GLY A 2 -56.62 -1.31 22.48
CA GLY A 2 -55.46 -0.69 23.12
C GLY A 2 -54.89 -1.52 24.27
N SER A 3 -54.09 -2.54 23.92
CA SER A 3 -53.49 -3.43 24.93
C SER A 3 -52.15 -2.89 25.43
N SER A 4 -51.65 -3.46 26.53
CA SER A 4 -50.39 -3.01 27.16
C SER A 4 -49.16 -3.37 26.30
N HIS A 5 -48.36 -2.36 25.98
CA HIS A 5 -47.12 -2.56 25.21
C HIS A 5 -45.95 -1.80 25.85
N HIS A 6 -45.00 -2.53 26.42
CA HIS A 6 -43.82 -1.91 27.05
C HIS A 6 -42.86 -1.32 26.01
N HIS A 7 -42.20 -0.22 26.36
CA HIS A 7 -41.28 0.46 25.44
C HIS A 7 -40.02 0.93 26.19
N HIS A 8 -38.98 0.10 26.17
CA HIS A 8 -37.72 0.37 26.87
C HIS A 8 -36.69 1.00 25.89
N HIS A 9 -36.23 2.21 26.19
CA HIS A 9 -35.36 2.95 25.25
C HIS A 9 -33.97 2.32 25.07
N HIS A 10 -33.25 2.04 26.16
CA HIS A 10 -31.91 1.41 26.07
C HIS A 10 -30.86 2.32 25.38
N SER A 11 -29.75 2.58 26.09
CA SER A 11 -28.64 3.38 25.53
C SER A 11 -27.29 2.68 25.71
N SER A 12 -26.48 2.64 24.65
CA SER A 12 -25.15 2.03 24.72
C SER A 12 -24.19 2.65 23.68
N GLY A 13 -24.46 3.90 23.30
CA GLY A 13 -23.61 4.59 22.33
C GLY A 13 -22.20 4.85 22.86
N ARG A 14 -21.19 4.60 22.01
CA ARG A 14 -19.78 4.69 22.44
C ARG A 14 -18.83 4.80 21.24
N GLU A 15 -18.19 5.97 21.12
CA GLU A 15 -17.23 6.23 20.04
C GLU A 15 -15.92 6.84 20.61
N ASN A 16 -15.26 7.69 19.83
CA ASN A 16 -14.07 8.44 20.28
C ASN A 16 -12.79 7.59 20.27
N LEU A 17 -12.11 7.57 19.12
CA LEU A 17 -10.79 6.95 19.02
C LEU A 17 -9.69 8.01 19.20
N TYR A 18 -8.44 7.63 18.93
CA TYR A 18 -7.30 8.56 19.08
C TYR A 18 -7.18 9.51 17.88
N PHE A 19 -7.72 9.12 16.73
CA PHE A 19 -7.74 9.95 15.50
C PHE A 19 -6.34 10.14 14.87
N GLN A 20 -5.28 10.09 15.67
CA GLN A 20 -3.91 10.28 15.17
C GLN A 20 -3.40 9.04 14.41
N GLY A 21 -3.40 9.14 13.09
CA GLY A 21 -2.81 8.08 12.25
C GLY A 21 -1.34 8.32 11.97
N HIS A 22 -1.02 9.47 11.35
CA HIS A 22 0.35 9.86 11.04
C HIS A 22 1.01 8.95 9.99
N MET A 23 1.09 9.42 8.76
CA MET A 23 1.73 8.65 7.67
C MET A 23 3.26 8.82 7.68
N LEU A 24 3.94 7.93 6.97
CA LEU A 24 5.40 8.00 6.80
C LEU A 24 5.79 7.94 5.33
N GLU A 25 6.65 8.86 4.90
CA GLU A 25 7.12 8.90 3.53
C GLU A 25 8.11 7.75 3.26
N VAL A 26 7.69 6.78 2.45
CA VAL A 26 8.47 5.58 2.19
C VAL A 26 8.67 5.33 0.68
N GLU A 27 9.68 4.54 0.33
CA GLU A 27 9.88 4.14 -1.07
C GLU A 27 9.31 2.73 -1.32
N VAL A 28 8.32 2.65 -2.21
CA VAL A 28 7.61 1.40 -2.49
C VAL A 28 8.24 0.64 -3.66
N ILE A 29 8.90 -0.48 -3.37
CA ILE A 29 9.55 -1.29 -4.42
C ILE A 29 8.66 -2.47 -4.82
N SER A 30 8.92 -3.04 -6.00
CA SER A 30 8.17 -4.20 -6.49
C SER A 30 9.08 -5.26 -7.10
N GLY A 31 9.38 -6.30 -6.33
CA GLY A 31 10.20 -7.40 -6.82
C GLY A 31 9.42 -8.36 -7.71
N ARG A 32 9.82 -8.44 -8.99
CA ARG A 32 9.12 -9.29 -9.97
C ARG A 32 9.15 -10.77 -9.55
N THR A 33 8.03 -11.26 -9.02
CA THR A 33 7.90 -12.64 -8.54
C THR A 33 6.63 -13.32 -9.06
N LEU A 34 6.41 -14.57 -8.65
CA LEU A 34 5.18 -15.32 -8.97
C LEU A 34 5.06 -15.61 -10.49
N ASN A 35 6.15 -15.40 -11.23
CA ASN A 35 6.16 -15.59 -12.68
C ASN A 35 5.11 -14.73 -13.39
N GLN A 36 5.52 -13.56 -13.88
CA GLN A 36 4.61 -12.65 -14.58
C GLN A 36 4.21 -13.18 -15.97
N GLY A 37 3.49 -12.35 -16.74
CA GLY A 37 2.96 -12.79 -18.03
C GLY A 37 1.54 -13.32 -17.92
N ALA A 38 1.00 -13.33 -16.70
CA ALA A 38 -0.36 -13.80 -16.44
C ALA A 38 -1.13 -12.83 -15.54
N THR A 39 -2.38 -12.55 -15.89
CA THR A 39 -3.25 -11.73 -15.03
C THR A 39 -3.58 -12.47 -13.73
N VAL A 40 -4.27 -11.80 -12.82
CA VAL A 40 -4.69 -12.43 -11.58
C VAL A 40 -5.63 -13.62 -11.86
N GLU A 41 -6.40 -13.51 -12.96
CA GLU A 41 -7.39 -14.52 -13.32
C GLU A 41 -6.74 -15.80 -13.85
N GLU A 42 -5.55 -15.67 -14.42
CA GLU A 42 -4.80 -16.83 -14.93
C GLU A 42 -4.23 -17.68 -13.78
N LYS A 43 -4.25 -17.14 -12.56
CA LYS A 43 -3.76 -17.86 -11.38
C LYS A 43 -4.87 -18.02 -10.32
N LEU A 44 -5.28 -16.91 -9.68
CA LEU A 44 -6.43 -16.89 -8.72
C LEU A 44 -6.22 -17.77 -7.46
N THR A 45 -5.24 -18.66 -7.49
CA THR A 45 -5.01 -19.61 -6.37
C THR A 45 -4.82 -18.89 -5.02
N GLU A 46 -5.10 -19.61 -3.92
CA GLU A 46 -4.87 -19.10 -2.57
C GLU A 46 -3.45 -18.53 -2.44
N GLU A 47 -2.50 -19.20 -3.10
CA GLU A 47 -1.10 -18.77 -3.15
C GLU A 47 -0.98 -17.33 -3.65
N TYR A 48 -1.77 -16.98 -4.67
CA TYR A 48 -1.78 -15.62 -5.22
C TYR A 48 -2.17 -14.58 -4.14
N PHE A 49 -3.10 -14.99 -3.28
CA PHE A 49 -3.63 -14.12 -2.22
C PHE A 49 -2.70 -14.04 -1.00
N ASN A 50 -1.65 -14.87 -0.97
CA ASN A 50 -0.66 -14.84 0.11
C ASN A 50 0.74 -14.48 -0.39
N ALA A 51 0.86 -14.21 -1.70
CA ALA A 51 2.15 -13.89 -2.32
C ALA A 51 2.38 -12.37 -2.44
N VAL A 52 1.46 -11.68 -3.11
CA VAL A 52 1.62 -10.25 -3.43
C VAL A 52 0.69 -9.34 -2.61
N ASN A 53 0.19 -9.84 -1.47
CA ASN A 53 -0.83 -9.11 -0.71
C ASN A 53 -0.26 -8.44 0.56
N TYR A 54 1.05 -8.25 0.63
CA TYR A 54 1.69 -7.67 1.82
C TYR A 54 2.84 -6.72 1.47
N ALA A 55 3.25 -5.93 2.46
CA ALA A 55 4.39 -5.02 2.31
C ALA A 55 5.38 -5.18 3.47
N GLU A 56 6.67 -5.32 3.16
CA GLU A 56 7.69 -5.49 4.20
C GLU A 56 8.24 -4.14 4.67
N ILE A 57 8.08 -3.89 5.97
CA ILE A 57 8.35 -2.58 6.59
C ILE A 57 9.45 -2.66 7.65
N ASN A 58 10.24 -1.60 7.81
CA ASN A 58 11.26 -1.55 8.86
C ASN A 58 10.60 -1.31 10.23
N GLU A 59 11.14 -1.95 11.27
CA GLU A 59 10.54 -1.91 12.62
C GLU A 59 10.36 -0.47 13.13
N GLU A 60 11.32 0.40 12.83
CA GLU A 60 11.22 1.82 13.21
C GLU A 60 9.90 2.46 12.72
N ASP A 61 9.62 2.31 11.43
CA ASP A 61 8.36 2.82 10.85
C ASP A 61 7.16 2.02 11.35
N TRP A 62 7.37 0.71 11.51
CA TRP A 62 6.36 -0.21 12.04
C TRP A 62 5.80 0.28 13.40
N ASN A 63 6.70 0.58 14.33
CA ASN A 63 6.32 1.07 15.66
C ASN A 63 5.66 2.45 15.57
N ALA A 64 6.18 3.31 14.69
CA ALA A 64 5.63 4.65 14.48
C ALA A 64 4.15 4.59 14.05
N LEU A 65 3.84 3.66 13.14
CA LEU A 65 2.47 3.48 12.65
C LEU A 65 1.61 2.65 13.64
N GLY A 66 2.23 2.20 14.73
CA GLY A 66 1.52 1.39 15.73
C GLY A 66 0.96 0.09 15.16
N LEU A 67 1.79 -0.60 14.37
CA LEU A 67 1.37 -1.81 13.68
C LEU A 67 1.53 -3.08 14.53
N GLN A 68 0.58 -4.00 14.39
CA GLN A 68 0.69 -5.34 14.98
C GLN A 68 0.74 -6.37 13.84
N GLU A 69 1.42 -7.49 14.06
CA GLU A 69 1.57 -8.51 13.01
C GLU A 69 0.21 -8.97 12.47
N GLY A 70 -0.12 -8.48 11.27
CA GLY A 70 -1.41 -8.81 10.65
C GLY A 70 -2.28 -7.59 10.33
N ASP A 71 -1.85 -6.40 10.79
CA ASP A 71 -2.58 -5.15 10.53
C ASP A 71 -2.59 -4.77 9.04
N ARG A 72 -3.46 -3.81 8.70
CA ARG A 72 -3.67 -3.39 7.31
C ARG A 72 -3.17 -1.95 7.08
N VAL A 73 -2.31 -1.79 6.06
CA VAL A 73 -1.74 -0.47 5.74
C VAL A 73 -2.20 0.04 4.37
N LYS A 74 -2.49 1.33 4.30
CA LYS A 74 -2.90 1.99 3.05
C LYS A 74 -1.72 2.80 2.48
N VAL A 75 -1.20 2.34 1.33
CA VAL A 75 -0.06 3.00 0.68
C VAL A 75 -0.51 3.96 -0.44
N LYS A 76 -0.06 5.22 -0.36
CA LYS A 76 -0.41 6.24 -1.38
C LYS A 76 0.85 6.75 -2.12
N THR A 77 0.72 6.95 -3.42
CA THR A 77 1.78 7.57 -4.23
C THR A 77 1.18 8.62 -5.18
N GLU A 78 1.99 9.14 -6.09
CA GLU A 78 1.48 10.09 -7.10
C GLU A 78 0.71 9.35 -8.21
N PHE A 79 0.69 8.02 -8.14
CA PHE A 79 -0.03 7.20 -9.13
C PHE A 79 -1.40 6.74 -8.58
N GLY A 80 -1.41 6.22 -7.35
CA GLY A 80 -2.65 5.75 -6.75
C GLY A 80 -2.46 5.26 -5.32
N GLU A 81 -3.39 4.42 -4.84
CA GLU A 81 -3.27 3.85 -3.48
C GLU A 81 -3.80 2.41 -3.42
N VAL A 82 -3.38 1.69 -2.38
CA VAL A 82 -3.83 0.31 -2.15
C VAL A 82 -3.69 -0.09 -0.67
N VAL A 83 -4.59 -0.94 -0.18
CA VAL A 83 -4.53 -1.43 1.19
C VAL A 83 -4.04 -2.89 1.24
N VAL A 84 -2.90 -3.12 1.89
CA VAL A 84 -2.29 -4.47 1.97
C VAL A 84 -1.99 -4.88 3.43
N PHE A 85 -1.48 -6.09 3.61
CA PHE A 85 -1.08 -6.58 4.93
C PHE A 85 0.32 -6.08 5.33
N ALA A 86 0.48 -5.70 6.59
CA ALA A 86 1.76 -5.16 7.08
C ALA A 86 2.71 -6.26 7.60
N LYS A 87 3.92 -6.30 7.05
CA LYS A 87 4.97 -7.21 7.53
C LYS A 87 6.22 -6.44 7.95
N LYS A 88 7.04 -7.08 8.77
CA LYS A 88 8.32 -6.53 9.18
C LYS A 88 9.45 -7.15 8.35
N GLY A 89 10.13 -6.33 7.54
CA GLY A 89 11.13 -6.85 6.60
C GLY A 89 12.55 -6.32 6.80
N ASP A 90 13.45 -6.74 5.93
CA ASP A 90 14.87 -6.40 6.02
C ASP A 90 15.19 -5.09 5.27
N VAL A 91 14.26 -4.16 5.28
CA VAL A 91 14.38 -2.91 4.51
C VAL A 91 14.83 -1.72 5.37
N PRO A 92 15.55 -0.74 4.78
CA PRO A 92 15.95 0.50 5.48
C PRO A 92 14.74 1.35 5.90
N LYS A 93 14.95 2.30 6.81
CA LYS A 93 13.83 3.11 7.33
C LYS A 93 13.27 4.04 6.25
N GLY A 94 11.96 4.29 6.29
CA GLY A 94 11.31 5.08 5.25
C GLY A 94 11.37 4.40 3.88
N MET A 95 11.33 3.07 3.89
CA MET A 95 11.43 2.28 2.67
C MET A 95 10.71 0.94 2.84
N ILE A 96 9.94 0.51 1.84
CA ILE A 96 9.17 -0.73 1.96
C ILE A 96 9.22 -1.57 0.66
N PHE A 97 9.36 -2.88 0.83
CA PHE A 97 9.39 -3.81 -0.31
C PHE A 97 8.03 -4.49 -0.48
N ILE A 98 7.49 -4.47 -1.71
CA ILE A 98 6.26 -5.19 -2.03
C ILE A 98 6.50 -6.17 -3.18
N PRO A 99 6.04 -7.43 -3.05
CA PRO A 99 6.08 -8.40 -4.16
C PRO A 99 5.28 -7.92 -5.38
N MET A 100 5.92 -7.90 -6.55
CA MET A 100 5.29 -7.36 -7.78
C MET A 100 3.93 -8.04 -8.06
N GLY A 101 2.86 -7.27 -7.94
CA GLY A 101 1.52 -7.80 -8.17
C GLY A 101 0.48 -6.71 -8.39
N PRO A 102 -0.82 -7.07 -8.51
CA PRO A 102 -1.91 -6.09 -8.73
C PRO A 102 -1.94 -5.02 -7.64
N TYR A 103 -1.60 -5.41 -6.41
CA TYR A 103 -1.55 -4.50 -5.28
C TYR A 103 -0.47 -3.42 -5.49
N ALA A 104 0.76 -3.86 -5.76
CA ALA A 104 1.85 -2.93 -6.07
C ALA A 104 1.54 -2.11 -7.32
N ASN A 105 0.92 -2.75 -8.30
CA ASN A 105 0.54 -2.10 -9.58
C ASN A 105 -0.39 -0.89 -9.35
N MET A 106 -0.98 -0.79 -8.16
CA MET A 106 -1.87 0.33 -7.82
C MET A 106 -1.07 1.60 -7.47
N VAL A 107 0.19 1.43 -7.06
CA VAL A 107 1.00 2.57 -6.57
C VAL A 107 2.30 2.76 -7.35
N ILE A 108 2.81 1.69 -7.95
CA ILE A 108 4.06 1.76 -8.70
C ILE A 108 3.83 2.26 -10.15
N ASP A 109 4.91 2.38 -10.91
CA ASP A 109 4.83 2.80 -12.31
C ASP A 109 5.07 1.62 -13.27
N PRO A 110 4.02 1.16 -13.98
CA PRO A 110 4.15 0.09 -14.97
C PRO A 110 4.60 0.60 -16.35
N SER A 111 4.67 1.92 -16.49
CA SER A 111 5.04 2.56 -17.77
C SER A 111 6.50 2.30 -18.12
N THR A 112 7.39 2.49 -17.15
CA THR A 112 8.84 2.24 -17.35
C THR A 112 9.12 0.75 -17.60
N ASP A 113 10.15 0.45 -18.38
CA ASP A 113 10.53 -0.93 -18.69
C ASP A 113 11.92 -1.27 -18.12
N GLY A 114 12.06 -2.46 -17.52
CA GLY A 114 13.33 -2.85 -16.92
C GLY A 114 13.80 -4.25 -17.36
N THR A 115 15.04 -4.33 -17.82
CA THR A 115 15.62 -5.62 -18.27
C THR A 115 16.65 -6.17 -17.28
N GLY A 116 16.44 -7.40 -16.82
CA GLY A 116 17.37 -8.02 -15.86
C GLY A 116 16.69 -8.49 -14.57
N MET A 117 17.39 -8.35 -13.44
CA MET A 117 16.86 -8.73 -12.13
C MET A 117 15.63 -7.89 -11.74
N PRO A 118 14.87 -8.31 -10.69
CA PRO A 118 13.74 -7.52 -10.16
C PRO A 118 14.09 -6.04 -9.90
N GLN A 119 15.40 -5.77 -9.76
CA GLN A 119 15.94 -4.42 -9.64
C GLN A 119 15.67 -3.77 -8.27
N PHE A 120 16.56 -2.88 -7.86
CA PHE A 120 16.37 -2.06 -6.66
C PHE A 120 15.78 -0.69 -7.05
N LYS A 121 15.57 0.18 -6.06
CA LYS A 121 14.92 1.48 -6.28
C LYS A 121 13.46 1.32 -6.69
N GLY A 122 12.57 1.84 -5.87
CA GLY A 122 11.14 1.72 -6.12
C GLY A 122 10.43 3.06 -6.26
N VAL A 123 9.12 3.02 -6.38
CA VAL A 123 8.31 4.23 -6.48
C VAL A 123 7.99 4.81 -5.10
N LYS A 124 8.44 6.03 -4.83
CA LYS A 124 8.26 6.65 -3.52
C LYS A 124 6.82 7.14 -3.27
N GLY A 125 6.46 7.23 -1.99
CA GLY A 125 5.15 7.70 -1.59
C GLY A 125 5.01 7.79 -0.08
N THR A 126 3.81 7.50 0.43
CA THR A 126 3.53 7.54 1.87
C THR A 126 2.68 6.32 2.31
N VAL A 127 2.92 5.85 3.52
CA VAL A 127 2.15 4.73 4.07
C VAL A 127 1.58 5.07 5.45
N GLU A 128 0.37 4.58 5.74
CA GLU A 128 -0.27 4.76 7.05
C GLU A 128 -1.18 3.56 7.37
N LYS A 129 -1.29 3.22 8.65
CA LYS A 129 -2.22 2.17 9.07
C LYS A 129 -3.66 2.67 8.99
N THR A 130 -4.57 1.83 8.52
CA THR A 130 -5.92 2.28 8.18
C THR A 130 -7.03 1.48 8.86
N ASP A 131 -8.23 2.06 8.89
CA ASP A 131 -9.43 1.37 9.37
C ASP A 131 -10.18 0.70 8.21
N GLU A 132 -9.56 0.71 7.03
CA GLU A 132 -10.11 0.06 5.83
C GLU A 132 -9.69 -1.40 5.74
N LYS A 133 -10.36 -2.15 4.87
CA LYS A 133 -10.04 -3.56 4.65
C LYS A 133 -9.01 -3.72 3.52
N VAL A 134 -8.35 -4.88 3.48
CA VAL A 134 -7.38 -5.16 2.42
C VAL A 134 -8.10 -5.41 1.08
N LEU A 135 -7.67 -4.70 0.04
CA LEU A 135 -8.29 -4.87 -1.28
C LEU A 135 -8.05 -6.26 -1.84
N SER A 136 -8.94 -7.18 -1.51
CA SER A 136 -8.86 -8.56 -2.00
C SER A 136 -8.72 -8.57 -3.52
N VAL A 137 -8.04 -9.60 -4.05
CA VAL A 137 -7.61 -9.62 -5.46
C VAL A 137 -8.72 -9.17 -6.43
N LYS A 138 -9.93 -9.71 -6.29
CA LYS A 138 -11.04 -9.31 -7.16
C LYS A 138 -11.56 -7.90 -6.80
N GLU A 139 -11.64 -7.60 -5.50
CA GLU A 139 -12.12 -6.28 -5.05
C GLU A 139 -11.24 -5.17 -5.64
N LEU A 140 -9.96 -5.47 -5.75
CA LEU A 140 -8.98 -4.60 -6.39
C LEU A 140 -9.33 -4.41 -7.88
N LEU A 141 -9.71 -5.50 -8.55
CA LEU A 141 -10.16 -5.43 -9.95
C LEU A 141 -11.36 -4.47 -10.06
N GLU A 142 -12.40 -4.75 -9.27
CA GLU A 142 -13.59 -3.92 -9.22
C GLU A 142 -13.25 -2.44 -8.96
N ALA A 143 -12.26 -2.21 -8.09
CA ALA A 143 -11.80 -0.86 -7.77
C ALA A 143 -11.22 -0.15 -9.01
N ILE A 144 -10.42 -0.86 -9.81
CA ILE A 144 -9.81 -0.29 -11.01
C ILE A 144 -10.71 -0.41 -12.25
N GLY A 145 -11.83 -1.12 -12.11
CA GLY A 145 -12.80 -1.24 -13.21
C GLY A 145 -12.80 -2.61 -13.88
N SER A 146 -11.93 -3.51 -13.44
CA SER A 146 -11.83 -4.87 -13.99
C SER A 146 -11.66 -4.85 -15.52
N MET A 1 31.20 54.37 -21.36
CA MET A 1 30.29 53.75 -22.36
C MET A 1 29.61 52.50 -21.78
N GLY A 2 28.54 52.05 -22.42
CA GLY A 2 27.83 50.85 -21.95
C GLY A 2 26.45 51.15 -21.39
N SER A 3 25.84 50.15 -20.75
CA SER A 3 24.49 50.30 -20.18
C SER A 3 24.21 49.24 -19.11
N SER A 4 23.58 49.66 -18.01
CA SER A 4 23.19 48.73 -16.93
C SER A 4 21.89 49.18 -16.25
N HIS A 5 20.82 48.43 -16.48
CA HIS A 5 19.51 48.75 -15.91
C HIS A 5 18.94 47.54 -15.13
N HIS A 6 19.81 46.90 -14.35
CA HIS A 6 19.45 45.75 -13.50
C HIS A 6 18.12 45.98 -12.75
N HIS A 7 17.33 44.91 -12.61
CA HIS A 7 15.98 45.00 -12.03
C HIS A 7 15.50 43.65 -11.47
N HIS A 8 15.07 43.65 -10.21
CA HIS A 8 14.47 42.46 -9.59
C HIS A 8 13.78 42.80 -8.27
N HIS A 9 12.52 42.42 -8.12
CA HIS A 9 11.76 42.69 -6.88
C HIS A 9 10.46 41.87 -6.83
N HIS A 10 10.36 40.99 -5.84
CA HIS A 10 9.13 40.22 -5.58
C HIS A 10 9.25 39.45 -4.26
N SER A 11 8.14 39.28 -3.57
CA SER A 11 8.12 38.57 -2.27
C SER A 11 6.87 37.70 -2.12
N SER A 12 6.99 36.60 -1.37
CA SER A 12 5.86 35.69 -1.15
C SER A 12 5.80 35.22 0.32
N GLY A 13 4.75 34.47 0.64
CA GLY A 13 4.58 33.96 2.00
C GLY A 13 3.16 33.45 2.23
N ARG A 14 3.02 32.18 2.60
CA ARG A 14 1.70 31.56 2.76
C ARG A 14 1.68 30.53 3.90
N GLU A 15 0.47 30.20 4.35
CA GLU A 15 0.29 29.25 5.45
C GLU A 15 0.56 27.79 5.01
N ASN A 16 1.18 27.01 5.89
CA ASN A 16 1.38 25.58 5.64
C ASN A 16 0.25 24.76 6.29
N LEU A 17 -0.48 24.01 5.46
CA LEU A 17 -1.68 23.30 5.92
C LEU A 17 -1.34 22.06 6.77
N TYR A 18 -2.30 21.66 7.60
CA TYR A 18 -2.14 20.51 8.50
C TYR A 18 -2.81 19.26 7.93
N PHE A 19 -2.16 18.11 8.06
CA PHE A 19 -2.69 16.84 7.54
C PHE A 19 -2.97 15.85 8.69
N GLN A 20 -3.81 14.86 8.42
CA GLN A 20 -4.28 13.92 9.46
C GLN A 20 -3.19 12.97 9.95
N GLY A 21 -2.98 12.96 11.27
CA GLY A 21 -2.15 11.94 11.91
C GLY A 21 -0.66 12.04 11.58
N HIS A 22 -0.07 10.90 11.19
CA HIS A 22 1.37 10.80 10.97
C HIS A 22 1.70 9.70 9.96
N MET A 23 1.55 10.00 8.67
CA MET A 23 1.90 9.06 7.61
C MET A 23 3.39 9.17 7.22
N LEU A 24 4.02 8.04 6.91
CA LEU A 24 5.46 8.00 6.59
C LEU A 24 5.72 8.02 5.08
N GLU A 25 6.65 8.87 4.66
CA GLU A 25 7.10 8.91 3.27
C GLU A 25 8.16 7.84 3.01
N VAL A 26 7.78 6.83 2.25
CA VAL A 26 8.64 5.66 2.01
C VAL A 26 8.67 5.31 0.52
N GLU A 27 9.67 4.52 0.09
CA GLU A 27 9.75 4.09 -1.31
C GLU A 27 9.20 2.66 -1.48
N VAL A 28 8.21 2.52 -2.35
CA VAL A 28 7.51 1.25 -2.57
C VAL A 28 8.14 0.44 -3.71
N ILE A 29 8.66 -0.74 -3.39
CA ILE A 29 9.29 -1.60 -4.41
C ILE A 29 8.35 -2.77 -4.80
N SER A 30 8.64 -3.41 -5.94
CA SER A 30 7.82 -4.55 -6.41
C SER A 30 8.70 -5.73 -6.82
N GLY A 31 8.51 -6.87 -6.16
CA GLY A 31 9.31 -8.07 -6.45
C GLY A 31 8.51 -9.19 -7.12
N ARG A 32 9.06 -9.80 -8.16
CA ARG A 32 8.35 -10.82 -8.96
C ARG A 32 7.80 -11.96 -8.08
N THR A 33 8.60 -12.40 -7.11
CA THR A 33 8.22 -13.47 -6.15
C THR A 33 7.85 -14.80 -6.83
N LEU A 34 6.67 -14.88 -7.44
CA LEU A 34 6.20 -16.12 -8.08
C LEU A 34 6.96 -16.45 -9.39
N ASN A 35 6.52 -17.51 -10.07
CA ASN A 35 7.18 -18.01 -11.28
C ASN A 35 6.96 -17.09 -12.50
N GLN A 36 8.05 -16.53 -13.02
CA GLN A 36 8.03 -15.74 -14.27
C GLN A 36 7.09 -14.51 -14.19
N GLY A 37 6.89 -13.84 -15.32
CA GLY A 37 6.03 -12.67 -15.37
C GLY A 37 4.63 -12.96 -15.91
N ALA A 38 3.61 -12.40 -15.28
CA ALA A 38 2.21 -12.60 -15.68
C ALA A 38 1.26 -11.72 -14.86
N THR A 39 0.00 -11.65 -15.29
CA THR A 39 -1.05 -10.98 -14.49
C THR A 39 -1.69 -11.99 -13.54
N VAL A 40 -2.61 -11.52 -12.71
CA VAL A 40 -3.33 -12.43 -11.80
C VAL A 40 -4.19 -13.43 -12.58
N GLU A 41 -4.59 -13.06 -13.80
CA GLU A 41 -5.46 -13.92 -14.62
C GLU A 41 -4.73 -15.19 -15.08
N GLU A 42 -3.41 -15.10 -15.20
CA GLU A 42 -2.58 -16.29 -15.50
C GLU A 42 -2.17 -17.03 -14.21
N LYS A 43 -2.36 -16.36 -13.07
CA LYS A 43 -1.95 -16.91 -11.77
C LYS A 43 -3.09 -16.86 -10.74
N LEU A 44 -4.33 -17.05 -11.18
CA LEU A 44 -5.48 -17.05 -10.26
C LEU A 44 -5.43 -18.27 -9.31
N THR A 45 -4.69 -18.10 -8.22
CA THR A 45 -4.55 -19.15 -7.20
C THR A 45 -4.47 -18.53 -5.80
N GLU A 46 -4.89 -19.28 -4.79
CA GLU A 46 -4.86 -18.80 -3.41
C GLU A 46 -3.43 -18.41 -3.00
N GLU A 47 -2.44 -19.08 -3.59
CA GLU A 47 -1.03 -18.76 -3.35
C GLU A 47 -0.71 -17.31 -3.75
N TYR A 48 -1.28 -16.85 -4.88
CA TYR A 48 -1.07 -15.48 -5.34
C TYR A 48 -1.62 -14.49 -4.29
N PHE A 49 -2.73 -14.88 -3.65
CA PHE A 49 -3.39 -14.06 -2.65
C PHE A 49 -2.46 -13.79 -1.46
N ASN A 50 -2.15 -14.83 -0.69
CA ASN A 50 -1.33 -14.67 0.52
C ASN A 50 0.09 -14.16 0.19
N ALA A 51 0.48 -14.23 -1.08
CA ALA A 51 1.80 -13.78 -1.53
C ALA A 51 1.87 -12.25 -1.73
N VAL A 52 0.88 -11.69 -2.43
CA VAL A 52 0.92 -10.25 -2.79
C VAL A 52 0.04 -9.36 -1.89
N ASN A 53 -0.56 -9.95 -0.85
CA ASN A 53 -1.49 -9.19 0.00
C ASN A 53 -0.81 -8.54 1.22
N TYR A 54 0.51 -8.40 1.19
CA TYR A 54 1.22 -7.77 2.32
C TYR A 54 2.31 -6.80 1.86
N ALA A 55 2.78 -5.95 2.78
CA ALA A 55 3.91 -5.06 2.54
C ALA A 55 4.95 -5.20 3.65
N GLU A 56 6.23 -5.09 3.30
CA GLU A 56 7.31 -5.17 4.27
C GLU A 56 7.76 -3.77 4.74
N ILE A 57 7.56 -3.50 6.03
CA ILE A 57 7.95 -2.21 6.63
C ILE A 57 9.16 -2.38 7.58
N ASN A 58 9.97 -1.34 7.71
CA ASN A 58 11.15 -1.33 8.59
C ASN A 58 10.74 -1.33 10.08
N GLU A 59 11.62 -1.84 10.94
CA GLU A 59 11.36 -1.89 12.40
C GLU A 59 10.99 -0.52 12.99
N GLU A 60 11.79 0.50 12.68
CA GLU A 60 11.57 1.84 13.22
C GLU A 60 10.28 2.47 12.69
N ASP A 61 10.05 2.35 11.39
CA ASP A 61 8.83 2.88 10.76
C ASP A 61 7.57 2.12 11.24
N TRP A 62 7.74 0.83 11.44
CA TRP A 62 6.66 -0.04 11.95
C TRP A 62 6.09 0.50 13.26
N ASN A 63 6.97 0.74 14.23
CA ASN A 63 6.56 1.28 15.53
C ASN A 63 6.15 2.76 15.43
N ALA A 64 6.71 3.49 14.47
CA ALA A 64 6.34 4.88 14.23
C ALA A 64 4.85 5.01 13.86
N LEU A 65 4.34 4.05 13.09
CA LEU A 65 2.93 4.01 12.71
C LEU A 65 2.08 3.25 13.74
N GLY A 66 2.75 2.62 14.70
CA GLY A 66 2.05 1.80 15.70
C GLY A 66 1.39 0.57 15.10
N LEU A 67 2.13 -0.16 14.26
CA LEU A 67 1.60 -1.33 13.57
C LEU A 67 1.72 -2.60 14.43
N GLN A 68 0.81 -3.55 14.19
CA GLN A 68 0.89 -4.87 14.81
C GLN A 68 1.00 -5.95 13.72
N GLU A 69 1.74 -7.03 13.98
CA GLU A 69 1.93 -8.08 12.98
C GLU A 69 0.59 -8.66 12.50
N GLY A 70 0.25 -8.37 11.24
CA GLY A 70 -1.03 -8.79 10.68
C GLY A 70 -2.03 -7.64 10.52
N ASP A 71 -1.60 -6.42 10.84
CA ASP A 71 -2.46 -5.24 10.74
C ASP A 71 -2.77 -4.85 9.28
N ARG A 72 -3.64 -3.85 9.12
CA ARG A 72 -3.96 -3.30 7.79
C ARG A 72 -3.29 -1.92 7.60
N VAL A 73 -2.50 -1.79 6.54
CA VAL A 73 -1.82 -0.53 6.25
C VAL A 73 -2.24 0.06 4.89
N LYS A 74 -2.31 1.38 4.83
CA LYS A 74 -2.60 2.09 3.59
C LYS A 74 -1.29 2.55 2.91
N VAL A 75 -1.22 2.38 1.60
CA VAL A 75 -0.05 2.76 0.81
C VAL A 75 -0.49 3.72 -0.32
N LYS A 76 0.07 4.92 -0.34
CA LYS A 76 -0.40 5.97 -1.25
C LYS A 76 0.76 6.62 -2.03
N THR A 77 0.58 6.75 -3.33
CA THR A 77 1.58 7.36 -4.21
C THR A 77 0.93 8.33 -5.20
N GLU A 78 1.73 8.82 -6.14
CA GLU A 78 1.23 9.70 -7.22
C GLU A 78 0.40 8.91 -8.25
N PHE A 79 0.35 7.58 -8.10
CA PHE A 79 -0.48 6.74 -8.97
C PHE A 79 -1.84 6.44 -8.32
N GLY A 80 -1.81 5.94 -7.08
CA GLY A 80 -3.05 5.64 -6.36
C GLY A 80 -2.80 5.15 -4.94
N GLU A 81 -3.80 4.52 -4.33
CA GLU A 81 -3.64 3.98 -2.97
C GLU A 81 -4.24 2.57 -2.84
N VAL A 82 -3.66 1.77 -1.94
CA VAL A 82 -4.11 0.39 -1.71
C VAL A 82 -4.00 0.02 -0.22
N VAL A 83 -4.84 -0.93 0.23
CA VAL A 83 -4.80 -1.43 1.62
C VAL A 83 -4.33 -2.90 1.66
N VAL A 84 -3.24 -3.16 2.38
CA VAL A 84 -2.65 -4.51 2.46
C VAL A 84 -2.33 -4.92 3.91
N PHE A 85 -1.95 -6.20 4.10
CA PHE A 85 -1.50 -6.69 5.41
C PHE A 85 -0.09 -6.16 5.75
N ALA A 86 0.16 -5.91 7.02
CA ALA A 86 1.46 -5.37 7.46
C ALA A 86 2.42 -6.46 7.94
N LYS A 87 3.57 -6.57 7.28
CA LYS A 87 4.67 -7.45 7.72
C LYS A 87 5.96 -6.66 7.88
N LYS A 88 6.84 -7.15 8.75
CA LYS A 88 8.12 -6.50 8.98
C LYS A 88 9.21 -7.19 8.13
N GLY A 89 9.78 -6.47 7.18
CA GLY A 89 10.66 -7.10 6.20
C GLY A 89 12.12 -6.65 6.28
N ASP A 90 12.85 -6.90 5.19
CA ASP A 90 14.30 -6.61 5.12
C ASP A 90 14.56 -5.22 4.52
N VAL A 91 13.57 -4.34 4.61
CA VAL A 91 13.65 -3.02 3.99
C VAL A 91 14.31 -1.98 4.93
N PRO A 92 15.09 -1.03 4.35
CA PRO A 92 15.76 0.01 5.14
C PRO A 92 14.80 1.13 5.61
N LYS A 93 15.34 2.05 6.42
CA LYS A 93 14.56 3.17 6.96
C LYS A 93 13.93 4.02 5.85
N GLY A 94 12.61 4.23 5.92
CA GLY A 94 11.91 5.02 4.92
C GLY A 94 11.74 4.33 3.56
N MET A 95 11.68 3.01 3.57
CA MET A 95 11.50 2.24 2.34
C MET A 95 10.71 0.95 2.64
N ILE A 96 9.79 0.57 1.74
CA ILE A 96 8.99 -0.65 1.94
C ILE A 96 8.91 -1.51 0.67
N PHE A 97 8.81 -2.83 0.86
CA PHE A 97 8.75 -3.78 -0.25
C PHE A 97 7.35 -4.39 -0.41
N ILE A 98 6.82 -4.37 -1.63
CA ILE A 98 5.54 -5.03 -1.93
C ILE A 98 5.70 -6.06 -3.06
N PRO A 99 5.22 -7.30 -2.87
CA PRO A 99 5.23 -8.33 -3.91
C PRO A 99 4.47 -7.89 -5.19
N MET A 100 5.01 -8.27 -6.35
CA MET A 100 4.43 -7.88 -7.64
C MET A 100 3.00 -8.37 -7.79
N GLY A 101 2.05 -7.44 -7.71
CA GLY A 101 0.64 -7.83 -7.84
C GLY A 101 -0.29 -6.64 -8.00
N PRO A 102 -1.62 -6.90 -8.05
CA PRO A 102 -2.63 -5.84 -8.24
C PRO A 102 -2.53 -4.75 -7.17
N TYR A 103 -2.18 -5.17 -5.95
CA TYR A 103 -1.99 -4.25 -4.83
C TYR A 103 -0.86 -3.26 -5.12
N ALA A 104 0.29 -3.80 -5.53
CA ALA A 104 1.43 -2.96 -5.94
C ALA A 104 1.07 -2.13 -7.18
N ASN A 105 0.29 -2.72 -8.08
CA ASN A 105 -0.13 -2.06 -9.32
C ASN A 105 -0.88 -0.73 -9.03
N MET A 106 -1.46 -0.61 -7.83
CA MET A 106 -2.17 0.60 -7.43
C MET A 106 -1.21 1.76 -7.12
N VAL A 107 0.04 1.43 -6.81
CA VAL A 107 0.98 2.44 -6.29
C VAL A 107 2.29 2.52 -7.09
N ILE A 108 2.62 1.47 -7.84
CA ILE A 108 3.87 1.45 -8.60
C ILE A 108 3.66 1.88 -10.06
N ASP A 109 4.75 1.87 -10.83
CA ASP A 109 4.72 2.23 -12.26
C ASP A 109 4.87 0.98 -13.15
N PRO A 110 3.85 0.66 -13.97
CA PRO A 110 3.85 -0.54 -14.83
C PRO A 110 4.66 -0.39 -16.14
N SER A 111 5.56 0.59 -16.19
CA SER A 111 6.40 0.81 -17.40
C SER A 111 7.77 0.16 -17.24
N THR A 112 7.91 -0.73 -16.26
CA THR A 112 9.19 -1.40 -15.98
C THR A 112 9.63 -2.33 -17.13
N ASP A 113 10.74 -1.98 -17.77
CA ASP A 113 11.28 -2.78 -18.87
C ASP A 113 11.91 -4.09 -18.38
N GLY A 114 11.21 -5.21 -18.55
CA GLY A 114 11.75 -6.50 -18.16
C GLY A 114 12.70 -7.10 -19.19
N THR A 115 12.45 -8.35 -19.59
CA THR A 115 13.26 -9.05 -20.59
C THR A 115 14.65 -9.46 -20.07
N GLY A 116 15.37 -8.53 -19.44
CA GLY A 116 16.71 -8.82 -18.93
C GLY A 116 16.80 -8.94 -17.42
N MET A 117 17.17 -7.85 -16.74
CA MET A 117 17.44 -7.88 -15.31
C MET A 117 16.38 -7.12 -14.48
N PRO A 118 16.02 -7.68 -13.31
CA PRO A 118 15.13 -7.02 -12.35
C PRO A 118 15.90 -6.08 -11.41
N GLN A 119 15.60 -4.79 -11.47
CA GLN A 119 16.35 -3.78 -10.70
C GLN A 119 15.51 -3.21 -9.54
N PHE A 120 16.17 -2.95 -8.40
CA PHE A 120 15.49 -2.53 -7.16
C PHE A 120 15.01 -1.05 -7.19
N LYS A 121 14.71 -0.52 -8.36
CA LYS A 121 14.21 0.86 -8.47
C LYS A 121 12.73 0.94 -8.11
N GLY A 122 12.45 1.35 -6.88
CA GLY A 122 11.07 1.38 -6.40
C GLY A 122 10.35 2.70 -6.67
N VAL A 123 9.03 2.69 -6.58
CA VAL A 123 8.22 3.90 -6.72
C VAL A 123 7.91 4.53 -5.35
N LYS A 124 8.36 5.77 -5.14
CA LYS A 124 8.18 6.44 -3.86
C LYS A 124 6.70 6.75 -3.55
N GLY A 125 6.38 6.82 -2.27
CA GLY A 125 5.02 7.11 -1.83
C GLY A 125 4.93 7.28 -0.31
N THR A 126 3.81 6.83 0.27
CA THR A 126 3.56 6.98 1.71
C THR A 126 2.88 5.73 2.30
N VAL A 127 2.96 5.57 3.61
CA VAL A 127 2.30 4.46 4.31
C VAL A 127 1.75 4.89 5.68
N GLU A 128 0.61 4.34 6.06
CA GLU A 128 -0.01 4.65 7.37
C GLU A 128 -0.92 3.51 7.87
N LYS A 129 -1.27 3.57 9.16
CA LYS A 129 -2.25 2.64 9.76
C LYS A 129 -3.68 2.94 9.26
N THR A 130 -4.45 1.89 8.97
CA THR A 130 -5.86 2.08 8.57
C THR A 130 -6.77 0.96 9.09
N ASP A 131 -8.03 1.32 9.34
CA ASP A 131 -9.04 0.36 9.78
C ASP A 131 -9.78 -0.27 8.58
N GLU A 132 -9.46 0.23 7.38
CA GLU A 132 -10.05 -0.28 6.14
C GLU A 132 -9.68 -1.74 5.88
N LYS A 133 -10.39 -2.38 4.96
CA LYS A 133 -10.14 -3.80 4.67
C LYS A 133 -9.14 -3.97 3.53
N VAL A 134 -8.46 -5.11 3.50
CA VAL A 134 -7.57 -5.44 2.39
C VAL A 134 -8.34 -5.46 1.06
N LEU A 135 -7.83 -4.73 0.06
CA LEU A 135 -8.49 -4.64 -1.24
C LEU A 135 -8.36 -5.97 -2.02
N SER A 136 -9.30 -6.88 -1.77
CA SER A 136 -9.29 -8.24 -2.34
C SER A 136 -8.93 -8.23 -3.83
N VAL A 137 -8.15 -9.22 -4.27
CA VAL A 137 -7.59 -9.25 -5.63
C VAL A 137 -8.63 -8.90 -6.71
N LYS A 138 -9.79 -9.55 -6.66
CA LYS A 138 -10.85 -9.30 -7.65
C LYS A 138 -11.49 -7.91 -7.44
N GLU A 139 -11.75 -7.55 -6.19
CA GLU A 139 -12.31 -6.23 -5.86
C GLU A 139 -11.40 -5.12 -6.42
N LEU A 140 -10.09 -5.34 -6.28
CA LEU A 140 -9.08 -4.43 -6.78
C LEU A 140 -9.17 -4.29 -8.32
N LEU A 141 -9.47 -5.40 -9.01
CA LEU A 141 -9.64 -5.37 -10.47
C LEU A 141 -10.75 -4.40 -10.88
N GLU A 142 -11.86 -4.46 -10.16
CA GLU A 142 -13.01 -3.59 -10.42
C GLU A 142 -12.76 -2.18 -9.87
N ALA A 143 -11.97 -2.09 -8.81
CA ALA A 143 -11.62 -0.80 -8.19
C ALA A 143 -10.89 0.12 -9.17
N ILE A 144 -10.00 -0.43 -10.00
CA ILE A 144 -9.29 0.37 -11.01
C ILE A 144 -10.16 0.64 -12.26
N GLY A 145 -11.29 -0.05 -12.34
CA GLY A 145 -12.18 0.11 -13.50
C GLY A 145 -12.69 -1.20 -14.05
N SER A 146 -11.78 -2.02 -14.57
CA SER A 146 -12.13 -3.33 -15.17
C SER A 146 -13.16 -3.20 -16.30
N MET A 1 -27.26 -30.79 -24.09
CA MET A 1 -26.19 -30.63 -23.06
C MET A 1 -25.83 -29.15 -22.84
N GLY A 2 -26.20 -28.63 -21.67
CA GLY A 2 -25.89 -27.24 -21.33
C GLY A 2 -25.60 -27.02 -19.85
N SER A 3 -25.11 -25.84 -19.51
CA SER A 3 -24.74 -25.52 -18.11
C SER A 3 -25.83 -24.71 -17.41
N SER A 4 -25.83 -24.76 -16.07
CA SER A 4 -26.80 -24.00 -15.26
C SER A 4 -26.21 -23.62 -13.90
N HIS A 5 -25.73 -22.38 -13.78
CA HIS A 5 -25.12 -21.90 -12.54
C HIS A 5 -25.52 -20.44 -12.26
N HIS A 6 -25.69 -20.09 -10.98
CA HIS A 6 -26.19 -18.77 -10.60
C HIS A 6 -25.66 -18.33 -9.22
N HIS A 7 -25.30 -17.05 -9.11
CA HIS A 7 -24.87 -16.47 -7.82
C HIS A 7 -25.39 -15.04 -7.64
N HIS A 8 -26.41 -14.87 -6.80
CA HIS A 8 -26.97 -13.55 -6.51
C HIS A 8 -26.70 -13.16 -5.04
N HIS A 9 -25.58 -12.50 -4.80
CA HIS A 9 -25.22 -12.06 -3.44
C HIS A 9 -24.63 -10.64 -3.43
N HIS A 10 -24.79 -9.96 -2.30
CA HIS A 10 -24.17 -8.66 -2.07
C HIS A 10 -23.65 -8.56 -0.63
N SER A 11 -22.36 -8.84 -0.46
CA SER A 11 -21.73 -8.76 0.87
C SER A 11 -21.69 -7.30 1.37
N SER A 12 -22.71 -6.92 2.13
CA SER A 12 -22.84 -5.55 2.64
C SER A 12 -21.63 -5.14 3.49
N GLY A 13 -20.96 -4.06 3.08
CA GLY A 13 -19.81 -3.54 3.80
C GLY A 13 -19.67 -2.04 3.67
N ARG A 14 -20.42 -1.29 4.49
CA ARG A 14 -20.42 0.17 4.43
C ARG A 14 -19.18 0.76 5.11
N GLU A 15 -18.88 0.27 6.31
CA GLU A 15 -17.81 0.81 7.16
C GLU A 15 -18.21 2.15 7.80
N ASN A 16 -17.58 2.50 8.92
CA ASN A 16 -17.91 3.72 9.65
C ASN A 16 -16.73 4.18 10.54
N LEU A 17 -15.53 3.71 10.23
CA LEU A 17 -14.33 4.10 10.99
C LEU A 17 -13.46 5.08 10.19
N TYR A 18 -12.41 5.60 10.85
CA TYR A 18 -11.49 6.55 10.23
C TYR A 18 -10.19 6.68 11.06
N PHE A 19 -9.05 6.45 10.41
CA PHE A 19 -7.76 6.54 11.09
C PHE A 19 -7.08 7.90 10.82
N GLN A 20 -7.27 8.84 11.74
CA GLN A 20 -6.62 10.16 11.66
C GLN A 20 -5.26 10.12 12.36
N GLY A 21 -4.22 9.74 11.63
CA GLY A 21 -2.89 9.62 12.21
C GLY A 21 -1.77 10.14 11.30
N HIS A 22 -0.53 10.01 11.76
CA HIS A 22 0.64 10.49 11.03
C HIS A 22 1.19 9.45 10.05
N MET A 23 0.88 9.61 8.77
CA MET A 23 1.44 8.75 7.72
C MET A 23 2.90 9.15 7.42
N LEU A 24 3.69 8.19 6.92
CA LEU A 24 5.10 8.43 6.60
C LEU A 24 5.39 8.27 5.11
N GLU A 25 6.37 9.03 4.61
CA GLU A 25 6.83 8.89 3.23
C GLU A 25 7.90 7.80 3.11
N VAL A 26 7.67 6.88 2.18
CA VAL A 26 8.55 5.73 1.98
C VAL A 26 8.72 5.42 0.48
N GLU A 27 9.74 4.66 0.13
CA GLU A 27 9.93 4.23 -1.25
C GLU A 27 9.41 2.80 -1.44
N VAL A 28 8.32 2.68 -2.20
CA VAL A 28 7.60 1.41 -2.37
C VAL A 28 8.20 0.55 -3.50
N ILE A 29 8.67 -0.64 -3.15
CA ILE A 29 9.30 -1.53 -4.13
C ILE A 29 8.35 -2.66 -4.54
N SER A 30 8.56 -3.22 -5.73
CA SER A 30 7.78 -4.38 -6.19
C SER A 30 8.69 -5.45 -6.79
N GLY A 31 8.86 -6.55 -6.06
CA GLY A 31 9.76 -7.62 -6.51
C GLY A 31 9.01 -8.84 -7.06
N ARG A 32 9.46 -9.35 -8.20
CA ARG A 32 8.80 -10.48 -8.84
C ARG A 32 9.15 -11.82 -8.14
N THR A 33 8.44 -12.10 -7.05
CA THR A 33 8.59 -13.38 -6.34
C THR A 33 7.82 -14.49 -7.07
N LEU A 34 6.68 -14.13 -7.67
CA LEU A 34 5.92 -15.04 -8.52
C LEU A 34 6.41 -14.93 -9.98
N ASN A 35 7.08 -15.96 -10.45
CA ASN A 35 7.71 -15.93 -11.78
C ASN A 35 6.70 -16.18 -12.92
N GLN A 36 7.21 -16.25 -14.15
CA GLN A 36 6.39 -16.35 -15.37
C GLN A 36 5.62 -15.06 -15.62
N GLY A 37 6.03 -14.31 -16.63
CA GLY A 37 5.35 -13.08 -16.96
C GLY A 37 3.90 -13.30 -17.37
N ALA A 38 2.99 -13.03 -16.44
CA ALA A 38 1.56 -13.28 -16.67
C ALA A 38 0.68 -12.33 -15.86
N THR A 39 -0.46 -11.97 -16.44
CA THR A 39 -1.50 -11.22 -15.69
C THR A 39 -2.09 -12.07 -14.57
N VAL A 40 -2.69 -11.43 -13.58
CA VAL A 40 -3.34 -12.15 -12.48
C VAL A 40 -4.44 -13.10 -13.02
N GLU A 41 -5.02 -12.73 -14.16
CA GLU A 41 -6.03 -13.56 -14.85
C GLU A 41 -5.49 -14.96 -15.17
N GLU A 42 -4.17 -15.04 -15.44
CA GLU A 42 -3.52 -16.32 -15.73
C GLU A 42 -3.40 -17.20 -14.48
N LYS A 43 -3.19 -16.56 -13.32
CA LYS A 43 -3.04 -17.28 -12.06
C LYS A 43 -4.39 -17.44 -11.34
N LEU A 44 -4.94 -16.34 -10.82
CA LEU A 44 -6.24 -16.31 -10.10
C LEU A 44 -6.31 -17.31 -8.90
N THR A 45 -5.18 -17.89 -8.54
CA THR A 45 -5.14 -18.83 -7.40
C THR A 45 -5.04 -18.09 -6.07
N GLU A 46 -5.49 -18.74 -4.99
CA GLU A 46 -5.41 -18.14 -3.65
C GLU A 46 -3.96 -17.84 -3.26
N GLU A 47 -3.03 -18.66 -3.77
CA GLU A 47 -1.60 -18.44 -3.52
C GLU A 47 -1.16 -17.06 -4.02
N TYR A 48 -1.71 -16.64 -5.17
CA TYR A 48 -1.43 -15.31 -5.71
C TYR A 48 -1.83 -14.24 -4.69
N PHE A 49 -3.01 -14.42 -4.10
CA PHE A 49 -3.51 -13.54 -3.05
C PHE A 49 -2.55 -13.56 -1.84
N ASN A 50 -2.36 -14.74 -1.26
CA ASN A 50 -1.49 -14.92 -0.09
C ASN A 50 -0.07 -14.36 -0.33
N ALA A 51 0.37 -14.34 -1.58
CA ALA A 51 1.72 -13.89 -1.93
C ALA A 51 1.84 -12.36 -2.04
N VAL A 52 0.82 -11.70 -2.58
CA VAL A 52 0.92 -10.25 -2.87
C VAL A 52 0.05 -9.37 -1.94
N ASN A 53 -0.51 -9.98 -0.88
CA ASN A 53 -1.40 -9.24 0.04
C ASN A 53 -0.68 -8.77 1.32
N TYR A 54 0.63 -8.58 1.25
CA TYR A 54 1.39 -8.08 2.41
C TYR A 54 2.55 -7.17 1.98
N ALA A 55 3.02 -6.34 2.91
CA ALA A 55 4.15 -5.44 2.64
C ALA A 55 5.22 -5.55 3.75
N GLU A 56 6.50 -5.54 3.33
CA GLU A 56 7.62 -5.54 4.27
C GLU A 56 8.00 -4.12 4.70
N ILE A 57 7.77 -3.81 5.97
CA ILE A 57 7.90 -2.46 6.51
C ILE A 57 9.08 -2.35 7.49
N ASN A 58 9.67 -1.15 7.58
CA ASN A 58 10.80 -0.92 8.49
C ASN A 58 10.33 -0.88 9.94
N GLU A 59 11.05 -1.54 10.85
CA GLU A 59 10.68 -1.58 12.26
C GLU A 59 10.49 -0.17 12.87
N GLU A 60 11.36 0.76 12.51
CA GLU A 60 11.27 2.14 13.02
C GLU A 60 9.98 2.86 12.57
N ASP A 61 9.67 2.81 11.28
CA ASP A 61 8.43 3.41 10.76
C ASP A 61 7.21 2.60 11.23
N TRP A 62 7.43 1.30 11.42
CA TRP A 62 6.45 0.38 12.02
C TRP A 62 6.02 0.89 13.39
N ASN A 63 7.00 1.27 14.22
CA ASN A 63 6.74 1.87 15.52
C ASN A 63 6.04 3.25 15.37
N ALA A 64 6.50 4.03 14.39
CA ALA A 64 5.92 5.35 14.11
C ALA A 64 4.42 5.28 13.82
N LEU A 65 4.02 4.24 13.08
CA LEU A 65 2.61 4.00 12.78
C LEU A 65 1.91 3.16 13.86
N GLY A 66 2.69 2.57 14.76
CA GLY A 66 2.14 1.71 15.81
C GLY A 66 1.51 0.44 15.26
N LEU A 67 2.24 -0.27 14.41
CA LEU A 67 1.73 -1.46 13.74
C LEU A 67 1.95 -2.74 14.56
N GLN A 68 1.10 -3.73 14.31
CA GLN A 68 1.24 -5.06 14.89
C GLN A 68 1.22 -6.12 13.78
N GLU A 69 1.87 -7.25 14.01
CA GLU A 69 1.99 -8.28 12.97
C GLU A 69 0.62 -8.85 12.58
N GLY A 70 0.09 -8.34 11.48
CA GLY A 70 -1.25 -8.72 11.03
C GLY A 70 -2.14 -7.51 10.75
N ASP A 71 -1.76 -6.35 11.28
CA ASP A 71 -2.52 -5.11 11.06
C ASP A 71 -2.67 -4.78 9.55
N ARG A 72 -3.70 -4.02 9.23
CA ARG A 72 -3.96 -3.59 7.85
C ARG A 72 -3.36 -2.22 7.58
N VAL A 73 -2.49 -2.13 6.58
CA VAL A 73 -1.86 -0.86 6.20
C VAL A 73 -2.25 -0.44 4.79
N LYS A 74 -2.35 0.86 4.56
CA LYS A 74 -2.64 1.39 3.24
C LYS A 74 -1.45 2.19 2.69
N VAL A 75 -1.17 1.99 1.41
CA VAL A 75 -0.01 2.60 0.73
C VAL A 75 -0.50 3.53 -0.37
N LYS A 76 0.08 4.73 -0.43
CA LYS A 76 -0.41 5.78 -1.34
C LYS A 76 0.73 6.45 -2.12
N THR A 77 0.63 6.43 -3.44
CA THR A 77 1.57 7.13 -4.31
C THR A 77 0.84 8.06 -5.28
N GLU A 78 1.57 8.63 -6.23
CA GLU A 78 0.95 9.47 -7.27
C GLU A 78 0.16 8.62 -8.28
N PHE A 79 0.39 7.31 -8.25
CA PHE A 79 -0.33 6.38 -9.13
C PHE A 79 -1.69 5.97 -8.54
N GLY A 80 -1.67 5.49 -7.30
CA GLY A 80 -2.90 5.09 -6.63
C GLY A 80 -2.70 4.72 -5.16
N GLU A 81 -3.64 3.96 -4.60
CA GLU A 81 -3.53 3.48 -3.21
C GLU A 81 -4.09 2.07 -3.05
N VAL A 82 -3.57 1.33 -2.06
CA VAL A 82 -4.00 -0.05 -1.84
C VAL A 82 -3.87 -0.43 -0.35
N VAL A 83 -4.79 -1.28 0.15
CA VAL A 83 -4.74 -1.76 1.54
C VAL A 83 -4.29 -3.23 1.61
N VAL A 84 -3.16 -3.49 2.28
CA VAL A 84 -2.60 -4.84 2.42
C VAL A 84 -2.25 -5.16 3.90
N PHE A 85 -1.77 -6.38 4.15
CA PHE A 85 -1.36 -6.79 5.50
C PHE A 85 0.06 -6.30 5.84
N ALA A 86 0.29 -5.97 7.11
CA ALA A 86 1.57 -5.43 7.57
C ALA A 86 2.53 -6.51 8.08
N LYS A 87 3.77 -6.50 7.57
CA LYS A 87 4.86 -7.35 8.06
C LYS A 87 6.15 -6.53 8.21
N LYS A 88 7.03 -6.92 9.12
CA LYS A 88 8.35 -6.29 9.22
C LYS A 88 9.28 -6.82 8.13
N GLY A 89 10.18 -5.97 7.65
CA GLY A 89 11.06 -6.34 6.55
C GLY A 89 12.52 -5.97 6.76
N ASP A 90 13.39 -6.50 5.89
CA ASP A 90 14.83 -6.25 5.96
C ASP A 90 15.20 -5.00 5.13
N VAL A 91 14.23 -4.11 4.94
CA VAL A 91 14.39 -2.92 4.10
C VAL A 91 14.86 -1.70 4.92
N PRO A 92 15.60 -0.75 4.28
CA PRO A 92 16.10 0.48 4.95
C PRO A 92 14.98 1.46 5.31
N LYS A 93 15.14 2.18 6.43
CA LYS A 93 14.07 3.05 6.95
C LYS A 93 13.57 4.05 5.90
N GLY A 94 12.26 4.32 5.90
CA GLY A 94 11.66 5.15 4.86
C GLY A 94 11.59 4.45 3.50
N MET A 95 11.56 3.12 3.50
CA MET A 95 11.49 2.35 2.28
C MET A 95 10.84 0.98 2.55
N ILE A 96 9.91 0.54 1.70
CA ILE A 96 9.16 -0.70 1.94
C ILE A 96 9.09 -1.59 0.70
N PHE A 97 9.10 -2.91 0.93
CA PHE A 97 9.06 -3.89 -0.17
C PHE A 97 7.68 -4.54 -0.29
N ILE A 98 7.12 -4.56 -1.49
CA ILE A 98 5.85 -5.24 -1.75
C ILE A 98 6.00 -6.26 -2.90
N PRO A 99 5.54 -7.52 -2.71
CA PRO A 99 5.56 -8.53 -3.77
C PRO A 99 4.81 -8.08 -5.04
N MET A 100 5.41 -8.32 -6.21
CA MET A 100 4.83 -7.94 -7.51
C MET A 100 3.41 -8.49 -7.69
N GLY A 101 2.42 -7.60 -7.64
CA GLY A 101 1.03 -8.01 -7.82
C GLY A 101 0.12 -6.84 -8.16
N PRO A 102 -1.21 -7.06 -8.24
CA PRO A 102 -2.14 -5.97 -8.58
C PRO A 102 -2.17 -4.88 -7.49
N TYR A 103 -1.83 -5.28 -6.27
CA TYR A 103 -1.75 -4.37 -5.13
C TYR A 103 -0.58 -3.40 -5.31
N ALA A 104 0.61 -3.94 -5.55
CA ALA A 104 1.78 -3.12 -5.86
C ALA A 104 1.56 -2.32 -7.14
N ASN A 105 0.95 -2.96 -8.14
CA ASN A 105 0.62 -2.30 -9.41
C ASN A 105 -0.19 -1.01 -9.19
N MET A 106 -0.94 -0.94 -8.09
CA MET A 106 -1.71 0.26 -7.74
C MET A 106 -0.80 1.47 -7.46
N VAL A 107 0.36 1.21 -6.88
CA VAL A 107 1.22 2.28 -6.34
C VAL A 107 2.56 2.39 -7.08
N ILE A 108 2.97 1.34 -7.78
CA ILE A 108 4.25 1.35 -8.47
C ILE A 108 4.13 1.88 -9.92
N ASP A 109 5.24 1.84 -10.66
CA ASP A 109 5.27 2.33 -12.04
C ASP A 109 5.42 1.16 -13.05
N PRO A 110 4.41 0.94 -13.90
CA PRO A 110 4.43 -0.14 -14.90
C PRO A 110 5.11 0.25 -16.22
N SER A 111 5.90 1.33 -16.22
CA SER A 111 6.61 1.78 -17.42
C SER A 111 7.94 1.05 -17.59
N THR A 112 8.57 0.69 -16.48
CA THR A 112 9.83 -0.05 -16.51
C THR A 112 9.62 -1.56 -16.62
N ASP A 113 10.51 -2.23 -17.34
CA ASP A 113 10.49 -3.69 -17.46
C ASP A 113 11.16 -4.35 -16.24
N GLY A 114 11.50 -3.53 -15.26
CA GLY A 114 12.31 -3.97 -14.12
C GLY A 114 13.71 -3.39 -14.17
N THR A 115 13.95 -2.55 -15.18
CA THR A 115 15.25 -1.89 -15.41
C THR A 115 16.37 -2.90 -15.70
N GLY A 116 16.77 -3.66 -14.67
CA GLY A 116 17.78 -4.70 -14.84
C GLY A 116 17.57 -5.85 -13.86
N MET A 117 18.35 -5.86 -12.79
CA MET A 117 18.13 -6.81 -11.69
C MET A 117 17.65 -6.07 -10.43
N PRO A 118 16.76 -6.69 -9.63
CA PRO A 118 16.14 -6.02 -8.46
C PRO A 118 17.14 -5.65 -7.34
N GLN A 119 17.62 -4.42 -7.37
CA GLN A 119 18.41 -3.85 -6.27
C GLN A 119 17.51 -2.98 -5.37
N PHE A 120 18.11 -2.21 -4.46
CA PHE A 120 17.33 -1.28 -3.63
C PHE A 120 16.82 -0.10 -4.46
N LYS A 121 15.70 -0.34 -5.13
CA LYS A 121 14.99 0.69 -5.92
C LYS A 121 13.50 0.66 -5.60
N GLY A 122 12.70 1.38 -6.38
CA GLY A 122 11.25 1.36 -6.18
C GLY A 122 10.57 2.69 -6.47
N VAL A 123 9.25 2.69 -6.39
CA VAL A 123 8.45 3.91 -6.59
C VAL A 123 8.15 4.64 -5.27
N LYS A 124 8.58 5.90 -5.17
CA LYS A 124 8.36 6.72 -3.98
C LYS A 124 6.85 6.93 -3.68
N GLY A 125 6.50 6.91 -2.40
CA GLY A 125 5.12 7.13 -1.98
C GLY A 125 4.96 7.30 -0.47
N THR A 126 3.83 6.84 0.07
CA THR A 126 3.53 6.97 1.51
C THR A 126 2.89 5.69 2.07
N VAL A 127 2.96 5.52 3.40
CA VAL A 127 2.37 4.37 4.08
C VAL A 127 1.72 4.78 5.42
N GLU A 128 0.61 4.12 5.77
CA GLU A 128 -0.12 4.41 7.00
C GLU A 128 -0.93 3.19 7.47
N LYS A 129 -1.22 3.10 8.78
CA LYS A 129 -2.19 2.12 9.28
C LYS A 129 -3.60 2.55 8.86
N THR A 130 -4.46 1.59 8.55
CA THR A 130 -5.81 1.93 8.07
C THR A 130 -6.91 1.15 8.78
N ASP A 131 -8.04 1.83 8.94
CA ASP A 131 -9.25 1.27 9.53
C ASP A 131 -10.00 0.37 8.52
N GLU A 132 -9.59 0.42 7.26
CA GLU A 132 -10.28 -0.28 6.18
C GLU A 132 -9.88 -1.77 6.09
N LYS A 133 -10.48 -2.46 5.12
CA LYS A 133 -10.18 -3.88 4.88
C LYS A 133 -9.15 -4.05 3.76
N VAL A 134 -8.42 -5.17 3.79
CA VAL A 134 -7.53 -5.52 2.69
C VAL A 134 -8.32 -5.84 1.42
N LEU A 135 -7.88 -5.30 0.29
CA LEU A 135 -8.57 -5.51 -0.98
C LEU A 135 -8.44 -6.95 -1.49
N SER A 136 -9.56 -7.60 -1.77
CA SER A 136 -9.54 -8.85 -2.52
C SER A 136 -9.05 -8.59 -3.95
N VAL A 137 -8.37 -9.57 -4.55
CA VAL A 137 -7.78 -9.38 -5.89
C VAL A 137 -8.78 -8.76 -6.88
N LYS A 138 -9.99 -9.30 -6.93
CA LYS A 138 -11.02 -8.76 -7.82
C LYS A 138 -11.57 -7.41 -7.30
N GLU A 139 -11.71 -7.28 -5.98
CA GLU A 139 -12.21 -6.04 -5.36
C GLU A 139 -11.34 -4.86 -5.80
N LEU A 140 -10.03 -5.13 -5.85
CA LEU A 140 -9.04 -4.21 -6.36
C LEU A 140 -9.33 -3.83 -7.83
N LEU A 141 -9.64 -4.84 -8.65
CA LEU A 141 -9.97 -4.62 -10.07
C LEU A 141 -11.20 -3.69 -10.21
N GLU A 142 -12.19 -3.94 -9.36
CA GLU A 142 -13.41 -3.13 -9.33
C GLU A 142 -13.12 -1.72 -8.80
N ALA A 143 -12.21 -1.63 -7.83
CA ALA A 143 -11.84 -0.35 -7.23
C ALA A 143 -11.19 0.61 -8.24
N ILE A 144 -10.49 0.06 -9.23
CA ILE A 144 -9.89 0.88 -10.29
C ILE A 144 -10.75 0.92 -11.56
N GLY A 145 -11.91 0.28 -11.49
CA GLY A 145 -12.86 0.31 -12.59
C GLY A 145 -12.67 -0.82 -13.61
N SER A 146 -11.48 -0.89 -14.21
CA SER A 146 -11.16 -1.89 -15.24
C SER A 146 -12.08 -1.74 -16.47
#